data_3DUG
#
_entry.id   3DUG
#
_cell.length_a   113.325
_cell.length_b   146.040
_cell.length_c   255.646
_cell.angle_alpha   90.00
_cell.angle_beta   90.00
_cell.angle_gamma   90.00
#
_symmetry.space_group_name_H-M   'P 21 21 21'
#
loop_
_entity.id
_entity.type
_entity.pdbx_description
1 polymer 'ZN-DEPENDENT ARGININE CARBOXYPEPTIDASE'
2 non-polymer 'ZINC ION'
3 non-polymer ARGININE
4 non-polymer GLYCEROL
5 water water
#
_entity_poly.entity_id   1
_entity_poly.type   'polypeptide(L)'
_entity_poly.pdbx_seq_one_letter_code
;MSLTSEDFLIKSKGYLDIQTGEIIKADLLIRNGKIAEIGKINTKDATVISIPDLILIPGLMDSHVHIVGNDSKGEESIAD
SSHMGTVWGVVNAEKTLMAGFTTVRNVGAANYADVSVRDAIERGVINGPTMLVSGPALGITGGHCDHNLLPPEFNYSSEG
VVDSPWEARKMVRKNRKYGADLI(KCX)FCATGGVMSRNTDVNAKQFTLEEMKAIVDEAHNHGMKVAAHAHGLIGIKAAI
KAGVDSVEHASFIDDETIDMAIKNNTVLSMDIFVSDYILGEGAKAGIREESLNKERLVGKKQRENFMNAHRRGAIITFGT
DAGIFDHGDNAKQFAYMVEWGMTPLEAIQASTIKTATLFGIENIGQIKEGFDADIVGVIENPLANIRTLEEVAFVMKEGK
VYKREGHHHHHH
;
_entity_poly.pdbx_strand_id   A,B,C,D,E,F,G,H
#
loop_
_chem_comp.id
_chem_comp.type
_chem_comp.name
_chem_comp.formula
GOL non-polymer GLYCEROL 'C3 H8 O3'
ZN non-polymer 'ZINC ION' 'Zn 2'
#
# COMPACT_ATOMS: atom_id res chain seq x y z
N ASP A 7 -27.39 -18.33 -48.52
CA ASP A 7 -28.75 -18.91 -48.30
C ASP A 7 -28.76 -20.42 -48.36
N PHE A 8 -29.49 -21.04 -47.44
CA PHE A 8 -29.59 -22.50 -47.39
C PHE A 8 -31.04 -22.92 -47.45
N LEU A 9 -31.27 -24.09 -48.05
CA LEU A 9 -32.60 -24.70 -48.06
C LEU A 9 -32.46 -26.06 -47.42
N ILE A 10 -33.19 -26.29 -46.32
CA ILE A 10 -33.03 -27.53 -45.56
C ILE A 10 -34.18 -28.50 -45.78
N LYS A 11 -33.86 -29.60 -46.45
CA LYS A 11 -34.82 -30.68 -46.69
C LYS A 11 -34.59 -31.77 -45.65
N SER A 12 -35.63 -32.06 -44.87
CA SER A 12 -35.53 -33.00 -43.76
C SER A 12 -36.78 -33.88 -43.60
N LYS A 13 -36.72 -34.82 -42.65
CA LYS A 13 -37.84 -35.71 -42.32
C LYS A 13 -39.01 -34.95 -41.67
N GLY A 14 -38.73 -33.74 -41.20
CA GLY A 14 -39.71 -32.91 -40.53
C GLY A 14 -39.07 -32.07 -39.45
N TYR A 15 -39.89 -31.25 -38.79
CA TYR A 15 -39.42 -30.40 -37.69
C TYR A 15 -40.39 -30.38 -36.51
N LEU A 16 -39.84 -30.28 -35.31
CA LEU A 16 -40.66 -30.24 -34.12
C LEU A 16 -41.21 -28.85 -33.84
N ASP A 17 -42.52 -28.72 -33.95
CA ASP A 17 -43.21 -27.56 -33.45
C ASP A 17 -43.23 -27.74 -31.93
N ILE A 18 -42.34 -27.01 -31.27
CA ILE A 18 -42.10 -27.14 -29.83
C ILE A 18 -43.32 -26.72 -28.97
N GLN A 19 -44.13 -25.80 -29.48
CA GLN A 19 -45.35 -25.34 -28.80
C GLN A 19 -46.44 -26.41 -28.76
N THR A 20 -46.60 -27.14 -29.86
CA THR A 20 -47.70 -28.10 -30.02
C THR A 20 -47.25 -29.53 -29.75
N GLY A 21 -45.99 -29.82 -30.06
CA GLY A 21 -45.45 -31.16 -29.90
C GLY A 21 -45.60 -31.96 -31.17
N GLU A 22 -45.60 -31.27 -32.32
CA GLU A 22 -45.83 -31.92 -33.61
C GLU A 22 -44.61 -31.99 -34.54
N ILE A 23 -44.38 -33.18 -35.09
CA ILE A 23 -43.49 -33.35 -36.25
C ILE A 23 -44.22 -32.84 -37.51
N ILE A 24 -43.69 -31.79 -38.12
CA ILE A 24 -44.31 -31.15 -39.29
C ILE A 24 -43.34 -31.22 -40.46
N LYS A 25 -43.81 -31.75 -41.59
CA LYS A 25 -42.97 -31.93 -42.76
C LYS A 25 -42.94 -30.63 -43.59
N ALA A 26 -41.81 -29.94 -43.57
CA ALA A 26 -41.61 -28.68 -44.28
C ALA A 26 -40.14 -28.42 -44.54
N ASP A 27 -39.84 -27.64 -45.56
CA ASP A 27 -38.47 -27.22 -45.79
C ASP A 27 -38.21 -25.88 -45.10
N LEU A 28 -36.95 -25.61 -44.80
CA LEU A 28 -36.59 -24.37 -44.12
C LEU A 28 -35.66 -23.52 -44.96
N LEU A 29 -36.08 -22.29 -45.22
CA LEU A 29 -35.21 -21.32 -45.88
C LEU A 29 -34.49 -20.50 -44.82
N ILE A 30 -33.18 -20.40 -44.98
CA ILE A 30 -32.31 -19.69 -44.05
C ILE A 30 -31.65 -18.51 -44.75
N ARG A 31 -31.82 -17.30 -44.21
CA ARG A 31 -31.03 -16.15 -44.68
C ARG A 31 -30.73 -15.14 -43.59
N ASN A 32 -29.51 -14.56 -43.66
CA ASN A 32 -28.93 -13.70 -42.60
C ASN A 32 -28.98 -14.30 -41.21
N GLY A 33 -28.70 -15.61 -41.14
CA GLY A 33 -28.71 -16.34 -39.86
C GLY A 33 -30.05 -16.47 -39.18
N LYS A 34 -31.13 -16.30 -39.93
CA LYS A 34 -32.49 -16.41 -39.43
C LYS A 34 -33.23 -17.45 -40.26
N ILE A 35 -34.19 -18.16 -39.64
CA ILE A 35 -35.12 -18.99 -40.39
C ILE A 35 -36.07 -18.04 -41.08
N ALA A 36 -35.88 -17.89 -42.39
CA ALA A 36 -36.62 -16.92 -43.21
C ALA A 36 -38.03 -17.41 -43.55
N GLU A 37 -38.12 -18.66 -43.98
CA GLU A 37 -39.39 -19.19 -44.48
C GLU A 37 -39.55 -20.70 -44.26
N ILE A 38 -40.79 -21.14 -44.08
CA ILE A 38 -41.09 -22.53 -43.72
C ILE A 38 -42.21 -23.11 -44.61
N GLY A 39 -41.91 -24.23 -45.26
CA GLY A 39 -42.90 -24.93 -46.10
C GLY A 39 -42.29 -25.37 -47.43
N LYS A 40 -43.01 -25.13 -48.51
CA LYS A 40 -42.45 -25.29 -49.85
C LYS A 40 -41.88 -23.95 -50.32
N ILE A 41 -40.61 -23.94 -50.69
CA ILE A 41 -39.94 -22.70 -51.10
C ILE A 41 -39.36 -22.84 -52.52
N ASN A 42 -39.13 -21.72 -53.18
CA ASN A 42 -38.65 -21.72 -54.55
C ASN A 42 -37.20 -22.17 -54.66
N THR A 43 -36.99 -23.37 -55.19
CA THR A 43 -35.75 -24.10 -54.99
C THR A 43 -34.68 -23.67 -55.99
N LYS A 44 -34.99 -22.64 -56.75
CA LYS A 44 -34.16 -22.25 -57.90
C LYS A 44 -32.99 -21.36 -57.45
N ASP A 45 -33.00 -20.99 -56.17
CA ASP A 45 -32.30 -19.78 -55.73
C ASP A 45 -30.89 -20.10 -55.28
N ALA A 46 -30.77 -20.88 -54.21
CA ALA A 46 -29.46 -21.15 -53.60
C ALA A 46 -29.43 -22.53 -52.95
N THR A 47 -28.46 -22.74 -52.09
CA THR A 47 -27.86 -24.06 -51.92
C THR A 47 -28.70 -24.95 -51.01
N VAL A 48 -28.57 -26.26 -51.19
CA VAL A 48 -29.49 -27.21 -50.59
C VAL A 48 -28.79 -28.13 -49.60
N ILE A 49 -29.33 -28.16 -48.37
CA ILE A 49 -28.93 -29.12 -47.36
C ILE A 49 -29.90 -30.30 -47.40
N SER A 50 -29.50 -31.32 -48.15
CA SER A 50 -30.24 -32.58 -48.21
C SER A 50 -29.92 -33.38 -46.96
N ILE A 51 -30.86 -33.39 -46.01
CA ILE A 51 -30.67 -34.11 -44.76
C ILE A 51 -31.98 -34.84 -44.36
N PRO A 52 -32.45 -35.76 -45.23
CA PRO A 52 -33.85 -36.18 -45.22
C PRO A 52 -34.24 -37.18 -44.13
N ASP A 53 -33.26 -37.74 -43.43
CA ASP A 53 -33.53 -38.77 -42.41
C ASP A 53 -33.68 -38.21 -41.00
N LEU A 54 -33.22 -36.97 -40.82
CA LEU A 54 -33.13 -36.36 -39.51
C LEU A 54 -34.34 -35.51 -39.17
N ILE A 55 -34.75 -35.57 -37.91
CA ILE A 55 -35.82 -34.75 -37.38
C ILE A 55 -35.18 -33.51 -36.75
N LEU A 56 -35.69 -32.33 -37.10
CA LEU A 56 -35.08 -31.07 -36.70
C LEU A 56 -35.74 -30.49 -35.45
N ILE A 57 -34.92 -30.15 -34.47
CA ILE A 57 -35.38 -29.51 -33.23
C ILE A 57 -34.67 -28.17 -33.09
N PRO A 58 -35.24 -27.22 -32.31
CA PRO A 58 -34.49 -25.98 -32.07
C PRO A 58 -33.21 -26.24 -31.29
N GLY A 59 -32.20 -25.41 -31.49
CA GLY A 59 -30.92 -25.54 -30.81
C GLY A 59 -31.08 -25.54 -29.31
N LEU A 60 -30.36 -26.45 -28.65
CA LEU A 60 -30.56 -26.73 -27.23
C LEU A 60 -29.87 -25.71 -26.32
N MET A 61 -30.42 -25.56 -25.11
CA MET A 61 -29.88 -24.57 -24.19
C MET A 61 -29.62 -25.15 -22.80
N ASP A 62 -28.51 -24.74 -22.20
CA ASP A 62 -28.16 -25.09 -20.84
C ASP A 62 -28.12 -23.82 -20.01
N SER A 63 -28.85 -23.81 -18.89
CA SER A 63 -28.98 -22.60 -18.07
C SER A 63 -27.95 -22.53 -16.94
N HIS A 64 -27.06 -23.52 -16.89
CA HIS A 64 -26.08 -23.63 -15.82
C HIS A 64 -24.86 -24.39 -16.31
N VAL A 65 -23.88 -23.66 -16.83
CA VAL A 65 -22.60 -24.26 -17.25
C VAL A 65 -21.40 -23.48 -16.73
N HIS A 66 -20.24 -24.14 -16.70
CA HIS A 66 -18.96 -23.52 -16.35
C HIS A 66 -17.93 -23.91 -17.40
N ILE A 67 -18.01 -23.26 -18.55
CA ILE A 67 -17.19 -23.57 -19.72
C ILE A 67 -15.72 -23.18 -19.49
N VAL A 68 -15.51 -21.98 -18.96
CA VAL A 68 -14.15 -21.54 -18.64
C VAL A 68 -13.76 -22.04 -17.25
N GLY A 69 -12.58 -22.65 -17.18
CA GLY A 69 -12.06 -23.25 -15.95
C GLY A 69 -11.10 -24.35 -16.31
N ASN A 70 -10.06 -24.52 -15.47
CA ASN A 70 -9.00 -25.48 -15.72
C ASN A 70 -9.46 -26.93 -15.51
N ASP A 71 -9.43 -27.74 -16.57
CA ASP A 71 -9.84 -29.14 -16.48
C ASP A 71 -8.66 -30.10 -16.39
N SER A 72 -7.46 -29.55 -16.34
CA SER A 72 -6.25 -30.34 -16.17
C SER A 72 -6.13 -30.80 -14.72
N LYS A 73 -5.79 -32.07 -14.54
CA LYS A 73 -5.69 -32.66 -13.22
C LYS A 73 -4.27 -33.10 -12.92
N GLY A 74 -4.04 -33.58 -11.70
CA GLY A 74 -2.73 -34.10 -11.33
C GLY A 74 -1.79 -33.02 -10.81
N GLU A 75 -0.61 -33.45 -10.39
CA GLU A 75 0.35 -32.59 -9.71
C GLU A 75 0.94 -31.54 -10.62
N GLU A 76 1.07 -31.89 -11.90
CA GLU A 76 1.61 -31.03 -12.95
C GLU A 76 0.81 -29.75 -13.18
N SER A 77 -0.46 -29.77 -12.79
CA SER A 77 -1.36 -28.64 -13.01
C SER A 77 -1.54 -27.73 -11.80
N ILE A 78 -0.75 -27.95 -10.75
CA ILE A 78 -0.99 -27.27 -9.47
C ILE A 78 -0.73 -25.75 -9.50
N ALA A 79 0.28 -25.34 -10.26
CA ALA A 79 0.67 -23.94 -10.31
C ALA A 79 0.27 -23.27 -11.62
N ASP A 80 -0.69 -23.86 -12.33
CA ASP A 80 -1.20 -23.33 -13.59
C ASP A 80 -1.78 -21.95 -13.41
N SER A 81 -1.54 -21.07 -14.36
CA SER A 81 -2.11 -19.72 -14.32
C SER A 81 -3.57 -19.78 -14.74
N SER A 82 -4.29 -18.68 -14.55
CA SER A 82 -5.71 -18.59 -14.89
C SER A 82 -5.96 -18.74 -16.39
N HIS A 83 -4.93 -18.47 -17.19
CA HIS A 83 -4.99 -18.57 -18.63
C HIS A 83 -5.23 -20.00 -19.14
N MET A 84 -4.79 -21.00 -18.37
CA MET A 84 -5.06 -22.39 -18.70
C MET A 84 -6.57 -22.67 -18.68
N GLY A 85 -7.27 -22.02 -17.77
CA GLY A 85 -8.73 -22.09 -17.74
C GLY A 85 -9.40 -21.46 -18.95
N THR A 86 -8.73 -20.48 -19.55
CA THR A 86 -9.22 -19.82 -20.76
C THR A 86 -8.99 -20.72 -21.97
N VAL A 87 -7.81 -21.33 -22.04
CA VAL A 87 -7.51 -22.36 -23.04
C VAL A 87 -8.56 -23.47 -23.00
N TRP A 88 -8.87 -23.95 -21.80
CA TRP A 88 -9.87 -24.98 -21.63
C TRP A 88 -11.25 -24.51 -22.04
N GLY A 89 -11.50 -23.22 -21.83
CA GLY A 89 -12.77 -22.60 -22.25
C GLY A 89 -13.01 -22.71 -23.75
N VAL A 90 -11.96 -22.49 -24.53
CA VAL A 90 -12.01 -22.62 -25.99
C VAL A 90 -12.42 -24.05 -26.40
N VAL A 91 -11.69 -25.03 -25.89
CA VAL A 91 -11.98 -26.46 -26.10
C VAL A 91 -13.43 -26.82 -25.73
N ASN A 92 -13.87 -26.39 -24.56
CA ASN A 92 -15.18 -26.76 -24.03
C ASN A 92 -16.33 -26.05 -24.70
N ALA A 93 -16.07 -24.85 -25.21
CA ALA A 93 -17.07 -24.11 -25.96
C ALA A 93 -17.41 -24.86 -27.25
N GLU A 94 -16.37 -25.38 -27.93
CA GLU A 94 -16.58 -26.18 -29.13
C GLU A 94 -17.38 -27.46 -28.82
N LYS A 95 -16.95 -28.19 -27.80
CA LYS A 95 -17.61 -29.43 -27.37
C LYS A 95 -19.09 -29.24 -27.03
N THR A 96 -19.42 -28.08 -26.46
CA THR A 96 -20.78 -27.74 -26.09
C THR A 96 -21.63 -27.51 -27.33
N LEU A 97 -21.07 -26.78 -28.29
CA LEU A 97 -21.78 -26.47 -29.54
C LEU A 97 -21.98 -27.73 -30.38
N MET A 98 -20.92 -28.54 -30.49
CA MET A 98 -20.95 -29.79 -31.26
C MET A 98 -21.92 -30.81 -30.67
N ALA A 99 -22.27 -30.64 -29.39
CA ALA A 99 -23.27 -31.47 -28.72
C ALA A 99 -24.70 -31.02 -29.00
N GLY A 100 -24.85 -29.91 -29.72
CA GLY A 100 -26.18 -29.40 -30.08
C GLY A 100 -26.69 -28.29 -29.17
N PHE A 101 -25.80 -27.72 -28.36
CA PHE A 101 -26.18 -26.62 -27.49
C PHE A 101 -25.73 -25.28 -28.06
N THR A 102 -26.70 -24.44 -28.41
CA THR A 102 -26.44 -23.25 -29.22
C THR A 102 -26.45 -21.96 -28.40
N THR A 103 -27.12 -22.01 -27.25
CA THR A 103 -27.14 -20.86 -26.35
C THR A 103 -27.03 -21.41 -24.95
N VAL A 104 -26.02 -20.96 -24.20
CA VAL A 104 -25.84 -21.41 -22.81
C VAL A 104 -25.66 -20.26 -21.84
N ARG A 105 -25.97 -20.52 -20.57
CA ARG A 105 -25.74 -19.55 -19.50
C ARG A 105 -24.55 -19.97 -18.64
N ASN A 106 -23.42 -19.31 -18.85
CA ASN A 106 -22.24 -19.51 -18.01
C ASN A 106 -22.42 -18.74 -16.71
N VAL A 107 -22.28 -19.46 -15.60
CA VAL A 107 -22.86 -18.97 -14.36
C VAL A 107 -21.82 -18.73 -13.22
N GLY A 108 -20.53 -18.84 -13.55
CA GLY A 108 -19.48 -18.45 -12.60
C GLY A 108 -18.09 -18.68 -13.15
N ALA A 109 -17.31 -17.61 -13.23
CA ALA A 109 -15.91 -17.67 -13.72
C ALA A 109 -15.12 -16.47 -13.26
N ALA A 110 -13.80 -16.63 -13.21
CA ALA A 110 -12.92 -15.59 -12.69
C ALA A 110 -12.27 -14.72 -13.76
N ASN A 111 -11.93 -13.49 -13.37
CA ASN A 111 -11.12 -12.56 -14.18
C ASN A 111 -11.77 -12.06 -15.47
N TYR A 112 -13.08 -12.29 -15.59
CA TYR A 112 -13.88 -11.95 -16.78
C TYR A 112 -13.42 -12.68 -18.05
N ALA A 113 -12.76 -13.82 -17.84
CA ALA A 113 -12.34 -14.70 -18.92
C ALA A 113 -13.57 -15.29 -19.63
N ASP A 114 -14.68 -15.34 -18.90
CA ASP A 114 -15.96 -15.73 -19.49
C ASP A 114 -16.48 -14.71 -20.52
N VAL A 115 -16.30 -13.41 -20.26
CA VAL A 115 -16.69 -12.44 -21.28
C VAL A 115 -15.76 -12.55 -22.49
N SER A 116 -14.48 -12.88 -22.25
CA SER A 116 -13.51 -12.96 -23.32
C SER A 116 -13.82 -14.11 -24.25
N VAL A 117 -14.15 -15.27 -23.70
CA VAL A 117 -14.54 -16.42 -24.51
C VAL A 117 -15.86 -16.13 -25.25
N ARG A 118 -16.82 -15.53 -24.55
CA ARG A 118 -18.10 -15.13 -25.15
C ARG A 118 -17.90 -14.19 -26.33
N ASP A 119 -17.09 -13.15 -26.13
CA ASP A 119 -16.80 -12.17 -27.18
C ASP A 119 -16.03 -12.76 -28.35
N ALA A 120 -15.08 -13.64 -28.06
CA ALA A 120 -14.37 -14.38 -29.09
C ALA A 120 -15.31 -15.23 -29.97
N ILE A 121 -16.31 -15.85 -29.35
CA ILE A 121 -17.32 -16.61 -30.10
C ILE A 121 -18.14 -15.68 -30.99
N GLU A 122 -18.65 -14.62 -30.37
CA GLU A 122 -19.45 -13.60 -31.03
C GLU A 122 -18.73 -12.99 -32.23
N ARG A 123 -17.42 -12.77 -32.10
CA ARG A 123 -16.60 -12.21 -33.17
C ARG A 123 -16.20 -13.24 -34.22
N GLY A 124 -16.59 -14.50 -34.01
CA GLY A 124 -16.25 -15.59 -34.91
C GLY A 124 -14.80 -16.01 -34.85
N VAL A 125 -14.12 -15.69 -33.75
CA VAL A 125 -12.72 -16.09 -33.56
C VAL A 125 -12.65 -17.59 -33.28
N ILE A 126 -13.54 -18.05 -32.42
CA ILE A 126 -13.66 -19.48 -32.14
C ILE A 126 -15.11 -19.93 -32.30
N ASN A 127 -15.31 -21.23 -32.43
CA ASN A 127 -16.66 -21.80 -32.47
C ASN A 127 -17.15 -22.09 -31.07
N GLY A 128 -18.43 -21.86 -30.84
CA GLY A 128 -19.06 -22.19 -29.57
C GLY A 128 -20.48 -21.70 -29.57
N PRO A 129 -21.23 -21.97 -28.48
CA PRO A 129 -22.58 -21.43 -28.34
C PRO A 129 -22.53 -19.94 -28.00
N THR A 130 -23.67 -19.27 -28.16
CA THR A 130 -23.81 -17.94 -27.62
C THR A 130 -23.86 -18.07 -26.11
N MET A 131 -22.89 -17.45 -25.44
CA MET A 131 -22.81 -17.52 -24.00
C MET A 131 -23.41 -16.27 -23.37
N LEU A 132 -24.22 -16.48 -22.33
CA LEU A 132 -24.63 -15.40 -21.44
C LEU A 132 -23.86 -15.58 -20.16
N VAL A 133 -23.02 -14.60 -19.83
CA VAL A 133 -22.06 -14.76 -18.75
C VAL A 133 -22.33 -13.89 -17.52
N SER A 134 -21.90 -14.39 -16.37
CA SER A 134 -22.18 -13.76 -15.09
C SER A 134 -21.03 -12.93 -14.50
N GLY A 135 -19.82 -13.17 -14.98
CA GLY A 135 -18.63 -12.68 -14.30
C GLY A 135 -18.41 -13.47 -13.03
N PRO A 136 -17.59 -12.94 -12.09
CA PRO A 136 -17.38 -13.57 -10.78
C PRO A 136 -18.67 -13.59 -9.99
N ALA A 137 -19.00 -14.75 -9.43
CA ALA A 137 -20.18 -14.90 -8.59
C ALA A 137 -20.02 -14.14 -7.26
N LEU A 138 -21.12 -13.60 -6.74
CA LEU A 138 -21.03 -12.80 -5.53
C LEU A 138 -21.29 -13.67 -4.31
N GLY A 139 -20.41 -13.56 -3.31
CA GLY A 139 -20.57 -14.33 -2.08
C GLY A 139 -20.11 -13.59 -0.84
N ILE A 140 -20.54 -14.08 0.32
CA ILE A 140 -20.04 -13.57 1.58
C ILE A 140 -18.63 -14.12 1.81
N THR A 141 -17.91 -13.50 2.75
CA THR A 141 -16.64 -14.04 3.21
C THR A 141 -16.83 -15.45 3.75
N GLY A 142 -16.08 -16.39 3.20
CA GLY A 142 -16.16 -17.77 3.64
C GLY A 142 -17.34 -18.55 3.10
N GLY A 143 -18.14 -17.91 2.23
CA GLY A 143 -19.26 -18.59 1.61
C GLY A 143 -18.89 -19.61 0.54
N HIS A 144 -19.90 -20.15 -0.15
CA HIS A 144 -19.72 -21.14 -1.21
C HIS A 144 -18.96 -20.54 -2.39
N CYS A 145 -19.26 -19.28 -2.71
CA CYS A 145 -18.63 -18.51 -3.78
C CYS A 145 -17.18 -18.13 -3.46
N ASP A 146 -16.84 -18.09 -2.17
CA ASP A 146 -15.49 -17.82 -1.71
C ASP A 146 -14.62 -19.08 -1.78
N HIS A 147 -13.31 -18.87 -1.87
CA HIS A 147 -12.31 -19.93 -1.96
C HIS A 147 -11.67 -20.18 -0.57
N ASN A 148 -12.11 -21.26 0.10
CA ASN A 148 -11.68 -21.58 1.46
C ASN A 148 -10.60 -22.66 1.50
N LEU A 149 -9.64 -22.59 0.59
CA LEU A 149 -8.62 -23.64 0.46
C LEU A 149 -7.24 -23.23 0.96
N LEU A 150 -7.08 -21.95 1.30
CA LEU A 150 -5.79 -21.45 1.76
C LEU A 150 -5.81 -21.15 3.26
N PRO A 151 -4.65 -21.32 3.94
CA PRO A 151 -4.43 -20.93 5.35
C PRO A 151 -4.79 -19.47 5.62
N PRO A 152 -5.16 -19.14 6.87
CA PRO A 152 -5.57 -17.77 7.19
C PRO A 152 -4.45 -16.73 7.07
N GLU A 153 -3.19 -17.18 7.08
CA GLU A 153 -2.03 -16.30 6.89
C GLU A 153 -2.06 -15.60 5.54
N PHE A 154 -2.63 -16.27 4.54
CA PHE A 154 -2.78 -15.71 3.20
C PHE A 154 -3.85 -14.63 3.13
N ASN A 155 -4.84 -14.75 4.01
CA ASN A 155 -6.03 -13.88 4.00
C ASN A 155 -6.62 -13.72 2.61
N TYR A 156 -6.74 -14.82 1.89
CA TYR A 156 -7.26 -14.78 0.53
C TYR A 156 -8.78 -14.85 0.48
N SER A 157 -9.39 -13.82 -0.09
CA SER A 157 -10.78 -13.89 -0.50
C SER A 157 -10.85 -13.72 -2.01
N SER A 158 -11.71 -14.51 -2.65
CA SER A 158 -11.86 -14.48 -4.11
C SER A 158 -12.55 -13.21 -4.61
N GLU A 159 -12.65 -13.11 -5.93
CA GLU A 159 -12.98 -11.87 -6.65
C GLU A 159 -14.31 -11.22 -6.27
N GLY A 160 -15.34 -12.04 -6.12
CA GLY A 160 -16.72 -11.55 -5.94
C GLY A 160 -17.21 -11.49 -4.52
N VAL A 161 -16.30 -11.64 -3.56
CA VAL A 161 -16.64 -11.58 -2.13
C VAL A 161 -17.08 -10.18 -1.71
N VAL A 162 -18.33 -10.08 -1.25
CA VAL A 162 -18.92 -8.83 -0.77
C VAL A 162 -19.62 -9.06 0.56
N ASP A 163 -19.58 -8.05 1.43
CA ASP A 163 -20.10 -8.21 2.80
C ASP A 163 -20.94 -7.05 3.34
N SER A 164 -21.55 -6.29 2.43
CA SER A 164 -22.51 -5.25 2.79
C SER A 164 -23.39 -5.00 1.57
N PRO A 165 -24.60 -4.42 1.73
CA PRO A 165 -25.46 -4.11 0.58
C PRO A 165 -24.78 -3.21 -0.45
N TRP A 166 -24.08 -2.20 0.02
CA TRP A 166 -23.37 -1.28 -0.88
C TRP A 166 -22.16 -1.90 -1.56
N GLU A 167 -21.46 -2.80 -0.86
CA GLU A 167 -20.35 -3.53 -1.49
C GLU A 167 -20.89 -4.44 -2.58
N ALA A 168 -22.01 -5.10 -2.27
CA ALA A 168 -22.68 -5.98 -3.22
C ALA A 168 -23.14 -5.20 -4.44
N ARG A 169 -23.75 -4.03 -4.18
CA ARG A 169 -24.22 -3.08 -5.21
C ARG A 169 -23.06 -2.76 -6.17
N LYS A 170 -21.91 -2.42 -5.58
CA LYS A 170 -20.73 -2.03 -6.33
C LYS A 170 -20.16 -3.17 -7.17
N MET A 171 -20.23 -4.39 -6.65
CA MET A 171 -19.76 -5.57 -7.40
C MET A 171 -20.67 -5.88 -8.58
N VAL A 172 -21.98 -5.67 -8.40
CA VAL A 172 -22.92 -5.78 -9.51
C VAL A 172 -22.55 -4.77 -10.60
N ARG A 173 -22.35 -3.52 -10.20
CA ARG A 173 -21.89 -2.44 -11.09
C ARG A 173 -20.54 -2.74 -11.78
N LYS A 174 -19.61 -3.34 -11.04
CA LYS A 174 -18.30 -3.69 -11.58
C LYS A 174 -18.40 -4.81 -12.59
N ASN A 175 -19.24 -5.80 -12.30
CA ASN A 175 -19.49 -6.89 -13.24
C ASN A 175 -20.10 -6.41 -14.56
N ARG A 176 -21.08 -5.51 -14.45
CA ARG A 176 -21.69 -4.89 -15.63
C ARG A 176 -20.67 -4.07 -16.41
N LYS A 177 -19.83 -3.33 -15.69
CA LYS A 177 -18.76 -2.52 -16.29
C LYS A 177 -17.89 -3.39 -17.18
N TYR A 178 -17.48 -4.54 -16.69
CA TYR A 178 -16.62 -5.43 -17.47
C TYR A 178 -17.37 -6.47 -18.30
N GLY A 179 -18.67 -6.23 -18.48
CA GLY A 179 -19.44 -6.87 -19.53
C GLY A 179 -20.25 -8.11 -19.20
N ALA A 180 -20.65 -8.27 -17.94
CA ALA A 180 -21.49 -9.40 -17.55
C ALA A 180 -22.90 -9.21 -18.06
N ASP A 181 -23.59 -10.31 -18.35
CA ASP A 181 -24.97 -10.27 -18.84
C ASP A 181 -25.92 -10.42 -17.67
N LEU A 182 -25.56 -11.26 -16.72
CA LEU A 182 -26.36 -11.50 -15.54
C LEU A 182 -25.51 -11.46 -14.29
N ILE A 183 -26.15 -11.54 -13.13
CA ILE A 183 -25.45 -11.61 -11.85
C ILE A 183 -25.78 -12.95 -11.17
N KCX A 184 -24.76 -13.60 -10.65
CA KCX A 184 -24.97 -14.82 -9.89
CB KCX A 184 -24.29 -15.99 -10.57
CG KCX A 184 -24.81 -17.32 -10.12
CD KCX A 184 -23.86 -18.01 -9.19
CE KCX A 184 -24.30 -19.43 -9.03
NZ KCX A 184 -23.13 -20.33 -8.86
C KCX A 184 -24.45 -14.68 -8.46
O KCX A 184 -23.39 -14.10 -8.25
CX KCX A 184 -23.34 -21.63 -8.68
OQ1 KCX A 184 -24.49 -22.11 -8.64
OQ2 KCX A 184 -22.36 -22.39 -8.53
N PHE A 185 -25.21 -15.19 -7.51
CA PHE A 185 -24.76 -15.22 -6.11
C PHE A 185 -25.06 -16.50 -5.35
N CYS A 186 -24.26 -16.78 -4.34
CA CYS A 186 -24.49 -17.92 -3.44
C CYS A 186 -25.38 -17.51 -2.28
N ALA A 187 -26.55 -18.13 -2.19
CA ALA A 187 -27.51 -17.86 -1.12
C ALA A 187 -27.43 -18.89 0.01
N THR A 188 -26.80 -20.04 -0.27
CA THR A 188 -26.52 -21.03 0.75
C THR A 188 -25.11 -21.53 0.54
N GLY A 189 -24.70 -22.48 1.38
CA GLY A 189 -23.48 -23.23 1.15
C GLY A 189 -23.67 -24.25 0.05
N GLY A 190 -22.58 -24.88 -0.37
CA GLY A 190 -22.64 -25.81 -1.48
C GLY A 190 -21.91 -27.11 -1.28
N VAL A 191 -22.05 -27.99 -2.27
CA VAL A 191 -21.45 -29.33 -2.25
C VAL A 191 -19.94 -29.29 -2.51
N MET A 192 -19.54 -28.62 -3.60
CA MET A 192 -18.16 -28.65 -4.10
C MET A 192 -17.14 -27.79 -3.32
N SER A 193 -17.61 -26.88 -2.48
CA SER A 193 -16.72 -26.04 -1.69
C SER A 193 -16.32 -26.66 -0.36
N ARG A 194 -15.23 -26.15 0.21
CA ARG A 194 -14.73 -26.57 1.52
C ARG A 194 -15.25 -25.65 2.61
N ASN A 195 -15.71 -26.24 3.72
CA ASN A 195 -16.22 -25.51 4.90
C ASN A 195 -17.45 -24.64 4.58
N THR A 196 -18.47 -25.25 3.99
CA THR A 196 -19.78 -24.58 3.81
C THR A 196 -20.93 -25.48 4.23
N ASP A 197 -21.87 -24.90 4.97
CA ASP A 197 -23.08 -25.61 5.38
C ASP A 197 -24.15 -25.41 4.33
N VAL A 198 -24.52 -26.53 3.68
CA VAL A 198 -25.53 -26.58 2.62
C VAL A 198 -26.90 -26.04 3.06
N ASN A 199 -27.22 -26.25 4.34
CA ASN A 199 -28.51 -25.82 4.89
C ASN A 199 -28.57 -24.40 5.41
N ALA A 200 -27.42 -23.82 5.74
CA ALA A 200 -27.37 -22.46 6.26
C ALA A 200 -27.51 -21.43 5.15
N LYS A 201 -28.24 -20.37 5.43
CA LYS A 201 -28.35 -19.24 4.53
C LYS A 201 -27.06 -18.39 4.59
N GLN A 202 -26.57 -18.00 3.42
CA GLN A 202 -25.50 -17.03 3.29
C GLN A 202 -26.08 -15.76 2.68
N PHE A 203 -25.62 -14.60 3.16
CA PHE A 203 -26.19 -13.27 2.88
C PHE A 203 -27.40 -12.99 3.75
N THR A 204 -27.48 -11.76 4.22
CA THR A 204 -28.71 -11.24 4.83
C THR A 204 -29.67 -10.94 3.70
N LEU A 205 -30.96 -10.87 4.02
CA LEU A 205 -31.99 -10.55 3.02
C LEU A 205 -31.74 -9.17 2.42
N GLU A 206 -31.26 -8.24 3.25
CA GLU A 206 -30.96 -6.87 2.82
C GLU A 206 -29.89 -6.86 1.75
N GLU A 207 -28.87 -7.68 1.94
CA GLU A 207 -27.81 -7.86 0.94
C GLU A 207 -28.35 -8.47 -0.34
N MET A 208 -29.18 -9.51 -0.21
CA MET A 208 -29.79 -10.20 -1.36
C MET A 208 -30.69 -9.26 -2.16
N LYS A 209 -31.46 -8.43 -1.44
CA LYS A 209 -32.35 -7.48 -2.08
C LYS A 209 -31.57 -6.41 -2.83
N ALA A 210 -30.47 -5.94 -2.23
CA ALA A 210 -29.58 -4.95 -2.86
C ALA A 210 -28.96 -5.49 -4.15
N ILE A 211 -28.53 -6.75 -4.14
CA ILE A 211 -27.99 -7.41 -5.33
C ILE A 211 -29.04 -7.39 -6.44
N VAL A 212 -30.23 -7.89 -6.12
CA VAL A 212 -31.31 -8.04 -7.07
C VAL A 212 -31.79 -6.69 -7.61
N ASP A 213 -31.96 -5.73 -6.72
CA ASP A 213 -32.42 -4.40 -7.10
C ASP A 213 -31.48 -3.76 -8.10
N GLU A 214 -30.18 -3.81 -7.82
CA GLU A 214 -29.16 -3.20 -8.67
C GLU A 214 -29.07 -3.88 -10.02
N ALA A 215 -29.07 -5.21 -10.03
CA ALA A 215 -29.00 -5.98 -11.26
C ALA A 215 -30.18 -5.70 -12.18
N HIS A 216 -31.38 -5.67 -11.61
CA HIS A 216 -32.59 -5.41 -12.37
C HIS A 216 -32.64 -4.00 -12.91
N ASN A 217 -32.12 -3.06 -12.12
CA ASN A 217 -31.99 -1.66 -12.53
C ASN A 217 -31.19 -1.55 -13.83
N HIS A 218 -30.22 -2.43 -14.01
CA HIS A 218 -29.43 -2.45 -15.24
C HIS A 218 -29.96 -3.44 -16.27
N GLY A 219 -31.14 -4.00 -16.02
CA GLY A 219 -31.74 -4.97 -16.92
C GLY A 219 -31.02 -6.31 -16.96
N MET A 220 -30.31 -6.64 -15.87
CA MET A 220 -29.61 -7.92 -15.74
C MET A 220 -30.48 -8.86 -14.90
N LYS A 221 -30.51 -10.13 -15.29
CA LYS A 221 -31.21 -11.14 -14.52
C LYS A 221 -30.33 -11.72 -13.42
N VAL A 222 -30.95 -12.22 -12.35
CA VAL A 222 -30.20 -12.75 -11.20
C VAL A 222 -30.46 -14.23 -10.97
N ALA A 223 -29.37 -15.02 -10.93
CA ALA A 223 -29.42 -16.41 -10.53
C ALA A 223 -28.87 -16.54 -9.12
N ALA A 224 -29.50 -17.38 -8.31
CA ALA A 224 -29.04 -17.63 -6.96
C ALA A 224 -28.80 -19.12 -6.72
N HIS A 225 -27.57 -19.45 -6.34
CA HIS A 225 -27.20 -20.78 -5.89
C HIS A 225 -27.81 -21.00 -4.52
N ALA A 226 -28.67 -22.01 -4.39
CA ALA A 226 -29.29 -22.30 -3.11
C ALA A 226 -29.73 -23.75 -2.98
N HIS A 227 -29.06 -24.49 -2.11
CA HIS A 227 -29.48 -25.84 -1.77
C HIS A 227 -30.49 -25.83 -0.61
N GLY A 228 -30.08 -25.27 0.53
CA GLY A 228 -30.89 -25.23 1.74
C GLY A 228 -32.16 -24.41 1.61
N LEU A 229 -33.24 -24.90 2.24
CA LEU A 229 -34.58 -24.32 2.12
C LEU A 229 -34.66 -22.86 2.56
N ILE A 230 -34.00 -22.54 3.67
CA ILE A 230 -34.06 -21.18 4.24
C ILE A 230 -33.43 -20.14 3.31
N GLY A 231 -32.45 -20.55 2.51
CA GLY A 231 -31.83 -19.70 1.50
C GLY A 231 -32.68 -19.55 0.24
N ILE A 232 -33.30 -20.65 -0.19
CA ILE A 232 -34.23 -20.64 -1.33
C ILE A 232 -35.38 -19.64 -1.09
N LYS A 233 -35.94 -19.68 0.11
CA LYS A 233 -37.01 -18.75 0.54
C LYS A 233 -36.57 -17.30 0.38
N ALA A 234 -35.37 -17.02 0.89
CA ALA A 234 -34.81 -15.67 0.93
C ALA A 234 -34.49 -15.13 -0.46
N ALA A 235 -33.94 -16.01 -1.30
CA ALA A 235 -33.65 -15.66 -2.69
C ALA A 235 -34.92 -15.29 -3.46
N ILE A 236 -35.96 -16.12 -3.33
CA ILE A 236 -37.27 -15.85 -3.93
C ILE A 236 -37.84 -14.52 -3.42
N LYS A 237 -37.80 -14.34 -2.11
CA LYS A 237 -38.29 -13.13 -1.46
C LYS A 237 -37.52 -11.89 -1.86
N ALA A 238 -36.24 -12.06 -2.21
CA ALA A 238 -35.38 -10.96 -2.66
C ALA A 238 -35.69 -10.54 -4.11
N GLY A 239 -36.20 -11.49 -4.88
CA GLY A 239 -36.68 -11.22 -6.23
C GLY A 239 -35.80 -11.77 -7.35
N VAL A 240 -35.11 -12.87 -7.09
CA VAL A 240 -34.28 -13.51 -8.12
C VAL A 240 -35.10 -14.07 -9.29
N ASP A 241 -34.45 -14.21 -10.46
CA ASP A 241 -35.13 -14.69 -11.66
C ASP A 241 -35.01 -16.20 -11.75
N SER A 242 -33.96 -16.75 -11.16
CA SER A 242 -33.81 -18.19 -11.05
C SER A 242 -33.11 -18.60 -9.76
N VAL A 243 -33.49 -19.78 -9.27
CA VAL A 243 -32.81 -20.43 -8.17
C VAL A 243 -32.14 -21.67 -8.73
N GLU A 244 -30.81 -21.68 -8.68
CA GLU A 244 -30.03 -22.83 -9.11
C GLU A 244 -30.10 -23.91 -8.05
N HIS A 245 -30.06 -25.16 -8.50
CA HIS A 245 -30.14 -26.38 -7.67
C HIS A 245 -31.48 -26.60 -6.95
N ALA A 246 -31.84 -25.68 -6.05
CA ALA A 246 -33.14 -25.70 -5.32
C ALA A 246 -33.46 -27.05 -4.66
N SER A 247 -32.45 -27.66 -4.05
CA SER A 247 -32.48 -29.06 -3.65
C SER A 247 -33.49 -29.43 -2.55
N PHE A 248 -33.75 -28.50 -1.63
CA PHE A 248 -34.65 -28.77 -0.51
C PHE A 248 -35.88 -27.88 -0.54
N ILE A 249 -36.45 -27.70 -1.73
CA ILE A 249 -37.63 -26.86 -1.89
C ILE A 249 -38.91 -27.61 -1.49
N ASP A 250 -39.70 -27.00 -0.61
CA ASP A 250 -40.93 -27.61 -0.11
C ASP A 250 -42.17 -27.06 -0.81
N ASP A 251 -43.33 -27.60 -0.47
CA ASP A 251 -44.60 -27.24 -1.09
C ASP A 251 -44.91 -25.74 -1.06
N GLU A 252 -44.67 -25.12 0.10
CA GLU A 252 -44.99 -23.71 0.34
C GLU A 252 -44.17 -22.76 -0.52
N THR A 253 -42.90 -23.09 -0.71
CA THR A 253 -41.98 -22.20 -1.42
C THR A 253 -41.89 -22.52 -2.91
N ILE A 254 -42.38 -23.69 -3.29
CA ILE A 254 -42.67 -23.99 -4.70
C ILE A 254 -43.76 -23.04 -5.15
N ASP A 255 -44.78 -22.86 -4.30
CA ASP A 255 -45.87 -21.92 -4.56
C ASP A 255 -45.39 -20.46 -4.59
N MET A 256 -44.42 -20.13 -3.74
CA MET A 256 -43.78 -18.81 -3.74
C MET A 256 -43.12 -18.52 -5.08
N ALA A 257 -42.38 -19.53 -5.58
CA ALA A 257 -41.72 -19.46 -6.89
C ALA A 257 -42.72 -19.29 -8.03
N ILE A 258 -43.82 -20.04 -7.97
CA ILE A 258 -44.88 -19.96 -8.98
C ILE A 258 -45.47 -18.55 -9.01
N LYS A 259 -45.76 -18.02 -7.81
CA LYS A 259 -46.34 -16.69 -7.67
C LYS A 259 -45.44 -15.57 -8.20
N ASN A 260 -44.12 -15.74 -8.04
CA ASN A 260 -43.16 -14.69 -8.38
C ASN A 260 -42.46 -14.86 -9.72
N ASN A 261 -42.85 -15.89 -10.48
CA ASN A 261 -42.20 -16.30 -11.73
C ASN A 261 -40.73 -16.66 -11.56
N THR A 262 -40.40 -17.22 -10.40
CA THR A 262 -39.04 -17.64 -10.15
C THR A 262 -38.81 -18.99 -10.80
N VAL A 263 -37.87 -19.04 -11.73
CA VAL A 263 -37.51 -20.27 -12.41
C VAL A 263 -36.65 -21.15 -11.49
N LEU A 264 -36.86 -22.46 -11.53
CA LEU A 264 -36.05 -23.39 -10.78
C LEU A 264 -35.12 -24.12 -11.72
N SER A 265 -33.85 -23.73 -11.71
CA SER A 265 -32.85 -24.36 -12.55
C SER A 265 -32.20 -25.51 -11.80
N MET A 266 -32.70 -26.71 -12.02
CA MET A 266 -32.33 -27.88 -11.21
C MET A 266 -31.45 -28.92 -11.96
N ASP A 267 -30.30 -29.23 -11.37
CA ASP A 267 -29.32 -30.12 -11.97
C ASP A 267 -29.38 -31.53 -11.38
N ILE A 268 -30.34 -32.32 -11.86
CA ILE A 268 -30.61 -33.63 -11.30
C ILE A 268 -29.64 -34.74 -11.75
N PHE A 269 -29.01 -34.55 -12.90
CA PHE A 269 -28.08 -35.55 -13.46
C PHE A 269 -26.76 -35.63 -12.70
N VAL A 270 -26.14 -34.47 -12.46
CA VAL A 270 -24.74 -34.35 -12.02
C VAL A 270 -24.38 -35.10 -10.71
N SER A 271 -25.40 -35.34 -9.87
CA SER A 271 -25.27 -36.11 -8.62
C SER A 271 -24.75 -37.54 -8.82
N ASP A 272 -25.15 -38.17 -9.93
CA ASP A 272 -24.66 -39.51 -10.29
C ASP A 272 -23.20 -39.52 -10.72
N TYR A 273 -22.75 -38.42 -11.35
CA TYR A 273 -21.35 -38.27 -11.73
C TYR A 273 -20.46 -38.12 -10.51
N ILE A 274 -20.89 -37.27 -9.57
CA ILE A 274 -20.09 -36.94 -8.37
C ILE A 274 -19.89 -38.17 -7.47
N LEU A 275 -20.99 -38.88 -7.18
CA LEU A 275 -20.95 -40.08 -6.34
C LEU A 275 -20.29 -41.28 -7.03
N GLY A 276 -20.44 -41.37 -8.35
CA GLY A 276 -19.85 -42.45 -9.14
C GLY A 276 -18.45 -42.12 -9.66
N GLU A 277 -18.41 -41.44 -10.80
CA GLU A 277 -17.17 -41.15 -11.53
C GLU A 277 -16.25 -40.16 -10.81
N GLY A 278 -16.86 -39.24 -10.08
CA GLY A 278 -16.13 -38.15 -9.42
C GLY A 278 -15.46 -38.53 -8.11
N ALA A 279 -15.90 -39.64 -7.52
CA ALA A 279 -15.36 -40.15 -6.26
C ALA A 279 -13.87 -40.51 -6.33
N LYS A 280 -13.42 -41.10 -7.45
CA LYS A 280 -11.98 -41.32 -7.63
C LYS A 280 -11.32 -40.39 -8.68
N ALA A 281 -12.11 -39.44 -9.22
CA ALA A 281 -11.60 -38.38 -10.08
C ALA A 281 -10.84 -37.28 -9.33
N GLY A 282 -11.11 -37.15 -8.03
CA GLY A 282 -10.39 -36.19 -7.19
C GLY A 282 -11.25 -35.27 -6.35
N ILE A 283 -12.55 -35.55 -6.30
CA ILE A 283 -13.51 -34.80 -5.45
C ILE A 283 -13.32 -35.20 -3.99
N ARG A 284 -13.18 -34.20 -3.12
CA ARG A 284 -12.87 -34.42 -1.70
CA ARG A 284 -12.87 -34.40 -1.69
C ARG A 284 -13.95 -35.14 -0.92
N GLU A 285 -13.55 -35.74 0.21
CA GLU A 285 -14.41 -36.54 1.08
C GLU A 285 -15.55 -35.74 1.73
N GLU A 286 -15.27 -34.47 2.06
CA GLU A 286 -16.24 -33.54 2.62
C GLU A 286 -17.34 -33.19 1.62
N SER A 287 -16.97 -33.11 0.34
CA SER A 287 -17.89 -32.81 -0.76
C SER A 287 -18.83 -33.97 -1.09
N LEU A 288 -18.29 -35.20 -1.06
CA LEU A 288 -19.06 -36.42 -1.32
C LEU A 288 -20.14 -36.67 -0.25
N ASN A 289 -19.82 -36.34 1.00
CA ASN A 289 -20.78 -36.42 2.11
C ASN A 289 -21.92 -35.41 1.99
N LYS A 290 -21.59 -34.21 1.50
CA LYS A 290 -22.58 -33.16 1.23
C LYS A 290 -23.41 -33.47 -0.02
N GLU A 291 -22.85 -34.27 -0.93
CA GLU A 291 -23.58 -34.73 -2.11
C GLU A 291 -24.68 -35.75 -1.75
N ARG A 292 -24.38 -36.62 -0.79
CA ARG A 292 -25.38 -37.59 -0.33
C ARG A 292 -26.59 -36.87 0.27
N LEU A 293 -26.33 -35.83 1.05
CA LEU A 293 -27.39 -35.04 1.68
C LEU A 293 -28.32 -34.37 0.66
N VAL A 294 -27.75 -34.05 -0.50
CA VAL A 294 -28.43 -33.23 -1.53
C VAL A 294 -29.06 -34.06 -2.65
N GLY A 295 -28.30 -35.01 -3.20
CA GLY A 295 -28.64 -35.75 -4.43
C GLY A 295 -30.03 -36.34 -4.56
N LYS A 296 -30.30 -37.38 -3.76
CA LYS A 296 -31.56 -38.13 -3.80
C LYS A 296 -32.79 -37.26 -3.50
N LYS A 297 -32.63 -36.33 -2.55
CA LYS A 297 -33.70 -35.43 -2.12
C LYS A 297 -34.08 -34.38 -3.18
N GLN A 298 -33.10 -34.00 -4.02
CA GLN A 298 -33.30 -32.97 -5.05
C GLN A 298 -34.25 -33.41 -6.17
N ARG A 299 -34.09 -34.66 -6.60
CA ARG A 299 -34.89 -35.20 -7.71
C ARG A 299 -36.33 -35.48 -7.30
N GLU A 300 -36.51 -35.84 -6.03
CA GLU A 300 -37.83 -35.98 -5.43
C GLU A 300 -38.56 -34.64 -5.43
N ASN A 301 -37.82 -33.60 -5.06
CA ASN A 301 -38.32 -32.23 -5.05
C ASN A 301 -38.52 -31.65 -6.45
N PHE A 302 -37.69 -32.11 -7.40
CA PHE A 302 -37.82 -31.75 -8.81
C PHE A 302 -39.16 -32.22 -9.36
N MET A 303 -39.50 -33.48 -9.05
CA MET A 303 -40.74 -34.11 -9.46
C MET A 303 -41.94 -33.39 -8.86
N ASN A 304 -41.86 -33.09 -7.57
CA ASN A 304 -42.92 -32.39 -6.87
C ASN A 304 -43.14 -30.98 -7.41
N ALA A 305 -42.04 -30.27 -7.69
CA ALA A 305 -42.08 -28.89 -8.19
C ALA A 305 -42.70 -28.78 -9.57
N HIS A 306 -42.40 -29.77 -10.43
CA HIS A 306 -42.96 -29.85 -11.78
C HIS A 306 -44.48 -30.04 -11.71
N ARG A 307 -44.90 -31.00 -10.89
CA ARG A 307 -46.32 -31.33 -10.74
C ARG A 307 -47.10 -30.11 -10.24
N ARG A 308 -46.57 -29.44 -9.22
CA ARG A 308 -47.26 -28.30 -8.63
C ARG A 308 -47.36 -27.13 -9.59
N GLY A 309 -46.51 -27.12 -10.62
CA GLY A 309 -46.59 -26.18 -11.74
C GLY A 309 -45.49 -25.13 -11.85
N ALA A 310 -44.35 -25.38 -11.23
CA ALA A 310 -43.24 -24.43 -11.25
C ALA A 310 -42.45 -24.54 -12.54
N ILE A 311 -41.95 -23.40 -13.00
CA ILE A 311 -41.12 -23.32 -14.20
C ILE A 311 -39.73 -23.89 -13.92
N ILE A 312 -39.39 -24.97 -14.61
CA ILE A 312 -38.08 -25.60 -14.46
C ILE A 312 -37.29 -25.56 -15.76
N THR A 313 -36.08 -25.03 -15.70
CA THR A 313 -35.20 -25.03 -16.87
C THR A 313 -34.16 -26.14 -16.85
N PHE A 314 -33.53 -26.33 -18.00
CA PHE A 314 -32.48 -27.32 -18.18
C PHE A 314 -31.14 -26.71 -17.79
N GLY A 315 -30.70 -27.00 -16.57
CA GLY A 315 -29.37 -26.62 -16.09
C GLY A 315 -28.68 -27.89 -15.59
N THR A 316 -27.43 -28.09 -16.00
CA THR A 316 -26.78 -29.38 -15.74
C THR A 316 -25.62 -29.32 -14.75
N ASP A 317 -25.07 -28.11 -14.59
CA ASP A 317 -23.79 -27.88 -13.91
C ASP A 317 -22.61 -28.56 -14.63
N ALA A 318 -22.58 -28.39 -15.95
CA ALA A 318 -21.48 -28.87 -16.78
C ALA A 318 -20.20 -28.11 -16.44
N GLY A 319 -19.11 -28.87 -16.30
CA GLY A 319 -17.87 -28.35 -15.73
C GLY A 319 -17.39 -29.34 -14.68
N ILE A 320 -18.33 -29.74 -13.82
CA ILE A 320 -18.13 -30.85 -12.90
C ILE A 320 -17.96 -32.13 -13.73
N PHE A 321 -18.99 -32.48 -14.50
CA PHE A 321 -18.88 -33.52 -15.51
C PHE A 321 -18.40 -32.92 -16.84
N ASP A 322 -18.12 -33.77 -17.82
CA ASP A 322 -17.56 -33.34 -19.11
C ASP A 322 -18.52 -32.51 -19.95
N HIS A 323 -18.00 -31.40 -20.48
CA HIS A 323 -18.73 -30.58 -21.43
C HIS A 323 -18.95 -31.37 -22.71
N GLY A 324 -20.20 -31.35 -23.19
CA GLY A 324 -20.57 -32.16 -24.34
C GLY A 324 -21.50 -33.29 -23.95
N ASP A 325 -21.40 -33.73 -22.70
CA ASP A 325 -22.28 -34.78 -22.15
C ASP A 325 -23.56 -34.20 -21.51
N ASN A 326 -23.87 -32.94 -21.81
CA ASN A 326 -24.98 -32.21 -21.19
C ASN A 326 -26.33 -32.84 -21.43
N ALA A 327 -26.48 -33.47 -22.60
CA ALA A 327 -27.75 -34.06 -23.03
C ALA A 327 -28.14 -35.34 -22.27
N LYS A 328 -27.22 -35.86 -21.45
CA LYS A 328 -27.51 -37.01 -20.60
C LYS A 328 -28.59 -36.73 -19.57
N GLN A 329 -28.78 -35.46 -19.23
CA GLN A 329 -29.80 -35.04 -18.26
C GLN A 329 -31.24 -35.23 -18.77
N PHE A 330 -31.42 -35.28 -20.08
CA PHE A 330 -32.75 -35.47 -20.67
C PHE A 330 -33.42 -36.77 -20.24
N ALA A 331 -32.66 -37.87 -20.22
CA ALA A 331 -33.15 -39.17 -19.75
C ALA A 331 -33.61 -39.10 -18.30
N TYR A 332 -32.82 -38.44 -17.46
CA TYR A 332 -33.14 -38.23 -16.04
C TYR A 332 -34.37 -37.37 -15.87
N MET A 333 -34.57 -36.45 -16.81
CA MET A 333 -35.66 -35.48 -16.75
C MET A 333 -37.03 -36.13 -16.99
N VAL A 334 -37.09 -37.10 -17.92
CA VAL A 334 -38.34 -37.82 -18.20
C VAL A 334 -38.66 -38.85 -17.14
N GLU A 335 -37.60 -39.43 -16.58
CA GLU A 335 -37.67 -40.43 -15.53
C GLU A 335 -38.22 -39.83 -14.25
N TRP A 336 -37.97 -38.55 -14.02
CA TRP A 336 -38.43 -37.90 -12.81
C TRP A 336 -39.68 -37.03 -12.98
N GLY A 337 -40.51 -37.37 -13.97
CA GLY A 337 -41.86 -36.80 -14.06
C GLY A 337 -42.20 -35.88 -15.22
N MET A 338 -41.24 -35.65 -16.11
CA MET A 338 -41.50 -34.83 -17.31
C MET A 338 -41.79 -35.70 -18.52
N THR A 339 -42.67 -35.23 -19.40
CA THR A 339 -42.85 -35.87 -20.70
C THR A 339 -41.63 -35.50 -21.56
N PRO A 340 -41.23 -36.39 -22.49
CA PRO A 340 -40.17 -36.03 -23.46
C PRO A 340 -40.29 -34.64 -24.09
N LEU A 341 -41.49 -34.24 -24.49
CA LEU A 341 -41.72 -32.88 -24.97
C LEU A 341 -41.38 -31.81 -23.91
N GLU A 342 -41.84 -32.03 -22.68
CA GLU A 342 -41.61 -31.09 -21.58
C GLU A 342 -40.12 -30.92 -21.26
N ALA A 343 -39.35 -32.00 -21.40
CA ALA A 343 -37.92 -31.98 -21.16
C ALA A 343 -37.21 -31.13 -22.20
N ILE A 344 -37.63 -31.27 -23.46
CA ILE A 344 -37.05 -30.48 -24.54
C ILE A 344 -37.52 -29.02 -24.45
N GLN A 345 -38.74 -28.81 -23.99
CA GLN A 345 -39.25 -27.45 -23.78
C GLN A 345 -38.46 -26.71 -22.71
N ALA A 346 -37.99 -27.46 -21.71
CA ALA A 346 -37.18 -26.93 -20.62
C ALA A 346 -35.81 -26.47 -21.13
N SER A 347 -35.39 -27.01 -22.27
CA SER A 347 -34.09 -26.71 -22.87
CA SER A 347 -34.09 -26.67 -22.86
C SER A 347 -34.19 -25.74 -24.06
N THR A 348 -35.40 -25.25 -24.35
CA THR A 348 -35.61 -24.40 -25.50
C THR A 348 -36.41 -23.15 -25.14
N ILE A 349 -37.73 -23.28 -25.05
CA ILE A 349 -38.62 -22.14 -24.84
C ILE A 349 -38.58 -21.60 -23.41
N LYS A 350 -38.39 -22.52 -22.47
CA LYS A 350 -38.32 -22.17 -21.06
C LYS A 350 -37.04 -21.41 -20.74
N THR A 351 -35.92 -21.94 -21.24
CA THR A 351 -34.62 -21.29 -21.10
C THR A 351 -34.58 -19.94 -21.79
N ALA A 352 -35.14 -19.86 -22.99
CA ALA A 352 -35.19 -18.61 -23.75
C ALA A 352 -35.80 -17.46 -22.94
N THR A 353 -36.91 -17.73 -22.25
CA THR A 353 -37.59 -16.74 -21.43
C THR A 353 -36.73 -16.37 -20.22
N LEU A 354 -36.17 -17.38 -19.57
CA LEU A 354 -35.25 -17.19 -18.45
C LEU A 354 -34.06 -16.31 -18.84
N PHE A 355 -33.50 -16.57 -20.02
CA PHE A 355 -32.34 -15.86 -20.52
C PHE A 355 -32.70 -14.42 -20.88
N GLY A 356 -33.98 -14.19 -21.15
CA GLY A 356 -34.47 -12.89 -21.58
C GLY A 356 -34.14 -12.59 -23.04
N ILE A 357 -33.93 -13.63 -23.84
CA ILE A 357 -33.68 -13.47 -25.26
C ILE A 357 -34.87 -13.97 -26.06
N GLU A 358 -35.37 -13.14 -26.96
CA GLU A 358 -36.40 -13.54 -27.90
C GLU A 358 -35.79 -13.99 -29.23
N ASN A 359 -36.65 -14.55 -30.07
CA ASN A 359 -36.29 -15.05 -31.40
C ASN A 359 -35.29 -16.20 -31.38
N ILE A 360 -35.26 -16.95 -30.28
CA ILE A 360 -34.56 -18.23 -30.19
C ILE A 360 -35.44 -19.29 -29.53
N GLY A 361 -35.07 -20.56 -29.71
CA GLY A 361 -35.75 -21.65 -29.03
C GLY A 361 -36.94 -22.24 -29.77
N GLN A 362 -37.30 -21.65 -30.90
CA GLN A 362 -38.40 -22.16 -31.72
C GLN A 362 -38.02 -22.17 -33.18
N ILE A 363 -38.38 -23.26 -33.88
CA ILE A 363 -38.31 -23.28 -35.34
C ILE A 363 -39.56 -22.57 -35.88
N LYS A 364 -39.40 -21.28 -36.12
CA LYS A 364 -40.48 -20.38 -36.46
C LYS A 364 -39.89 -19.27 -37.32
N GLU A 365 -40.73 -18.67 -38.16
CA GLU A 365 -40.30 -17.61 -39.06
C GLU A 365 -39.92 -16.35 -38.29
N GLY A 366 -38.76 -15.79 -38.61
CA GLY A 366 -38.25 -14.59 -37.94
C GLY A 366 -37.20 -14.92 -36.91
N PHE A 367 -37.33 -16.12 -36.33
CA PHE A 367 -36.44 -16.61 -35.28
C PHE A 367 -35.04 -16.91 -35.82
N ASP A 368 -34.05 -16.91 -34.94
CA ASP A 368 -32.68 -17.24 -35.30
C ASP A 368 -32.57 -18.69 -35.74
N ALA A 369 -31.63 -18.92 -36.66
CA ALA A 369 -31.46 -20.24 -37.26
C ALA A 369 -30.54 -21.14 -36.42
N ASP A 370 -30.98 -21.44 -35.20
CA ASP A 370 -30.28 -22.34 -34.30
C ASP A 370 -31.03 -23.66 -34.34
N ILE A 371 -30.53 -24.58 -35.17
CA ILE A 371 -31.26 -25.79 -35.52
C ILE A 371 -30.41 -27.05 -35.34
N VAL A 372 -31.00 -28.05 -34.67
CA VAL A 372 -30.33 -29.32 -34.42
C VAL A 372 -31.04 -30.49 -35.09
N GLY A 373 -30.28 -31.26 -35.85
CA GLY A 373 -30.80 -32.44 -36.53
C GLY A 373 -30.46 -33.69 -35.77
N VAL A 374 -31.47 -34.54 -35.57
CA VAL A 374 -31.34 -35.73 -34.75
C VAL A 374 -31.91 -36.98 -35.45
N ILE A 375 -31.33 -38.16 -35.18
CA ILE A 375 -31.64 -39.41 -35.91
C ILE A 375 -33.07 -39.94 -35.72
N GLU A 376 -33.41 -40.33 -34.50
CA GLU A 376 -34.73 -40.85 -34.17
C GLU A 376 -35.66 -39.71 -33.74
N ASN A 377 -36.90 -40.05 -33.43
CA ASN A 377 -37.83 -39.09 -32.88
C ASN A 377 -37.58 -38.89 -31.38
N PRO A 378 -37.34 -37.63 -30.97
CA PRO A 378 -36.99 -37.30 -29.59
C PRO A 378 -38.15 -37.46 -28.62
N LEU A 379 -39.39 -37.46 -29.12
CA LEU A 379 -40.54 -37.73 -28.27
C LEU A 379 -40.74 -39.25 -28.07
N ALA A 380 -40.18 -40.05 -28.98
CA ALA A 380 -40.20 -41.50 -28.86
C ALA A 380 -39.02 -41.96 -28.00
N ASN A 381 -37.83 -41.56 -28.41
CA ASN A 381 -36.61 -41.81 -27.64
C ASN A 381 -35.83 -40.52 -27.41
N ILE A 382 -35.81 -40.04 -26.17
CA ILE A 382 -35.17 -38.76 -25.86
C ILE A 382 -33.64 -38.87 -25.82
N ARG A 383 -33.15 -40.11 -25.72
CA ARG A 383 -31.72 -40.35 -25.65
C ARG A 383 -30.99 -40.22 -27.01
N THR A 384 -31.71 -39.80 -28.05
CA THR A 384 -31.08 -39.45 -29.33
C THR A 384 -30.37 -38.11 -29.24
N LEU A 385 -30.84 -37.26 -28.32
CA LEU A 385 -30.23 -35.96 -28.05
C LEU A 385 -28.81 -36.11 -27.52
N GLU A 386 -28.51 -37.26 -26.91
CA GLU A 386 -27.17 -37.61 -26.46
C GLU A 386 -26.17 -37.81 -27.61
N GLU A 387 -26.67 -38.03 -28.82
CA GLU A 387 -25.84 -38.04 -30.02
C GLU A 387 -26.53 -37.39 -31.23
N VAL A 388 -26.36 -36.07 -31.34
CA VAL A 388 -26.93 -35.29 -32.44
C VAL A 388 -26.09 -35.45 -33.70
N ALA A 389 -26.73 -35.29 -34.86
CA ALA A 389 -26.06 -35.55 -36.14
C ALA A 389 -25.93 -34.31 -37.03
N PHE A 390 -26.68 -33.26 -36.69
CA PHE A 390 -26.61 -32.00 -37.40
C PHE A 390 -26.73 -30.83 -36.44
N VAL A 391 -25.81 -29.87 -36.54
CA VAL A 391 -25.87 -28.65 -35.72
C VAL A 391 -25.72 -27.42 -36.62
N MET A 392 -26.72 -26.55 -36.60
CA MET A 392 -26.61 -25.24 -37.25
C MET A 392 -26.83 -24.16 -36.20
N LYS A 393 -25.88 -23.23 -36.11
CA LYS A 393 -26.02 -22.07 -35.22
C LYS A 393 -25.91 -20.79 -36.01
N GLU A 394 -26.94 -19.96 -35.90
CA GLU A 394 -27.06 -18.68 -36.61
C GLU A 394 -26.85 -18.81 -38.12
N GLY A 395 -27.48 -19.83 -38.70
CA GLY A 395 -27.44 -20.07 -40.14
C GLY A 395 -26.15 -20.66 -40.66
N LYS A 396 -25.30 -21.14 -39.77
CA LYS A 396 -24.01 -21.74 -40.13
C LYS A 396 -23.98 -23.19 -39.67
N VAL A 397 -23.56 -24.08 -40.54
CA VAL A 397 -23.51 -25.51 -40.20
C VAL A 397 -22.17 -25.84 -39.53
N TYR A 398 -22.24 -26.38 -38.32
CA TYR A 398 -21.03 -26.77 -37.60
C TYR A 398 -20.84 -28.28 -37.51
N LYS A 399 -21.91 -29.04 -37.73
CA LYS A 399 -21.83 -30.50 -37.65
C LYS A 399 -22.66 -31.21 -38.72
N ARG A 400 -22.03 -32.17 -39.40
CA ARG A 400 -22.70 -33.13 -40.30
C ARG A 400 -21.99 -34.48 -40.29
N ASP B 7 1.45 -47.61 -35.02
CA ASP B 7 2.65 -47.49 -35.90
C ASP B 7 2.31 -47.02 -37.32
N PHE B 8 3.26 -46.35 -37.97
CA PHE B 8 3.04 -45.80 -39.31
C PHE B 8 4.20 -46.08 -40.27
N LEU B 9 3.86 -46.53 -41.48
CA LEU B 9 4.82 -46.62 -42.57
C LEU B 9 4.50 -45.51 -43.56
N ILE B 10 5.46 -44.61 -43.80
CA ILE B 10 5.22 -43.51 -44.71
C ILE B 10 5.75 -43.84 -46.09
N LYS B 11 4.85 -43.83 -47.08
CA LYS B 11 5.22 -44.09 -48.48
C LYS B 11 5.48 -42.80 -49.23
N SER B 12 6.74 -42.38 -49.25
CA SER B 12 7.13 -41.10 -49.80
C SER B 12 7.64 -41.24 -51.24
N LYS B 13 7.48 -40.16 -52.01
CA LYS B 13 8.24 -39.99 -53.26
C LYS B 13 9.72 -39.99 -52.91
N GLY B 14 10.07 -39.29 -51.82
CA GLY B 14 11.40 -39.33 -51.25
C GLY B 14 11.65 -38.27 -50.20
N TYR B 15 12.46 -38.62 -49.19
CA TYR B 15 12.77 -37.68 -48.11
C TYR B 15 14.01 -36.84 -48.42
N LEU B 16 14.03 -35.61 -47.92
CA LEU B 16 15.20 -34.77 -48.10
C LEU B 16 16.25 -35.06 -47.03
N ASP B 17 17.42 -35.53 -47.44
CA ASP B 17 18.59 -35.51 -46.56
C ASP B 17 19.01 -34.05 -46.45
N ILE B 18 18.78 -33.48 -45.27
CA ILE B 18 19.00 -32.06 -45.04
C ILE B 18 20.47 -31.71 -44.79
N GLN B 19 21.30 -32.71 -44.57
CA GLN B 19 22.73 -32.49 -44.41
C GLN B 19 23.43 -32.27 -45.76
N THR B 20 23.13 -33.14 -46.71
CA THR B 20 23.83 -33.19 -48.00
C THR B 20 23.13 -32.36 -49.08
N GLY B 21 21.80 -32.37 -49.05
CA GLY B 21 21.01 -31.73 -50.07
C GLY B 21 20.28 -32.74 -50.93
N GLU B 22 20.74 -33.99 -50.84
CA GLU B 22 20.17 -35.08 -51.62
C GLU B 22 18.75 -35.37 -51.19
N ILE B 23 17.85 -35.57 -52.15
CA ILE B 23 16.58 -36.20 -51.83
C ILE B 23 16.77 -37.70 -52.06
N ILE B 24 16.15 -38.52 -51.21
CA ILE B 24 16.39 -39.97 -51.22
C ILE B 24 15.06 -40.71 -51.33
N LYS B 25 14.97 -41.62 -52.31
CA LYS B 25 13.88 -42.58 -52.37
C LYS B 25 14.08 -43.63 -51.27
N ALA B 26 13.17 -43.61 -50.29
CA ALA B 26 13.21 -44.52 -49.15
C ALA B 26 11.83 -44.62 -48.51
N ASP B 27 11.72 -45.41 -47.45
CA ASP B 27 10.51 -45.47 -46.65
C ASP B 27 10.82 -45.18 -45.20
N LEU B 28 9.81 -44.66 -44.48
CA LEU B 28 9.97 -44.29 -43.08
C LEU B 28 8.96 -45.01 -42.20
N LEU B 29 9.50 -45.71 -41.20
CA LEU B 29 8.69 -46.35 -40.16
C LEU B 29 8.66 -45.47 -38.91
N ILE B 30 7.45 -45.30 -38.37
CA ILE B 30 7.20 -44.43 -37.24
C ILE B 30 6.58 -45.22 -36.10
N ARG B 31 7.30 -45.32 -34.99
CA ARG B 31 6.74 -45.87 -33.76
C ARG B 31 7.00 -44.94 -32.58
N ASN B 32 5.94 -44.70 -31.80
CA ASN B 32 5.99 -43.90 -30.57
C ASN B 32 6.69 -42.53 -30.71
N GLY B 33 6.32 -41.81 -31.76
CA GLY B 33 6.80 -40.44 -31.97
C GLY B 33 8.21 -40.28 -32.49
N LYS B 34 8.82 -41.38 -32.93
CA LYS B 34 10.17 -41.33 -33.51
C LYS B 34 10.25 -42.05 -34.86
N ILE B 35 11.17 -41.57 -35.72
CA ILE B 35 11.49 -42.28 -36.95
C ILE B 35 12.36 -43.47 -36.58
N ALA B 36 11.74 -44.65 -36.63
CA ALA B 36 12.41 -45.89 -36.25
C ALA B 36 13.35 -46.38 -37.36
N GLU B 37 12.80 -46.54 -38.56
CA GLU B 37 13.51 -47.20 -39.67
C GLU B 37 13.51 -46.36 -40.93
N ILE B 38 14.66 -46.35 -41.63
CA ILE B 38 14.80 -45.64 -42.90
C ILE B 38 15.38 -46.57 -43.98
N GLY B 39 14.70 -46.63 -45.12
CA GLY B 39 15.16 -47.41 -46.27
C GLY B 39 14.07 -48.37 -46.70
N LYS B 40 14.44 -49.65 -46.78
CA LYS B 40 13.46 -50.71 -47.07
C LYS B 40 13.03 -51.37 -45.75
N ILE B 41 11.73 -51.38 -45.48
CA ILE B 41 11.20 -52.01 -44.27
C ILE B 41 10.12 -53.04 -44.60
N ASN B 42 10.19 -54.18 -43.91
CA ASN B 42 9.20 -55.25 -44.00
C ASN B 42 7.87 -54.81 -43.39
N THR B 43 6.90 -54.51 -44.25
CA THR B 43 5.61 -54.00 -43.81
C THR B 43 4.81 -55.08 -43.08
N LYS B 44 4.51 -54.82 -41.81
CA LYS B 44 4.02 -55.86 -40.92
C LYS B 44 2.77 -55.41 -40.17
N ASP B 45 2.90 -54.31 -39.42
CA ASP B 45 2.25 -54.18 -38.12
C ASP B 45 0.96 -53.40 -38.22
N ALA B 46 1.08 -52.08 -38.25
CA ALA B 46 -0.09 -51.20 -38.33
C ALA B 46 -0.05 -50.36 -39.61
N THR B 47 -0.91 -49.35 -39.67
CA THR B 47 -1.26 -48.71 -40.95
C THR B 47 -0.13 -48.03 -41.73
N VAL B 48 -0.36 -47.88 -43.02
CA VAL B 48 0.62 -47.35 -43.95
C VAL B 48 0.05 -46.10 -44.62
N ILE B 49 0.83 -45.01 -44.62
CA ILE B 49 0.43 -43.75 -45.25
C ILE B 49 0.86 -43.69 -46.71
N SER B 50 -0.12 -43.81 -47.61
CA SER B 50 0.13 -43.79 -49.04
C SER B 50 0.19 -42.35 -49.54
N ILE B 51 1.37 -41.75 -49.44
CA ILE B 51 1.54 -40.35 -49.84
C ILE B 51 2.63 -40.18 -50.94
N PRO B 52 2.33 -40.68 -52.15
CA PRO B 52 3.39 -41.02 -53.10
C PRO B 52 3.94 -39.85 -53.92
N ASP B 53 3.20 -38.75 -53.97
CA ASP B 53 3.57 -37.60 -54.80
C ASP B 53 4.38 -36.56 -54.03
N LEU B 54 4.62 -36.82 -52.75
CA LEU B 54 5.17 -35.80 -51.86
C LEU B 54 6.62 -36.00 -51.45
N ILE B 55 7.42 -34.97 -51.71
CA ILE B 55 8.81 -34.93 -51.25
C ILE B 55 8.77 -34.56 -49.76
N LEU B 56 9.44 -35.36 -48.94
CA LEU B 56 9.40 -35.20 -47.49
C LEU B 56 10.56 -34.38 -46.94
N ILE B 57 10.22 -33.49 -46.01
CA ILE B 57 11.19 -32.64 -45.32
C ILE B 57 10.93 -32.70 -43.82
N PRO B 58 11.96 -32.41 -42.99
CA PRO B 58 11.75 -32.32 -41.53
C PRO B 58 10.79 -31.18 -41.18
N GLY B 59 10.04 -31.35 -40.10
CA GLY B 59 9.14 -30.29 -39.59
C GLY B 59 9.84 -28.95 -39.49
N LEU B 60 9.16 -27.89 -39.93
CA LEU B 60 9.79 -26.59 -40.02
C LEU B 60 9.79 -25.86 -38.67
N MET B 61 10.73 -24.93 -38.51
CA MET B 61 10.86 -24.17 -37.27
C MET B 61 10.90 -22.66 -37.51
N ASP B 62 10.31 -21.93 -36.59
CA ASP B 62 10.39 -20.48 -36.59
C ASP B 62 11.01 -20.05 -35.27
N SER B 63 12.06 -19.22 -35.35
CA SER B 63 12.80 -18.84 -34.15
C SER B 63 12.33 -17.51 -33.55
N HIS B 64 11.21 -16.98 -34.06
CA HIS B 64 10.69 -15.69 -33.63
C HIS B 64 9.21 -15.60 -33.95
N VAL B 65 8.36 -15.98 -33.01
CA VAL B 65 6.91 -15.86 -33.17
C VAL B 65 6.26 -15.22 -31.95
N HIS B 66 5.06 -14.69 -32.15
CA HIS B 66 4.24 -14.18 -31.06
C HIS B 66 2.83 -14.76 -31.17
N ILE B 67 2.70 -16.04 -30.82
CA ILE B 67 1.48 -16.81 -30.99
C ILE B 67 0.36 -16.30 -30.08
N VAL B 68 0.71 -15.99 -28.85
CA VAL B 68 -0.27 -15.45 -27.90
C VAL B 68 -0.26 -13.93 -27.93
N GLY B 69 -1.46 -13.37 -28.09
CA GLY B 69 -1.66 -11.94 -28.24
C GLY B 69 -3.00 -11.69 -28.93
N ASN B 70 -3.61 -10.56 -28.62
CA ASN B 70 -4.91 -10.20 -29.18
C ASN B 70 -4.85 -9.75 -30.65
N ASP B 71 -5.47 -10.55 -31.52
CA ASP B 71 -5.52 -10.21 -32.94
C ASP B 71 -6.82 -9.53 -33.35
N SER B 72 -7.71 -9.29 -32.39
CA SER B 72 -8.94 -8.56 -32.66
C SER B 72 -8.67 -7.07 -32.80
N LYS B 73 -9.29 -6.47 -33.81
CA LYS B 73 -9.05 -5.07 -34.12
C LYS B 73 -10.33 -4.28 -33.97
N GLY B 74 -10.21 -2.96 -34.03
CA GLY B 74 -11.37 -2.09 -33.98
C GLY B 74 -11.69 -1.60 -32.59
N GLU B 75 -12.74 -0.78 -32.50
CA GLU B 75 -13.14 -0.12 -31.26
C GLU B 75 -13.69 -1.11 -30.25
N GLU B 76 -14.37 -2.14 -30.76
CA GLU B 76 -14.97 -3.20 -29.96
C GLU B 76 -13.98 -4.01 -29.11
N SER B 77 -12.70 -3.95 -29.46
CA SER B 77 -11.68 -4.76 -28.79
C SER B 77 -10.80 -3.94 -27.83
N ILE B 78 -11.18 -2.68 -27.61
CA ILE B 78 -10.31 -1.74 -26.88
C ILE B 78 -10.12 -2.07 -25.40
N ALA B 79 -11.15 -2.62 -24.77
CA ALA B 79 -11.08 -2.94 -23.35
C ALA B 79 -11.07 -4.44 -23.10
N ASP B 80 -10.65 -5.20 -24.12
CA ASP B 80 -10.48 -6.65 -24.00
C ASP B 80 -9.52 -7.05 -22.90
N SER B 81 -9.85 -8.11 -22.17
CA SER B 81 -8.94 -8.63 -21.14
C SER B 81 -7.79 -9.38 -21.80
N SER B 82 -6.78 -9.71 -21.01
CA SER B 82 -5.62 -10.46 -21.51
C SER B 82 -5.99 -11.89 -21.94
N HIS B 83 -7.15 -12.35 -21.49
CA HIS B 83 -7.63 -13.68 -21.85
C HIS B 83 -8.01 -13.82 -23.32
N MET B 84 -8.39 -12.69 -23.93
CA MET B 84 -8.64 -12.64 -25.37
C MET B 84 -7.39 -13.07 -26.14
N GLY B 85 -6.22 -12.57 -25.71
CA GLY B 85 -4.94 -12.96 -26.29
C GLY B 85 -4.61 -14.43 -26.15
N THR B 86 -5.12 -15.06 -25.10
CA THR B 86 -4.94 -16.50 -24.89
C THR B 86 -5.83 -17.29 -25.85
N VAL B 87 -7.06 -16.81 -26.05
CA VAL B 87 -8.00 -17.42 -27.00
C VAL B 87 -7.39 -17.41 -28.41
N TRP B 88 -6.87 -16.26 -28.80
CA TRP B 88 -6.18 -16.12 -30.06
C TRP B 88 -4.97 -17.03 -30.15
N GLY B 89 -4.30 -17.23 -29.01
CA GLY B 89 -3.14 -18.11 -28.95
C GLY B 89 -3.49 -19.55 -29.30
N VAL B 90 -4.69 -19.97 -28.93
CA VAL B 90 -5.16 -21.31 -29.29
C VAL B 90 -5.34 -21.41 -30.81
N VAL B 91 -6.02 -20.42 -31.38
CA VAL B 91 -6.28 -20.33 -32.82
C VAL B 91 -4.99 -20.33 -33.63
N ASN B 92 -4.05 -19.47 -33.23
CA ASN B 92 -2.79 -19.26 -33.92
C ASN B 92 -1.80 -20.41 -33.77
N ALA B 93 -1.92 -21.16 -32.67
CA ALA B 93 -1.09 -22.35 -32.48
C ALA B 93 -1.47 -23.41 -33.51
N GLU B 94 -2.77 -23.59 -33.73
CA GLU B 94 -3.25 -24.53 -34.75
C GLU B 94 -2.75 -24.13 -36.15
N LYS B 95 -3.00 -22.85 -36.51
CA LYS B 95 -2.58 -22.29 -37.81
C LYS B 95 -1.09 -22.45 -38.09
N THR B 96 -0.27 -22.38 -37.05
CA THR B 96 1.17 -22.54 -37.15
C THR B 96 1.54 -24.00 -37.45
N LEU B 97 0.88 -24.92 -36.77
CA LEU B 97 1.13 -26.36 -36.95
C LEU B 97 0.66 -26.84 -38.33
N MET B 98 -0.55 -26.43 -38.71
CA MET B 98 -1.12 -26.77 -40.01
C MET B 98 -0.33 -26.19 -41.19
N ALA B 99 0.46 -25.14 -40.94
CA ALA B 99 1.39 -24.59 -41.92
C ALA B 99 2.72 -25.34 -41.98
N GLY B 100 2.84 -26.44 -41.23
CA GLY B 100 4.03 -27.30 -41.27
C GLY B 100 5.16 -26.89 -40.32
N PHE B 101 4.82 -26.04 -39.36
CA PHE B 101 5.78 -25.65 -38.33
C PHE B 101 5.53 -26.45 -37.05
N THR B 102 6.53 -27.25 -36.67
CA THR B 102 6.35 -28.24 -35.60
C THR B 102 7.03 -27.85 -34.29
N THR B 103 8.01 -26.96 -34.38
CA THR B 103 8.72 -26.47 -33.20
C THR B 103 8.99 -24.98 -33.37
N VAL B 104 8.40 -24.15 -32.53
CA VAL B 104 8.63 -22.71 -32.64
C VAL B 104 9.17 -22.09 -31.36
N ARG B 105 9.81 -20.93 -31.49
CA ARG B 105 10.26 -20.16 -30.34
C ARG B 105 9.41 -18.89 -30.17
N ASN B 106 8.49 -18.93 -29.20
CA ASN B 106 7.69 -17.76 -28.81
C ASN B 106 8.54 -16.82 -27.98
N VAL B 107 8.59 -15.56 -28.39
CA VAL B 107 9.68 -14.71 -27.95
C VAL B 107 9.25 -13.46 -27.16
N GLY B 108 7.96 -13.38 -26.82
CA GLY B 108 7.47 -12.28 -26.00
C GLY B 108 5.96 -12.31 -25.80
N ALA B 109 5.53 -12.59 -24.57
CA ALA B 109 4.12 -12.59 -24.21
C ALA B 109 3.96 -12.19 -22.75
N ALA B 110 2.76 -11.77 -22.38
CA ALA B 110 2.47 -11.33 -21.01
C ALA B 110 1.75 -12.39 -20.17
N ASN B 111 1.92 -12.27 -18.84
CA ASN B 111 1.20 -13.05 -17.82
C ASN B 111 1.40 -14.56 -17.81
N TYR B 112 2.47 -15.01 -18.48
CA TYR B 112 2.81 -16.44 -18.59
C TYR B 112 1.72 -17.25 -19.29
N ALA B 113 0.94 -16.56 -20.12
CA ALA B 113 -0.06 -17.18 -20.98
C ALA B 113 0.61 -17.99 -22.09
N ASP B 114 1.84 -17.61 -22.42
CA ASP B 114 2.67 -18.40 -23.33
C ASP B 114 3.01 -19.77 -22.75
N VAL B 115 3.30 -19.84 -21.44
CA VAL B 115 3.58 -21.13 -20.82
C VAL B 115 2.28 -21.95 -20.73
N SER B 116 1.15 -21.28 -20.57
CA SER B 116 -0.14 -21.95 -20.52
C SER B 116 -0.51 -22.60 -21.84
N VAL B 117 -0.30 -21.88 -22.95
CA VAL B 117 -0.60 -22.42 -24.27
C VAL B 117 0.38 -23.56 -24.55
N ARG B 118 1.65 -23.33 -24.23
CA ARG B 118 2.70 -24.33 -24.44
C ARG B 118 2.36 -25.64 -23.76
N ASP B 119 2.02 -25.55 -22.48
CA ASP B 119 1.71 -26.71 -21.67
C ASP B 119 0.45 -27.41 -22.14
N ALA B 120 -0.54 -26.65 -22.59
CA ALA B 120 -1.78 -27.22 -23.10
C ALA B 120 -1.52 -28.06 -24.34
N ILE B 121 -0.62 -27.57 -25.19
CA ILE B 121 -0.20 -28.29 -26.39
C ILE B 121 0.49 -29.58 -25.97
N GLU B 122 1.40 -29.45 -25.01
CA GLU B 122 2.22 -30.54 -24.48
C GLU B 122 1.37 -31.63 -23.84
N ARG B 123 0.28 -31.23 -23.19
CA ARG B 123 -0.65 -32.15 -22.57
C ARG B 123 -1.67 -32.72 -23.55
N GLY B 124 -1.62 -32.26 -24.80
CA GLY B 124 -2.58 -32.71 -25.82
C GLY B 124 -3.99 -32.16 -25.65
N VAL B 125 -4.12 -31.05 -24.92
CA VAL B 125 -5.40 -30.36 -24.77
C VAL B 125 -5.78 -29.66 -26.07
N ILE B 126 -4.78 -29.08 -26.74
CA ILE B 126 -4.96 -28.38 -28.01
C ILE B 126 -3.85 -28.78 -28.97
N ASN B 127 -4.09 -28.58 -30.26
CA ASN B 127 -3.06 -28.85 -31.26
C ASN B 127 -2.21 -27.62 -31.49
N GLY B 128 -0.92 -27.83 -31.74
CA GLY B 128 -0.02 -26.73 -32.06
C GLY B 128 1.38 -27.26 -32.05
N PRO B 129 2.35 -26.40 -32.38
CA PRO B 129 3.75 -26.79 -32.38
C PRO B 129 4.28 -26.88 -30.96
N THR B 130 5.40 -27.56 -30.79
CA THR B 130 6.13 -27.48 -29.55
C THR B 130 6.67 -26.06 -29.42
N MET B 131 6.24 -25.36 -28.39
CA MET B 131 6.65 -23.99 -28.18
C MET B 131 7.78 -23.91 -27.15
N LEU B 132 8.83 -23.18 -27.49
CA LEU B 132 9.80 -22.74 -26.48
C LEU B 132 9.48 -21.29 -26.15
N VAL B 133 9.10 -21.02 -24.90
CA VAL B 133 8.55 -19.72 -24.51
C VAL B 133 9.48 -18.91 -23.61
N SER B 134 9.35 -17.59 -23.69
CA SER B 134 10.27 -16.67 -23.01
C SER B 134 9.71 -16.02 -21.76
N GLY B 135 8.38 -16.07 -21.61
CA GLY B 135 7.70 -15.24 -20.63
C GLY B 135 7.81 -13.79 -21.06
N PRO B 136 7.56 -12.84 -20.13
CA PRO B 136 7.72 -11.42 -20.45
C PRO B 136 9.16 -11.09 -20.84
N ALA B 137 9.31 -10.30 -21.90
CA ALA B 137 10.61 -9.83 -22.31
C ALA B 137 11.11 -8.78 -21.31
N LEU B 138 12.43 -8.74 -21.11
CA LEU B 138 13.01 -7.80 -20.15
C LEU B 138 13.42 -6.54 -20.88
N GLY B 139 13.20 -5.39 -20.26
CA GLY B 139 13.55 -4.13 -20.90
C GLY B 139 13.72 -3.03 -19.89
N ILE B 140 14.30 -1.92 -20.32
CA ILE B 140 14.43 -0.77 -19.45
C ILE B 140 13.11 -0.01 -19.36
N THR B 141 13.02 0.89 -18.39
CA THR B 141 11.90 1.80 -18.29
C THR B 141 11.88 2.66 -19.56
N GLY B 142 10.76 2.58 -20.28
CA GLY B 142 10.57 3.35 -21.49
C GLY B 142 11.15 2.75 -22.74
N GLY B 143 11.69 1.54 -22.63
CA GLY B 143 12.31 0.86 -23.75
C GLY B 143 11.29 0.24 -24.69
N HIS B 144 11.81 -0.51 -25.67
CA HIS B 144 10.97 -1.18 -26.67
C HIS B 144 10.05 -2.24 -26.05
N CYS B 145 10.54 -2.94 -25.04
CA CYS B 145 9.78 -3.98 -24.33
C CYS B 145 8.75 -3.38 -23.37
N ASP B 146 8.94 -2.12 -22.98
CA ASP B 146 7.97 -1.38 -22.16
C ASP B 146 6.84 -0.88 -23.05
N HIS B 147 5.65 -0.66 -22.47
CA HIS B 147 4.54 -0.09 -23.23
C HIS B 147 4.34 1.38 -22.91
N ASN B 148 4.68 2.22 -23.89
CA ASN B 148 4.66 3.68 -23.75
C ASN B 148 3.40 4.29 -24.38
N LEU B 149 2.25 3.71 -24.07
CA LEU B 149 0.99 4.14 -24.67
C LEU B 149 0.06 4.90 -23.70
N LEU B 150 0.39 4.91 -22.41
CA LEU B 150 -0.45 5.57 -21.40
C LEU B 150 0.19 6.87 -20.90
N PRO B 151 -0.64 7.83 -20.45
CA PRO B 151 -0.18 9.09 -19.83
C PRO B 151 0.69 8.86 -18.58
N PRO B 152 1.53 9.85 -18.21
CA PRO B 152 2.42 9.68 -17.04
C PRO B 152 1.69 9.60 -15.69
N GLU B 153 0.43 10.03 -15.67
CA GLU B 153 -0.42 9.92 -14.50
C GLU B 153 -0.68 8.47 -14.11
N PHE B 154 -0.71 7.58 -15.09
CA PHE B 154 -0.94 6.15 -14.83
C PHE B 154 0.30 5.48 -14.27
N ASN B 155 1.47 6.06 -14.53
CA ASN B 155 2.77 5.49 -14.18
C ASN B 155 2.88 4.00 -14.46
N TYR B 156 2.43 3.60 -15.64
CA TYR B 156 2.39 2.19 -16.00
C TYR B 156 3.71 1.75 -16.63
N SER B 157 4.31 0.72 -16.05
CA SER B 157 5.40 0.00 -16.69
C SER B 157 4.96 -1.44 -16.82
N SER B 158 5.33 -2.08 -17.93
CA SER B 158 4.91 -3.44 -18.17
C SER B 158 5.73 -4.46 -17.36
N GLU B 159 5.27 -5.70 -17.40
CA GLU B 159 5.70 -6.81 -16.57
C GLU B 159 7.23 -7.00 -16.42
N GLY B 160 7.93 -7.00 -17.54
CA GLY B 160 9.36 -7.33 -17.53
C GLY B 160 10.32 -6.16 -17.38
N VAL B 161 9.81 -4.99 -17.03
CA VAL B 161 10.65 -3.80 -16.91
C VAL B 161 11.65 -3.91 -15.75
N VAL B 162 12.92 -3.83 -16.07
CA VAL B 162 13.99 -3.92 -15.07
C VAL B 162 15.05 -2.83 -15.27
N ASP B 163 15.60 -2.29 -14.19
CA ASP B 163 16.49 -1.11 -14.31
C ASP B 163 17.76 -1.18 -13.46
N SER B 164 18.23 -2.38 -13.17
CA SER B 164 19.50 -2.62 -12.47
C SER B 164 19.85 -4.09 -12.70
N PRO B 165 21.16 -4.44 -12.65
CA PRO B 165 21.60 -5.82 -12.84
C PRO B 165 20.87 -6.81 -11.94
N TRP B 166 20.66 -6.44 -10.68
CA TRP B 166 20.04 -7.36 -9.74
C TRP B 166 18.54 -7.48 -9.94
N GLU B 167 17.93 -6.39 -10.40
CA GLU B 167 16.53 -6.40 -10.78
C GLU B 167 16.35 -7.34 -11.96
N ALA B 168 17.26 -7.24 -12.92
CA ALA B 168 17.27 -8.07 -14.10
C ALA B 168 17.44 -9.56 -13.76
N ARG B 169 18.44 -9.83 -12.91
CA ARG B 169 18.72 -11.14 -12.34
C ARG B 169 17.43 -11.75 -11.78
N LYS B 170 16.73 -10.95 -10.96
CA LYS B 170 15.50 -11.37 -10.31
C LYS B 170 14.38 -11.73 -11.29
N MET B 171 14.26 -10.94 -12.36
CA MET B 171 13.22 -11.15 -13.34
C MET B 171 13.49 -12.42 -14.18
N VAL B 172 14.76 -12.71 -14.43
CA VAL B 172 15.17 -13.96 -15.07
C VAL B 172 14.71 -15.11 -14.17
N ARG B 173 15.08 -15.02 -12.90
CA ARG B 173 14.67 -15.99 -11.87
C ARG B 173 13.15 -16.17 -11.77
N LYS B 174 12.42 -15.06 -11.88
CA LYS B 174 10.98 -15.08 -11.82
C LYS B 174 10.37 -15.75 -13.05
N ASN B 175 10.97 -15.48 -14.21
CA ASN B 175 10.51 -16.07 -15.47
C ASN B 175 10.74 -17.57 -15.43
N ARG B 176 11.90 -17.98 -14.92
CA ARG B 176 12.23 -19.39 -14.78
C ARG B 176 11.29 -20.08 -13.80
N LYS B 177 10.96 -19.35 -12.73
CA LYS B 177 10.03 -19.82 -11.69
C LYS B 177 8.67 -20.18 -12.27
N TYR B 178 8.20 -19.35 -13.20
CA TYR B 178 6.90 -19.57 -13.77
C TYR B 178 6.93 -20.25 -15.14
N GLY B 179 8.06 -20.85 -15.48
CA GLY B 179 8.12 -21.82 -16.56
C GLY B 179 8.72 -21.43 -17.90
N ALA B 180 9.48 -20.34 -17.93
CA ALA B 180 10.08 -19.89 -19.17
C ALA B 180 11.21 -20.82 -19.58
N ASP B 181 11.39 -21.01 -20.89
CA ASP B 181 12.47 -21.85 -21.43
C ASP B 181 13.70 -21.01 -21.77
N LEU B 182 13.45 -19.77 -22.18
CA LEU B 182 14.52 -18.87 -22.56
C LEU B 182 14.21 -17.49 -22.04
N ILE B 183 15.17 -16.59 -22.15
CA ILE B 183 14.99 -15.21 -21.75
C ILE B 183 15.13 -14.33 -22.97
N KCX B 184 14.24 -13.36 -23.12
CA KCX B 184 14.35 -12.38 -24.19
CB KCX B 184 13.14 -12.50 -25.13
CG KCX B 184 13.37 -11.90 -26.48
CD KCX B 184 12.71 -10.55 -26.61
CE KCX B 184 12.80 -10.09 -28.03
NZ KCX B 184 11.55 -9.39 -28.38
C KCX B 184 14.47 -10.97 -23.64
O KCX B 184 13.77 -10.62 -22.69
CX KCX B 184 11.38 -8.94 -29.62
OQ1 KCX B 184 12.27 -9.07 -30.47
OQ2 KCX B 184 10.32 -8.36 -29.91
N PHE B 185 15.35 -10.16 -24.22
CA PHE B 185 15.45 -8.75 -23.83
C PHE B 185 15.62 -7.76 -24.98
N CYS B 186 15.20 -6.53 -24.76
CA CYS B 186 15.36 -5.44 -25.74
C CYS B 186 16.70 -4.74 -25.53
N ALA B 187 17.57 -4.81 -26.53
CA ALA B 187 18.90 -4.18 -26.47
C ALA B 187 18.93 -2.83 -27.19
N THR B 188 17.96 -2.62 -28.09
CA THR B 188 17.78 -1.32 -28.76
C THR B 188 16.28 -0.99 -28.80
N GLY B 189 15.97 0.18 -29.34
CA GLY B 189 14.60 0.57 -29.61
C GLY B 189 14.09 -0.23 -30.79
N GLY B 190 12.78 -0.18 -31.01
CA GLY B 190 12.18 -0.97 -32.07
C GLY B 190 11.20 -0.22 -32.95
N VAL B 191 10.71 -0.93 -33.96
CA VAL B 191 9.80 -0.38 -34.97
C VAL B 191 8.39 -0.21 -34.41
N MET B 192 7.82 -1.28 -33.84
CA MET B 192 6.41 -1.34 -33.47
C MET B 192 6.02 -0.61 -32.18
N SER B 193 7.01 -0.19 -31.39
CA SER B 193 6.75 0.56 -30.15
C SER B 193 6.71 2.08 -30.36
N ARG B 194 6.04 2.76 -29.45
CA ARG B 194 5.95 4.21 -29.43
C ARG B 194 7.09 4.79 -28.57
N ASN B 195 7.69 5.89 -29.05
CA ASN B 195 8.79 6.60 -28.37
C ASN B 195 10.04 5.76 -28.08
N THR B 196 10.57 5.11 -29.12
CA THR B 196 11.85 4.39 -29.01
C THR B 196 12.78 4.69 -30.20
N ASP B 197 14.04 4.98 -29.89
CA ASP B 197 15.06 5.20 -30.91
C ASP B 197 15.68 3.87 -31.30
N VAL B 198 15.52 3.52 -32.57
CA VAL B 198 15.97 2.25 -33.15
C VAL B 198 17.51 2.07 -33.07
N ASN B 199 18.25 3.17 -33.21
CA ASN B 199 19.72 3.14 -33.19
C ASN B 199 20.38 3.36 -31.83
N ALA B 200 19.58 3.72 -30.82
CA ALA B 200 20.09 3.87 -29.45
C ALA B 200 20.08 2.52 -28.73
N LYS B 201 21.12 2.30 -27.93
CA LYS B 201 21.21 1.12 -27.10
C LYS B 201 20.32 1.29 -25.88
N GLN B 202 19.63 0.23 -25.51
CA GLN B 202 18.90 0.16 -24.26
C GLN B 202 19.54 -0.93 -23.41
N PHE B 203 19.66 -0.66 -22.09
CA PHE B 203 20.46 -1.42 -21.12
C PHE B 203 21.93 -1.03 -21.16
N THR B 204 22.53 -0.92 -19.99
CA THR B 204 23.98 -0.87 -19.87
C THR B 204 24.53 -2.28 -20.18
N LEU B 205 25.82 -2.36 -20.51
CA LEU B 205 26.46 -3.65 -20.72
C LEU B 205 26.41 -4.51 -19.45
N GLU B 206 26.63 -3.88 -18.30
CA GLU B 206 26.55 -4.53 -16.99
C GLU B 206 25.20 -5.22 -16.81
N GLU B 207 24.12 -4.51 -17.14
CA GLU B 207 22.78 -5.06 -17.07
C GLU B 207 22.62 -6.25 -18.01
N MET B 208 23.11 -6.09 -19.24
CA MET B 208 23.04 -7.12 -20.26
C MET B 208 23.77 -8.40 -19.82
N LYS B 209 24.96 -8.22 -19.26
CA LYS B 209 25.78 -9.35 -18.84
C LYS B 209 25.08 -10.11 -17.71
N ALA B 210 24.49 -9.36 -16.76
CA ALA B 210 23.74 -9.93 -15.65
C ALA B 210 22.57 -10.81 -16.11
N ILE B 211 21.85 -10.35 -17.13
CA ILE B 211 20.74 -11.09 -17.73
C ILE B 211 21.26 -12.41 -18.31
N VAL B 212 22.30 -12.31 -19.13
CA VAL B 212 22.91 -13.47 -19.82
C VAL B 212 23.52 -14.46 -18.85
N ASP B 213 24.33 -13.97 -17.91
CA ASP B 213 24.96 -14.79 -16.89
C ASP B 213 23.94 -15.61 -16.09
N GLU B 214 22.87 -14.95 -15.66
CA GLU B 214 21.85 -15.58 -14.85
C GLU B 214 21.08 -16.63 -15.63
N ALA B 215 20.71 -16.30 -16.87
CA ALA B 215 19.97 -17.22 -17.73
C ALA B 215 20.79 -18.46 -18.05
N HIS B 216 22.07 -18.25 -18.36
CA HIS B 216 22.96 -19.36 -18.69
C HIS B 216 23.20 -20.27 -17.51
N ASN B 217 23.33 -19.68 -16.33
CA ASN B 217 23.41 -20.39 -15.06
C ASN B 217 22.25 -21.40 -14.87
N HIS B 218 21.08 -21.07 -15.40
CA HIS B 218 19.93 -21.95 -15.30
C HIS B 218 19.74 -22.78 -16.56
N GLY B 219 20.66 -22.67 -17.49
CA GLY B 219 20.58 -23.43 -18.73
C GLY B 219 19.52 -22.90 -19.68
N MET B 220 19.22 -21.61 -19.56
CA MET B 220 18.30 -20.96 -20.46
C MET B 220 19.13 -20.20 -21.49
N LYS B 221 18.60 -20.10 -22.71
CA LYS B 221 19.27 -19.33 -23.76
C LYS B 221 18.74 -17.89 -23.78
N VAL B 222 19.52 -16.96 -24.34
CA VAL B 222 19.14 -15.55 -24.34
C VAL B 222 19.04 -14.97 -25.75
N ALA B 223 17.84 -14.50 -26.12
CA ALA B 223 17.65 -13.74 -27.35
C ALA B 223 17.64 -12.25 -27.05
N ALA B 224 18.20 -11.46 -27.96
CA ALA B 224 18.21 -10.01 -27.78
C ALA B 224 17.69 -9.29 -29.01
N HIS B 225 16.56 -8.60 -28.85
CA HIS B 225 16.04 -7.68 -29.85
C HIS B 225 17.04 -6.55 -30.03
N ALA B 226 17.58 -6.41 -31.24
CA ALA B 226 18.50 -5.32 -31.53
C ALA B 226 18.47 -4.92 -33.00
N HIS B 227 18.02 -3.70 -33.27
CA HIS B 227 18.12 -3.13 -34.61
C HIS B 227 19.42 -2.36 -34.78
N GLY B 228 19.64 -1.33 -33.95
CA GLY B 228 20.82 -0.47 -34.02
C GLY B 228 22.13 -1.19 -33.77
N LEU B 229 23.18 -0.73 -34.45
CA LEU B 229 24.50 -1.38 -34.41
C LEU B 229 25.12 -1.44 -33.01
N ILE B 230 25.05 -0.33 -32.30
CA ILE B 230 25.71 -0.18 -31.00
C ILE B 230 25.14 -1.12 -29.92
N GLY B 231 23.87 -1.48 -30.07
CA GLY B 231 23.22 -2.47 -29.24
C GLY B 231 23.55 -3.89 -29.62
N ILE B 232 23.62 -4.17 -30.93
CA ILE B 232 24.01 -5.50 -31.44
C ILE B 232 25.41 -5.89 -30.92
N LYS B 233 26.35 -4.93 -30.99
CA LYS B 233 27.71 -5.11 -30.46
C LYS B 233 27.64 -5.52 -29.00
N ALA B 234 26.90 -4.74 -28.21
CA ALA B 234 26.77 -4.96 -26.79
C ALA B 234 26.16 -6.32 -26.45
N ALA B 235 25.11 -6.71 -27.16
CA ALA B 235 24.43 -7.98 -26.94
C ALA B 235 25.35 -9.16 -27.19
N ILE B 236 26.15 -9.08 -28.26
CA ILE B 236 27.13 -10.11 -28.58
C ILE B 236 28.21 -10.15 -27.50
N LYS B 237 28.71 -8.97 -27.13
CA LYS B 237 29.73 -8.83 -26.10
C LYS B 237 29.25 -9.34 -24.75
N ALA B 238 27.95 -9.22 -24.49
CA ALA B 238 27.34 -9.74 -23.26
C ALA B 238 27.17 -11.25 -23.28
N GLY B 239 27.16 -11.83 -24.48
CA GLY B 239 27.16 -13.27 -24.65
C GLY B 239 25.84 -13.91 -24.99
N VAL B 240 24.97 -13.21 -25.72
CA VAL B 240 23.65 -13.75 -26.08
C VAL B 240 23.76 -14.91 -27.05
N ASP B 241 22.73 -15.75 -27.08
CA ASP B 241 22.73 -16.88 -27.99
C ASP B 241 22.17 -16.53 -29.36
N SER B 242 21.31 -15.51 -29.41
CA SER B 242 20.83 -14.96 -30.68
C SER B 242 20.56 -13.47 -30.61
N VAL B 243 20.74 -12.80 -31.74
CA VAL B 243 20.33 -11.41 -31.88
C VAL B 243 19.17 -11.37 -32.86
N GLU B 244 18.01 -10.95 -32.38
CA GLU B 244 16.83 -10.83 -33.22
C GLU B 244 16.93 -9.56 -34.03
N HIS B 245 16.46 -9.64 -35.28
CA HIS B 245 16.50 -8.56 -36.28
C HIS B 245 17.89 -8.25 -36.85
N ALA B 246 18.79 -7.77 -35.99
CA ALA B 246 20.18 -7.46 -36.35
C ALA B 246 20.30 -6.56 -37.57
N SER B 247 19.44 -5.55 -37.64
CA SER B 247 19.22 -4.78 -38.86
C SER B 247 20.39 -3.94 -39.37
N PHE B 248 21.21 -3.42 -38.48
CA PHE B 248 22.34 -2.60 -38.91
C PHE B 248 23.69 -3.22 -38.56
N ILE B 249 23.80 -4.53 -38.78
CA ILE B 249 25.04 -5.26 -38.48
C ILE B 249 26.12 -5.04 -39.56
N ASP B 250 27.30 -4.60 -39.14
CA ASP B 250 28.40 -4.31 -40.05
C ASP B 250 29.41 -5.45 -40.11
N ASP B 251 30.41 -5.32 -41.00
CA ASP B 251 31.44 -6.34 -41.22
C ASP B 251 32.13 -6.81 -39.95
N GLU B 252 32.55 -5.85 -39.13
CA GLU B 252 33.31 -6.11 -37.90
C GLU B 252 32.54 -6.94 -36.89
N THR B 253 31.25 -6.66 -36.76
CA THR B 253 30.43 -7.31 -35.75
C THR B 253 29.74 -8.59 -36.24
N ILE B 254 29.71 -8.78 -37.56
CA ILE B 254 29.34 -10.07 -38.14
C ILE B 254 30.45 -11.07 -37.75
N ASP B 255 31.69 -10.61 -37.81
CA ASP B 255 32.84 -11.40 -37.39
C ASP B 255 32.82 -11.70 -35.89
N MET B 256 32.39 -10.72 -35.09
CA MET B 256 32.18 -10.91 -33.64
C MET B 256 31.17 -12.04 -33.39
N ALA B 257 30.07 -12.02 -34.14
CA ALA B 257 29.02 -13.04 -34.03
C ALA B 257 29.52 -14.43 -34.42
N ILE B 258 30.33 -14.49 -35.47
CA ILE B 258 30.92 -15.74 -35.95
C ILE B 258 31.85 -16.33 -34.89
N LYS B 259 32.72 -15.49 -34.35
CA LYS B 259 33.67 -15.88 -33.32
C LYS B 259 32.98 -16.39 -32.04
N ASN B 260 31.83 -15.83 -31.70
CA ASN B 260 31.15 -16.14 -30.45
C ASN B 260 30.01 -17.15 -30.53
N ASN B 261 29.77 -17.70 -31.72
CA ASN B 261 28.59 -18.52 -32.03
C ASN B 261 27.24 -17.83 -31.79
N THR B 262 27.21 -16.52 -31.98
CA THR B 262 25.97 -15.77 -31.87
C THR B 262 25.17 -15.93 -33.16
N VAL B 263 24.00 -16.54 -33.04
CA VAL B 263 23.08 -16.72 -34.16
C VAL B 263 22.37 -15.40 -34.47
N LEU B 264 22.18 -15.12 -35.76
CA LEU B 264 21.45 -13.93 -36.17
C LEU B 264 20.07 -14.37 -36.62
N SER B 265 19.04 -14.02 -35.85
CA SER B 265 17.67 -14.37 -36.21
C SER B 265 17.07 -13.15 -36.91
N MET B 266 17.06 -13.19 -38.24
CA MET B 266 16.70 -12.02 -39.05
C MET B 266 15.36 -12.20 -39.76
N ASP B 267 14.47 -11.23 -39.58
CA ASP B 267 13.12 -11.26 -40.17
C ASP B 267 12.98 -10.36 -41.39
N ILE B 268 13.40 -10.89 -42.54
CA ILE B 268 13.48 -10.11 -43.77
C ILE B 268 12.15 -9.93 -44.51
N PHE B 269 11.24 -10.88 -44.33
CA PHE B 269 9.92 -10.84 -44.97
C PHE B 269 8.99 -9.74 -44.43
N VAL B 270 8.89 -9.65 -43.11
CA VAL B 270 7.83 -8.89 -42.42
C VAL B 270 7.76 -7.38 -42.76
N SER B 271 8.89 -6.82 -43.20
CA SER B 271 8.97 -5.41 -43.59
CA SER B 271 8.97 -5.41 -43.58
C SER B 271 8.05 -5.05 -44.75
N ASP B 272 7.81 -6.02 -45.64
CA ASP B 272 6.91 -5.86 -46.78
C ASP B 272 5.46 -5.85 -46.36
N TYR B 273 5.14 -6.58 -45.29
CA TYR B 273 3.80 -6.58 -44.72
C TYR B 273 3.49 -5.25 -44.06
N ILE B 274 4.45 -4.74 -43.27
CA ILE B 274 4.27 -3.51 -42.50
C ILE B 274 4.07 -2.29 -43.41
N LEU B 275 4.94 -2.15 -44.41
CA LEU B 275 4.88 -1.03 -45.33
C LEU B 275 3.71 -1.13 -46.31
N GLY B 276 3.30 -2.36 -46.62
CA GLY B 276 2.18 -2.61 -47.53
C GLY B 276 0.84 -2.79 -46.84
N GLU B 277 0.57 -4.02 -46.42
CA GLU B 277 -0.71 -4.42 -45.81
C GLU B 277 -0.98 -3.76 -44.46
N GLY B 278 0.09 -3.52 -43.70
CA GLY B 278 -0.02 -3.01 -42.34
C GLY B 278 -0.26 -1.53 -42.22
N ALA B 279 0.05 -0.78 -43.30
CA ALA B 279 -0.12 0.66 -43.34
C ALA B 279 -1.59 1.09 -43.18
N LYS B 280 -2.49 0.26 -43.71
CA LYS B 280 -3.93 0.50 -43.59
C LYS B 280 -4.57 -0.37 -42.50
N ALA B 281 -3.83 -1.37 -42.02
CA ALA B 281 -4.33 -2.31 -40.99
C ALA B 281 -4.42 -1.71 -39.59
N GLY B 282 -3.68 -0.62 -39.35
CA GLY B 282 -3.74 0.10 -38.08
C GLY B 282 -2.39 0.39 -37.43
N ILE B 283 -1.30 0.18 -38.17
CA ILE B 283 0.05 0.48 -37.68
C ILE B 283 0.31 1.99 -37.75
N ARG B 284 0.78 2.54 -36.62
CA ARG B 284 0.97 3.99 -36.45
CA ARG B 284 0.97 3.99 -36.45
C ARG B 284 1.99 4.60 -37.41
N GLU B 285 1.86 5.91 -37.65
CA GLU B 285 2.75 6.69 -38.52
C GLU B 285 4.21 6.67 -38.10
N GLU B 286 4.43 6.73 -36.77
CA GLU B 286 5.76 6.71 -36.17
C GLU B 286 6.47 5.36 -36.41
N SER B 287 5.67 4.29 -36.40
CA SER B 287 6.16 2.94 -36.66
C SER B 287 6.52 2.69 -38.12
N LEU B 288 5.75 3.27 -39.03
CA LEU B 288 5.99 3.13 -40.48
C LEU B 288 7.26 3.87 -40.93
N ASN B 289 7.53 5.02 -40.30
CA ASN B 289 8.76 5.79 -40.53
C ASN B 289 10.02 5.08 -40.05
N LYS B 290 9.90 4.41 -38.89
CA LYS B 290 10.99 3.59 -38.35
C LYS B 290 11.18 2.29 -39.13
N GLU B 291 10.14 1.84 -39.83
CA GLU B 291 10.23 0.66 -40.69
C GLU B 291 11.02 0.96 -41.97
N ARG B 292 10.86 2.18 -42.50
CA ARG B 292 11.61 2.63 -43.66
C ARG B 292 13.11 2.80 -43.40
N LEU B 293 13.47 3.14 -42.17
CA LEU B 293 14.86 3.19 -41.73
C LEU B 293 15.49 1.80 -41.66
N VAL B 294 14.67 0.80 -41.34
CA VAL B 294 15.14 -0.55 -40.98
C VAL B 294 15.07 -1.53 -42.15
N GLY B 295 13.92 -1.58 -42.84
CA GLY B 295 13.58 -2.60 -43.83
C GLY B 295 14.58 -2.98 -44.91
N LYS B 296 14.84 -2.05 -45.83
CA LYS B 296 15.75 -2.24 -46.98
C LYS B 296 17.19 -2.55 -46.56
N LYS B 297 17.67 -1.87 -45.53
CA LYS B 297 19.02 -2.00 -45.03
C LYS B 297 19.26 -3.37 -44.36
N GLN B 298 18.21 -3.94 -43.76
CA GLN B 298 18.30 -5.23 -43.06
C GLN B 298 18.60 -6.40 -44.00
N ARG B 299 17.91 -6.44 -45.14
CA ARG B 299 18.09 -7.54 -46.07
C ARG B 299 19.41 -7.47 -46.86
N GLU B 300 19.95 -6.26 -47.03
CA GLU B 300 21.31 -6.06 -47.54
C GLU B 300 22.34 -6.63 -46.57
N ASN B 301 22.13 -6.36 -45.30
CA ASN B 301 22.99 -6.86 -44.22
C ASN B 301 22.83 -8.36 -43.98
N PHE B 302 21.65 -8.88 -44.26
CA PHE B 302 21.37 -10.31 -44.22
C PHE B 302 22.23 -11.06 -45.22
N MET B 303 22.28 -10.50 -46.43
CA MET B 303 23.05 -11.02 -47.54
C MET B 303 24.54 -11.02 -47.21
N ASN B 304 25.03 -9.90 -46.69
CA ASN B 304 26.44 -9.75 -46.29
C ASN B 304 26.84 -10.69 -45.16
N ALA B 305 25.95 -10.87 -44.18
CA ALA B 305 26.22 -11.70 -43.01
C ALA B 305 26.27 -13.18 -43.37
N HIS B 306 25.42 -13.61 -44.31
CA HIS B 306 25.41 -14.99 -44.77
C HIS B 306 26.70 -15.35 -45.51
N ARG B 307 27.15 -14.44 -46.36
CA ARG B 307 28.37 -14.63 -47.13
C ARG B 307 29.59 -14.70 -46.22
N ARG B 308 29.66 -13.78 -45.26
CA ARG B 308 30.80 -13.76 -44.35
C ARG B 308 30.87 -14.99 -43.43
N GLY B 309 29.76 -15.72 -43.34
CA GLY B 309 29.72 -17.03 -42.69
C GLY B 309 29.01 -17.10 -41.35
N ALA B 310 28.16 -16.11 -41.07
CA ALA B 310 27.42 -16.06 -39.82
C ALA B 310 26.19 -16.96 -39.84
N ILE B 311 25.89 -17.59 -38.71
CA ILE B 311 24.75 -18.50 -38.58
C ILE B 311 23.44 -17.70 -38.56
N ILE B 312 22.57 -17.96 -39.51
CA ILE B 312 21.30 -17.26 -39.59
C ILE B 312 20.15 -18.25 -39.52
N THR B 313 19.23 -18.03 -38.58
CA THR B 313 18.05 -18.88 -38.43
C THR B 313 16.79 -18.26 -39.00
N PHE B 314 15.79 -19.10 -39.18
CA PHE B 314 14.52 -18.69 -39.75
C PHE B 314 13.63 -18.10 -38.66
N GLY B 315 13.63 -16.77 -38.57
CA GLY B 315 12.73 -16.06 -37.65
C GLY B 315 11.93 -15.05 -38.43
N THR B 316 10.61 -15.05 -38.28
CA THR B 316 9.74 -14.25 -39.14
C THR B 316 9.09 -13.03 -38.50
N ASP B 317 8.96 -13.08 -37.17
CA ASP B 317 8.15 -12.14 -36.38
C ASP B 317 6.66 -12.30 -36.71
N ALA B 318 6.21 -13.55 -36.78
CA ALA B 318 4.80 -13.89 -36.95
C ALA B 318 3.98 -13.41 -35.76
N GLY B 319 2.85 -12.78 -36.05
CA GLY B 319 2.09 -12.05 -35.06
C GLY B 319 1.77 -10.68 -35.62
N ILE B 320 2.80 -10.04 -36.17
CA ILE B 320 2.64 -8.82 -36.95
C ILE B 320 1.83 -9.17 -38.20
N PHE B 321 2.37 -10.08 -39.00
CA PHE B 321 1.62 -10.69 -40.10
C PHE B 321 0.88 -11.92 -39.59
N ASP B 322 0.08 -12.54 -40.46
CA ASP B 322 -0.75 -13.67 -40.07
C ASP B 322 0.02 -14.95 -39.78
N HIS B 323 -0.36 -15.60 -38.67
CA HIS B 323 0.17 -16.89 -38.31
C HIS B 323 -0.33 -17.92 -39.31
N GLY B 324 0.60 -18.72 -39.83
CA GLY B 324 0.31 -19.64 -40.92
C GLY B 324 1.01 -19.22 -42.20
N ASP B 325 1.24 -17.91 -42.33
CA ASP B 325 1.90 -17.36 -43.50
C ASP B 325 3.41 -17.26 -43.30
N ASN B 326 3.94 -18.01 -42.34
CA ASN B 326 5.36 -17.95 -41.97
C ASN B 326 6.27 -18.37 -43.12
N ALA B 327 5.80 -19.32 -43.93
CA ALA B 327 6.58 -19.93 -45.01
C ALA B 327 6.89 -18.98 -46.19
N LYS B 328 6.18 -17.87 -46.26
CA LYS B 328 6.43 -16.83 -47.26
C LYS B 328 7.84 -16.24 -47.19
N GLN B 329 8.49 -16.35 -46.04
CA GLN B 329 9.85 -15.83 -45.88
C GLN B 329 10.91 -16.61 -46.65
N PHE B 330 10.62 -17.88 -46.94
CA PHE B 330 11.56 -18.74 -47.68
C PHE B 330 11.97 -18.19 -49.04
N ALA B 331 10.98 -17.67 -49.79
CA ALA B 331 11.21 -17.03 -51.08
C ALA B 331 12.16 -15.85 -50.95
N TYR B 332 11.92 -15.02 -49.93
CA TYR B 332 12.75 -13.86 -49.63
C TYR B 332 14.15 -14.27 -49.23
N MET B 333 14.27 -15.46 -48.67
CA MET B 333 15.52 -15.95 -48.13
C MET B 333 16.47 -16.35 -49.25
N VAL B 334 15.94 -17.00 -50.29
CA VAL B 334 16.76 -17.43 -51.43
C VAL B 334 17.11 -16.25 -52.32
N GLU B 335 16.18 -15.30 -52.38
CA GLU B 335 16.31 -14.10 -53.18
C GLU B 335 17.44 -13.20 -52.66
N TRP B 336 17.70 -13.28 -51.37
CA TRP B 336 18.73 -12.46 -50.76
C TRP B 336 20.04 -13.21 -50.47
N GLY B 337 20.30 -14.26 -51.23
CA GLY B 337 21.64 -14.89 -51.21
C GLY B 337 21.79 -16.31 -50.72
N MET B 338 20.71 -16.91 -50.21
CA MET B 338 20.76 -18.28 -49.73
C MET B 338 20.33 -19.22 -50.83
N THR B 339 20.85 -20.45 -50.82
CA THR B 339 20.35 -21.50 -51.71
C THR B 339 19.05 -22.01 -51.10
N PRO B 340 18.12 -22.55 -51.93
CA PRO B 340 16.97 -23.25 -51.37
C PRO B 340 17.28 -24.24 -50.24
N LEU B 341 18.35 -25.01 -50.38
CA LEU B 341 18.76 -25.92 -49.30
C LEU B 341 19.11 -25.16 -48.03
N GLU B 342 19.90 -24.08 -48.19
CA GLU B 342 20.34 -23.24 -47.06
C GLU B 342 19.20 -22.57 -46.30
N ALA B 343 18.15 -22.16 -47.02
CA ALA B 343 16.97 -21.58 -46.39
C ALA B 343 16.17 -22.61 -45.59
N ILE B 344 16.11 -23.85 -46.07
CA ILE B 344 15.42 -24.92 -45.34
C ILE B 344 16.26 -25.39 -44.15
N GLN B 345 17.59 -25.32 -44.32
CA GLN B 345 18.53 -25.62 -43.24
C GLN B 345 18.44 -24.61 -42.11
N ALA B 346 18.13 -23.36 -42.46
CA ALA B 346 17.95 -22.29 -41.48
C ALA B 346 16.68 -22.46 -40.63
N SER B 347 15.75 -23.28 -41.11
CA SER B 347 14.48 -23.52 -40.43
C SER B 347 14.39 -24.94 -39.87
N THR B 348 15.50 -25.66 -39.89
CA THR B 348 15.52 -27.03 -39.39
C THR B 348 16.73 -27.28 -38.50
N ILE B 349 17.88 -27.60 -39.09
CA ILE B 349 19.06 -27.94 -38.32
C ILE B 349 19.68 -26.75 -37.59
N LYS B 350 19.62 -25.57 -38.20
CA LYS B 350 20.16 -24.36 -37.60
C LYS B 350 19.36 -23.91 -36.39
N THR B 351 18.03 -23.92 -36.53
CA THR B 351 17.12 -23.61 -35.44
C THR B 351 17.22 -24.60 -34.30
N ALA B 352 17.27 -25.90 -34.63
CA ALA B 352 17.40 -26.95 -33.62
C ALA B 352 18.59 -26.75 -32.68
N THR B 353 19.72 -26.29 -33.22
CA THR B 353 20.90 -25.98 -32.41
C THR B 353 20.67 -24.72 -31.55
N LEU B 354 20.13 -23.67 -32.17
CA LEU B 354 19.79 -22.44 -31.45
C LEU B 354 18.82 -22.73 -30.32
N PHE B 355 17.81 -23.57 -30.59
CA PHE B 355 16.82 -23.94 -29.61
C PHE B 355 17.41 -24.78 -28.48
N GLY B 356 18.54 -25.43 -28.77
CA GLY B 356 19.20 -26.32 -27.82
C GLY B 356 18.45 -27.64 -27.65
N ILE B 357 17.70 -28.04 -28.68
CA ILE B 357 16.99 -29.31 -28.68
C ILE B 357 17.63 -30.26 -29.70
N GLU B 358 18.01 -31.45 -29.25
CA GLU B 358 18.45 -32.52 -30.16
C GLU B 358 17.28 -33.45 -30.47
N ASN B 359 17.51 -34.40 -31.38
CA ASN B 359 16.45 -35.31 -31.89
C ASN B 359 15.36 -34.64 -32.72
N ILE B 360 15.60 -33.44 -33.21
CA ILE B 360 14.65 -32.80 -34.13
C ILE B 360 15.41 -32.14 -35.29
N GLY B 361 14.68 -31.85 -36.36
CA GLY B 361 15.22 -31.09 -37.48
C GLY B 361 15.84 -31.92 -38.58
N GLN B 362 15.89 -33.23 -38.38
CA GLN B 362 16.41 -34.17 -39.38
C GLN B 362 15.53 -35.39 -39.50
N ILE B 363 15.34 -35.85 -40.73
CA ILE B 363 14.75 -37.15 -40.98
C ILE B 363 15.87 -38.18 -40.83
N LYS B 364 16.00 -38.68 -39.61
CA LYS B 364 17.09 -39.57 -39.23
C LYS B 364 16.54 -40.56 -38.20
N GLU B 365 17.21 -41.69 -38.04
CA GLU B 365 16.80 -42.71 -37.08
C GLU B 365 17.09 -42.26 -35.64
N GLY B 366 16.11 -42.43 -34.76
CA GLY B 366 16.21 -41.95 -33.38
C GLY B 366 15.56 -40.59 -33.15
N PHE B 367 15.55 -39.77 -34.20
CA PHE B 367 15.00 -38.40 -34.17
C PHE B 367 13.48 -38.42 -34.09
N ASP B 368 12.90 -37.34 -33.57
CA ASP B 368 11.44 -37.20 -33.43
C ASP B 368 10.76 -37.16 -34.79
N ALA B 369 9.55 -37.70 -34.84
CA ALA B 369 8.79 -37.84 -36.08
C ALA B 369 8.02 -36.57 -36.41
N ASP B 370 8.77 -35.48 -36.59
CA ASP B 370 8.23 -34.20 -37.05
C ASP B 370 8.54 -34.09 -38.54
N ILE B 371 7.56 -34.47 -39.35
CA ILE B 371 7.73 -34.66 -40.78
C ILE B 371 6.67 -33.92 -41.58
N VAL B 372 7.15 -33.18 -42.58
CA VAL B 372 6.30 -32.39 -43.46
C VAL B 372 6.34 -32.92 -44.89
N GLY B 373 5.16 -33.21 -45.44
CA GLY B 373 5.01 -33.61 -46.84
C GLY B 373 4.63 -32.46 -47.74
N VAL B 374 5.34 -32.34 -48.86
CA VAL B 374 5.16 -31.21 -49.77
C VAL B 374 5.07 -31.66 -51.25
N ILE B 375 4.35 -30.90 -52.07
CA ILE B 375 3.99 -31.31 -53.45
C ILE B 375 5.16 -31.42 -54.41
N GLU B 376 5.81 -30.29 -54.69
CA GLU B 376 6.95 -30.23 -55.58
C GLU B 376 8.26 -30.43 -54.83
N ASN B 377 9.36 -30.37 -55.55
CA ASN B 377 10.67 -30.39 -54.94
C ASN B 377 11.02 -29.00 -54.42
N PRO B 378 11.33 -28.90 -53.10
CA PRO B 378 11.62 -27.63 -52.44
C PRO B 378 12.93 -27.00 -52.87
N LEU B 379 13.87 -27.83 -53.34
CA LEU B 379 15.13 -27.31 -53.89
C LEU B 379 14.96 -26.74 -55.30
N ALA B 380 13.92 -27.22 -55.99
CA ALA B 380 13.55 -26.69 -57.30
C ALA B 380 12.71 -25.46 -57.11
N ASN B 381 11.57 -25.62 -56.43
CA ASN B 381 10.69 -24.51 -56.09
C ASN B 381 10.44 -24.44 -54.57
N ILE B 382 11.02 -23.42 -53.92
CA ILE B 382 10.89 -23.29 -52.46
C ILE B 382 9.51 -22.82 -52.00
N ARG B 383 8.76 -22.23 -52.91
CA ARG B 383 7.44 -21.70 -52.59
C ARG B 383 6.38 -22.80 -52.42
N THR B 384 6.78 -24.07 -52.50
CA THR B 384 5.88 -25.17 -52.20
C THR B 384 5.63 -25.25 -50.71
N LEU B 385 6.61 -24.77 -49.94
CA LEU B 385 6.54 -24.70 -48.48
C LEU B 385 5.38 -23.80 -48.01
N GLU B 386 5.00 -22.84 -48.86
CA GLU B 386 3.88 -21.95 -48.61
C GLU B 386 2.52 -22.67 -48.64
N GLU B 387 2.49 -23.88 -49.19
CA GLU B 387 1.30 -24.73 -49.12
C GLU B 387 1.66 -26.20 -48.98
N VAL B 388 1.85 -26.61 -47.73
CA VAL B 388 2.20 -27.99 -47.41
C VAL B 388 0.96 -28.86 -47.46
N ALA B 389 1.14 -30.15 -47.71
CA ALA B 389 0.00 -31.05 -47.91
C ALA B 389 -0.07 -32.15 -46.87
N PHE B 390 1.02 -32.33 -46.14
CA PHE B 390 1.09 -33.34 -45.08
C PHE B 390 1.88 -32.81 -43.89
N VAL B 391 1.27 -32.88 -42.71
CA VAL B 391 1.94 -32.51 -41.46
C VAL B 391 1.82 -33.64 -40.42
N MET B 392 2.99 -34.15 -40.02
CA MET B 392 3.08 -35.08 -38.89
C MET B 392 3.95 -34.46 -37.77
N LYS B 393 3.38 -34.32 -36.57
CA LYS B 393 4.15 -33.89 -35.40
C LYS B 393 4.16 -34.97 -34.32
N GLU B 394 5.37 -35.39 -33.93
CA GLU B 394 5.62 -36.43 -32.94
C GLU B 394 4.84 -37.72 -33.23
N GLY B 395 4.89 -38.15 -34.49
CA GLY B 395 4.25 -39.38 -34.92
C GLY B 395 2.73 -39.31 -35.10
N LYS B 396 2.16 -38.11 -35.02
CA LYS B 396 0.72 -37.94 -35.19
C LYS B 396 0.46 -37.11 -36.44
N VAL B 397 -0.45 -37.58 -37.28
CA VAL B 397 -0.81 -36.87 -38.50
C VAL B 397 -1.86 -35.78 -38.21
N TYR B 398 -1.53 -34.54 -38.54
CA TYR B 398 -2.45 -33.40 -38.33
C TYR B 398 -3.01 -32.85 -39.64
N LYS B 399 -2.34 -33.15 -40.76
CA LYS B 399 -2.80 -32.66 -42.05
C LYS B 399 -2.66 -33.67 -43.20
N ARG B 400 -3.74 -33.85 -43.95
CA ARG B 400 -3.75 -34.61 -45.22
C ARG B 400 -4.78 -34.04 -46.20
N GLU C 6 -11.28 53.65 -15.88
CA GLU C 6 -11.93 54.89 -16.41
C GLU C 6 -13.25 54.59 -17.14
N ASP C 7 -14.14 55.58 -17.19
CA ASP C 7 -15.51 55.41 -17.69
C ASP C 7 -15.63 55.27 -19.21
N PHE C 8 -16.66 54.59 -19.68
CA PHE C 8 -16.93 54.43 -21.11
C PHE C 8 -18.38 54.76 -21.48
N LEU C 9 -18.58 55.30 -22.68
CA LEU C 9 -19.92 55.64 -23.17
C LEU C 9 -20.21 54.89 -24.46
N ILE C 10 -21.22 54.01 -24.42
CA ILE C 10 -21.52 53.17 -25.58
C ILE C 10 -22.65 53.73 -26.43
N LYS C 11 -22.26 54.38 -27.52
CA LYS C 11 -23.23 54.92 -28.48
C LYS C 11 -23.67 53.80 -29.41
N SER C 12 -24.87 53.29 -29.16
CA SER C 12 -25.40 52.13 -29.85
C SER C 12 -26.64 52.47 -30.70
N LYS C 13 -27.01 51.54 -31.59
CA LYS C 13 -28.29 51.63 -32.32
C LYS C 13 -29.48 51.41 -31.38
N GLY C 14 -29.22 50.82 -30.21
CA GLY C 14 -30.26 50.58 -29.20
C GLY C 14 -30.17 49.20 -28.57
N TYR C 15 -30.31 49.16 -27.25
CA TYR C 15 -30.23 47.90 -26.49
C TYR C 15 -31.59 47.21 -26.37
N LEU C 16 -31.54 45.90 -26.17
CA LEU C 16 -32.74 45.11 -25.98
C LEU C 16 -33.06 44.91 -24.50
N ASP C 17 -34.23 45.38 -24.07
CA ASP C 17 -34.76 45.08 -22.75
C ASP C 17 -35.28 43.63 -22.79
N ILE C 18 -34.54 42.75 -22.11
CA ILE C 18 -34.74 41.29 -22.18
C ILE C 18 -36.05 40.81 -21.54
N GLN C 19 -36.59 41.61 -20.62
CA GLN C 19 -37.89 41.34 -20.01
C GLN C 19 -39.04 41.56 -20.99
N THR C 20 -39.03 42.71 -21.67
CA THR C 20 -40.14 43.19 -22.49
C THR C 20 -40.09 42.69 -23.93
N GLY C 21 -38.94 42.85 -24.58
CA GLY C 21 -38.76 42.55 -26.00
C GLY C 21 -38.51 43.80 -26.83
N GLU C 22 -38.41 44.95 -26.15
CA GLU C 22 -38.39 46.27 -26.77
C GLU C 22 -36.97 46.77 -26.99
N ILE C 23 -36.63 47.10 -28.23
CA ILE C 23 -35.32 47.72 -28.53
C ILE C 23 -35.23 49.18 -28.07
N ILE C 24 -35.20 49.38 -26.76
CA ILE C 24 -35.17 50.72 -26.15
C ILE C 24 -33.89 51.48 -26.51
N LYS C 25 -34.04 52.54 -27.33
CA LYS C 25 -32.88 53.29 -27.81
C LYS C 25 -32.36 54.23 -26.72
N ALA C 26 -31.11 54.00 -26.33
CA ALA C 26 -30.48 54.76 -25.26
C ALA C 26 -28.96 54.81 -25.45
N ASP C 27 -28.29 55.38 -24.47
CA ASP C 27 -26.83 55.28 -24.35
C ASP C 27 -26.52 54.61 -23.02
N LEU C 28 -25.30 54.05 -22.90
CA LEU C 28 -24.91 53.39 -21.66
C LEU C 28 -23.58 53.93 -21.14
N LEU C 29 -23.59 54.40 -19.91
CA LEU C 29 -22.34 54.76 -19.22
C LEU C 29 -21.86 53.58 -18.39
N ILE C 30 -20.62 53.16 -18.63
CA ILE C 30 -20.02 52.03 -17.96
C ILE C 30 -18.87 52.48 -17.06
N ARG C 31 -19.01 52.26 -15.76
CA ARG C 31 -17.92 52.48 -14.81
C ARG C 31 -17.89 51.39 -13.74
N ASN C 32 -16.66 51.01 -13.37
CA ASN C 32 -16.38 49.91 -12.43
C ASN C 32 -16.93 48.54 -12.85
N GLY C 33 -17.12 48.35 -14.15
CA GLY C 33 -17.66 47.09 -14.67
C GLY C 33 -19.15 46.90 -14.45
N LYS C 34 -19.86 47.99 -14.12
CA LYS C 34 -21.32 47.95 -14.03
C LYS C 34 -21.94 48.92 -15.02
N ILE C 35 -23.24 48.73 -15.28
CA ILE C 35 -24.05 49.68 -16.03
C ILE C 35 -24.58 50.73 -15.05
N ALA C 36 -24.00 51.93 -15.10
CA ALA C 36 -24.33 52.98 -14.14
C ALA C 36 -25.55 53.79 -14.55
N GLU C 37 -25.59 54.25 -15.80
CA GLU C 37 -26.65 55.13 -16.29
C GLU C 37 -27.23 54.62 -17.61
N ILE C 38 -28.56 54.67 -17.72
CA ILE C 38 -29.25 54.29 -18.95
C ILE C 38 -30.06 55.47 -19.49
N GLY C 39 -29.94 55.75 -20.78
CA GLY C 39 -30.60 56.88 -21.42
C GLY C 39 -29.57 57.86 -21.95
N LYS C 40 -29.98 59.11 -22.18
CA LYS C 40 -29.04 60.18 -22.51
C LYS C 40 -28.35 60.62 -21.22
N ILE C 41 -27.02 60.47 -21.20
CA ILE C 41 -26.24 60.73 -19.98
C ILE C 41 -25.42 62.02 -20.08
N ASN C 42 -25.22 62.67 -18.94
CA ASN C 42 -24.13 63.62 -18.78
C ASN C 42 -22.79 63.03 -19.25
N THR C 43 -22.38 63.40 -20.46
CA THR C 43 -21.13 62.92 -21.03
C THR C 43 -19.93 63.61 -20.40
N LYS C 44 -19.40 63.02 -19.33
CA LYS C 44 -18.67 63.76 -18.32
C LYS C 44 -17.16 63.52 -18.43
N ASP C 45 -16.79 62.26 -18.61
CA ASP C 45 -15.52 61.76 -18.08
C ASP C 45 -14.59 61.31 -19.19
N ALA C 46 -14.55 60.01 -19.45
CA ALA C 46 -13.57 59.44 -20.36
C ALA C 46 -14.25 58.87 -21.62
N THR C 47 -13.60 57.88 -22.23
CA THR C 47 -13.64 57.73 -23.68
C THR C 47 -14.98 57.17 -24.13
N VAL C 48 -15.26 57.28 -25.42
CA VAL C 48 -16.58 56.95 -25.96
C VAL C 48 -16.47 55.80 -26.97
N ILE C 49 -17.20 54.72 -26.70
CA ILE C 49 -17.29 53.60 -27.62
C ILE C 49 -18.41 53.89 -28.65
N SER C 50 -18.00 54.47 -29.77
CA SER C 50 -18.93 54.83 -30.84
C SER C 50 -19.16 53.62 -31.73
N ILE C 51 -20.32 52.98 -31.53
CA ILE C 51 -20.61 51.71 -32.22
C ILE C 51 -22.08 51.65 -32.67
N PRO C 52 -22.49 52.59 -33.54
CA PRO C 52 -23.91 52.87 -33.76
C PRO C 52 -24.62 51.97 -34.78
N ASP C 53 -23.88 51.05 -35.39
CA ASP C 53 -24.47 50.05 -36.29
C ASP C 53 -25.09 48.87 -35.53
N LEU C 54 -24.82 48.81 -34.24
CA LEU C 54 -25.07 47.59 -33.47
C LEU C 54 -26.22 47.66 -32.47
N ILE C 55 -27.05 46.63 -32.51
CA ILE C 55 -28.05 46.35 -31.49
C ILE C 55 -27.34 45.66 -30.32
N LEU C 56 -27.63 46.12 -29.09
CA LEU C 56 -26.99 45.59 -27.88
C LEU C 56 -27.86 44.59 -27.10
N ILE C 57 -27.27 43.45 -26.74
CA ILE C 57 -27.94 42.43 -25.93
C ILE C 57 -27.09 42.13 -24.67
N PRO C 58 -27.69 41.52 -23.61
CA PRO C 58 -26.86 41.08 -22.48
C PRO C 58 -25.95 39.92 -22.86
N GLY C 59 -24.79 39.82 -22.20
CA GLY C 59 -23.84 38.74 -22.44
C GLY C 59 -24.49 37.38 -22.37
N LEU C 60 -24.19 36.54 -23.37
CA LEU C 60 -24.84 35.23 -23.49
C LEU C 60 -24.29 34.20 -22.49
N MET C 61 -25.13 33.22 -22.18
CA MET C 61 -24.75 32.17 -21.23
C MET C 61 -24.98 30.77 -21.79
N ASP C 62 -24.06 29.87 -21.44
CA ASP C 62 -24.21 28.46 -21.77
C ASP C 62 -24.20 27.70 -20.46
N SER C 63 -25.22 26.87 -20.24
CA SER C 63 -25.38 26.15 -18.98
C SER C 63 -24.77 24.75 -19.01
N HIS C 64 -24.13 24.38 -20.13
CA HIS C 64 -23.56 23.06 -20.30
C HIS C 64 -22.37 23.11 -21.25
N VAL C 65 -21.17 23.33 -20.71
CA VAL C 65 -19.94 23.30 -21.51
C VAL C 65 -18.86 22.41 -20.88
N HIS C 66 -17.88 22.02 -21.70
CA HIS C 66 -16.70 21.27 -21.27
C HIS C 66 -15.45 21.93 -21.85
N ILE C 67 -15.13 23.11 -21.30
CA ILE C 67 -14.04 23.95 -21.81
C ILE C 67 -12.67 23.30 -21.69
N VAL C 68 -12.42 22.67 -20.53
CA VAL C 68 -11.18 21.95 -20.29
C VAL C 68 -11.33 20.49 -20.68
N GLY C 69 -10.40 20.02 -21.51
CA GLY C 69 -10.41 18.69 -22.10
C GLY C 69 -9.49 18.71 -23.30
N ASN C 70 -8.88 17.57 -23.62
CA ASN C 70 -7.97 17.48 -24.76
C ASN C 70 -8.69 17.37 -26.10
N ASP C 71 -8.56 18.41 -26.92
CA ASP C 71 -9.15 18.41 -28.25
C ASP C 71 -8.24 17.87 -29.35
N SER C 72 -6.99 17.56 -29.01
CA SER C 72 -6.05 16.93 -29.94
C SER C 72 -6.48 15.52 -30.33
N LYS C 73 -6.39 15.23 -31.64
CA LYS C 73 -6.83 13.94 -32.15
C LYS C 73 -5.65 13.18 -32.75
N GLY C 74 -5.91 11.95 -33.19
CA GLY C 74 -4.91 11.15 -33.88
C GLY C 74 -4.04 10.35 -32.93
N GLU C 75 -3.13 9.58 -33.51
CA GLU C 75 -2.26 8.66 -32.77
C GLU C 75 -1.24 9.40 -31.89
N GLU C 76 -0.80 10.56 -32.37
CA GLU C 76 0.19 11.40 -31.69
C GLU C 76 -0.25 11.91 -30.32
N SER C 77 -1.56 11.88 -30.05
CA SER C 77 -2.12 12.45 -28.83
C SER C 77 -2.51 11.38 -27.81
N ILE C 78 -2.17 10.12 -28.10
CA ILE C 78 -2.67 8.98 -27.32
C ILE C 78 -2.16 8.91 -25.87
N ALA C 79 -0.92 9.35 -25.65
CA ALA C 79 -0.29 9.30 -24.34
C ALA C 79 -0.10 10.69 -23.73
N ASP C 80 -0.94 11.64 -24.15
CA ASP C 80 -0.91 13.01 -23.65
C ASP C 80 -1.24 13.02 -22.18
N SER C 81 -0.57 13.87 -21.42
CA SER C 81 -0.93 14.07 -20.01
C SER C 81 -2.20 14.90 -19.91
N SER C 82 -2.71 15.06 -18.71
CA SER C 82 -3.92 15.81 -18.47
C SER C 82 -3.69 17.31 -18.64
N HIS C 83 -2.44 17.73 -18.62
CA HIS C 83 -2.10 19.14 -18.80
C HIS C 83 -2.38 19.66 -20.20
N MET C 84 -2.43 18.75 -21.18
CA MET C 84 -2.83 19.09 -22.54
C MET C 84 -4.27 19.59 -22.56
N GLY C 85 -5.13 18.95 -21.76
CA GLY C 85 -6.51 19.36 -21.59
C GLY C 85 -6.66 20.71 -20.96
N THR C 86 -5.68 21.09 -20.14
CA THR C 86 -5.64 22.41 -19.53
C THR C 86 -5.23 23.46 -20.57
N VAL C 87 -4.24 23.12 -21.40
CA VAL C 87 -3.77 23.98 -22.48
C VAL C 87 -4.95 24.30 -23.40
N TRP C 88 -5.62 23.26 -23.85
CA TRP C 88 -6.85 23.41 -24.64
C TRP C 88 -7.92 24.27 -23.96
N GLY C 89 -8.01 24.16 -22.64
CA GLY C 89 -8.95 24.94 -21.84
C GLY C 89 -8.73 26.42 -22.01
N VAL C 90 -7.46 26.85 -22.03
CA VAL C 90 -7.11 28.25 -22.22
C VAL C 90 -7.63 28.72 -23.59
N VAL C 91 -7.32 27.92 -24.61
CA VAL C 91 -7.74 28.20 -25.99
C VAL C 91 -9.25 28.32 -26.11
N ASN C 92 -9.95 27.35 -25.54
CA ASN C 92 -11.40 27.26 -25.63
C ASN C 92 -12.14 28.27 -24.79
N ALA C 93 -11.50 28.73 -23.72
CA ALA C 93 -12.06 29.81 -22.89
C ALA C 93 -12.12 31.11 -23.68
N GLU C 94 -11.04 31.45 -24.38
CA GLU C 94 -11.00 32.62 -25.26
C GLU C 94 -12.08 32.53 -26.36
N LYS C 95 -12.10 31.40 -27.07
CA LYS C 95 -13.06 31.16 -28.15
C LYS C 95 -14.51 31.31 -27.70
N THR C 96 -14.78 30.97 -26.45
CA THR C 96 -16.11 31.09 -25.86
C THR C 96 -16.48 32.56 -25.58
N LEU C 97 -15.53 33.31 -25.04
CA LEU C 97 -15.77 34.72 -24.75
C LEU C 97 -15.94 35.54 -26.03
N MET C 98 -15.07 35.29 -27.01
CA MET C 98 -15.09 35.96 -28.31
C MET C 98 -16.36 35.65 -29.11
N ALA C 99 -17.03 34.55 -28.81
CA ALA C 99 -18.31 34.23 -29.43
C ALA C 99 -19.48 34.93 -28.71
N GLY C 100 -19.17 35.74 -27.70
CA GLY C 100 -20.16 36.53 -26.98
C GLY C 100 -20.77 35.88 -25.74
N PHE C 101 -20.14 34.81 -25.26
CA PHE C 101 -20.61 34.14 -24.04
C PHE C 101 -19.77 34.57 -22.85
N THR C 102 -20.40 35.26 -21.91
CA THR C 102 -19.68 35.93 -20.82
C THR C 102 -19.73 35.20 -19.47
N THR C 103 -20.68 34.29 -19.33
CA THR C 103 -20.83 33.46 -18.15
C THR C 103 -21.27 32.06 -18.59
N VAL C 104 -20.46 31.06 -18.26
CA VAL C 104 -20.80 29.68 -18.60
C VAL C 104 -20.72 28.74 -17.40
N ARG C 105 -21.41 27.62 -17.51
CA ARG C 105 -21.37 26.58 -16.50
C ARG C 105 -20.64 25.38 -17.07
N ASN C 106 -19.40 25.20 -16.62
CA ASN C 106 -18.61 24.02 -16.95
C ASN C 106 -19.10 22.87 -16.10
N VAL C 107 -19.35 21.74 -16.74
CA VAL C 107 -20.20 20.75 -16.12
C VAL C 107 -19.55 19.35 -15.97
N GLY C 108 -18.24 19.27 -16.21
CA GLY C 108 -17.51 18.01 -16.02
C GLY C 108 -16.08 18.05 -16.52
N ALA C 109 -15.13 17.92 -15.59
CA ALA C 109 -13.70 17.99 -15.90
C ALA C 109 -12.91 17.27 -14.83
N ALA C 110 -11.71 16.78 -15.18
CA ALA C 110 -10.88 16.04 -14.22
C ALA C 110 -9.83 16.90 -13.51
N ASN C 111 -9.40 16.44 -12.35
CA ASN C 111 -8.22 16.96 -11.62
C ASN C 111 -8.31 18.40 -11.15
N TYR C 112 -9.52 18.97 -11.14
CA TYR C 112 -9.78 20.36 -10.72
C TYR C 112 -9.06 21.39 -11.60
N ALA C 113 -8.75 20.96 -12.83
CA ALA C 113 -8.18 21.83 -13.85
C ALA C 113 -9.21 22.91 -14.23
N ASP C 114 -10.49 22.55 -14.16
CA ASP C 114 -11.59 23.50 -14.39
C ASP C 114 -11.61 24.63 -13.36
N VAL C 115 -11.28 24.35 -12.10
CA VAL C 115 -11.17 25.44 -11.14
C VAL C 115 -9.91 26.28 -11.40
N SER C 116 -8.86 25.68 -11.95
CA SER C 116 -7.64 26.40 -12.28
C SER C 116 -7.84 27.38 -13.44
N VAL C 117 -8.54 26.93 -14.47
CA VAL C 117 -8.85 27.80 -15.60
C VAL C 117 -9.78 28.94 -15.17
N ARG C 118 -10.87 28.57 -14.47
CA ARG C 118 -11.78 29.54 -13.89
C ARG C 118 -11.05 30.61 -13.05
N ASP C 119 -10.20 30.18 -12.15
CA ASP C 119 -9.48 31.11 -11.29
C ASP C 119 -8.54 32.00 -12.09
N ALA C 120 -7.90 31.43 -13.12
CA ALA C 120 -6.99 32.19 -13.96
C ALA C 120 -7.73 33.32 -14.66
N ILE C 121 -8.92 33.03 -15.17
CA ILE C 121 -9.79 34.03 -15.81
C ILE C 121 -10.17 35.11 -14.80
N GLU C 122 -10.59 34.68 -13.62
CA GLU C 122 -10.98 35.58 -12.54
C GLU C 122 -9.82 36.50 -12.10
N ARG C 123 -8.61 35.96 -12.14
CA ARG C 123 -7.43 36.72 -11.75
C ARG C 123 -6.90 37.62 -12.85
N GLY C 124 -7.47 37.49 -14.05
CA GLY C 124 -7.02 38.27 -15.22
C GLY C 124 -5.80 37.71 -15.94
N VAL C 125 -5.44 36.47 -15.64
CA VAL C 125 -4.27 35.81 -16.23
C VAL C 125 -4.57 35.46 -17.68
N ILE C 126 -5.78 35.00 -17.94
CA ILE C 126 -6.23 34.68 -19.29
C ILE C 126 -7.61 35.27 -19.54
N ASN C 127 -7.98 35.38 -20.81
CA ASN C 127 -9.30 35.86 -21.17
C ASN C 127 -10.25 34.68 -21.31
N GLY C 128 -11.50 34.91 -20.92
CA GLY C 128 -12.55 33.92 -21.05
C GLY C 128 -13.77 34.38 -20.28
N PRO C 129 -14.84 33.56 -20.30
CA PRO C 129 -16.06 33.88 -19.58
C PRO C 129 -15.90 33.60 -18.09
N THR C 130 -16.83 34.10 -17.29
CA THR C 130 -16.89 33.67 -15.90
C THR C 130 -17.44 32.23 -15.87
N MET C 131 -16.63 31.31 -15.35
CA MET C 131 -16.98 29.90 -15.32
C MET C 131 -17.55 29.50 -13.95
N LEU C 132 -18.64 28.74 -13.98
CA LEU C 132 -19.10 28.06 -12.79
C LEU C 132 -18.77 26.60 -13.03
N VAL C 133 -17.94 26.04 -12.17
CA VAL C 133 -17.34 24.74 -12.40
C VAL C 133 -17.85 23.67 -11.43
N SER C 134 -17.86 22.42 -11.89
CA SER C 134 -18.44 21.33 -11.13
C SER C 134 -17.41 20.44 -10.44
N GLY C 135 -16.16 20.47 -10.90
CA GLY C 135 -15.17 19.45 -10.56
C GLY C 135 -15.55 18.14 -11.25
N PRO C 136 -14.93 17.02 -10.83
CA PRO C 136 -15.28 15.71 -11.38
C PRO C 136 -16.75 15.36 -11.14
N ALA C 137 -17.41 14.87 -12.19
CA ALA C 137 -18.80 14.49 -12.09
C ALA C 137 -18.91 13.18 -11.31
N LEU C 138 -19.95 13.06 -10.49
CA LEU C 138 -20.13 11.85 -9.67
C LEU C 138 -20.91 10.82 -10.45
N GLY C 139 -20.49 9.57 -10.36
CA GLY C 139 -21.20 8.50 -11.05
C GLY C 139 -20.97 7.18 -10.36
N ILE C 140 -21.78 6.20 -10.70
CA ILE C 140 -21.56 4.84 -10.22
C ILE C 140 -20.38 4.17 -10.93
N THR C 141 -19.91 3.07 -10.36
CA THR C 141 -18.94 2.20 -11.03
C THR C 141 -19.55 1.68 -12.33
N GLY C 142 -18.85 1.95 -13.43
CA GLY C 142 -19.26 1.57 -14.77
C GLY C 142 -20.31 2.49 -15.40
N GLY C 143 -20.62 3.59 -14.73
CA GLY C 143 -21.63 4.51 -15.22
C GLY C 143 -21.13 5.38 -16.34
N HIS C 144 -21.99 6.29 -16.80
CA HIS C 144 -21.65 7.26 -17.86
C HIS C 144 -20.49 8.17 -17.46
N CYS C 145 -20.46 8.55 -16.19
CA CYS C 145 -19.40 9.38 -15.62
C CYS C 145 -18.09 8.60 -15.43
N ASP C 146 -18.16 7.27 -15.39
CA ASP C 146 -16.97 6.41 -15.29
C ASP C 146 -16.34 6.24 -16.68
N HIS C 147 -15.04 5.94 -16.71
CA HIS C 147 -14.29 5.65 -17.94
C HIS C 147 -14.22 4.14 -18.17
N ASN C 148 -14.99 3.64 -19.12
CA ASN C 148 -15.07 2.20 -19.40
C ASN C 148 -14.26 1.75 -20.61
N LEU C 149 -13.05 2.30 -20.75
CA LEU C 149 -12.23 2.07 -21.95
C LEU C 149 -11.01 1.17 -21.71
N LEU C 150 -10.70 0.90 -20.45
CA LEU C 150 -9.58 0.03 -20.09
C LEU C 150 -10.03 -1.37 -19.69
N PRO C 151 -9.17 -2.39 -19.93
CA PRO C 151 -9.35 -3.78 -19.50
C PRO C 151 -9.51 -3.94 -18.00
N PRO C 152 -10.16 -5.03 -17.54
CA PRO C 152 -10.43 -5.22 -16.11
C PRO C 152 -9.16 -5.35 -15.28
N GLU C 153 -8.08 -5.79 -15.92
CA GLU C 153 -6.78 -5.95 -15.27
C GLU C 153 -6.28 -4.65 -14.67
N PHE C 154 -6.63 -3.53 -15.28
CA PHE C 154 -6.23 -2.21 -14.79
C PHE C 154 -7.03 -1.75 -13.59
N ASN C 155 -8.25 -2.29 -13.46
CA ASN C 155 -9.21 -1.92 -12.41
C ASN C 155 -9.36 -0.39 -12.24
N TYR C 156 -9.45 0.30 -13.38
CA TYR C 156 -9.47 1.74 -13.34
C TYR C 156 -10.89 2.24 -13.18
N SER C 157 -11.08 3.08 -12.18
CA SER C 157 -12.29 3.88 -12.07
C SER C 157 -11.89 5.34 -11.99
N SER C 158 -12.66 6.21 -12.63
CA SER C 158 -12.34 7.63 -12.69
C SER C 158 -12.62 8.37 -11.39
N GLU C 159 -12.24 9.64 -11.36
CA GLU C 159 -12.11 10.45 -10.14
C GLU C 159 -13.36 10.53 -9.27
N GLY C 160 -14.52 10.71 -9.89
CA GLY C 160 -15.75 10.94 -9.17
C GLY C 160 -16.62 9.71 -8.97
N VAL C 161 -16.04 8.52 -9.13
CA VAL C 161 -16.83 7.30 -8.94
C VAL C 161 -17.18 7.08 -7.47
N VAL C 162 -18.47 7.06 -7.16
CA VAL C 162 -18.99 6.78 -5.81
C VAL C 162 -20.09 5.73 -5.82
N ASP C 163 -20.17 4.92 -4.77
CA ASP C 163 -21.11 3.77 -4.75
C ASP C 163 -21.85 3.55 -3.43
N SER C 164 -21.99 4.61 -2.65
CA SER C 164 -22.80 4.58 -1.43
C SER C 164 -23.14 6.03 -1.12
N PRO C 165 -24.27 6.27 -0.41
CA PRO C 165 -24.66 7.63 -0.02
C PRO C 165 -23.59 8.41 0.74
N TRP C 166 -22.81 7.71 1.57
CA TRP C 166 -21.76 8.38 2.33
C TRP C 166 -20.50 8.64 1.51
N GLU C 167 -20.24 7.77 0.53
CA GLU C 167 -19.16 7.97 -0.42
C GLU C 167 -19.48 9.18 -1.29
N ALA C 168 -20.75 9.23 -1.72
CA ALA C 168 -21.26 10.32 -2.53
C ALA C 168 -21.17 11.65 -1.76
N ARG C 169 -21.63 11.64 -0.51
CA ARG C 169 -21.53 12.76 0.42
CA ARG C 169 -21.55 12.82 0.33
C ARG C 169 -20.11 13.30 0.49
N LYS C 170 -19.18 12.36 0.66
CA LYS C 170 -17.77 12.70 0.80
C LYS C 170 -17.21 13.33 -0.47
N MET C 171 -17.66 12.85 -1.63
CA MET C 171 -17.19 13.38 -2.91
C MET C 171 -17.68 14.81 -3.13
N VAL C 172 -18.90 15.09 -2.71
CA VAL C 172 -19.45 16.43 -2.77
C VAL C 172 -18.60 17.37 -1.92
N ARG C 173 -18.27 16.91 -0.71
CA ARG C 173 -17.40 17.63 0.22
C ARG C 173 -15.99 17.87 -0.32
N LYS C 174 -15.46 16.85 -1.00
CA LYS C 174 -14.15 16.93 -1.61
C LYS C 174 -14.12 17.93 -2.77
N ASN C 175 -15.16 17.90 -3.61
CA ASN C 175 -15.28 18.86 -4.70
C ASN C 175 -15.36 20.29 -4.16
N ARG C 176 -16.15 20.47 -3.10
CA ARG C 176 -16.28 21.77 -2.46
C ARG C 176 -14.94 22.23 -1.87
N LYS C 177 -14.25 21.29 -1.24
CA LYS C 177 -12.93 21.55 -0.66
C LYS C 177 -11.99 22.13 -1.71
N TYR C 178 -11.99 21.53 -2.90
CA TYR C 178 -11.07 21.95 -3.96
C TYR C 178 -11.66 22.95 -4.95
N GLY C 179 -12.80 23.55 -4.58
CA GLY C 179 -13.27 24.79 -5.17
C GLY C 179 -14.41 24.72 -6.16
N ALA C 180 -15.15 23.61 -6.19
CA ALA C 180 -16.30 23.48 -7.10
C ALA C 180 -17.44 24.43 -6.72
N ASP C 181 -18.16 24.91 -7.72
CA ASP C 181 -19.30 25.81 -7.51
C ASP C 181 -20.59 25.02 -7.41
N LEU C 182 -20.69 23.98 -8.22
CA LEU C 182 -21.87 23.13 -8.29
C LEU C 182 -21.44 21.67 -8.30
N ILE C 183 -22.40 20.76 -8.26
CA ILE C 183 -22.13 19.34 -8.33
C ILE C 183 -22.89 18.79 -9.52
N KCX C 184 -22.26 17.89 -10.27
CA KCX C 184 -22.91 17.26 -11.38
CB KCX C 184 -22.24 17.71 -12.68
CG KCX C 184 -23.08 17.48 -13.91
CD KCX C 184 -22.64 16.25 -14.67
CE KCX C 184 -23.36 16.17 -15.98
NZ KCX C 184 -22.46 15.61 -17.01
C KCX C 184 -22.83 15.75 -11.23
O KCX C 184 -21.79 15.22 -10.85
CX KCX C 184 -22.92 15.44 -18.24
OQ1 KCX C 184 -24.10 15.74 -18.53
OQ2 KCX C 184 -22.17 14.97 -19.11
N PHE C 185 -23.92 15.06 -11.53
CA PHE C 185 -23.90 13.59 -11.51
C PHE C 185 -24.64 12.94 -12.67
N CYS C 186 -24.28 11.69 -12.96
CA CYS C 186 -24.89 10.91 -14.03
C CYS C 186 -26.04 10.08 -13.49
N ALA C 187 -27.26 10.42 -13.89
CA ALA C 187 -28.45 9.74 -13.40
C ALA C 187 -28.92 8.60 -14.32
N THR C 188 -28.47 8.65 -15.57
CA THR C 188 -28.68 7.55 -16.54
C THR C 188 -27.39 7.28 -17.30
N GLY C 189 -27.44 6.29 -18.19
CA GLY C 189 -26.36 6.08 -19.16
C GLY C 189 -26.35 7.16 -20.22
N GLY C 190 -25.27 7.24 -20.98
CA GLY C 190 -25.12 8.30 -21.98
C GLY C 190 -24.73 7.87 -23.38
N VAL C 191 -24.69 8.85 -24.28
CA VAL C 191 -24.37 8.63 -25.68
C VAL C 191 -22.87 8.39 -25.90
N MET C 192 -22.04 9.30 -25.39
CA MET C 192 -20.59 9.33 -25.68
C MET C 192 -19.75 8.30 -24.94
N SER C 193 -20.30 7.66 -23.92
CA SER C 193 -19.55 6.65 -23.15
C SER C 193 -19.68 5.25 -23.75
N ARG C 194 -18.71 4.40 -23.42
CA ARG C 194 -18.76 2.99 -23.77
C ARG C 194 -19.46 2.17 -22.68
N ASN C 195 -20.26 1.21 -23.12
CA ASN C 195 -20.98 0.28 -22.23
C ASN C 195 -21.93 0.97 -21.22
N THR C 196 -22.80 1.84 -21.71
CA THR C 196 -23.86 2.44 -20.88
C THR C 196 -25.21 2.37 -21.57
N ASP C 197 -26.23 1.95 -20.82
CA ASP C 197 -27.62 1.94 -21.28
C ASP C 197 -28.26 3.30 -20.99
N VAL C 198 -28.64 3.97 -22.07
CA VAL C 198 -29.25 5.30 -22.03
C VAL C 198 -30.59 5.32 -21.26
N ASN C 199 -31.33 4.22 -21.38
CA ASN C 199 -32.65 4.07 -20.74
C ASN C 199 -32.60 3.74 -19.24
N ALA C 200 -31.55 3.04 -18.82
CA ALA C 200 -31.39 2.58 -17.45
C ALA C 200 -31.01 3.71 -16.50
N LYS C 201 -31.55 3.66 -15.28
CA LYS C 201 -31.17 4.57 -14.22
C LYS C 201 -29.83 4.14 -13.61
N GLN C 202 -28.98 5.12 -13.31
CA GLN C 202 -27.77 4.88 -12.54
C GLN C 202 -27.89 5.68 -11.25
N PHE C 203 -27.41 5.08 -10.15
CA PHE C 203 -27.63 5.53 -8.77
C PHE C 203 -28.99 5.07 -8.24
N THR C 204 -29.01 4.69 -6.96
CA THR C 204 -30.26 4.52 -6.23
C THR C 204 -30.78 5.91 -5.88
N LEU C 205 -32.08 6.01 -5.60
CA LEU C 205 -32.67 7.28 -5.18
C LEU C 205 -32.03 7.80 -3.90
N GLU C 206 -31.73 6.87 -2.98
CA GLU C 206 -31.04 7.19 -1.73
C GLU C 206 -29.69 7.87 -1.98
N GLU C 207 -28.94 7.33 -2.95
CA GLU C 207 -27.67 7.91 -3.35
C GLU C 207 -27.85 9.32 -3.90
N MET C 208 -28.83 9.47 -4.80
CA MET C 208 -29.13 10.75 -5.44
C MET C 208 -29.52 11.82 -4.43
N LYS C 209 -30.36 11.42 -3.48
CA LYS C 209 -30.88 12.32 -2.43
C LYS C 209 -29.74 12.76 -1.52
N ALA C 210 -28.81 11.84 -1.27
CA ALA C 210 -27.62 12.14 -0.48
C ALA C 210 -26.74 13.21 -1.14
N ILE C 211 -26.53 13.06 -2.44
CA ILE C 211 -25.76 14.01 -3.25
C ILE C 211 -26.39 15.41 -3.19
N VAL C 212 -27.70 15.45 -3.46
CA VAL C 212 -28.47 16.69 -3.50
C VAL C 212 -28.48 17.39 -2.15
N ASP C 213 -28.79 16.61 -1.11
CA ASP C 213 -28.87 17.14 0.25
C ASP C 213 -27.55 17.78 0.70
N GLU C 214 -26.44 17.09 0.47
CA GLU C 214 -25.14 17.57 0.86
C GLU C 214 -24.75 18.83 0.08
N ALA C 215 -24.98 18.80 -1.22
CA ALA C 215 -24.68 19.94 -2.08
C ALA C 215 -25.43 21.19 -1.64
N HIS C 216 -26.75 21.03 -1.46
CA HIS C 216 -27.61 22.13 -1.05
C HIS C 216 -27.25 22.67 0.33
N ASN C 217 -26.80 21.77 1.21
CA ASN C 217 -26.31 22.16 2.52
C ASN C 217 -25.11 23.13 2.44
N HIS C 218 -24.34 23.02 1.36
CA HIS C 218 -23.22 23.93 1.13
C HIS C 218 -23.53 25.08 0.17
N GLY C 219 -24.79 25.21 -0.23
CA GLY C 219 -25.20 26.26 -1.14
C GLY C 219 -24.74 26.02 -2.57
N MET C 220 -24.54 24.75 -2.91
CA MET C 220 -24.17 24.33 -4.25
C MET C 220 -25.39 23.80 -4.97
N LYS C 221 -25.50 24.10 -6.27
CA LYS C 221 -26.62 23.59 -7.06
C LYS C 221 -26.24 22.25 -7.70
N VAL C 222 -27.25 21.46 -8.07
CA VAL C 222 -27.00 20.13 -8.61
C VAL C 222 -27.56 19.97 -10.02
N ALA C 223 -26.70 19.57 -10.93
CA ALA C 223 -27.11 19.22 -12.28
C ALA C 223 -27.09 17.70 -12.41
N ALA C 224 -28.03 17.14 -13.16
CA ALA C 224 -28.03 15.70 -13.35
C ALA C 224 -28.15 15.34 -14.83
N HIS C 225 -27.14 14.63 -15.34
CA HIS C 225 -27.18 14.05 -16.67
C HIS C 225 -28.24 12.95 -16.67
N ALA C 226 -29.27 13.09 -17.49
CA ALA C 226 -30.30 12.06 -17.59
C ALA C 226 -31.00 12.03 -18.95
N HIS C 227 -30.75 10.96 -19.71
CA HIS C 227 -31.45 10.72 -20.97
C HIS C 227 -32.74 9.94 -20.74
N GLY C 228 -32.62 8.74 -20.14
CA GLY C 228 -33.75 7.87 -19.84
C GLY C 228 -34.78 8.44 -18.88
N LEU C 229 -36.06 8.15 -19.13
CA LEU C 229 -37.18 8.72 -18.38
C LEU C 229 -37.13 8.40 -16.88
N ILE C 230 -36.82 7.14 -16.57
CA ILE C 230 -36.82 6.64 -15.19
C ILE C 230 -35.77 7.34 -14.29
N GLY C 231 -34.67 7.76 -14.93
CA GLY C 231 -33.63 8.54 -14.26
C GLY C 231 -33.96 10.02 -14.12
N ILE C 232 -34.67 10.56 -15.11
CA ILE C 232 -35.16 11.94 -15.06
C ILE C 232 -36.15 12.11 -13.88
N LYS C 233 -37.08 11.15 -13.76
CA LYS C 233 -38.04 11.10 -12.65
C LYS C 233 -37.32 11.15 -11.31
N ALA C 234 -36.36 10.23 -11.16
CA ALA C 234 -35.60 10.08 -9.92
C ALA C 234 -34.78 11.33 -9.56
N ALA C 235 -34.15 11.93 -10.55
CA ALA C 235 -33.35 13.16 -10.35
C ALA C 235 -34.19 14.31 -9.84
N ILE C 236 -35.38 14.48 -10.42
CA ILE C 236 -36.35 15.51 -10.00
C ILE C 236 -36.83 15.23 -8.57
N LYS C 237 -37.18 13.96 -8.33
CA LYS C 237 -37.63 13.50 -7.03
C LYS C 237 -36.56 13.68 -5.95
N ALA C 238 -35.29 13.57 -6.34
CA ALA C 238 -34.17 13.75 -5.43
C ALA C 238 -33.93 15.22 -5.14
N GLY C 239 -34.37 16.07 -6.06
CA GLY C 239 -34.36 17.52 -5.85
C GLY C 239 -33.25 18.29 -6.54
N VAL C 240 -32.89 17.85 -7.76
CA VAL C 240 -31.85 18.54 -8.54
C VAL C 240 -32.34 19.90 -9.03
N ASP C 241 -31.43 20.83 -9.24
CA ASP C 241 -31.78 22.15 -9.76
C ASP C 241 -31.94 22.14 -11.29
N SER C 242 -31.24 21.22 -11.96
CA SER C 242 -31.36 21.08 -13.42
C SER C 242 -31.14 19.66 -13.89
N VAL C 243 -31.89 19.28 -14.91
CA VAL C 243 -31.67 18.00 -15.59
C VAL C 243 -31.07 18.27 -16.97
N GLU C 244 -29.84 17.85 -17.15
CA GLU C 244 -29.19 17.96 -18.45
C GLU C 244 -29.76 16.94 -19.40
N HIS C 245 -29.86 17.34 -20.67
CA HIS C 245 -30.38 16.53 -21.79
C HIS C 245 -31.90 16.28 -21.74
N ALA C 246 -32.36 15.55 -20.72
CA ALA C 246 -33.79 15.29 -20.49
C ALA C 246 -34.51 14.73 -21.73
N SER C 247 -33.83 13.82 -22.42
CA SER C 247 -34.20 13.40 -23.76
C SER C 247 -35.53 12.68 -23.89
N PHE C 248 -35.90 11.88 -22.89
CA PHE C 248 -37.17 11.14 -22.92
C PHE C 248 -38.15 11.60 -21.85
N ILE C 249 -38.27 12.90 -21.66
CA ILE C 249 -39.19 13.45 -20.66
C ILE C 249 -40.64 13.46 -21.18
N ASP C 250 -41.55 12.89 -20.40
CA ASP C 250 -42.96 12.80 -20.79
C ASP C 250 -43.81 13.86 -20.09
N ASP C 251 -45.09 13.90 -20.44
CA ASP C 251 -46.05 14.88 -19.91
C ASP C 251 -46.08 14.96 -18.39
N GLU C 252 -46.16 13.80 -17.74
CA GLU C 252 -46.29 13.70 -16.30
C GLU C 252 -45.10 14.30 -15.56
N THR C 253 -43.89 14.05 -16.06
CA THR C 253 -42.67 14.45 -15.40
C THR C 253 -42.19 15.85 -15.79
N ILE C 254 -42.72 16.36 -16.91
CA ILE C 254 -42.59 17.76 -17.26
C ILE C 254 -43.31 18.58 -16.18
N ASP C 255 -44.49 18.10 -15.79
CA ASP C 255 -45.26 18.70 -14.69
C ASP C 255 -44.57 18.59 -13.34
N MET C 256 -43.88 17.47 -13.10
CA MET C 256 -43.05 17.28 -11.91
C MET C 256 -41.98 18.37 -11.84
N ALA C 257 -41.29 18.57 -12.98
CA ALA C 257 -40.25 19.59 -13.10
C ALA C 257 -40.76 21.01 -12.85
N ILE C 258 -41.94 21.31 -13.41
CA ILE C 258 -42.60 22.63 -13.24
C ILE C 258 -42.90 22.86 -11.76
N LYS C 259 -43.49 21.85 -11.12
CA LYS C 259 -43.88 21.92 -9.71
C LYS C 259 -42.69 22.16 -8.79
N ASN C 260 -41.54 21.58 -9.15
CA ASN C 260 -40.36 21.60 -8.30
C ASN C 260 -39.31 22.65 -8.64
N ASN C 261 -39.60 23.48 -9.65
CA ASN C 261 -38.63 24.43 -10.23
C ASN C 261 -37.36 23.79 -10.82
N THR C 262 -37.51 22.56 -11.31
CA THR C 262 -36.41 21.86 -11.96
C THR C 262 -36.25 22.36 -13.39
N VAL C 263 -35.12 23.01 -13.66
CA VAL C 263 -34.78 23.52 -14.98
C VAL C 263 -34.41 22.35 -15.89
N LEU C 264 -34.77 22.44 -17.16
CA LEU C 264 -34.39 21.45 -18.15
C LEU C 264 -33.34 22.05 -19.08
N SER C 265 -32.09 21.64 -18.89
CA SER C 265 -31.00 22.12 -19.72
C SER C 265 -30.83 21.15 -20.89
N MET C 266 -31.42 21.51 -22.03
CA MET C 266 -31.52 20.60 -23.18
C MET C 266 -30.64 21.03 -24.37
N ASP C 267 -29.85 20.08 -24.87
CA ASP C 267 -28.90 20.33 -25.96
C ASP C 267 -29.39 19.76 -27.29
N ILE C 268 -30.25 20.52 -27.95
CA ILE C 268 -30.92 20.04 -29.17
C ILE C 268 -30.04 20.13 -30.43
N PHE C 269 -29.07 21.04 -30.44
CA PHE C 269 -28.18 21.24 -31.61
C PHE C 269 -27.17 20.12 -31.84
N VAL C 270 -26.47 19.71 -30.76
CA VAL C 270 -25.29 18.84 -30.81
C VAL C 270 -25.51 17.47 -31.48
N SER C 271 -26.76 17.00 -31.51
CA SER C 271 -27.11 15.74 -32.18
C SER C 271 -26.80 15.72 -33.68
N ASP C 272 -26.94 16.89 -34.32
CA ASP C 272 -26.65 17.07 -35.75
C ASP C 272 -25.15 17.02 -36.04
N TYR C 273 -24.35 17.49 -35.09
CA TYR C 273 -22.89 17.42 -35.19
C TYR C 273 -22.41 15.97 -35.09
N ILE C 274 -22.98 15.23 -34.13
CA ILE C 274 -22.56 13.85 -33.85
C ILE C 274 -22.86 12.92 -35.02
N LEU C 275 -24.09 12.99 -35.52
CA LEU C 275 -24.51 12.14 -36.64
C LEU C 275 -23.89 12.57 -37.97
N GLY C 276 -23.61 13.86 -38.12
CA GLY C 276 -22.98 14.39 -39.33
C GLY C 276 -21.46 14.45 -39.24
N GLU C 277 -20.96 15.56 -38.69
CA GLU C 277 -19.52 15.87 -38.64
C GLU C 277 -18.72 14.88 -37.79
N GLY C 278 -19.34 14.42 -36.72
CA GLY C 278 -18.69 13.58 -35.72
C GLY C 278 -18.50 12.13 -36.13
N ALA C 279 -19.30 11.66 -37.09
CA ALA C 279 -19.27 10.28 -37.57
C ALA C 279 -17.93 9.89 -38.20
N LYS C 280 -17.28 10.87 -38.85
CA LYS C 280 -15.96 10.68 -39.43
C LYS C 280 -14.85 11.29 -38.56
N ALA C 281 -15.25 12.09 -37.56
CA ALA C 281 -14.30 12.77 -36.67
C ALA C 281 -13.62 11.84 -35.65
N GLY C 282 -14.25 10.69 -35.37
CA GLY C 282 -13.67 9.68 -34.49
C GLY C 282 -14.60 9.18 -33.39
N ILE C 283 -15.88 9.52 -33.48
CA ILE C 283 -16.90 9.04 -32.54
C ILE C 283 -17.25 7.58 -32.85
N ARG C 284 -17.20 6.72 -31.83
CA ARG C 284 -17.38 5.27 -31.97
CA ARG C 284 -17.35 5.27 -32.03
C ARG C 284 -18.76 4.86 -32.48
N GLU C 285 -18.83 3.64 -33.05
CA GLU C 285 -20.04 3.08 -33.65
C GLU C 285 -21.17 2.83 -32.65
N GLU C 286 -20.80 2.45 -31.43
CA GLU C 286 -21.74 2.25 -30.32
C GLU C 286 -22.39 3.57 -29.87
N SER C 287 -21.63 4.66 -29.94
CA SER C 287 -22.09 6.00 -29.58
C SER C 287 -23.07 6.58 -30.60
N LEU C 288 -22.82 6.32 -31.89
CA LEU C 288 -23.66 6.82 -32.99
C LEU C 288 -25.03 6.16 -33.00
N ASN C 289 -25.08 4.88 -32.61
CA ASN C 289 -26.33 4.13 -32.46
C ASN C 289 -27.17 4.64 -31.30
N LYS C 290 -26.51 5.02 -30.21
CA LYS C 290 -27.17 5.61 -29.04
C LYS C 290 -27.60 7.04 -29.29
N GLU C 291 -26.95 7.70 -30.25
CA GLU C 291 -27.33 9.06 -30.65
C GLU C 291 -28.62 9.06 -31.48
N ARG C 292 -28.79 8.04 -32.32
CA ARG C 292 -30.01 7.86 -33.10
C ARG C 292 -31.25 7.57 -32.25
N LEU C 293 -31.05 6.88 -31.12
CA LEU C 293 -32.11 6.65 -30.14
C LEU C 293 -32.53 7.93 -29.42
N VAL C 294 -31.58 8.85 -29.24
CA VAL C 294 -31.76 10.03 -28.40
C VAL C 294 -32.18 11.30 -29.17
N GLY C 295 -31.49 11.56 -30.28
CA GLY C 295 -31.54 12.84 -31.00
C GLY C 295 -32.89 13.41 -31.43
N LYS C 296 -33.58 12.68 -32.30
CA LYS C 296 -34.88 13.10 -32.88
C LYS C 296 -35.96 13.26 -31.80
N LYS C 297 -35.97 12.33 -30.84
CA LYS C 297 -36.94 12.28 -29.76
C LYS C 297 -36.77 13.41 -28.73
N GLN C 298 -35.53 13.90 -28.57
CA GLN C 298 -35.22 14.94 -27.59
C GLN C 298 -35.84 16.29 -27.95
N ARG C 299 -35.81 16.62 -29.23
CA ARG C 299 -36.29 17.92 -29.72
C ARG C 299 -37.82 17.99 -29.75
N GLU C 300 -38.45 16.84 -30.03
CA GLU C 300 -39.89 16.69 -29.91
C GLU C 300 -40.32 16.96 -28.48
N ASN C 301 -39.58 16.38 -27.54
CA ASN C 301 -39.81 16.56 -26.10
C ASN C 301 -39.46 17.94 -25.59
N PHE C 302 -38.50 18.60 -26.25
CA PHE C 302 -38.11 19.99 -25.98
C PHE C 302 -39.26 20.93 -26.27
N MET C 303 -39.89 20.71 -27.42
CA MET C 303 -41.05 21.47 -27.90
C MET C 303 -42.23 21.32 -26.94
N ASN C 304 -42.53 20.07 -26.57
CA ASN C 304 -43.60 19.75 -25.64
C ASN C 304 -43.39 20.34 -24.25
N ALA C 305 -42.15 20.31 -23.77
CA ALA C 305 -41.81 20.80 -22.43
C ALA C 305 -41.91 22.31 -22.31
N HIS C 306 -41.53 23.01 -23.38
CA HIS C 306 -41.65 24.46 -23.45
C HIS C 306 -43.12 24.90 -23.43
N ARG C 307 -43.93 24.17 -24.16
CA ARG C 307 -45.33 24.48 -24.29
C ARG C 307 -46.10 24.22 -23.02
N ARG C 308 -45.75 23.15 -22.33
CA ARG C 308 -46.36 22.84 -21.04
C ARG C 308 -45.92 23.80 -19.94
N GLY C 309 -44.86 24.56 -20.18
CA GLY C 309 -44.44 25.65 -19.30
C GLY C 309 -43.23 25.39 -18.43
N ALA C 310 -42.38 24.45 -18.83
CA ALA C 310 -41.15 24.11 -18.08
C ALA C 310 -40.02 25.06 -18.40
N ILE C 311 -39.25 25.44 -17.37
CA ILE C 311 -38.09 26.31 -17.53
C ILE C 311 -36.99 25.58 -18.28
N ILE C 312 -36.62 26.11 -19.44
CA ILE C 312 -35.56 25.52 -20.27
C ILE C 312 -34.42 26.53 -20.45
N THR C 313 -33.20 26.11 -20.14
CA THR C 313 -32.03 26.96 -20.34
C THR C 313 -31.25 26.58 -21.59
N PHE C 314 -30.33 27.47 -21.97
CA PHE C 314 -29.47 27.29 -23.11
C PHE C 314 -28.22 26.49 -22.71
N GLY C 315 -28.24 25.19 -23.01
CA GLY C 315 -27.10 24.31 -22.77
C GLY C 315 -26.81 23.56 -24.04
N THR C 316 -25.55 23.59 -24.48
CA THR C 316 -25.22 23.10 -25.81
C THR C 316 -24.47 21.78 -25.87
N ASP C 317 -23.72 21.49 -24.80
CA ASP C 317 -22.71 20.42 -24.75
C ASP C 317 -21.54 20.74 -25.67
N ALA C 318 -21.05 21.97 -25.54
CA ALA C 318 -19.86 22.44 -26.25
C ALA C 318 -18.63 21.75 -25.70
N GLY C 319 -17.80 21.23 -26.61
CA GLY C 319 -16.71 20.33 -26.26
C GLY C 319 -16.76 19.17 -27.22
N ILE C 320 -17.96 18.65 -27.43
CA ILE C 320 -18.24 17.68 -28.48
C ILE C 320 -18.06 18.38 -29.82
N PHE C 321 -18.87 19.42 -30.08
CA PHE C 321 -18.63 20.33 -31.20
C PHE C 321 -17.66 21.44 -30.76
N ASP C 322 -17.25 22.29 -31.70
CA ASP C 322 -16.26 23.33 -31.44
C ASP C 322 -16.74 24.45 -30.52
N HIS C 323 -15.89 24.82 -29.58
CA HIS C 323 -16.15 25.96 -28.70
C HIS C 323 -16.06 27.24 -29.52
N GLY C 324 -17.08 28.08 -29.37
CA GLY C 324 -17.23 29.26 -30.19
C GLY C 324 -18.44 29.14 -31.10
N ASP C 325 -18.76 27.90 -31.49
CA ASP C 325 -19.94 27.63 -32.33
C ASP C 325 -21.21 27.42 -31.52
N ASN C 326 -21.20 27.80 -30.25
CA ASN C 326 -22.33 27.59 -29.33
C ASN C 326 -23.63 28.25 -29.79
N ALA C 327 -23.50 29.42 -30.40
CA ALA C 327 -24.64 30.24 -30.85
C ALA C 327 -25.47 29.61 -31.97
N LYS C 328 -24.95 28.54 -32.59
CA LYS C 328 -25.68 27.78 -33.61
C LYS C 328 -26.96 27.12 -33.10
N GLN C 329 -27.05 26.91 -31.78
CA GLN C 329 -28.23 26.31 -31.18
C GLN C 329 -29.47 27.22 -31.19
N PHE C 330 -29.25 28.55 -31.22
CA PHE C 330 -30.34 29.52 -31.23
C PHE C 330 -31.32 29.30 -32.39
N ALA C 331 -30.79 29.02 -33.59
CA ALA C 331 -31.59 28.72 -34.77
C ALA C 331 -32.46 27.49 -34.56
N TYR C 332 -31.89 26.46 -33.94
CA TYR C 332 -32.60 25.22 -33.61
C TYR C 332 -33.67 25.44 -32.56
N MET C 333 -33.44 26.43 -31.71
CA MET C 333 -34.28 26.70 -30.56
C MET C 333 -35.59 27.35 -31.01
N VAL C 334 -35.51 28.28 -31.96
CA VAL C 334 -36.71 28.93 -32.51
C VAL C 334 -37.52 28.00 -33.41
N GLU C 335 -36.80 27.12 -34.11
CA GLU C 335 -37.37 26.13 -35.02
C GLU C 335 -38.20 25.10 -34.27
N TRP C 336 -37.81 24.83 -33.02
CA TRP C 336 -38.51 23.84 -32.21
C TRP C 336 -39.48 24.43 -31.16
N GLY C 337 -40.05 25.59 -31.47
CA GLY C 337 -41.18 26.13 -30.71
C GLY C 337 -40.97 27.35 -29.83
N MET C 338 -39.75 27.88 -29.78
CA MET C 338 -39.49 29.11 -29.02
C MET C 338 -39.55 30.34 -29.92
N THR C 339 -39.95 31.48 -29.37
CA THR C 339 -39.83 32.75 -30.09
C THR C 339 -38.36 33.18 -30.00
N PRO C 340 -37.85 33.92 -31.01
CA PRO C 340 -36.53 34.55 -30.89
C PRO C 340 -36.23 35.19 -29.54
N LEU C 341 -37.20 35.91 -28.96
CA LEU C 341 -37.02 36.46 -27.62
C LEU C 341 -36.81 35.37 -26.56
N GLU C 342 -37.65 34.34 -26.58
CA GLU C 342 -37.60 33.23 -25.61
C GLU C 342 -36.27 32.45 -25.65
N ALA C 343 -35.71 32.31 -26.85
CA ALA C 343 -34.43 31.66 -27.01
C ALA C 343 -33.28 32.48 -26.40
N ILE C 344 -33.34 33.80 -26.53
CA ILE C 344 -32.32 34.68 -25.95
C ILE C 344 -32.53 34.78 -24.42
N GLN C 345 -33.77 34.72 -24.00
CA GLN C 345 -34.12 34.71 -22.57
C GLN C 345 -33.57 33.46 -21.89
N ALA C 346 -33.59 32.34 -22.63
CA ALA C 346 -33.08 31.06 -22.17
C ALA C 346 -31.56 31.08 -21.99
N SER C 347 -30.91 32.04 -22.63
CA SER C 347 -29.46 32.18 -22.60
C SER C 347 -29.02 33.38 -21.76
N THR C 348 -29.97 34.04 -21.08
CA THR C 348 -29.66 35.24 -20.30
C THR C 348 -30.26 35.20 -18.90
N ILE C 349 -31.55 35.54 -18.81
CA ILE C 349 -32.24 35.63 -17.52
C ILE C 349 -32.50 34.26 -16.91
N LYS C 350 -32.87 33.29 -17.75
CA LYS C 350 -33.17 31.92 -17.32
C LYS C 350 -31.93 31.25 -16.75
N THR C 351 -30.81 31.37 -17.46
CA THR C 351 -29.54 30.84 -17.02
C THR C 351 -29.05 31.51 -15.75
N ALA C 352 -29.20 32.83 -15.66
CA ALA C 352 -28.75 33.57 -14.48
C ALA C 352 -29.41 33.10 -13.18
N THR C 353 -30.70 32.74 -13.26
CA THR C 353 -31.42 32.17 -12.12
C THR C 353 -30.91 30.75 -11.82
N LEU C 354 -30.77 29.93 -12.86
CA LEU C 354 -30.21 28.58 -12.73
C LEU C 354 -28.83 28.60 -12.09
N PHE C 355 -28.01 29.54 -12.50
CA PHE C 355 -26.64 29.67 -12.01
C PHE C 355 -26.62 30.18 -10.58
N GLY C 356 -27.70 30.85 -10.19
CA GLY C 356 -27.81 31.42 -8.86
C GLY C 356 -26.97 32.67 -8.72
N ILE C 357 -26.76 33.38 -9.82
CA ILE C 357 -26.03 34.63 -9.81
C ILE C 357 -26.98 35.78 -10.17
N GLU C 358 -27.02 36.79 -9.31
CA GLU C 358 -27.77 38.00 -9.60
C GLU C 358 -26.84 39.04 -10.21
N ASN C 359 -27.42 40.17 -10.62
CA ASN C 359 -26.69 41.27 -11.30
C ASN C 359 -26.08 40.91 -12.66
N ILE C 360 -26.59 39.86 -13.29
CA ILE C 360 -26.18 39.51 -14.65
C ILE C 360 -27.40 39.14 -15.49
N GLY C 361 -27.22 39.10 -16.82
CA GLY C 361 -28.27 38.63 -17.72
C GLY C 361 -29.23 39.68 -18.23
N GLN C 362 -29.09 40.91 -17.73
CA GLN C 362 -29.95 42.03 -18.12
C GLN C 362 -29.13 43.30 -18.32
N ILE C 363 -29.48 44.06 -19.34
CA ILE C 363 -28.98 45.42 -19.45
C ILE C 363 -29.86 46.32 -18.56
N LYS C 364 -29.39 46.54 -17.34
CA LYS C 364 -30.14 47.22 -16.30
C LYS C 364 -29.12 47.92 -15.38
N GLU C 365 -29.56 48.97 -14.69
CA GLU C 365 -28.68 49.72 -13.78
C GLU C 365 -28.33 48.94 -12.51
N GLY C 366 -27.03 48.89 -12.19
CA GLY C 366 -26.53 48.09 -11.06
C GLY C 366 -25.97 46.74 -11.48
N PHE C 367 -26.50 46.21 -12.58
CA PHE C 367 -26.07 44.92 -13.14
C PHE C 367 -24.66 45.01 -13.74
N ASP C 368 -24.00 43.85 -13.85
CA ASP C 368 -22.65 43.76 -14.39
C ASP C 368 -22.64 44.10 -15.86
N ALA C 369 -21.57 44.76 -16.31
CA ALA C 369 -21.44 45.19 -17.68
C ALA C 369 -21.00 44.06 -18.64
N ASP C 370 -21.88 43.06 -18.76
CA ASP C 370 -21.67 41.96 -19.69
C ASP C 370 -22.58 42.20 -20.88
N ILE C 371 -22.02 42.84 -21.89
CA ILE C 371 -22.78 43.37 -23.02
C ILE C 371 -22.21 42.90 -24.36
N VAL C 372 -23.13 42.45 -25.22
CA VAL C 372 -22.76 41.97 -26.54
C VAL C 372 -23.41 42.82 -27.60
N GLY C 373 -22.61 43.34 -28.53
CA GLY C 373 -23.10 44.06 -29.71
C GLY C 373 -23.24 43.16 -30.94
N VAL C 374 -24.37 43.29 -31.62
CA VAL C 374 -24.68 42.45 -32.77
C VAL C 374 -25.23 43.28 -33.96
N ILE C 375 -24.99 42.80 -35.19
CA ILE C 375 -25.26 43.58 -36.43
C ILE C 375 -26.73 43.85 -36.70
N GLU C 376 -27.49 42.78 -36.93
CA GLU C 376 -28.92 42.85 -37.21
C GLU C 376 -29.73 42.77 -35.92
N ASN C 377 -31.05 42.86 -36.06
CA ASN C 377 -31.94 42.64 -34.94
C ASN C 377 -32.09 41.14 -34.70
N PRO C 378 -31.78 40.68 -33.48
CA PRO C 378 -31.83 39.27 -33.10
C PRO C 378 -33.26 38.71 -33.03
N LEU C 379 -34.25 39.56 -32.80
CA LEU C 379 -35.64 39.13 -32.82
C LEU C 379 -36.15 38.97 -34.24
N ALA C 380 -35.50 39.66 -35.18
CA ALA C 380 -35.79 39.53 -36.61
C ALA C 380 -35.05 38.33 -37.19
N ASN C 381 -33.73 38.36 -37.06
CA ASN C 381 -32.87 37.24 -37.44
C ASN C 381 -32.01 36.81 -36.25
N ILE C 382 -32.31 35.64 -35.70
CA ILE C 382 -31.60 35.16 -34.52
C ILE C 382 -30.18 34.66 -34.84
N ARG C 383 -29.95 34.32 -36.10
CA ARG C 383 -28.66 33.82 -36.54
C ARG C 383 -27.55 34.87 -36.58
N THR C 384 -27.84 36.12 -36.19
CA THR C 384 -26.81 37.15 -36.08
C THR C 384 -25.94 36.87 -34.87
N LEU C 385 -26.52 36.17 -33.89
CA LEU C 385 -25.80 35.75 -32.69
C LEU C 385 -24.63 34.80 -33.01
N GLU C 386 -24.75 34.05 -34.11
CA GLU C 386 -23.67 33.22 -34.63
C GLU C 386 -22.42 33.99 -35.07
N GLU C 387 -22.56 35.30 -35.29
CA GLU C 387 -21.40 36.17 -35.53
C GLU C 387 -21.55 37.55 -34.87
N VAL C 388 -21.16 37.62 -33.60
CA VAL C 388 -21.23 38.87 -32.85
C VAL C 388 -20.07 39.79 -33.20
N ALA C 389 -20.27 41.09 -33.05
CA ALA C 389 -19.26 42.07 -33.49
C ALA C 389 -18.65 42.86 -32.34
N PHE C 390 -19.31 42.84 -31.19
CA PHE C 390 -18.83 43.53 -30.01
C PHE C 390 -19.04 42.66 -28.78
N VAL C 391 -17.99 42.52 -27.97
CA VAL C 391 -18.08 41.80 -26.71
C VAL C 391 -17.46 42.63 -25.59
N MET C 392 -18.26 42.94 -24.59
CA MET C 392 -17.77 43.55 -23.37
C MET C 392 -18.09 42.63 -22.21
N LYS C 393 -17.08 42.25 -21.42
CA LYS C 393 -17.31 41.48 -20.20
C LYS C 393 -16.76 42.23 -19.00
N GLU C 394 -17.64 42.48 -18.02
CA GLU C 394 -17.32 43.20 -16.79
C GLU C 394 -16.68 44.57 -17.05
N GLY C 395 -17.22 45.28 -18.05
CA GLY C 395 -16.77 46.63 -18.40
C GLY C 395 -15.48 46.71 -19.17
N LYS C 396 -15.02 45.57 -19.69
CA LYS C 396 -13.81 45.50 -20.51
C LYS C 396 -14.18 45.00 -21.89
N VAL C 397 -13.70 45.70 -22.92
CA VAL C 397 -13.98 45.32 -24.30
C VAL C 397 -12.97 44.28 -24.79
N TYR C 398 -13.49 43.16 -25.27
CA TYR C 398 -12.64 42.07 -25.78
C TYR C 398 -12.76 41.90 -27.30
N LYS C 399 -13.84 42.41 -27.89
CA LYS C 399 -14.05 42.29 -29.33
C LYS C 399 -14.61 43.56 -29.99
N ARG C 400 -13.96 43.98 -31.08
CA ARG C 400 -14.45 45.04 -31.97
C ARG C 400 -14.01 44.77 -33.41
N ASP D 7 21.35 -35.17 43.64
CA ASP D 7 22.35 -35.60 42.61
C ASP D 7 22.12 -37.03 42.14
N PHE D 8 22.94 -37.49 41.20
CA PHE D 8 22.78 -38.83 40.62
C PHE D 8 24.09 -39.61 40.49
N LEU D 9 24.03 -40.89 40.85
CA LEU D 9 25.16 -41.81 40.68
C LEU D 9 24.75 -42.94 39.74
N ILE D 10 25.46 -43.04 38.62
CA ILE D 10 25.08 -43.96 37.55
C ILE D 10 25.82 -45.28 37.65
N LYS D 11 25.13 -46.29 38.13
CA LYS D 11 25.63 -47.66 38.15
C LYS D 11 25.40 -48.21 36.75
N SER D 12 26.52 -48.50 36.07
CA SER D 12 26.52 -48.75 34.63
C SER D 12 27.38 -49.94 34.25
N LYS D 13 26.97 -50.64 33.19
CA LYS D 13 27.76 -51.72 32.59
C LYS D 13 29.12 -51.24 32.04
N GLY D 14 29.21 -49.95 31.76
CA GLY D 14 30.43 -49.35 31.24
C GLY D 14 30.09 -48.31 30.21
N TYR D 15 30.79 -47.17 30.25
CA TYR D 15 30.56 -46.10 29.28
C TYR D 15 31.52 -46.22 28.12
N LEU D 16 31.14 -45.66 26.97
CA LEU D 16 32.02 -45.61 25.81
C LEU D 16 32.89 -44.36 25.80
N ASP D 17 34.20 -44.55 25.77
CA ASP D 17 35.10 -43.45 25.49
C ASP D 17 35.09 -43.27 23.99
N ILE D 18 34.65 -42.10 23.56
CA ILE D 18 34.45 -41.82 22.15
C ILE D 18 35.73 -41.32 21.44
N GLN D 19 36.80 -41.19 22.22
CA GLN D 19 38.10 -40.84 21.66
C GLN D 19 38.86 -42.05 21.13
N THR D 20 38.76 -43.18 21.86
CA THR D 20 39.51 -44.39 21.54
C THR D 20 38.61 -45.53 21.06
N GLY D 21 37.45 -45.69 21.70
CA GLY D 21 36.47 -46.69 21.26
C GLY D 21 36.30 -47.89 22.17
N GLU D 22 37.16 -48.01 23.18
CA GLU D 22 37.02 -49.06 24.18
C GLU D 22 36.11 -48.62 25.33
N ILE D 23 35.46 -49.60 25.93
CA ILE D 23 34.36 -49.36 26.87
C ILE D 23 34.89 -49.44 28.31
N ILE D 24 35.21 -48.27 28.88
CA ILE D 24 35.78 -48.16 30.22
C ILE D 24 34.76 -48.53 31.30
N LYS D 25 35.13 -49.50 32.13
CA LYS D 25 34.35 -49.91 33.29
C LYS D 25 34.52 -48.87 34.42
N ALA D 26 33.48 -48.06 34.61
CA ALA D 26 33.48 -47.00 35.63
C ALA D 26 32.04 -46.67 36.06
N ASP D 27 31.93 -45.79 37.05
CA ASP D 27 30.65 -45.22 37.48
C ASP D 27 30.73 -43.70 37.39
N LEU D 28 29.58 -43.06 37.15
CA LEU D 28 29.55 -41.61 36.89
C LEU D 28 28.72 -40.87 37.92
N LEU D 29 29.22 -39.72 38.35
CA LEU D 29 28.48 -38.84 39.27
C LEU D 29 27.98 -37.59 38.55
N ILE D 30 26.70 -37.31 38.72
CA ILE D 30 26.03 -36.21 38.02
C ILE D 30 25.56 -35.12 38.98
N ARG D 31 26.13 -33.93 38.84
CA ARG D 31 25.62 -32.74 39.56
C ARG D 31 25.69 -31.49 38.68
N ASN D 32 24.71 -30.59 38.87
CA ASN D 32 24.56 -29.32 38.11
C ASN D 32 24.40 -29.47 36.60
N GLY D 33 23.86 -30.62 36.18
CA GLY D 33 23.71 -30.93 34.76
C GLY D 33 25.02 -31.27 34.06
N LYS D 34 26.09 -31.46 34.82
CA LYS D 34 27.38 -31.90 34.27
C LYS D 34 27.78 -33.27 34.82
N ILE D 35 28.80 -33.86 34.20
CA ILE D 35 29.47 -35.05 34.72
C ILE D 35 30.55 -34.56 35.67
N ALA D 36 30.33 -34.81 36.97
CA ALA D 36 31.21 -34.34 38.04
C ALA D 36 32.47 -35.17 38.21
N GLU D 37 32.31 -36.50 38.25
CA GLU D 37 33.41 -37.44 38.47
C GLU D 37 33.23 -38.75 37.69
N ILE D 38 34.34 -39.29 37.20
CA ILE D 38 34.37 -40.58 36.49
C ILE D 38 35.28 -41.58 37.21
N GLY D 39 34.75 -42.77 37.48
CA GLY D 39 35.53 -43.83 38.12
C GLY D 39 34.71 -44.52 39.19
N LYS D 40 35.24 -44.57 40.41
CA LYS D 40 34.45 -44.97 41.57
C LYS D 40 34.84 -44.15 42.79
N ILE D 41 34.02 -43.14 43.07
CA ILE D 41 34.21 -42.28 44.24
C ILE D 41 33.22 -42.70 45.32
N ASN D 42 33.31 -42.05 46.49
CA ASN D 42 32.42 -42.35 47.60
C ASN D 42 30.98 -41.98 47.29
N THR D 43 30.10 -42.98 47.33
CA THR D 43 28.67 -42.76 47.11
C THR D 43 28.07 -41.91 48.23
N LYS D 44 27.96 -40.61 47.99
CA LYS D 44 28.02 -39.62 49.06
C LYS D 44 26.66 -38.99 49.30
N ASP D 45 25.94 -38.70 48.22
CA ASP D 45 24.97 -37.61 48.22
C ASP D 45 23.54 -38.15 48.13
N ALA D 46 23.04 -38.28 46.91
CA ALA D 46 21.62 -38.11 46.64
C ALA D 46 20.94 -39.45 46.37
N THR D 47 20.84 -39.81 45.09
CA THR D 47 20.11 -41.00 44.70
C THR D 47 20.81 -41.72 43.55
N VAL D 48 20.50 -43.00 43.38
CA VAL D 48 21.35 -43.89 42.59
C VAL D 48 20.54 -44.52 41.47
N ILE D 49 20.96 -44.29 40.22
CA ILE D 49 20.39 -45.01 39.09
C ILE D 49 21.18 -46.29 38.93
N SER D 50 20.52 -47.39 39.27
CA SER D 50 21.07 -48.70 39.05
C SER D 50 20.60 -49.12 37.67
N ILE D 51 21.51 -49.08 36.71
CA ILE D 51 21.21 -49.66 35.41
C ILE D 51 22.38 -50.53 34.89
N PRO D 52 22.32 -51.84 35.21
CA PRO D 52 23.45 -52.75 35.12
C PRO D 52 23.71 -53.35 33.73
N ASP D 53 22.69 -53.39 32.88
CA ASP D 53 22.81 -54.03 31.57
C ASP D 53 23.15 -53.03 30.46
N LEU D 54 23.17 -51.75 30.80
CA LEU D 54 23.24 -50.70 29.78
C LEU D 54 24.63 -50.06 29.60
N ILE D 55 25.09 -50.07 28.35
CA ILE D 55 26.34 -49.42 27.95
C ILE D 55 26.02 -47.95 27.65
N LEU D 56 26.81 -47.06 28.24
CA LEU D 56 26.56 -45.63 28.14
C LEU D 56 27.34 -44.96 27.02
N ILE D 57 26.66 -44.10 26.27
CA ILE D 57 27.24 -43.32 25.18
C ILE D 57 26.80 -41.87 25.33
N PRO D 58 27.59 -40.92 24.78
CA PRO D 58 27.16 -39.52 24.85
C PRO D 58 25.85 -39.32 24.07
N GLY D 59 25.07 -38.31 24.47
CA GLY D 59 23.81 -37.99 23.80
C GLY D 59 24.00 -37.78 22.32
N LEU D 60 23.08 -38.32 21.52
CA LEU D 60 23.24 -38.31 20.07
C LEU D 60 22.79 -36.99 19.43
N MET D 61 23.40 -36.67 18.30
CA MET D 61 23.13 -35.43 17.60
C MET D 61 22.74 -35.64 16.13
N ASP D 62 21.81 -34.82 15.65
CA ASP D 62 21.43 -34.76 14.24
C ASP D 62 21.73 -33.36 13.71
N SER D 63 22.50 -33.26 12.63
CA SER D 63 22.88 -31.95 12.09
C SER D 63 21.92 -31.40 11.03
N HIS D 64 20.83 -32.13 10.78
CA HIS D 64 19.86 -31.77 9.75
C HIS D 64 18.48 -32.30 10.08
N VAL D 65 17.68 -31.49 10.76
CA VAL D 65 16.30 -31.85 11.09
C VAL D 65 15.31 -30.73 10.77
N HIS D 66 14.03 -31.10 10.64
CA HIS D 66 12.93 -30.15 10.46
C HIS D 66 11.80 -30.50 11.42
N ILE D 67 12.02 -30.16 12.69
CA ILE D 67 11.12 -30.54 13.80
C ILE D 67 9.78 -29.82 13.74
N VAL D 68 9.82 -28.52 13.46
CA VAL D 68 8.61 -27.72 13.27
C VAL D 68 8.16 -27.76 11.81
N GLY D 69 6.91 -28.15 11.60
CA GLY D 69 6.32 -28.33 10.28
C GLY D 69 5.08 -29.19 10.43
N ASN D 70 4.07 -28.93 9.62
CA ASN D 70 2.81 -29.67 9.68
C ASN D 70 2.93 -31.11 9.14
N ASP D 71 2.69 -32.09 10.02
CA ASP D 71 2.76 -33.49 9.60
C ASP D 71 1.40 -34.11 9.32
N SER D 72 0.34 -33.31 9.45
CA SER D 72 -1.01 -33.75 9.11
C SER D 72 -1.18 -33.84 7.60
N LYS D 73 -1.80 -34.94 7.16
CA LYS D 73 -1.97 -35.20 5.73
C LYS D 73 -3.44 -35.26 5.36
N GLY D 74 -3.72 -35.37 4.06
CA GLY D 74 -5.10 -35.47 3.59
C GLY D 74 -5.76 -34.12 3.39
N GLU D 75 -6.99 -34.17 2.88
CA GLU D 75 -7.73 -32.98 2.44
C GLU D 75 -8.08 -32.06 3.59
N GLU D 76 -8.31 -32.66 4.77
CA GLU D 76 -8.67 -31.96 6.00
C GLU D 76 -7.60 -30.99 6.51
N SER D 77 -6.36 -31.15 6.05
CA SER D 77 -5.24 -30.33 6.53
C SER D 77 -4.81 -29.23 5.55
N ILE D 78 -5.60 -29.03 4.49
CA ILE D 78 -5.19 -28.17 3.37
C ILE D 78 -5.11 -26.67 3.73
N ALA D 79 -5.99 -26.23 4.63
CA ALA D 79 -6.08 -24.82 5.00
C ALA D 79 -5.61 -24.57 6.44
N ASP D 80 -4.81 -25.50 6.97
CA ASP D 80 -4.22 -25.42 8.31
C ASP D 80 -3.36 -24.18 8.45
N SER D 81 -3.43 -23.52 9.59
CA SER D 81 -2.57 -22.36 9.83
C SER D 81 -1.15 -22.81 10.17
N SER D 82 -0.24 -21.86 10.25
CA SER D 82 1.16 -22.15 10.54
C SER D 82 1.35 -22.65 11.96
N HIS D 83 0.32 -22.45 12.79
CA HIS D 83 0.37 -22.88 14.18
C HIS D 83 0.26 -24.39 14.35
N MET D 84 -0.38 -25.04 13.39
CA MET D 84 -0.47 -26.49 13.39
C MET D 84 0.92 -27.12 13.30
N GLY D 85 1.80 -26.45 12.55
CA GLY D 85 3.20 -26.85 12.45
C GLY D 85 3.97 -26.69 13.74
N THR D 86 3.52 -25.74 14.57
CA THR D 86 4.12 -25.50 15.89
C THR D 86 3.68 -26.56 16.89
N VAL D 87 2.38 -26.90 16.87
CA VAL D 87 1.84 -28.04 17.62
C VAL D 87 2.62 -29.32 17.31
N TRP D 88 2.81 -29.59 16.02
CA TRP D 88 3.59 -30.75 15.57
C TRP D 88 5.04 -30.67 16.04
N GLY D 89 5.56 -29.44 16.09
CA GLY D 89 6.92 -29.19 16.59
C GLY D 89 7.11 -29.67 18.02
N VAL D 90 6.10 -29.44 18.86
CA VAL D 90 6.11 -29.92 20.25
C VAL D 90 6.21 -31.45 20.29
N VAL D 91 5.23 -32.12 19.65
CA VAL D 91 5.21 -33.59 19.52
C VAL D 91 6.53 -34.17 19.01
N ASN D 92 7.07 -33.59 17.95
CA ASN D 92 8.29 -34.08 17.32
C ASN D 92 9.56 -33.82 18.12
N ALA D 93 9.54 -32.79 18.97
CA ALA D 93 10.69 -32.45 19.82
C ALA D 93 10.85 -33.53 20.88
N GLU D 94 9.72 -33.96 21.45
CA GLU D 94 9.72 -35.05 22.42
C GLU D 94 10.24 -36.35 21.79
N LYS D 95 9.63 -36.75 20.66
CA LYS D 95 10.04 -37.95 19.91
C LYS D 95 11.54 -38.01 19.59
N THR D 96 12.11 -36.85 19.29
CA THR D 96 13.54 -36.74 18.98
C THR D 96 14.37 -37.01 20.25
N LEU D 97 13.95 -36.41 21.37
CA LEU D 97 14.65 -36.57 22.64
C LEU D 97 14.55 -38.01 23.15
N MET D 98 13.33 -38.55 23.12
CA MET D 98 13.06 -39.95 23.52
C MET D 98 13.80 -40.98 22.66
N ALA D 99 14.21 -40.58 21.46
CA ALA D 99 15.03 -41.43 20.59
C ALA D 99 16.52 -41.33 20.92
N GLY D 100 16.87 -40.54 21.93
CA GLY D 100 18.26 -40.43 22.40
C GLY D 100 19.03 -39.30 21.76
N PHE D 101 18.33 -38.37 21.12
CA PHE D 101 18.98 -37.22 20.50
C PHE D 101 18.82 -35.99 21.38
N THR D 102 19.96 -35.51 21.88
CA THR D 102 19.97 -34.48 22.94
C THR D 102 20.33 -33.09 22.43
N THR D 103 21.01 -33.03 21.29
CA THR D 103 21.28 -31.75 20.64
C THR D 103 21.09 -31.90 19.13
N VAL D 104 20.18 -31.12 18.55
CA VAL D 104 19.97 -31.18 17.10
C VAL D 104 20.11 -29.81 16.45
N ARG D 105 20.32 -29.81 15.13
CA ARG D 105 20.35 -28.59 14.33
C ARG D 105 19.14 -28.53 13.40
N ASN D 106 18.15 -27.73 13.78
CA ASN D 106 17.00 -27.47 12.94
C ASN D 106 17.40 -26.51 11.84
N VAL D 107 17.09 -26.88 10.60
CA VAL D 107 17.81 -26.29 9.49
C VAL D 107 16.90 -25.57 8.47
N GLY D 108 15.61 -25.46 8.79
CA GLY D 108 14.70 -24.65 7.98
C GLY D 108 13.28 -24.69 8.49
N ALA D 109 12.76 -23.53 8.88
CA ALA D 109 11.38 -23.40 9.34
C ALA D 109 10.88 -21.98 9.16
N ALA D 110 9.56 -21.81 9.11
CA ALA D 110 8.96 -20.51 8.84
C ALA D 110 8.47 -19.79 10.10
N ASN D 111 8.46 -18.47 10.01
CA ASN D 111 7.86 -17.57 11.01
C ASN D 111 8.56 -17.51 12.36
N TYR D 112 9.79 -18.04 12.40
CA TYR D 112 10.59 -18.15 13.61
C TYR D 112 9.93 -19.01 14.70
N ALA D 113 9.06 -19.93 14.26
CA ALA D 113 8.42 -20.90 15.13
C ALA D 113 9.46 -21.86 15.66
N ASP D 114 10.54 -22.04 14.91
CA ASP D 114 11.67 -22.81 15.38
C ASP D 114 12.35 -22.19 16.60
N VAL D 115 12.52 -20.86 16.63
CA VAL D 115 13.07 -20.23 17.83
C VAL D 115 12.10 -20.33 19.02
N SER D 116 10.80 -20.34 18.74
CA SER D 116 9.79 -20.47 19.79
C SER D 116 9.88 -21.85 20.44
N VAL D 117 9.93 -22.90 19.61
CA VAL D 117 10.03 -24.26 20.11
C VAL D 117 11.36 -24.44 20.88
N ARG D 118 12.43 -23.90 20.32
CA ARG D 118 13.75 -23.98 20.95
C ARG D 118 13.74 -23.34 22.34
N ASP D 119 13.21 -22.13 22.42
CA ASP D 119 13.16 -21.39 23.69
C ASP D 119 12.24 -22.06 24.70
N ALA D 120 11.12 -22.62 24.24
CA ALA D 120 10.20 -23.37 25.10
C ALA D 120 10.86 -24.60 25.74
N ILE D 121 11.70 -25.29 24.98
CA ILE D 121 12.52 -26.38 25.50
C ILE D 121 13.50 -25.84 26.54
N GLU D 122 14.21 -24.78 26.17
CA GLU D 122 15.24 -24.17 27.00
C GLU D 122 14.69 -23.69 28.34
N ARG D 123 13.46 -23.17 28.32
CA ARG D 123 12.78 -22.68 29.52
C ARG D 123 12.14 -23.82 30.32
N GLY D 124 12.18 -25.03 29.78
CA GLY D 124 11.60 -26.19 30.44
C GLY D 124 10.09 -26.26 30.33
N VAL D 125 9.51 -25.57 29.34
CA VAL D 125 8.07 -25.58 29.11
C VAL D 125 7.65 -26.91 28.49
N ILE D 126 8.50 -27.43 27.60
CA ILE D 126 8.28 -28.72 26.96
C ILE D 126 9.59 -29.50 26.95
N ASN D 127 9.50 -30.80 26.71
CA ASN D 127 10.69 -31.65 26.59
C ASN D 127 11.13 -31.80 25.15
N GLY D 128 12.44 -31.76 24.95
CA GLY D 128 13.01 -31.94 23.63
C GLY D 128 14.51 -31.73 23.70
N PRO D 129 15.20 -31.91 22.57
CA PRO D 129 16.64 -31.69 22.52
C PRO D 129 16.95 -30.22 22.51
N THR D 130 18.19 -29.87 22.83
CA THR D 130 18.64 -28.52 22.61
C THR D 130 18.69 -28.33 21.09
N MET D 131 17.91 -27.37 20.62
CA MET D 131 17.87 -27.05 19.20
C MET D 131 18.80 -25.88 18.87
N LEU D 132 19.53 -26.00 17.77
CA LEU D 132 20.17 -24.87 17.12
C LEU D 132 19.37 -24.59 15.85
N VAL D 133 18.79 -23.39 15.77
CA VAL D 133 17.82 -23.09 14.72
C VAL D 133 18.30 -22.03 13.73
N SER D 134 17.76 -22.11 12.51
CA SER D 134 18.25 -21.35 11.37
C SER D 134 17.35 -20.19 10.99
N GLY D 135 16.09 -20.28 11.41
CA GLY D 135 15.07 -19.37 10.93
C GLY D 135 14.73 -19.77 9.51
N PRO D 136 14.07 -18.88 8.75
CA PRO D 136 13.81 -19.12 7.34
C PRO D 136 15.10 -19.25 6.54
N ALA D 137 15.17 -20.29 5.71
CA ALA D 137 16.31 -20.51 4.83
C ALA D 137 16.33 -19.47 3.72
N LEU D 138 17.53 -19.09 3.28
CA LEU D 138 17.64 -18.05 2.26
C LEU D 138 17.74 -18.69 0.88
N GLY D 139 17.02 -18.14 -0.09
CA GLY D 139 17.06 -18.66 -1.44
C GLY D 139 16.78 -17.60 -2.47
N ILE D 140 17.05 -17.92 -3.72
CA ILE D 140 16.70 -17.03 -4.83
C ILE D 140 15.21 -17.19 -5.13
N THR D 141 14.67 -16.22 -5.87
CA THR D 141 13.32 -16.31 -6.40
C THR D 141 13.20 -17.58 -7.24
N GLY D 142 12.24 -18.42 -6.91
CA GLY D 142 12.00 -19.65 -7.64
C GLY D 142 12.94 -20.79 -7.32
N GLY D 143 13.86 -20.56 -6.39
CA GLY D 143 14.82 -21.58 -5.97
C GLY D 143 14.21 -22.67 -5.10
N HIS D 144 15.06 -23.55 -4.56
CA HIS D 144 14.62 -24.69 -3.74
C HIS D 144 13.98 -24.23 -2.42
N CYS D 145 14.53 -23.16 -1.86
CA CYS D 145 14.06 -22.54 -0.63
C CYS D 145 12.73 -21.78 -0.83
N ASP D 146 12.45 -21.37 -2.06
CA ASP D 146 11.19 -20.71 -2.40
C ASP D 146 10.07 -21.73 -2.59
N HIS D 147 8.84 -21.28 -2.43
CA HIS D 147 7.64 -22.10 -2.58
C HIS D 147 7.02 -21.90 -3.97
N ASN D 148 7.21 -22.88 -4.85
CA ASN D 148 6.75 -22.79 -6.23
C ASN D 148 5.47 -23.59 -6.50
N LEU D 149 4.49 -23.49 -5.61
CA LEU D 149 3.28 -24.30 -5.75
C LEU D 149 2.05 -23.48 -6.12
N LEU D 150 2.20 -22.16 -6.12
CA LEU D 150 1.08 -21.26 -6.42
C LEU D 150 1.18 -20.68 -7.83
N PRO D 151 0.02 -20.39 -8.47
CA PRO D 151 -0.07 -19.67 -9.74
C PRO D 151 0.61 -18.30 -9.69
N PRO D 152 1.06 -17.79 -10.85
CA PRO D 152 1.79 -16.52 -10.87
C PRO D 152 0.94 -15.31 -10.50
N GLU D 153 -0.38 -15.47 -10.51
CA GLU D 153 -1.31 -14.42 -10.11
C GLU D 153 -1.18 -14.04 -8.64
N PHE D 154 -0.79 -15.02 -7.83
CA PHE D 154 -0.57 -14.82 -6.39
C PHE D 154 0.73 -14.08 -6.12
N ASN D 155 1.70 -14.22 -7.03
CA ASN D 155 3.04 -13.63 -6.90
C ASN D 155 3.63 -13.89 -5.52
N TYR D 156 3.51 -15.14 -5.06
CA TYR D 156 3.96 -15.49 -3.73
C TYR D 156 5.41 -15.90 -3.75
N SER D 157 6.21 -15.22 -2.94
CA SER D 157 7.53 -15.70 -2.58
C SER D 157 7.56 -15.95 -1.08
N SER D 158 8.28 -16.99 -0.67
CA SER D 158 8.38 -17.33 0.75
C SER D 158 9.34 -16.40 1.50
N GLU D 159 9.39 -16.58 2.82
CA GLU D 159 9.97 -15.66 3.79
C GLU D 159 11.43 -15.26 3.56
N GLY D 160 12.26 -16.21 3.12
CA GLY D 160 13.70 -16.01 3.06
C GLY D 160 14.25 -15.73 1.68
N VAL D 161 13.36 -15.56 0.70
CA VAL D 161 13.75 -15.22 -0.68
C VAL D 161 14.52 -13.88 -0.77
N VAL D 162 15.76 -13.96 -1.25
CA VAL D 162 16.60 -12.78 -1.46
C VAL D 162 17.28 -12.86 -2.82
N ASP D 163 17.48 -11.70 -3.46
CA ASP D 163 17.99 -11.66 -4.82
C ASP D 163 19.04 -10.59 -5.09
N SER D 164 19.79 -10.20 -4.06
CA SER D 164 20.98 -9.36 -4.22
C SER D 164 21.84 -9.60 -3.00
N PRO D 165 23.15 -9.30 -3.06
CA PRO D 165 24.00 -9.48 -1.87
C PRO D 165 23.50 -8.68 -0.66
N TRP D 166 23.09 -7.43 -0.88
CA TRP D 166 22.60 -6.60 0.21
C TRP D 166 21.26 -7.06 0.77
N GLU D 167 20.42 -7.61 -0.10
CA GLU D 167 19.17 -8.21 0.34
C GLU D 167 19.45 -9.43 1.21
N ALA D 168 20.41 -10.24 0.77
CA ALA D 168 20.84 -11.45 1.47
C ALA D 168 21.48 -11.13 2.81
N ARG D 169 22.34 -10.10 2.81
CA ARG D 169 22.91 -9.49 4.02
C ARG D 169 21.81 -9.16 5.02
N LYS D 170 20.76 -8.51 4.52
CA LYS D 170 19.69 -8.00 5.37
C LYS D 170 18.89 -9.13 5.99
N MET D 171 18.69 -10.19 5.23
CA MET D 171 17.93 -11.36 5.69
C MET D 171 18.70 -12.14 6.75
N VAL D 172 20.03 -12.15 6.64
CA VAL D 172 20.88 -12.70 7.70
C VAL D 172 20.68 -11.89 8.99
N ARG D 173 20.81 -10.56 8.87
CA ARG D 173 20.59 -9.64 9.99
C ARG D 173 19.21 -9.77 10.62
N LYS D 174 18.20 -9.99 9.79
CA LYS D 174 16.84 -10.15 10.27
C LYS D 174 16.64 -11.48 11.00
N ASN D 175 17.27 -12.54 10.49
CA ASN D 175 17.26 -13.86 11.14
C ASN D 175 17.97 -13.85 12.51
N ARG D 176 19.12 -13.20 12.57
CA ARG D 176 19.81 -12.96 13.84
C ARG D 176 18.97 -12.12 14.80
N LYS D 177 18.32 -11.08 14.28
CA LYS D 177 17.45 -10.21 15.08
C LYS D 177 16.35 -10.99 15.80
N TYR D 178 15.74 -11.94 15.10
CA TYR D 178 14.68 -12.74 15.69
C TYR D 178 15.17 -14.07 16.27
N GLY D 179 16.49 -14.17 16.44
CA GLY D 179 17.10 -15.18 17.30
C GLY D 179 17.61 -16.47 16.68
N ALA D 180 17.94 -16.46 15.40
CA ALA D 180 18.50 -17.64 14.74
C ALA D 180 19.93 -17.86 15.22
N ASP D 181 20.33 -19.13 15.30
CA ASP D 181 21.67 -19.50 15.73
C ASP D 181 22.59 -19.57 14.53
N LEU D 182 22.10 -20.16 13.45
CA LEU D 182 22.87 -20.27 12.22
C LEU D 182 22.07 -19.79 11.01
N ILE D 183 22.74 -19.74 9.86
CA ILE D 183 22.10 -19.37 8.59
C ILE D 183 22.14 -20.54 7.60
N KCX D 184 20.99 -20.83 7.01
CA KCX D 184 20.92 -21.85 5.98
CB KCX D 184 19.94 -22.95 6.39
CG KCX D 184 20.16 -24.23 5.65
CD KCX D 184 19.10 -24.43 4.60
CE KCX D 184 19.22 -25.82 4.09
NZ KCX D 184 17.88 -26.40 3.83
C KCX D 184 20.52 -21.24 4.65
O KCX D 184 19.61 -20.41 4.61
CX KCX D 184 17.79 -27.63 3.37
OQ1 KCX D 184 18.81 -28.32 3.14
OQ2 KCX D 184 16.67 -28.13 3.15
N PHE D 185 21.18 -21.65 3.57
CA PHE D 185 20.75 -21.26 2.21
C PHE D 185 20.79 -22.38 1.17
N CYS D 186 19.96 -22.24 0.14
CA CYS D 186 19.93 -23.19 -0.98
C CYS D 186 20.91 -22.76 -2.06
N ALA D 187 21.92 -23.59 -2.30
CA ALA D 187 22.95 -23.32 -3.29
C ALA D 187 22.66 -24.02 -4.64
N THR D 188 21.84 -25.05 -4.60
CA THR D 188 21.35 -25.72 -5.82
C THR D 188 19.88 -26.00 -5.67
N GLY D 189 19.29 -26.57 -6.71
CA GLY D 189 17.92 -27.07 -6.64
C GLY D 189 17.85 -28.32 -5.79
N GLY D 190 16.62 -28.76 -5.51
CA GLY D 190 16.42 -29.89 -4.63
C GLY D 190 15.40 -30.90 -5.09
N VAL D 191 15.26 -31.96 -4.30
CA VAL D 191 14.40 -33.09 -4.62
C VAL D 191 12.94 -32.80 -4.30
N MET D 192 12.69 -32.29 -3.10
CA MET D 192 11.33 -32.14 -2.57
C MET D 192 10.54 -30.96 -3.12
N SER D 193 11.23 -30.00 -3.73
CA SER D 193 10.58 -28.81 -4.30
C SER D 193 10.09 -29.01 -5.74
N ARG D 194 9.12 -28.19 -6.13
CA ARG D 194 8.60 -28.18 -7.49
C ARG D 194 9.36 -27.17 -8.34
N ASN D 195 9.69 -27.56 -9.58
CA ASN D 195 10.37 -26.72 -10.58
C ASN D 195 11.76 -26.25 -10.11
N THR D 196 12.61 -27.19 -9.70
CA THR D 196 14.02 -26.86 -9.42
C THR D 196 14.94 -27.87 -10.09
N ASP D 197 16.02 -27.37 -10.67
CA ASP D 197 17.03 -28.22 -11.29
C ASP D 197 18.12 -28.52 -10.27
N VAL D 198 18.22 -29.79 -9.92
CA VAL D 198 19.14 -30.32 -8.92
C VAL D 198 20.62 -30.00 -9.23
N ASN D 199 20.96 -29.97 -10.52
CA ASN D 199 22.34 -29.73 -10.97
C ASN D 199 22.67 -28.28 -11.31
N ALA D 200 21.66 -27.42 -11.26
CA ALA D 200 21.87 -25.98 -11.49
C ALA D 200 22.21 -25.28 -10.20
N LYS D 201 23.21 -24.40 -10.27
CA LYS D 201 23.56 -23.55 -9.13
C LYS D 201 22.48 -22.48 -8.97
N GLN D 202 22.09 -22.23 -7.72
CA GLN D 202 21.24 -21.10 -7.37
C GLN D 202 22.03 -20.17 -6.48
N PHE D 203 21.92 -18.86 -6.73
CA PHE D 203 22.78 -17.80 -6.15
C PHE D 203 24.05 -17.61 -6.95
N THR D 204 24.41 -16.35 -7.15
CA THR D 204 25.74 -16.00 -7.65
C THR D 204 26.71 -16.18 -6.51
N LEU D 205 28.00 -16.31 -6.84
CA LEU D 205 29.04 -16.44 -5.82
C LEU D 205 29.08 -15.21 -4.92
N GLU D 206 28.93 -14.03 -5.53
CA GLU D 206 28.87 -12.77 -4.80
C GLU D 206 27.80 -12.79 -3.72
N GLU D 207 26.61 -13.26 -4.09
CA GLU D 207 25.52 -13.41 -3.14
C GLU D 207 25.89 -14.39 -2.02
N MET D 208 26.47 -15.54 -2.41
CA MET D 208 26.88 -16.58 -1.46
C MET D 208 27.91 -16.08 -0.48
N LYS D 209 28.87 -15.30 -0.99
CA LYS D 209 29.94 -14.73 -0.18
C LYS D 209 29.39 -13.73 0.82
N ALA D 210 28.41 -12.93 0.38
CA ALA D 210 27.76 -11.95 1.24
C ALA D 210 27.00 -12.61 2.38
N ILE D 211 26.26 -13.68 2.09
CA ILE D 211 25.59 -14.45 3.12
C ILE D 211 26.58 -14.96 4.17
N VAL D 212 27.66 -15.59 3.69
CA VAL D 212 28.68 -16.17 4.57
C VAL D 212 29.44 -15.11 5.38
N ASP D 213 29.90 -14.06 4.70
CA ASP D 213 30.59 -12.97 5.39
C ASP D 213 29.75 -12.35 6.51
N GLU D 214 28.48 -12.07 6.24
CA GLU D 214 27.59 -11.46 7.23
C GLU D 214 27.34 -12.37 8.42
N ALA D 215 27.02 -13.63 8.15
CA ALA D 215 26.78 -14.62 9.19
C ALA D 215 28.00 -14.81 10.10
N HIS D 216 29.18 -14.93 9.51
CA HIS D 216 30.41 -15.13 10.27
C HIS D 216 30.75 -13.91 11.13
N ASN D 217 30.47 -12.73 10.60
CA ASN D 217 30.62 -11.48 11.33
C ASN D 217 29.82 -11.44 12.65
N HIS D 218 28.70 -12.16 12.68
CA HIS D 218 27.87 -12.27 13.87
C HIS D 218 28.16 -13.54 14.66
N GLY D 219 29.19 -14.28 14.25
CA GLY D 219 29.52 -15.57 14.87
C GLY D 219 28.49 -16.65 14.61
N MET D 220 27.78 -16.56 13.49
CA MET D 220 26.82 -17.59 13.09
C MET D 220 27.50 -18.50 12.06
N LYS D 221 27.18 -19.79 12.14
CA LYS D 221 27.67 -20.72 11.13
C LYS D 221 26.70 -20.81 9.94
N VAL D 222 27.21 -21.21 8.79
CA VAL D 222 26.39 -21.30 7.57
C VAL D 222 26.33 -22.71 7.01
N ALA D 223 25.12 -23.23 6.85
CA ALA D 223 24.90 -24.47 6.14
C ALA D 223 24.39 -24.15 4.75
N ALA D 224 24.81 -24.94 3.76
CA ALA D 224 24.35 -24.77 2.38
C ALA D 224 23.79 -26.06 1.80
N HIS D 225 22.49 -26.06 1.49
CA HIS D 225 21.86 -27.13 0.72
C HIS D 225 22.44 -27.13 -0.68
N ALA D 226 23.09 -28.24 -1.06
CA ALA D 226 23.68 -28.36 -2.40
C ALA D 226 23.76 -29.80 -2.85
N HIS D 227 22.96 -30.16 -3.86
CA HIS D 227 23.05 -31.47 -4.49
C HIS D 227 24.07 -31.43 -5.64
N GLY D 228 23.85 -30.53 -6.60
CA GLY D 228 24.67 -30.42 -7.80
C GLY D 228 26.09 -29.97 -7.53
N LEU D 229 27.03 -30.51 -8.30
CA LEU D 229 28.47 -30.28 -8.09
C LEU D 229 28.88 -28.82 -8.21
N ILE D 230 28.32 -28.10 -9.17
CA ILE D 230 28.72 -26.73 -9.45
C ILE D 230 28.36 -25.78 -8.30
N GLY D 231 27.30 -26.14 -7.55
CA GLY D 231 26.86 -25.40 -6.38
C GLY D 231 27.64 -25.74 -5.12
N ILE D 232 27.97 -27.03 -4.98
CA ILE D 232 28.87 -27.51 -3.91
C ILE D 232 30.21 -26.77 -3.97
N LYS D 233 30.80 -26.71 -5.16
CA LYS D 233 32.04 -25.98 -5.37
C LYS D 233 31.90 -24.54 -4.90
N ALA D 234 30.80 -23.92 -5.31
CA ALA D 234 30.54 -22.52 -5.05
C ALA D 234 30.42 -22.25 -3.56
N ALA D 235 29.65 -23.11 -2.89
CA ALA D 235 29.40 -23.00 -1.43
C ALA D 235 30.69 -23.07 -0.61
N ILE D 236 31.55 -24.03 -0.95
CA ILE D 236 32.83 -24.21 -0.30
C ILE D 236 33.70 -22.99 -0.56
N LYS D 237 33.71 -22.52 -1.80
CA LYS D 237 34.49 -21.36 -2.20
C LYS D 237 34.02 -20.09 -1.49
N ALA D 238 32.72 -20.03 -1.21
CA ALA D 238 32.12 -18.90 -0.48
C ALA D 238 32.47 -18.93 1.00
N GLY D 239 32.73 -20.13 1.52
CA GLY D 239 33.22 -20.31 2.87
C GLY D 239 32.20 -20.83 3.85
N VAL D 240 31.30 -21.71 3.39
CA VAL D 240 30.31 -22.31 4.29
C VAL D 240 30.95 -23.27 5.28
N ASP D 241 30.29 -23.48 6.41
CA ASP D 241 30.79 -24.36 7.44
C ASP D 241 30.36 -25.80 7.17
N SER D 242 29.22 -25.98 6.51
CA SER D 242 28.76 -27.29 6.09
C SER D 242 27.99 -27.25 4.78
N VAL D 243 28.14 -28.29 3.99
CA VAL D 243 27.32 -28.49 2.81
C VAL D 243 26.36 -29.64 3.09
N GLU D 244 25.07 -29.34 3.08
CA GLU D 244 24.05 -30.37 3.27
C GLU D 244 23.91 -31.20 2.00
N HIS D 245 23.61 -32.48 2.17
CA HIS D 245 23.43 -33.46 1.09
C HIS D 245 24.71 -33.82 0.32
N ALA D 246 25.31 -32.82 -0.34
CA ALA D 246 26.57 -32.94 -1.10
C ALA D 246 26.59 -34.13 -2.09
N SER D 247 25.48 -34.34 -2.77
CA SER D 247 25.20 -35.60 -3.47
C SER D 247 26.11 -35.94 -4.66
N PHE D 248 26.60 -34.92 -5.36
CA PHE D 248 27.45 -35.13 -6.53
C PHE D 248 28.85 -34.57 -6.32
N ILE D 249 29.41 -34.79 -5.14
CA ILE D 249 30.73 -34.28 -4.83
C ILE D 249 31.82 -35.19 -5.44
N ASP D 250 32.73 -34.59 -6.20
CA ASP D 250 33.81 -35.32 -6.87
C ASP D 250 35.13 -35.25 -6.08
N ASP D 251 36.14 -35.97 -6.55
CA ASP D 251 37.46 -36.05 -5.91
C ASP D 251 38.09 -34.69 -5.61
N GLU D 252 38.07 -33.80 -6.60
CA GLU D 252 38.71 -32.49 -6.52
C GLU D 252 38.13 -31.61 -5.42
N THR D 253 36.81 -31.66 -5.27
CA THR D 253 36.10 -30.77 -4.37
C THR D 253 35.92 -31.37 -2.98
N ILE D 254 36.10 -32.68 -2.87
CA ILE D 254 36.26 -33.32 -1.57
C ILE D 254 37.54 -32.79 -0.94
N ASP D 255 38.60 -32.66 -1.74
CA ASP D 255 39.86 -32.07 -1.31
C ASP D 255 39.74 -30.59 -0.95
N MET D 256 38.86 -29.88 -1.67
CA MET D 256 38.56 -28.48 -1.37
C MET D 256 37.93 -28.37 0.02
N ALA D 257 36.99 -29.29 0.31
CA ALA D 257 36.30 -29.36 1.59
C ALA D 257 37.25 -29.66 2.74
N ILE D 258 38.16 -30.60 2.51
CA ILE D 258 39.18 -30.98 3.49
C ILE D 258 40.09 -29.80 3.81
N LYS D 259 40.57 -29.13 2.75
CA LYS D 259 41.45 -27.97 2.90
C LYS D 259 40.80 -26.81 3.67
N ASN D 260 39.48 -26.65 3.52
CA ASN D 260 38.76 -25.51 4.09
C ASN D 260 38.01 -25.80 5.39
N ASN D 261 38.11 -27.03 5.86
CA ASN D 261 37.34 -27.55 7.02
C ASN D 261 35.82 -27.56 6.83
N THR D 262 35.39 -27.69 5.58
CA THR D 262 33.98 -27.73 5.28
C THR D 262 33.46 -29.14 5.58
N VAL D 263 32.55 -29.21 6.55
CA VAL D 263 31.89 -30.45 6.91
C VAL D 263 30.86 -30.84 5.83
N LEU D 264 30.75 -32.13 5.57
CA LEU D 264 29.77 -32.63 4.63
C LEU D 264 28.68 -33.30 5.41
N SER D 265 27.52 -32.65 5.48
CA SER D 265 26.39 -33.19 6.21
C SER D 265 25.49 -33.99 5.27
N MET D 266 25.69 -35.31 5.21
CA MET D 266 25.09 -36.14 4.17
C MET D 266 23.98 -37.07 4.68
N ASP D 267 22.81 -36.98 4.05
CA ASP D 267 21.65 -37.78 4.47
C ASP D 267 21.40 -39.01 3.59
N ILE D 268 22.15 -40.07 3.87
CA ILE D 268 22.15 -41.27 3.02
C ILE D 268 20.94 -42.18 3.22
N PHE D 269 20.32 -42.14 4.40
CA PHE D 269 19.19 -43.00 4.73
C PHE D 269 17.89 -42.60 4.03
N VAL D 270 17.58 -41.30 4.07
CA VAL D 270 16.25 -40.77 3.71
C VAL D 270 15.76 -41.12 2.28
N SER D 271 16.72 -41.34 1.39
CA SER D 271 16.46 -41.74 0.00
C SER D 271 15.62 -43.03 -0.11
N ASP D 272 15.81 -43.95 0.82
CA ASP D 272 15.07 -45.22 0.87
C ASP D 272 13.64 -45.02 1.32
N TYR D 273 13.42 -44.01 2.16
CA TYR D 273 12.07 -43.65 2.61
C TYR D 273 11.26 -43.04 1.47
N ILE D 274 11.88 -42.13 0.73
CA ILE D 274 11.22 -41.38 -0.34
C ILE D 274 10.77 -42.29 -1.49
N LEU D 275 11.69 -43.14 -1.96
CA LEU D 275 11.39 -44.08 -3.04
C LEU D 275 10.47 -45.22 -2.62
N GLY D 276 10.56 -45.63 -1.35
CA GLY D 276 9.72 -46.70 -0.80
C GLY D 276 8.42 -46.21 -0.18
N GLU D 277 8.50 -45.82 1.09
CA GLU D 277 7.34 -45.43 1.89
C GLU D 277 6.67 -44.13 1.43
N GLY D 278 7.48 -43.21 0.91
CA GLY D 278 7.04 -41.88 0.54
C GLY D 278 6.32 -41.78 -0.79
N ALA D 279 6.54 -42.77 -1.65
CA ALA D 279 5.92 -42.83 -2.98
C ALA D 279 4.40 -42.90 -2.92
N LYS D 280 3.87 -43.57 -1.89
CA LYS D 280 2.43 -43.67 -1.66
C LYS D 280 1.95 -42.70 -0.58
N ALA D 281 2.90 -42.10 0.15
CA ALA D 281 2.59 -41.17 1.24
C ALA D 281 2.12 -39.79 0.76
N GLY D 282 2.44 -39.44 -0.48
CA GLY D 282 1.98 -38.17 -1.06
C GLY D 282 3.07 -37.32 -1.69
N ILE D 283 4.25 -37.90 -1.87
CA ILE D 283 5.37 -37.22 -2.54
C ILE D 283 5.13 -37.21 -4.06
N ARG D 284 5.28 -36.04 -4.68
CA ARG D 284 5.01 -35.83 -6.10
C ARG D 284 5.91 -36.64 -7.05
N GLU D 285 5.38 -36.90 -8.25
CA GLU D 285 6.10 -37.64 -9.31
C GLU D 285 7.41 -36.99 -9.74
N GLU D 286 7.40 -35.66 -9.81
CA GLU D 286 8.58 -34.87 -10.17
C GLU D 286 9.69 -35.00 -9.12
N SER D 287 9.28 -35.16 -7.86
CA SER D 287 10.20 -35.32 -6.74
C SER D 287 10.84 -36.69 -6.69
N LEU D 288 10.06 -37.71 -7.01
CA LEU D 288 10.52 -39.10 -7.04
C LEU D 288 11.54 -39.34 -8.15
N ASN D 289 11.34 -38.67 -9.29
CA ASN D 289 12.28 -38.71 -10.41
C ASN D 289 13.60 -38.04 -10.10
N LYS D 290 13.54 -36.93 -9.35
CA LYS D 290 14.73 -36.23 -8.90
C LYS D 290 15.44 -36.97 -7.78
N GLU D 291 14.70 -37.82 -7.06
CA GLU D 291 15.28 -38.67 -6.02
C GLU D 291 16.12 -39.80 -6.62
N ARG D 292 15.68 -40.31 -7.76
CA ARG D 292 16.41 -41.36 -8.47
C ARG D 292 17.71 -40.90 -9.10
N LEU D 293 17.79 -39.61 -9.41
CA LEU D 293 19.02 -38.97 -9.87
C LEU D 293 20.03 -38.77 -8.76
N VAL D 294 19.54 -38.59 -7.53
CA VAL D 294 20.34 -38.18 -6.37
C VAL D 294 20.77 -39.36 -5.47
N GLY D 295 19.80 -40.22 -5.13
CA GLY D 295 19.94 -41.25 -4.11
C GLY D 295 21.13 -42.19 -4.15
N LYS D 296 21.19 -43.04 -5.17
CA LYS D 296 22.25 -44.05 -5.35
C LYS D 296 23.64 -43.41 -5.46
N LYS D 297 23.72 -42.29 -6.17
CA LYS D 297 24.97 -41.57 -6.43
C LYS D 297 25.53 -40.90 -5.18
N GLN D 298 24.65 -40.53 -4.25
CA GLN D 298 25.05 -39.82 -3.02
C GLN D 298 25.86 -40.71 -2.08
N ARG D 299 25.42 -41.95 -1.91
CA ARG D 299 26.05 -42.90 -0.98
C ARG D 299 27.40 -43.38 -1.50
N GLU D 300 27.53 -43.48 -2.81
CA GLU D 300 28.80 -43.78 -3.46
C GLU D 300 29.79 -42.67 -3.16
N ASN D 301 29.31 -41.43 -3.26
CA ASN D 301 30.12 -40.26 -2.97
C ASN D 301 30.44 -40.06 -1.49
N PHE D 302 29.52 -40.51 -0.64
CA PHE D 302 29.69 -40.52 0.82
C PHE D 302 30.87 -41.40 1.21
N MET D 303 30.91 -42.60 0.63
CA MET D 303 31.97 -43.58 0.85
C MET D 303 33.33 -43.05 0.39
N ASN D 304 33.35 -42.44 -0.79
CA ASN D 304 34.56 -41.85 -1.36
C ASN D 304 35.08 -40.67 -0.55
N ALA D 305 34.14 -39.85 -0.05
CA ALA D 305 34.48 -38.64 0.72
C ALA D 305 35.06 -38.98 2.08
N HIS D 306 34.53 -40.04 2.69
CA HIS D 306 35.03 -40.52 3.99
C HIS D 306 36.46 -41.03 3.86
N ARG D 307 36.68 -41.86 2.85
CA ARG D 307 37.99 -42.44 2.59
C ARG D 307 39.03 -41.34 2.34
N ARG D 308 38.68 -40.38 1.50
CA ARG D 308 39.63 -39.32 1.16
C ARG D 308 39.97 -38.44 2.36
N GLY D 309 39.14 -38.53 3.41
CA GLY D 309 39.41 -37.88 4.69
C GLY D 309 38.60 -36.64 5.00
N ALA D 310 37.42 -36.54 4.40
CA ALA D 310 36.53 -35.40 4.65
C ALA D 310 35.66 -35.60 5.87
N ILE D 311 35.46 -34.52 6.64
CA ILE D 311 34.62 -34.53 7.83
C ILE D 311 33.15 -34.69 7.45
N ILE D 312 32.54 -35.76 7.95
CA ILE D 312 31.13 -36.03 7.66
C ILE D 312 30.35 -36.12 8.97
N THR D 313 29.29 -35.33 9.09
CA THR D 313 28.42 -35.37 10.27
C THR D 313 27.13 -36.11 10.03
N PHE D 314 26.47 -36.48 11.13
CA PHE D 314 25.22 -37.20 11.11
C PHE D 314 24.06 -36.24 10.89
N GLY D 315 23.60 -36.14 9.65
CA GLY D 315 22.40 -35.37 9.30
C GLY D 315 21.47 -36.26 8.52
N THR D 316 20.20 -36.30 8.93
CA THR D 316 19.27 -37.29 8.37
C THR D 316 18.17 -36.74 7.48
N ASP D 317 17.89 -35.45 7.60
CA ASP D 317 16.72 -34.81 7.01
C ASP D 317 15.42 -35.39 7.59
N ALA D 318 15.39 -35.46 8.91
CA ALA D 318 14.19 -35.90 9.62
C ALA D 318 13.12 -34.83 9.50
N GLY D 319 11.90 -35.27 9.19
CA GLY D 319 10.81 -34.38 8.83
C GLY D 319 10.15 -34.99 7.62
N ILE D 320 10.99 -35.40 6.67
CA ILE D 320 10.57 -36.20 5.54
C ILE D 320 10.10 -37.55 6.04
N PHE D 321 11.00 -38.28 6.69
CA PHE D 321 10.62 -39.48 7.44
C PHE D 321 10.22 -39.08 8.88
N ASP D 322 9.79 -40.05 9.67
CA ASP D 322 9.30 -39.80 11.03
C ASP D 322 10.38 -39.40 12.03
N HIS D 323 10.09 -38.37 12.82
CA HIS D 323 10.97 -37.94 13.89
C HIS D 323 11.01 -39.01 14.98
N GLY D 324 12.22 -39.42 15.35
CA GLY D 324 12.40 -40.53 16.28
C GLY D 324 13.06 -41.73 15.62
N ASP D 325 12.90 -41.84 14.30
CA ASP D 325 13.53 -42.90 13.50
C ASP D 325 14.88 -42.49 12.94
N ASN D 326 15.45 -41.43 13.51
CA ASN D 326 16.73 -40.84 13.08
C ASN D 326 17.89 -41.81 13.15
N ALA D 327 17.83 -42.68 14.15
CA ALA D 327 18.90 -43.65 14.44
C ALA D 327 19.02 -44.79 13.42
N LYS D 328 18.04 -44.90 12.51
CA LYS D 328 18.10 -45.86 11.40
C LYS D 328 19.25 -45.60 10.42
N GLN D 329 19.75 -44.36 10.38
CA GLN D 329 20.83 -43.99 9.47
C GLN D 329 22.19 -44.59 9.86
N PHE D 330 22.33 -44.93 11.14
CA PHE D 330 23.57 -45.55 11.64
C PHE D 330 23.96 -46.83 10.88
N ALA D 331 22.97 -47.69 10.63
CA ALA D 331 23.16 -48.94 9.90
C ALA D 331 23.66 -48.68 8.48
N TYR D 332 23.07 -47.67 7.84
CA TYR D 332 23.45 -47.22 6.49
C TYR D 332 24.84 -46.61 6.49
N MET D 333 25.21 -46.04 7.62
CA MET D 333 26.48 -45.34 7.76
C MET D 333 27.67 -46.30 7.81
N VAL D 334 27.49 -47.44 8.50
CA VAL D 334 28.55 -48.45 8.58
C VAL D 334 28.67 -49.25 7.28
N GLU D 335 27.52 -49.50 6.66
CA GLU D 335 27.40 -50.23 5.41
C GLU D 335 28.10 -49.50 4.27
N TRP D 336 28.14 -48.18 4.34
CA TRP D 336 28.78 -47.40 3.29
C TRP D 336 30.18 -46.89 3.66
N GLY D 337 30.88 -47.61 4.53
CA GLY D 337 32.32 -47.41 4.69
C GLY D 337 32.86 -46.86 6.01
N MET D 338 31.97 -46.61 6.96
CA MET D 338 32.39 -46.16 8.28
C MET D 338 32.42 -47.33 9.26
N THR D 339 33.35 -47.29 10.21
CA THR D 339 33.36 -48.23 11.33
C THR D 339 32.22 -47.82 12.27
N PRO D 340 31.59 -48.79 12.97
CA PRO D 340 30.63 -48.42 14.03
C PRO D 340 31.05 -47.25 14.94
N LEU D 341 32.33 -47.21 15.33
CA LEU D 341 32.83 -46.08 16.13
C LEU D 341 32.74 -44.76 15.37
N GLU D 342 33.16 -44.78 14.10
CA GLU D 342 33.15 -43.58 13.25
C GLU D 342 31.76 -43.00 13.03
N ALA D 343 30.76 -43.88 12.95
CA ALA D 343 29.38 -43.46 12.76
C ALA D 343 28.81 -42.79 14.01
N ILE D 344 29.23 -43.26 15.18
CA ILE D 344 28.79 -42.65 16.43
C ILE D 344 29.59 -41.37 16.68
N GLN D 345 30.84 -41.34 16.21
CA GLN D 345 31.67 -40.13 16.30
C GLN D 345 31.10 -39.01 15.44
N ALA D 346 30.54 -39.39 14.29
CA ALA D 346 29.87 -38.45 13.38
C ALA D 346 28.63 -37.82 14.01
N SER D 347 28.06 -38.51 15.00
CA SER D 347 26.84 -38.10 15.66
C SER D 347 27.09 -37.46 17.04
N THR D 348 28.36 -37.33 17.40
CA THR D 348 28.72 -36.81 18.73
C THR D 348 29.80 -35.74 18.66
N ILE D 349 31.07 -36.15 18.52
CA ILE D 349 32.19 -35.21 18.55
C ILE D 349 32.29 -34.37 17.29
N LYS D 350 31.92 -34.97 16.15
CA LYS D 350 31.98 -34.31 14.87
C LYS D 350 30.91 -33.23 14.78
N THR D 351 29.69 -33.59 15.17
CA THR D 351 28.58 -32.65 15.22
C THR D 351 28.82 -31.49 16.18
N ALA D 352 29.33 -31.80 17.37
CA ALA D 352 29.64 -30.79 18.38
C ALA D 352 30.57 -29.66 17.86
N THR D 353 31.59 -30.04 17.08
CA THR D 353 32.49 -29.05 16.47
C THR D 353 31.77 -28.25 15.41
N LEU D 354 31.00 -28.94 14.57
CA LEU D 354 30.19 -28.31 13.54
C LEU D 354 29.23 -27.30 14.18
N PHE D 355 28.56 -27.72 15.25
CA PHE D 355 27.59 -26.89 15.95
C PHE D 355 28.27 -25.72 16.64
N GLY D 356 29.56 -25.85 16.92
CA GLY D 356 30.33 -24.82 17.61
C GLY D 356 30.00 -24.74 19.09
N ILE D 357 29.58 -25.88 19.65
CA ILE D 357 29.29 -25.99 21.08
C ILE D 357 30.32 -26.87 21.77
N GLU D 358 30.99 -26.31 22.77
CA GLU D 358 31.90 -27.08 23.61
C GLU D 358 31.16 -27.69 24.80
N ASN D 359 31.82 -28.63 25.47
CA ASN D 359 31.28 -29.34 26.64
C ASN D 359 30.09 -30.25 26.35
N ILE D 360 29.98 -30.72 25.11
CA ILE D 360 29.01 -31.78 24.76
C ILE D 360 29.66 -32.85 23.90
N GLY D 361 28.97 -33.97 23.73
CA GLY D 361 29.41 -35.03 22.81
C GLY D 361 30.42 -36.03 23.35
N GLN D 362 30.86 -35.84 24.59
CA GLN D 362 31.80 -36.75 25.23
C GLN D 362 31.36 -37.01 26.66
N ILE D 363 31.48 -38.27 27.09
CA ILE D 363 31.39 -38.59 28.51
C ILE D 363 32.76 -38.27 29.15
N LYS D 364 32.85 -37.06 29.69
CA LYS D 364 34.10 -36.50 30.21
C LYS D 364 33.75 -35.53 31.35
N GLU D 365 34.72 -35.28 32.22
CA GLU D 365 34.50 -34.40 33.37
C GLU D 365 34.43 -32.94 32.95
N GLY D 366 33.40 -32.24 33.42
CA GLY D 366 33.16 -30.85 33.04
C GLY D 366 32.11 -30.70 31.95
N PHE D 367 32.01 -31.72 31.10
CA PHE D 367 31.06 -31.78 30.00
C PHE D 367 29.62 -31.91 30.50
N ASP D 368 28.67 -31.46 29.68
CA ASP D 368 27.24 -31.58 29.99
C ASP D 368 26.77 -33.02 30.10
N ALA D 369 25.84 -33.26 31.01
CA ALA D 369 25.34 -34.59 31.31
C ALA D 369 24.27 -35.06 30.31
N ASP D 370 24.67 -35.13 29.04
CA ASP D 370 23.81 -35.62 27.97
C ASP D 370 24.24 -37.05 27.69
N ILE D 371 23.51 -37.99 28.29
CA ILE D 371 23.92 -39.39 28.34
C ILE D 371 22.81 -40.35 27.92
N VAL D 372 23.18 -41.28 27.04
CA VAL D 372 22.24 -42.28 26.52
C VAL D 372 22.66 -43.69 26.91
N GLY D 373 21.73 -44.41 27.53
CA GLY D 373 21.96 -45.81 27.86
C GLY D 373 21.37 -46.74 26.82
N VAL D 374 22.17 -47.72 26.40
CA VAL D 374 21.78 -48.65 25.35
C VAL D 374 22.06 -50.13 25.72
N ILE D 375 21.22 -51.05 25.21
CA ILE D 375 21.22 -52.47 25.62
C ILE D 375 22.50 -53.24 25.28
N GLU D 376 22.78 -53.38 24.00
CA GLU D 376 23.95 -54.11 23.53
C GLU D 376 25.11 -53.15 23.33
N ASN D 377 26.25 -53.70 22.90
CA ASN D 377 27.38 -52.88 22.56
C ASN D 377 27.21 -52.29 21.17
N PRO D 378 27.29 -50.95 21.06
CA PRO D 378 27.07 -50.24 19.80
C PRO D 378 28.16 -50.47 18.76
N LEU D 379 29.38 -50.80 19.22
CA LEU D 379 30.46 -51.14 18.30
C LEU D 379 30.33 -52.56 17.76
N ALA D 380 29.60 -53.40 18.50
CA ALA D 380 29.29 -54.77 18.06
C ALA D 380 28.09 -54.73 17.13
N ASN D 381 26.97 -54.23 17.65
CA ASN D 381 25.75 -54.03 16.88
C ASN D 381 25.31 -52.57 17.00
N ILE D 382 25.40 -51.83 15.90
CA ILE D 382 25.07 -50.41 15.90
C ILE D 382 23.55 -50.16 15.89
N ARG D 383 22.78 -51.17 15.49
CA ARG D 383 21.34 -51.07 15.44
C ARG D 383 20.63 -51.08 16.80
N THR D 384 21.42 -51.07 17.89
CA THR D 384 20.87 -50.90 19.23
C THR D 384 20.48 -49.44 19.46
N LEU D 385 21.14 -48.55 18.72
CA LEU D 385 20.85 -47.13 18.76
C LEU D 385 19.43 -46.82 18.27
N GLU D 386 18.90 -47.70 17.43
CA GLU D 386 17.52 -47.62 16.94
C GLU D 386 16.47 -47.86 18.03
N GLU D 387 16.89 -48.42 19.16
CA GLU D 387 16.03 -48.54 20.34
C GLU D 387 16.81 -48.36 21.65
N VAL D 388 16.95 -47.11 22.06
CA VAL D 388 17.66 -46.75 23.29
C VAL D 388 16.76 -47.01 24.51
N ALA D 389 17.39 -47.25 25.66
CA ALA D 389 16.65 -47.62 26.87
C ALA D 389 16.76 -46.57 27.98
N PHE D 390 17.78 -45.72 27.88
CA PHE D 390 17.97 -44.68 28.87
C PHE D 390 18.36 -43.38 28.19
N VAL D 391 17.64 -42.29 28.52
CA VAL D 391 18.00 -40.96 28.03
C VAL D 391 18.10 -39.96 29.18
N MET D 392 19.28 -39.38 29.32
CA MET D 392 19.47 -38.26 30.23
C MET D 392 19.94 -37.04 29.45
N LYS D 393 19.22 -35.92 29.60
CA LYS D 393 19.62 -34.64 29.01
C LYS D 393 19.82 -33.58 30.08
N GLU D 394 21.01 -32.99 30.10
CA GLU D 394 21.43 -31.96 31.07
C GLU D 394 21.19 -32.37 32.53
N GLY D 395 21.52 -33.63 32.82
CA GLY D 395 21.36 -34.19 34.17
C GLY D 395 19.94 -34.56 34.57
N LYS D 396 19.02 -34.60 33.62
CA LYS D 396 17.64 -34.99 33.91
C LYS D 396 17.31 -36.26 33.14
N VAL D 397 16.70 -37.21 33.82
CA VAL D 397 16.33 -38.46 33.18
C VAL D 397 14.98 -38.33 32.50
N TYR D 398 14.94 -38.58 31.19
CA TYR D 398 13.69 -38.49 30.42
C TYR D 398 13.17 -39.85 29.99
N LYS D 399 14.04 -40.87 29.99
CA LYS D 399 13.64 -42.22 29.59
C LYS D 399 14.25 -43.34 30.44
N ARG D 400 13.38 -44.23 30.92
CA ARG D 400 13.77 -45.49 31.56
C ARG D 400 12.76 -46.59 31.28
N ASP E 7 25.46 45.25 28.89
CA ASP E 7 26.89 44.89 29.15
C ASP E 7 27.08 44.42 30.59
N PHE E 8 28.10 43.59 30.81
CA PHE E 8 28.40 43.07 32.15
C PHE E 8 29.90 43.11 32.44
N LEU E 9 30.25 43.60 33.64
CA LEU E 9 31.62 43.57 34.12
C LEU E 9 31.72 42.55 35.26
N ILE E 10 32.45 41.47 35.05
CA ILE E 10 32.51 40.41 36.05
C ILE E 10 33.71 40.56 36.98
N LYS E 11 33.41 40.84 38.24
CA LYS E 11 34.42 40.86 39.31
C LYS E 11 34.53 39.46 39.90
N SER E 12 35.62 38.79 39.56
CA SER E 12 35.83 37.40 39.91
C SER E 12 37.06 37.25 40.79
N LYS E 13 37.15 36.11 41.46
CA LYS E 13 38.36 35.72 42.19
C LYS E 13 39.55 35.58 41.23
N GLY E 14 39.28 34.99 40.07
CA GLY E 14 40.27 34.80 39.00
C GLY E 14 39.73 33.80 38.01
N TYR E 15 40.28 33.80 36.79
CA TYR E 15 39.79 32.87 35.77
C TYR E 15 40.83 31.86 35.26
N LEU E 16 40.37 30.64 34.99
CA LEU E 16 41.21 29.60 34.44
C LEU E 16 41.48 29.86 32.97
N ASP E 17 42.76 30.06 32.65
CA ASP E 17 43.23 30.04 31.27
C ASP E 17 43.46 28.58 30.95
N ILE E 18 42.54 28.01 30.19
CA ILE E 18 42.46 26.56 29.95
C ILE E 18 43.70 25.97 29.25
N GLN E 19 44.40 26.82 28.49
CA GLN E 19 45.61 26.44 27.78
C GLN E 19 46.76 26.21 28.76
N THR E 20 47.15 27.29 29.46
CA THR E 20 48.29 27.30 30.37
C THR E 20 47.99 26.57 31.69
N GLY E 21 46.77 26.77 32.20
CA GLY E 21 46.36 26.15 33.46
C GLY E 21 46.41 27.12 34.63
N GLU E 22 46.99 28.30 34.38
CA GLU E 22 47.12 29.31 35.41
C GLU E 22 45.81 30.04 35.64
N ILE E 23 45.61 30.48 36.88
CA ILE E 23 44.43 31.24 37.24
C ILE E 23 44.82 32.71 37.25
N ILE E 24 44.58 33.38 36.12
CA ILE E 24 44.85 34.80 35.98
C ILE E 24 43.77 35.60 36.72
N LYS E 25 44.20 36.61 37.48
CA LYS E 25 43.26 37.48 38.17
C LYS E 25 42.98 38.73 37.34
N ALA E 26 41.74 38.84 36.86
CA ALA E 26 41.32 39.93 35.97
C ALA E 26 39.82 40.20 36.05
N ASP E 27 39.38 41.30 35.46
CA ASP E 27 37.95 41.55 35.27
C ASP E 27 37.57 41.09 33.87
N LEU E 28 36.30 40.73 33.68
CA LEU E 28 35.80 40.33 32.38
C LEU E 28 34.67 41.25 31.92
N LEU E 29 34.86 41.88 30.77
CA LEU E 29 33.82 42.68 30.14
C LEU E 29 33.09 41.86 29.08
N ILE E 30 31.77 41.80 29.20
CA ILE E 30 30.92 41.03 28.30
C ILE E 30 30.07 42.00 27.49
N ARG E 31 30.13 41.89 26.16
CA ARG E 31 29.17 42.59 25.30
C ARG E 31 28.76 41.80 24.06
N ASN E 32 27.46 41.84 23.77
CA ASN E 32 26.82 41.07 22.70
C ASN E 32 27.15 39.57 22.64
N GLY E 33 27.20 38.94 23.81
CA GLY E 33 27.41 37.51 23.92
C GLY E 33 28.84 37.04 23.73
N LYS E 34 29.79 37.98 23.72
CA LYS E 34 31.21 37.64 23.64
C LYS E 34 31.96 38.21 24.82
N ILE E 35 33.17 37.72 25.04
CA ILE E 35 34.09 38.32 26.00
C ILE E 35 34.80 39.48 25.29
N ALA E 36 34.46 40.70 25.69
CA ALA E 36 34.99 41.90 25.03
C ALA E 36 36.43 42.21 25.42
N GLU E 37 36.69 42.35 26.72
CA GLU E 37 38.04 42.65 27.22
C GLU E 37 38.39 41.83 28.45
N ILE E 38 39.68 41.53 28.61
CA ILE E 38 40.22 40.83 29.77
C ILE E 38 41.36 41.64 30.41
N GLY E 39 41.24 41.94 31.71
CA GLY E 39 42.30 42.62 32.45
C GLY E 39 41.74 43.72 33.33
N LYS E 40 42.50 44.79 33.49
CA LYS E 40 41.95 46.01 34.07
C LYS E 40 41.38 46.85 32.94
N ILE E 41 40.05 46.87 32.87
CA ILE E 41 39.34 47.55 31.80
C ILE E 41 38.69 48.82 32.33
N ASN E 42 38.69 49.85 31.49
CA ASN E 42 37.96 51.10 31.70
C ASN E 42 36.47 50.83 31.99
N THR E 43 36.13 50.83 33.28
CA THR E 43 34.77 50.51 33.78
C THR E 43 33.74 51.56 33.31
N LYS E 44 33.17 51.32 32.14
CA LYS E 44 32.46 52.37 31.41
C LYS E 44 30.97 52.29 31.66
N ASP E 45 30.30 51.35 31.00
CA ASP E 45 29.02 51.60 30.36
C ASP E 45 27.86 51.07 31.20
N ALA E 46 27.79 49.76 31.33
CA ALA E 46 26.71 49.12 32.08
C ALA E 46 27.27 48.23 33.19
N THR E 47 26.49 47.23 33.59
CA THR E 47 26.38 46.86 34.99
C THR E 47 27.53 45.94 35.41
N VAL E 48 27.58 45.63 36.71
CA VAL E 48 28.69 44.85 37.26
C VAL E 48 28.20 43.60 38.00
N ILE E 49 28.74 42.44 37.60
CA ILE E 49 28.50 41.19 38.35
C ILE E 49 29.63 40.98 39.37
N SER E 50 29.30 41.23 40.63
CA SER E 50 30.25 41.08 41.72
C SER E 50 30.08 39.71 42.36
N ILE E 51 30.99 38.79 42.06
CA ILE E 51 31.01 37.47 42.69
C ILE E 51 32.45 36.90 42.81
N PRO E 52 33.22 37.45 43.78
CA PRO E 52 34.67 37.29 43.82
C PRO E 52 35.16 36.12 44.69
N ASP E 53 34.27 35.17 44.96
CA ASP E 53 34.64 33.94 45.66
C ASP E 53 34.71 32.82 44.64
N LEU E 54 34.49 33.20 43.38
CA LEU E 54 34.34 32.23 42.31
C LEU E 54 35.48 32.25 41.29
N ILE E 55 36.07 31.07 41.06
CA ILE E 55 37.02 30.86 39.97
C ILE E 55 36.24 30.59 38.69
N LEU E 56 36.56 31.33 37.64
CA LEU E 56 35.80 31.28 36.39
C LEU E 56 36.42 30.41 35.30
N ILE E 57 35.65 29.42 34.85
CA ILE E 57 36.10 28.50 33.81
C ILE E 57 35.27 28.71 32.54
N PRO E 58 35.74 28.22 31.38
CA PRO E 58 34.85 28.22 30.21
C PRO E 58 33.69 27.23 30.37
N GLY E 59 32.57 27.53 29.72
CA GLY E 59 31.38 26.66 29.76
C GLY E 59 31.72 25.23 29.41
N LEU E 60 31.22 24.29 30.21
CA LEU E 60 31.54 22.89 30.02
C LEU E 60 30.80 22.24 28.85
N MET E 61 31.37 21.16 28.32
CA MET E 61 30.79 20.49 27.17
C MET E 61 30.70 18.99 27.35
N ASP E 62 29.60 18.42 26.86
CA ASP E 62 29.42 16.96 26.85
C ASP E 62 29.30 16.51 25.39
N SER E 63 30.11 15.52 25.01
CA SER E 63 30.15 15.07 23.63
C SER E 63 29.24 13.87 23.35
N HIS E 64 28.46 13.46 24.36
CA HIS E 64 27.60 12.30 24.25
C HIS E 64 26.43 12.40 25.23
N VAL E 65 25.34 13.02 24.82
CA VAL E 65 24.12 13.11 25.64
C VAL E 65 22.89 12.64 24.88
N HIS E 66 21.83 12.35 25.62
CA HIS E 66 20.54 12.00 25.06
C HIS E 66 19.46 12.78 25.80
N ILE E 67 19.39 14.08 25.50
CA ILE E 67 18.52 15.01 26.19
C ILE E 67 17.04 14.72 25.93
N VAL E 68 16.69 14.49 24.67
CA VAL E 68 15.32 14.14 24.32
C VAL E 68 15.11 12.62 24.42
N GLY E 69 14.08 12.25 25.18
CA GLY E 69 13.70 10.86 25.42
C GLY E 69 12.84 10.76 26.67
N ASN E 70 11.96 9.77 26.72
CA ASN E 70 11.03 9.58 27.84
C ASN E 70 11.70 9.05 29.12
N ASP E 71 11.70 9.87 30.17
CA ASP E 71 12.28 9.47 31.47
C ASP E 71 11.22 8.97 32.45
N SER E 72 9.96 9.02 32.05
CA SER E 72 8.89 8.45 32.87
C SER E 72 8.98 6.93 32.91
N LYS E 73 8.82 6.37 34.10
CA LYS E 73 8.94 4.93 34.30
C LYS E 73 7.61 4.34 34.77
N GLY E 74 7.57 3.02 34.94
CA GLY E 74 6.38 2.35 35.44
C GLY E 74 5.37 2.02 34.37
N GLU E 75 4.28 1.37 34.79
CA GLU E 75 3.25 0.85 33.90
C GLU E 75 2.46 1.96 33.22
N GLU E 76 2.33 3.08 33.93
CA GLU E 76 1.56 4.24 33.47
C GLU E 76 2.14 4.92 32.23
N SER E 77 3.42 4.66 31.93
CA SER E 77 4.10 5.31 30.83
C SER E 77 4.29 4.41 29.62
N ILE E 78 3.66 3.24 29.63
CA ILE E 78 3.92 2.20 28.62
C ILE E 78 3.46 2.56 27.20
N ALA E 79 2.36 3.30 27.09
CA ALA E 79 1.79 3.65 25.81
C ALA E 79 1.94 5.14 25.50
N ASP E 80 2.93 5.77 26.14
CA ASP E 80 3.23 7.20 25.94
C ASP E 80 3.59 7.46 24.48
N SER E 81 3.13 8.59 23.96
CA SER E 81 3.53 9.01 22.61
C SER E 81 4.94 9.59 22.65
N SER E 82 5.50 9.84 21.46
CA SER E 82 6.86 10.33 21.33
C SER E 82 7.02 11.76 21.82
N HIS E 83 5.89 12.44 21.99
CA HIS E 83 5.88 13.81 22.46
C HIS E 83 6.25 13.93 23.93
N MET E 84 6.02 12.85 24.68
CA MET E 84 6.44 12.77 26.08
C MET E 84 7.95 12.94 26.17
N GLY E 85 8.66 12.32 25.23
CA GLY E 85 10.12 12.44 25.13
C GLY E 85 10.59 13.85 24.85
N THR E 86 9.76 14.61 24.13
CA THR E 86 10.05 16.00 23.81
C THR E 86 9.85 16.88 25.04
N VAL E 87 8.79 16.59 25.81
CA VAL E 87 8.50 17.30 27.05
C VAL E 87 9.70 17.16 27.99
N TRP E 88 10.13 15.91 28.16
CA TRP E 88 11.29 15.56 28.97
C TRP E 88 12.57 16.22 28.47
N GLY E 89 12.64 16.41 27.16
CA GLY E 89 13.74 17.12 26.52
C GLY E 89 13.85 18.55 27.00
N VAL E 90 12.71 19.20 27.20
CA VAL E 90 12.69 20.60 27.65
C VAL E 90 13.25 20.68 29.07
N VAL E 91 12.74 19.80 29.93
CA VAL E 91 13.21 19.67 31.33
C VAL E 91 14.71 19.41 31.40
N ASN E 92 15.18 18.41 30.65
CA ASN E 92 16.57 17.98 30.68
C ASN E 92 17.56 18.97 30.05
N ALA E 93 17.08 19.78 29.13
CA ALA E 93 17.91 20.82 28.54
C ALA E 93 18.24 21.89 29.58
N GLU E 94 17.24 22.27 30.38
CA GLU E 94 17.47 23.23 31.46
C GLU E 94 18.44 22.66 32.51
N LYS E 95 18.19 21.43 32.95
CA LYS E 95 19.03 20.73 33.93
C LYS E 95 20.50 20.63 33.51
N THR E 96 20.72 20.52 32.20
CA THR E 96 22.05 20.44 31.63
C THR E 96 22.74 21.80 31.65
N LEU E 97 22.00 22.86 31.32
CA LEU E 97 22.55 24.20 31.30
C LEU E 97 22.85 24.67 32.71
N MET E 98 21.91 24.40 33.63
CA MET E 98 22.06 24.76 35.04
C MET E 98 23.20 24.02 35.74
N ALA E 99 23.67 22.94 35.13
CA ALA E 99 24.82 22.17 35.62
C ALA E 99 26.14 22.71 35.06
N GLY E 100 26.07 23.77 34.27
CA GLY E 100 27.26 24.44 33.73
C GLY E 100 27.72 23.97 32.37
N PHE E 101 26.87 23.21 31.69
CA PHE E 101 27.18 22.71 30.36
C PHE E 101 26.46 23.56 29.32
N THR E 102 27.26 24.27 28.51
CA THR E 102 26.72 25.30 27.61
C THR E 102 26.67 24.87 26.15
N THR E 103 27.44 23.84 25.81
CA THR E 103 27.39 23.25 24.48
C THR E 103 27.47 21.74 24.61
N VAL E 104 26.46 21.04 24.10
CA VAL E 104 26.48 19.58 24.14
C VAL E 104 26.22 18.95 22.78
N ARG E 105 26.66 17.70 22.63
CA ARG E 105 26.40 16.95 21.42
C ARG E 105 25.37 15.86 21.72
N ASN E 106 24.14 16.08 21.24
CA ASN E 106 23.08 15.09 21.33
C ASN E 106 23.30 14.04 20.26
N VAL E 107 23.26 12.78 20.65
CA VAL E 107 23.88 11.76 19.81
C VAL E 107 22.93 10.62 19.38
N GLY E 108 21.64 10.79 19.67
CA GLY E 108 20.65 9.81 19.20
C GLY E 108 19.26 10.08 19.70
N ALA E 109 18.36 10.48 18.79
CA ALA E 109 16.96 10.75 19.11
C ALA E 109 16.06 10.48 17.92
N ALA E 110 14.79 10.17 18.18
CA ALA E 110 13.84 9.86 17.12
C ALA E 110 13.00 11.06 16.68
N ASN E 111 12.52 10.98 15.43
CA ASN E 111 11.52 11.90 14.85
C ASN E 111 11.96 13.35 14.70
N TYR E 112 13.27 13.58 14.76
CA TYR E 112 13.87 14.92 14.67
C TYR E 112 13.42 15.86 15.77
N ALA E 113 13.00 15.28 16.90
CA ALA E 113 12.58 16.04 18.07
C ALA E 113 13.79 16.75 18.66
N ASP E 114 14.98 16.18 18.44
CA ASP E 114 16.24 16.78 18.84
C ASP E 114 16.53 18.06 18.08
N VAL E 115 16.14 18.13 16.82
CA VAL E 115 16.30 19.38 16.08
C VAL E 115 15.30 20.45 16.57
N SER E 116 14.12 19.99 16.99
CA SER E 116 13.09 20.88 17.50
C SER E 116 13.51 21.49 18.82
N VAL E 117 14.06 20.67 19.71
CA VAL E 117 14.52 21.14 21.03
C VAL E 117 15.69 22.11 20.85
N ARG E 118 16.63 21.73 19.98
CA ARG E 118 17.78 22.57 19.63
C ARG E 118 17.34 23.95 19.09
N ASP E 119 16.41 23.93 18.16
CA ASP E 119 15.94 25.15 17.51
C ASP E 119 15.20 26.04 18.49
N ALA E 120 14.40 25.42 19.36
CA ALA E 120 13.67 26.14 20.39
C ALA E 120 14.63 26.87 21.35
N ILE E 121 15.70 26.20 21.76
CA ILE E 121 16.77 26.81 22.55
C ILE E 121 17.39 27.99 21.81
N GLU E 122 17.77 27.74 20.57
CA GLU E 122 18.41 28.72 19.69
C GLU E 122 17.53 29.96 19.48
N ARG E 123 16.21 29.75 19.37
CA ARG E 123 15.24 30.83 19.20
C ARG E 123 14.92 31.55 20.52
N GLY E 124 15.42 31.02 21.64
CA GLY E 124 15.16 31.57 22.96
C GLY E 124 13.81 31.23 23.55
N VAL E 125 13.17 30.17 23.04
CA VAL E 125 11.86 29.72 23.50
C VAL E 125 12.02 29.02 24.84
N ILE E 126 13.08 28.22 24.96
CA ILE E 126 13.40 27.53 26.21
C ILE E 126 14.88 27.73 26.54
N ASN E 127 15.24 27.46 27.78
CA ASN E 127 16.63 27.56 28.19
C ASN E 127 17.30 26.21 28.07
N GLY E 128 18.55 26.24 27.65
CA GLY E 128 19.36 25.02 27.58
C GLY E 128 20.69 25.30 26.90
N PRO E 129 21.53 24.25 26.75
CA PRO E 129 22.78 24.42 26.05
C PRO E 129 22.57 24.50 24.54
N THR E 130 23.56 25.01 23.82
CA THR E 130 23.61 24.86 22.38
C THR E 130 23.81 23.38 22.07
N MET E 131 22.87 22.80 21.35
CA MET E 131 22.91 21.38 21.04
C MET E 131 23.39 21.14 19.60
N LEU E 132 24.31 20.20 19.43
CA LEU E 132 24.61 19.68 18.11
C LEU E 132 23.94 18.33 18.02
N VAL E 133 23.03 18.18 17.07
CA VAL E 133 22.14 17.01 17.04
C VAL E 133 22.40 16.08 15.85
N SER E 134 22.11 14.81 16.05
CA SER E 134 22.45 13.79 15.08
C SER E 134 21.27 13.32 14.23
N GLY E 135 20.06 13.57 14.70
CA GLY E 135 18.88 12.92 14.17
C GLY E 135 18.92 11.44 14.57
N PRO E 136 18.10 10.60 13.92
CA PRO E 136 18.14 9.17 14.18
C PRO E 136 19.51 8.59 13.87
N ALA E 137 20.00 7.75 14.77
CA ALA E 137 21.26 7.05 14.55
C ALA E 137 21.06 5.99 13.47
N LEU E 138 22.07 5.77 12.64
CA LEU E 138 21.96 4.77 11.57
C LEU E 138 22.47 3.43 12.07
N GLY E 139 21.76 2.35 11.73
CA GLY E 139 22.17 1.03 12.18
C GLY E 139 21.70 -0.04 11.24
N ILE E 140 22.25 -1.23 11.38
CA ILE E 140 21.79 -2.37 10.61
C ILE E 140 20.50 -2.94 11.19
N THR E 141 19.82 -3.76 10.38
CA THR E 141 18.65 -4.50 10.83
C THR E 141 19.08 -5.35 12.02
N GLY E 142 18.38 -5.16 13.13
CA GLY E 142 18.66 -5.89 14.37
C GLY E 142 19.89 -5.42 15.13
N GLY E 143 20.46 -4.29 14.72
CA GLY E 143 21.64 -3.75 15.38
C GLY E 143 21.36 -3.08 16.71
N HIS E 144 22.38 -2.48 17.30
CA HIS E 144 22.24 -1.73 18.55
C HIS E 144 21.32 -0.51 18.38
N CYS E 145 21.40 0.11 17.21
CA CYS E 145 20.56 1.25 16.85
C CYS E 145 19.12 0.86 16.52
N ASP E 146 18.88 -0.41 16.19
CA ASP E 146 17.54 -0.92 15.94
C ASP E 146 16.86 -1.29 17.28
N HIS E 147 15.54 -1.24 17.29
CA HIS E 147 14.74 -1.57 18.48
C HIS E 147 14.27 -3.02 18.38
N ASN E 148 14.91 -3.90 19.16
CA ASN E 148 14.63 -5.36 19.12
C ASN E 148 13.73 -5.84 20.26
N LEU E 149 12.66 -5.10 20.53
CA LEU E 149 11.79 -5.41 21.68
C LEU E 149 10.42 -5.94 21.29
N LEU E 150 10.10 -5.91 19.99
CA LEU E 150 8.81 -6.39 19.49
C LEU E 150 8.93 -7.76 18.81
N PRO E 151 7.86 -8.58 18.88
CA PRO E 151 7.73 -9.85 18.12
C PRO E 151 7.91 -9.67 16.60
N PRO E 152 8.33 -10.74 15.90
CA PRO E 152 8.56 -10.63 14.47
C PRO E 152 7.30 -10.34 13.63
N GLU E 153 6.13 -10.66 14.18
CA GLU E 153 4.85 -10.39 13.53
C GLU E 153 4.65 -8.91 13.25
N PHE E 154 5.21 -8.06 14.12
CA PHE E 154 5.16 -6.61 13.95
C PHE E 154 6.05 -6.13 12.82
N ASN E 155 7.14 -6.87 12.57
CA ASN E 155 8.18 -6.51 11.61
C ASN E 155 8.66 -5.06 11.74
N TYR E 156 8.90 -4.65 12.98
CA TYR E 156 9.23 -3.27 13.26
C TYR E 156 10.73 -3.05 13.17
N SER E 157 11.14 -2.09 12.33
CA SER E 157 12.49 -1.55 12.39
C SER E 157 12.41 -0.05 12.65
N SER E 158 13.34 0.45 13.45
CA SER E 158 13.35 1.86 13.82
C SER E 158 13.82 2.76 12.67
N GLU E 159 13.73 4.06 12.92
CA GLU E 159 13.85 5.12 11.92
C GLU E 159 15.13 5.09 11.09
N GLY E 160 16.26 4.81 11.74
CA GLY E 160 17.56 4.91 11.10
C GLY E 160 18.14 3.61 10.55
N VAL E 161 17.32 2.57 10.46
CA VAL E 161 17.80 1.28 9.98
C VAL E 161 18.11 1.26 8.47
N VAL E 162 19.37 1.02 8.14
CA VAL E 162 19.83 0.95 6.75
C VAL E 162 20.65 -0.33 6.52
N ASP E 163 20.60 -0.88 5.31
CA ASP E 163 21.24 -2.16 5.03
C ASP E 163 21.97 -2.28 3.68
N SER E 164 22.40 -1.14 3.14
CA SER E 164 23.21 -1.09 1.94
C SER E 164 23.87 0.29 1.95
N PRO E 165 25.04 0.44 1.29
CA PRO E 165 25.73 1.74 1.20
C PRO E 165 24.86 2.87 0.66
N TRP E 166 24.01 2.57 -0.32
CA TRP E 166 23.15 3.61 -0.90
C TRP E 166 21.96 3.97 -0.02
N GLU E 167 21.49 3.01 0.76
CA GLU E 167 20.44 3.26 1.74
C GLU E 167 20.98 4.17 2.83
N ALA E 168 22.21 3.84 3.26
CA ALA E 168 22.94 4.55 4.30
C ALA E 168 23.21 5.99 3.87
N ARG E 169 23.63 6.13 2.62
CA ARG E 169 23.89 7.42 2.01
C ARG E 169 22.62 8.28 2.02
N LYS E 170 21.50 7.65 1.68
CA LYS E 170 20.20 8.32 1.60
C LYS E 170 19.72 8.79 2.97
N MET E 171 19.96 7.97 3.99
CA MET E 171 19.59 8.30 5.36
C MET E 171 20.43 9.45 5.92
N VAL E 172 21.70 9.52 5.52
CA VAL E 172 22.55 10.67 5.83
C VAL E 172 21.92 11.91 5.21
N ARG E 173 21.56 11.82 3.93
CA ARG E 173 20.94 12.92 3.19
C ARG E 173 19.62 13.35 3.80
N LYS E 174 18.86 12.38 4.29
CA LYS E 174 17.57 12.63 4.92
C LYS E 174 17.74 13.33 6.27
N ASN E 175 18.73 12.90 7.06
CA ASN E 175 19.01 13.53 8.34
C ASN E 175 19.43 14.97 8.16
N ARG E 176 20.26 15.22 7.14
CA ARG E 176 20.69 16.58 6.85
C ARG E 176 19.51 17.42 6.40
N LYS E 177 18.65 16.83 5.58
CA LYS E 177 17.45 17.50 5.05
C LYS E 177 16.57 18.04 6.17
N TYR E 178 16.42 17.25 7.23
CA TYR E 178 15.61 17.64 8.37
C TYR E 178 16.42 18.25 9.55
N GLY E 179 17.66 18.65 9.26
CA GLY E 179 18.41 19.55 10.12
C GLY E 179 19.46 18.98 11.07
N ALA E 180 19.95 17.76 10.80
CA ALA E 180 21.01 17.18 11.63
C ALA E 180 22.32 17.93 11.47
N ASP E 181 23.13 17.97 12.53
CA ASP E 181 24.44 18.63 12.47
C ASP E 181 25.54 17.61 12.20
N LEU E 182 25.35 16.42 12.73
CA LEU E 182 26.31 15.33 12.59
C LEU E 182 25.54 14.05 12.28
N ILE E 183 26.28 12.97 12.05
CA ILE E 183 25.69 11.67 11.81
C ILE E 183 26.26 10.74 12.86
N KCX E 184 25.42 9.91 13.45
CA KCX E 184 25.88 8.89 14.37
CB KCX E 184 25.31 9.16 15.75
CG KCX E 184 26.02 8.43 16.86
CD KCX E 184 25.27 7.21 17.32
CE KCX E 184 25.93 6.71 18.57
NZ KCX E 184 24.90 6.19 19.49
C KCX E 184 25.48 7.51 13.88
O KCX E 184 24.38 7.34 13.34
CX KCX E 184 25.28 5.70 20.66
OQ1 KCX E 184 26.49 5.66 20.97
OQ2 KCX E 184 24.44 5.25 21.46
N PHE E 185 26.36 6.53 14.06
CA PHE E 185 26.03 5.15 13.71
C PHE E 185 26.56 4.08 14.68
N CYS E 186 25.89 2.93 14.72
CA CYS E 186 26.30 1.79 15.54
C CYS E 186 27.24 0.87 14.76
N ALA E 187 28.51 0.83 15.18
CA ALA E 187 29.53 -0.02 14.53
C ALA E 187 29.69 -1.38 15.20
N THR E 188 29.21 -1.51 16.43
CA THR E 188 29.16 -2.79 17.15
C THR E 188 27.81 -2.93 17.83
N GLY E 189 27.63 -4.02 18.57
CA GLY E 189 26.49 -4.16 19.47
C GLY E 189 26.71 -3.34 20.74
N GLY E 190 25.66 -3.21 21.54
CA GLY E 190 25.74 -2.40 22.75
C GLY E 190 25.18 -3.01 24.02
N VAL E 191 25.37 -2.29 25.12
CA VAL E 191 24.96 -2.73 26.46
C VAL E 191 23.45 -2.65 26.66
N MET E 192 22.88 -1.47 26.37
CA MET E 192 21.48 -1.18 26.68
C MET E 192 20.40 -1.81 25.76
N SER E 193 20.82 -2.33 24.61
CA SER E 193 19.89 -2.95 23.66
C SER E 193 19.71 -4.44 23.90
N ARG E 194 18.58 -4.97 23.42
CA ARG E 194 18.27 -6.38 23.51
C ARG E 194 18.78 -7.10 22.25
N ASN E 195 19.37 -8.28 22.44
CA ASN E 195 19.88 -9.15 21.36
C ASN E 195 20.97 -8.50 20.49
N THR E 196 22.02 -7.99 21.13
CA THR E 196 23.20 -7.49 20.41
C THR E 196 24.49 -7.99 21.03
N ASP E 197 25.42 -8.41 20.18
CA ASP E 197 26.73 -8.87 20.62
C ASP E 197 27.66 -7.68 20.61
N VAL E 198 28.12 -7.32 21.81
CA VAL E 198 29.02 -6.19 22.05
C VAL E 198 30.36 -6.27 21.29
N ASN E 199 30.83 -7.50 21.06
CA ASN E 199 32.10 -7.72 20.40
C ASN E 199 32.03 -7.85 18.88
N ALA E 200 30.84 -8.20 18.38
CA ALA E 200 30.59 -8.32 16.93
C ALA E 200 30.50 -6.96 16.25
N LYS E 201 31.09 -6.85 15.07
CA LYS E 201 30.99 -5.65 14.24
C LYS E 201 29.59 -5.61 13.60
N GLN E 202 28.99 -4.43 13.54
CA GLN E 202 27.77 -4.21 12.76
C GLN E 202 28.09 -3.22 11.65
N PHE E 203 27.52 -3.45 10.47
CA PHE E 203 27.88 -2.78 9.19
C PHE E 203 29.12 -3.42 8.56
N THR E 204 29.12 -3.49 7.24
CA THR E 204 30.32 -3.81 6.48
C THR E 204 31.16 -2.53 6.44
N LEU E 205 32.44 -2.67 6.12
CA LEU E 205 33.31 -1.50 5.98
C LEU E 205 32.83 -0.58 4.85
N GLU E 206 32.33 -1.18 3.77
CA GLU E 206 31.80 -0.45 2.61
C GLU E 206 30.63 0.45 3.00
N GLU E 207 29.72 -0.09 3.82
CA GLU E 207 28.62 0.68 4.38
C GLU E 207 29.12 1.83 5.24
N MET E 208 30.07 1.53 6.13
CA MET E 208 30.66 2.55 7.03
C MET E 208 31.32 3.67 6.25
N LYS E 209 32.07 3.30 5.21
CA LYS E 209 32.78 4.26 4.38
C LYS E 209 31.81 5.17 3.64
N ALA E 210 30.70 4.59 3.16
CA ALA E 210 29.63 5.35 2.52
C ALA E 210 29.02 6.39 3.46
N ILE E 211 28.75 5.97 4.69
CA ILE E 211 28.18 6.87 5.70
C ILE E 211 29.11 8.05 5.92
N VAL E 212 30.39 7.75 6.14
CA VAL E 212 31.40 8.76 6.44
C VAL E 212 31.64 9.70 5.27
N ASP E 213 31.76 9.14 4.07
CA ASP E 213 32.01 9.91 2.86
C ASP E 213 30.89 10.92 2.58
N GLU E 214 29.64 10.46 2.69
CA GLU E 214 28.48 11.30 2.43
C GLU E 214 28.35 12.41 3.45
N ALA E 215 28.58 12.06 4.72
CA ALA E 215 28.47 13.02 5.81
C ALA E 215 29.51 14.10 5.66
N HIS E 216 30.75 13.69 5.36
CA HIS E 216 31.85 14.65 5.20
C HIS E 216 31.67 15.54 3.98
N ASN E 217 31.07 14.97 2.94
CA ASN E 217 30.70 15.70 1.74
C ASN E 217 29.79 16.88 2.09
N HIS E 218 28.93 16.71 3.09
CA HIS E 218 28.05 17.80 3.53
C HIS E 218 28.61 18.63 4.68
N GLY E 219 29.85 18.34 5.08
CA GLY E 219 30.48 19.03 6.20
C GLY E 219 29.95 18.63 7.56
N MET E 220 29.41 17.42 7.64
CA MET E 220 28.93 16.85 8.91
C MET E 220 30.00 15.92 9.46
N LYS E 221 30.13 15.88 10.78
CA LYS E 221 31.08 14.98 11.42
C LYS E 221 30.41 13.66 11.77
N VAL E 222 31.19 12.60 11.96
CA VAL E 222 30.61 11.29 12.19
C VAL E 222 31.06 10.69 13.51
N ALA E 223 30.09 10.30 14.34
CA ALA E 223 30.38 9.55 15.55
C ALA E 223 29.97 8.09 15.35
N ALA E 224 30.78 7.17 15.87
CA ALA E 224 30.47 5.76 15.79
C ALA E 224 30.46 5.10 17.17
N HIS E 225 29.30 4.56 17.55
CA HIS E 225 29.16 3.72 18.73
C HIS E 225 29.94 2.44 18.46
N ALA E 226 30.95 2.16 19.29
CA ALA E 226 31.70 0.92 19.15
C ALA E 226 32.34 0.44 20.44
N HIS E 227 31.86 -0.70 20.94
CA HIS E 227 32.46 -1.35 22.10
C HIS E 227 33.54 -2.33 21.66
N GLY E 228 33.14 -3.34 20.89
CA GLY E 228 34.06 -4.38 20.39
C GLY E 228 35.21 -3.86 19.54
N LEU E 229 36.38 -4.47 19.71
CA LEU E 229 37.62 -4.04 19.06
C LEU E 229 37.54 -4.00 17.53
N ILE E 230 37.00 -5.08 16.96
CA ILE E 230 36.90 -5.27 15.50
C ILE E 230 36.07 -4.16 14.81
N GLY E 231 35.07 -3.64 15.52
CA GLY E 231 34.27 -2.53 15.04
C GLY E 231 34.98 -1.19 15.19
N ILE E 232 35.78 -1.05 16.26
CA ILE E 232 36.53 0.19 16.50
C ILE E 232 37.54 0.40 15.38
N LYS E 233 38.23 -0.69 15.01
CA LYS E 233 39.19 -0.72 13.90
C LYS E 233 38.53 -0.23 12.62
N ALA E 234 37.39 -0.86 12.31
CA ALA E 234 36.63 -0.56 11.10
C ALA E 234 36.16 0.90 11.05
N ALA E 235 35.62 1.41 12.16
CA ALA E 235 35.13 2.78 12.23
C ALA E 235 36.25 3.80 12.01
N ILE E 236 37.43 3.55 12.58
CA ILE E 236 38.59 4.42 12.36
C ILE E 236 39.02 4.36 10.90
N LYS E 237 39.08 3.13 10.37
CA LYS E 237 39.48 2.88 8.99
C LYS E 237 38.53 3.54 8.00
N ALA E 238 37.24 3.58 8.34
CA ALA E 238 36.22 4.26 7.53
C ALA E 238 36.37 5.77 7.57
N GLY E 239 36.95 6.30 8.64
CA GLY E 239 37.27 7.72 8.73
C GLY E 239 36.36 8.55 9.60
N VAL E 240 35.82 7.96 10.68
CA VAL E 240 34.96 8.69 11.61
C VAL E 240 35.73 9.76 12.38
N ASP E 241 35.01 10.77 12.87
CA ASP E 241 35.66 11.84 13.63
C ASP E 241 35.78 11.49 15.10
N SER E 242 34.90 10.60 15.56
CA SER E 242 34.97 10.11 16.94
C SER E 242 34.42 8.70 17.07
N VAL E 243 35.01 7.96 18.00
CA VAL E 243 34.48 6.66 18.40
C VAL E 243 33.91 6.78 19.82
N GLU E 244 32.61 6.54 19.94
CA GLU E 244 31.95 6.55 21.24
C GLU E 244 32.27 5.25 21.96
N HIS E 245 32.40 5.36 23.28
CA HIS E 245 32.71 4.23 24.19
C HIS E 245 34.14 3.69 24.05
N ALA E 246 34.46 3.10 22.88
CA ALA E 246 35.80 2.57 22.56
C ALA E 246 36.32 1.61 23.62
N SER E 247 35.44 0.75 24.12
CA SER E 247 35.67 -0.01 25.33
C SER E 247 36.78 -1.05 25.28
N PHE E 248 36.99 -1.67 24.12
CA PHE E 248 38.05 -2.67 23.99
C PHE E 248 39.15 -2.24 23.03
N ILE E 249 39.55 -0.98 23.11
CA ILE E 249 40.60 -0.44 22.24
C ILE E 249 42.02 -0.85 22.70
N ASP E 250 42.76 -1.49 21.80
CA ASP E 250 44.09 -2.00 22.12
C ASP E 250 45.19 -1.03 21.66
N ASP E 251 46.44 -1.37 21.97
CA ASP E 251 47.61 -0.54 21.67
C ASP E 251 47.72 -0.11 20.20
N GLU E 252 47.52 -1.09 19.30
CA GLU E 252 47.68 -0.90 17.86
C GLU E 252 46.68 0.08 17.30
N THR E 253 45.44 -0.01 17.77
CA THR E 253 44.36 0.80 17.21
C THR E 253 44.20 2.14 17.91
N ILE E 254 44.80 2.27 19.09
CA ILE E 254 44.98 3.57 19.74
C ILE E 254 45.90 4.41 18.85
N ASP E 255 46.96 3.78 18.35
CA ASP E 255 47.90 4.41 17.43
C ASP E 255 47.26 4.78 16.09
N MET E 256 46.36 3.92 15.61
CA MET E 256 45.55 4.20 14.41
C MET E 256 44.74 5.49 14.59
N ALA E 257 44.09 5.60 15.76
CA ALA E 257 43.30 6.78 16.11
C ALA E 257 44.13 8.05 16.20
N ILE E 258 45.33 7.93 16.80
CA ILE E 258 46.27 9.06 16.91
C ILE E 258 46.70 9.55 15.53
N LYS E 259 47.04 8.60 14.66
CA LYS E 259 47.45 8.88 13.28
C LYS E 259 46.35 9.57 12.46
N ASN E 260 45.09 9.19 12.71
CA ASN E 260 43.96 9.64 11.92
C ASN E 260 43.18 10.82 12.48
N ASN E 261 43.60 11.32 13.64
CA ASN E 261 42.86 12.32 14.44
C ASN E 261 41.46 11.89 14.89
N THR E 262 41.29 10.60 15.10
CA THR E 262 40.03 10.06 15.59
C THR E 262 39.96 10.29 17.09
N VAL E 263 38.97 11.07 17.50
CA VAL E 263 38.72 11.34 18.91
C VAL E 263 38.04 10.14 19.59
N LEU E 264 38.45 9.86 20.83
CA LEU E 264 37.85 8.79 21.60
C LEU E 264 36.93 9.41 22.65
N SER E 265 35.62 9.32 22.41
CA SER E 265 34.63 9.83 23.36
C SER E 265 34.19 8.71 24.31
N MET E 266 34.83 8.67 25.49
CA MET E 266 34.70 7.52 26.41
C MET E 266 33.92 7.86 27.69
N ASP E 267 32.92 7.04 28.00
CA ASP E 267 32.00 7.29 29.10
C ASP E 267 32.29 6.37 30.27
N ILE E 268 33.30 6.73 31.05
CA ILE E 268 33.81 5.87 32.12
C ILE E 268 32.96 5.87 33.40
N PHE E 269 32.24 6.97 33.64
CA PHE E 269 31.39 7.11 34.83
C PHE E 269 30.14 6.22 34.84
N VAL E 270 29.39 6.25 33.72
CA VAL E 270 28.04 5.67 33.63
C VAL E 270 27.93 4.18 33.99
N SER E 271 29.05 3.46 33.90
CA SER E 271 29.12 2.04 34.26
C SER E 271 28.77 1.76 35.73
N ASP E 272 29.13 2.70 36.59
CA ASP E 272 28.82 2.61 38.03
C ASP E 272 27.34 2.84 38.33
N TYR E 273 26.69 3.69 37.52
CA TYR E 273 25.26 3.92 37.63
C TYR E 273 24.48 2.68 37.21
N ILE E 274 24.89 2.06 36.11
CA ILE E 274 24.17 0.90 35.56
C ILE E 274 24.20 -0.30 36.51
N LEU E 275 25.40 -0.64 37.00
CA LEU E 275 25.58 -1.78 37.90
C LEU E 275 25.00 -1.52 39.29
N GLY E 276 25.04 -0.27 39.73
CA GLY E 276 24.52 0.12 41.05
C GLY E 276 23.06 0.55 41.04
N GLU E 277 22.83 1.83 40.74
CA GLU E 277 21.50 2.46 40.79
C GLU E 277 20.54 1.92 39.74
N GLY E 278 21.08 1.56 38.57
CA GLY E 278 20.28 1.15 37.43
C GLY E 278 19.75 -0.27 37.52
N ALA E 279 20.39 -1.10 38.35
CA ALA E 279 20.02 -2.51 38.51
C ALA E 279 18.62 -2.69 39.07
N LYS E 280 18.20 -1.76 39.93
CA LYS E 280 16.86 -1.77 40.51
C LYS E 280 15.94 -0.76 39.80
N ALA E 281 16.53 0.12 38.98
CA ALA E 281 15.78 1.15 38.27
C ALA E 281 14.92 0.62 37.10
N GLY E 282 15.28 -0.55 36.60
CA GLY E 282 14.53 -1.19 35.52
C GLY E 282 15.35 -1.65 34.32
N ILE E 283 16.68 -1.61 34.47
CA ILE E 283 17.60 -2.09 33.43
C ILE E 283 17.61 -3.63 33.42
N ARG E 284 17.41 -4.18 32.22
CA ARG E 284 17.25 -5.63 32.00
C ARG E 284 18.48 -6.46 32.42
N GLU E 285 18.24 -7.74 32.68
CA GLU E 285 19.27 -8.68 33.14
C GLU E 285 20.36 -8.95 32.08
N GLU E 286 19.95 -8.96 30.81
CA GLU E 286 20.85 -9.15 29.67
C GLU E 286 21.79 -7.94 29.50
N SER E 287 21.28 -6.76 29.82
CA SER E 287 22.04 -5.50 29.75
C SER E 287 23.09 -5.39 30.85
N LEU E 288 22.74 -5.87 32.05
CA LEU E 288 23.64 -5.84 33.20
C LEU E 288 24.84 -6.78 33.05
N ASN E 289 24.60 -7.94 32.41
CA ASN E 289 25.66 -8.89 32.08
C ASN E 289 26.63 -8.35 31.05
N LYS E 290 26.10 -7.62 30.06
CA LYS E 290 26.91 -6.97 29.03
C LYS E 290 27.65 -5.76 29.58
N GLU E 291 27.13 -5.17 30.66
CA GLU E 291 27.80 -4.05 31.31
C GLU E 291 29.03 -4.53 32.08
N ARG E 292 28.94 -5.72 32.67
CA ARG E 292 30.05 -6.32 33.40
C ARG E 292 31.21 -6.70 32.48
N LEU E 293 30.90 -7.05 31.23
CA LEU E 293 31.91 -7.32 30.20
C LEU E 293 32.64 -6.05 29.77
N VAL E 294 31.95 -4.91 29.83
CA VAL E 294 32.41 -3.67 29.24
C VAL E 294 33.09 -2.74 30.25
N GLY E 295 32.43 -2.55 31.40
CA GLY E 295 32.75 -1.49 32.37
C GLY E 295 34.17 -1.35 32.87
N LYS E 296 34.65 -2.37 33.59
CA LYS E 296 36.00 -2.40 34.17
C LYS E 296 37.10 -2.28 33.11
N LYS E 297 36.91 -2.99 32.00
CA LYS E 297 37.89 -3.03 30.92
C LYS E 297 38.02 -1.70 30.15
N GLN E 298 36.94 -0.92 30.13
CA GLN E 298 36.90 0.36 29.41
C GLN E 298 37.78 1.42 30.05
N ARG E 299 37.75 1.51 31.38
CA ARG E 299 38.52 2.52 32.11
C ARG E 299 40.03 2.22 32.12
N GLU E 300 40.37 0.93 32.10
CA GLU E 300 41.75 0.48 31.93
C GLU E 300 42.28 0.93 30.58
N ASN E 301 41.46 0.74 29.55
CA ASN E 301 41.77 1.17 28.20
C ASN E 301 41.75 2.69 28.01
N PHE E 302 40.93 3.38 28.79
CA PHE E 302 40.88 4.84 28.81
C PHE E 302 42.23 5.40 29.26
N MET E 303 42.75 4.81 30.33
CA MET E 303 44.03 5.19 30.93
C MET E 303 45.19 4.95 29.96
N ASN E 304 45.18 3.79 29.32
CA ASN E 304 46.20 3.43 28.34
C ASN E 304 46.18 4.35 27.11
N ALA E 305 44.98 4.67 26.62
CA ALA E 305 44.80 5.53 25.45
C ALA E 305 45.24 6.97 25.69
N HIS E 306 44.97 7.48 26.88
CA HIS E 306 45.42 8.82 27.26
C HIS E 306 46.94 8.88 27.29
N ARG E 307 47.54 7.85 27.84
CA ARG E 307 48.97 7.80 27.99
C ARG E 307 49.63 7.78 26.64
N ARG E 308 49.16 6.89 25.79
CA ARG E 308 49.75 6.70 24.46
C ARG E 308 49.62 7.94 23.57
N GLY E 309 48.73 8.85 23.95
CA GLY E 309 48.62 10.15 23.30
C GLY E 309 47.37 10.40 22.46
N ALA E 310 46.31 9.64 22.71
CA ALA E 310 45.07 9.78 21.95
C ALA E 310 44.17 10.87 22.51
N ILE E 311 43.54 11.62 21.61
CA ILE E 311 42.58 12.69 21.99
C ILE E 311 41.29 12.08 22.55
N ILE E 312 41.00 12.39 23.81
CA ILE E 312 39.81 11.90 24.49
C ILE E 312 38.94 13.07 24.93
N THR E 313 37.67 13.03 24.54
CA THR E 313 36.72 14.07 24.95
C THR E 313 35.80 13.63 26.09
N PHE E 314 35.13 14.62 26.69
CA PHE E 314 34.21 14.40 27.78
C PHE E 314 32.83 14.04 27.23
N GLY E 315 32.51 12.75 27.26
CA GLY E 315 31.19 12.26 26.87
C GLY E 315 30.72 11.31 27.95
N THR E 316 29.50 11.51 28.44
CA THR E 316 29.06 10.80 29.65
C THR E 316 27.99 9.74 29.44
N ASP E 317 27.28 9.82 28.32
CA ASP E 317 26.06 9.07 28.07
C ASP E 317 24.96 9.44 29.06
N ALA E 318 24.79 10.75 29.27
CA ALA E 318 23.71 11.31 30.08
C ALA E 318 22.38 11.02 29.42
N GLY E 319 21.43 10.52 30.21
CA GLY E 319 20.17 10.00 29.69
C GLY E 319 19.92 8.67 30.37
N ILE E 320 20.99 7.88 30.44
CA ILE E 320 21.02 6.66 31.24
C ILE E 320 20.94 7.08 32.71
N PHE E 321 21.94 7.83 33.16
CA PHE E 321 21.88 8.51 34.44
C PHE E 321 21.19 9.87 34.26
N ASP E 322 20.94 10.57 35.37
CA ASP E 322 20.21 11.84 35.35
C ASP E 322 20.97 12.97 34.67
N HIS E 323 20.25 13.74 33.86
CA HIS E 323 20.80 14.94 33.25
C HIS E 323 21.03 15.98 34.33
N GLY E 324 22.24 16.53 34.36
CA GLY E 324 22.64 17.48 35.39
C GLY E 324 23.78 16.92 36.21
N ASP E 325 23.76 15.60 36.38
CA ASP E 325 24.83 14.90 37.10
C ASP E 325 26.03 14.59 36.21
N ASN E 326 26.16 15.31 35.10
CA ASN E 326 27.19 15.04 34.09
C ASN E 326 28.59 15.24 34.63
N ALA E 327 28.72 16.23 35.52
CA ALA E 327 30.03 16.62 36.06
C ALA E 327 30.68 15.59 37.00
N LYS E 328 29.88 14.60 37.42
CA LYS E 328 30.37 13.48 38.24
C LYS E 328 31.49 12.67 37.58
N GLN E 329 31.59 12.75 36.25
CA GLN E 329 32.61 12.03 35.49
C GLN E 329 34.02 12.63 35.68
N PHE E 330 34.10 13.91 36.02
CA PHE E 330 35.39 14.57 36.21
C PHE E 330 36.27 13.87 37.25
N ALA E 331 35.66 13.49 38.37
CA ALA E 331 36.35 12.76 39.44
C ALA E 331 36.92 11.43 38.92
N TYR E 332 36.13 10.73 38.12
CA TYR E 332 36.52 9.44 37.52
C TYR E 332 37.62 9.65 36.49
N MET E 333 37.63 10.83 35.89
CA MET E 333 38.56 11.14 34.82
C MET E 333 39.97 11.35 35.35
N VAL E 334 40.09 12.04 36.49
CA VAL E 334 41.39 12.26 37.12
C VAL E 334 41.94 11.01 37.78
N GLU E 335 41.03 10.20 38.32
CA GLU E 335 41.32 8.93 38.98
C GLU E 335 41.91 7.91 38.01
N TRP E 336 41.54 8.01 36.74
CA TRP E 336 42.04 7.09 35.73
C TRP E 336 43.12 7.67 34.80
N GLY E 337 43.91 8.59 35.31
CA GLY E 337 45.15 8.98 34.62
C GLY E 337 45.27 10.37 34.05
N MET E 338 44.23 11.19 34.19
CA MET E 338 44.26 12.57 33.72
C MET E 338 44.59 13.52 34.86
N THR E 339 45.23 14.64 34.54
CA THR E 339 45.39 15.72 35.52
C THR E 339 44.06 16.47 35.57
N PRO E 340 43.71 17.09 36.72
CA PRO E 340 42.54 17.98 36.77
C PRO E 340 42.43 18.96 35.59
N LEU E 341 43.54 19.57 35.18
CA LEU E 341 43.55 20.41 33.99
C LEU E 341 43.14 19.63 32.73
N GLU E 342 43.73 18.45 32.54
CA GLU E 342 43.44 17.60 31.37
C GLU E 342 41.99 17.15 31.26
N ALA E 343 41.36 16.91 32.41
CA ALA E 343 39.94 16.56 32.47
C ALA E 343 39.03 17.72 32.07
N ILE E 344 39.41 18.93 32.47
CA ILE E 344 38.62 20.12 32.10
C ILE E 344 38.90 20.49 30.65
N GLN E 345 40.12 20.19 30.19
CA GLN E 345 40.50 20.40 28.79
C GLN E 345 39.70 19.49 27.87
N ALA E 346 39.42 18.28 28.34
CA ALA E 346 38.60 17.31 27.62
C ALA E 346 37.14 17.75 27.47
N SER E 347 36.71 18.68 28.31
CA SER E 347 35.34 19.14 28.33
C SER E 347 35.20 20.55 27.77
N THR E 348 36.30 21.09 27.25
CA THR E 348 36.30 22.48 26.77
C THR E 348 36.94 22.61 25.38
N ILE E 349 38.27 22.61 25.34
CA ILE E 349 39.02 22.83 24.09
C ILE E 349 38.99 21.61 23.18
N LYS E 350 39.06 20.43 23.77
CA LYS E 350 39.06 19.17 23.04
C LYS E 350 37.71 18.93 22.37
N THR E 351 36.63 19.17 23.11
CA THR E 351 35.27 19.04 22.59
C THR E 351 34.99 20.06 21.50
N ALA E 352 35.45 21.29 21.69
CA ALA E 352 35.25 22.37 20.71
C ALA E 352 35.77 22.01 19.32
N THR E 353 36.95 21.38 19.29
CA THR E 353 37.54 20.90 18.06
C THR E 353 36.72 19.75 17.49
N LEU E 354 36.37 18.79 18.35
CA LEU E 354 35.53 17.65 17.93
C LEU E 354 34.21 18.10 17.34
N PHE E 355 33.62 19.13 17.95
CA PHE E 355 32.33 19.66 17.53
C PHE E 355 32.48 20.47 16.27
N GLY E 356 33.70 20.93 16.01
CA GLY E 356 34.00 21.76 14.85
C GLY E 356 33.49 23.18 14.98
N ILE E 357 33.39 23.66 16.21
CA ILE E 357 32.93 25.02 16.47
C ILE E 357 34.08 25.85 17.01
N GLU E 358 34.31 26.98 16.37
CA GLU E 358 35.31 27.95 16.79
C GLU E 358 34.68 28.88 17.80
N ASN E 359 35.50 29.68 18.47
CA ASN E 359 35.03 30.74 19.39
C ASN E 359 34.33 30.29 20.65
N ILE E 360 34.51 29.03 21.03
CA ILE E 360 33.99 28.53 22.31
C ILE E 360 35.07 27.74 23.02
N GLY E 361 34.85 27.49 24.31
CA GLY E 361 35.74 26.62 25.08
C GLY E 361 36.93 27.27 25.74
N GLN E 362 37.10 28.57 25.49
CA GLN E 362 38.19 29.36 26.10
C GLN E 362 37.69 30.71 26.54
N ILE E 363 38.13 31.13 27.72
CA ILE E 363 37.97 32.52 28.14
C ILE E 363 39.05 33.36 27.46
N LYS E 364 38.67 33.94 26.33
CA LYS E 364 39.59 34.66 25.45
C LYS E 364 38.78 35.73 24.71
N GLU E 365 39.46 36.79 24.25
CA GLU E 365 38.79 37.88 23.54
C GLU E 365 38.31 37.45 22.16
N GLY E 366 37.07 37.81 21.83
CA GLY E 366 36.44 37.39 20.58
C GLY E 366 35.59 36.14 20.72
N PHE E 367 35.96 35.27 21.67
CA PHE E 367 35.25 34.02 21.94
C PHE E 367 33.88 34.30 22.57
N ASP E 368 32.96 33.33 22.43
CA ASP E 368 31.60 33.43 22.99
C ASP E 368 31.64 33.45 24.50
N ALA E 369 30.71 34.22 25.10
CA ALA E 369 30.62 34.38 26.54
C ALA E 369 29.91 33.21 27.24
N ASP E 370 30.50 32.02 27.11
CA ASP E 370 30.05 30.81 27.80
C ASP E 370 30.98 30.59 28.97
N ILE E 371 30.57 31.09 30.13
CA ILE E 371 31.43 31.17 31.32
C ILE E 371 30.75 30.58 32.55
N VAL E 372 31.50 29.75 33.26
CA VAL E 372 31.00 29.09 34.46
C VAL E 372 31.81 29.54 35.70
N GLY E 373 31.11 29.99 36.73
CA GLY E 373 31.72 30.33 38.00
C GLY E 373 31.61 29.19 39.01
N VAL E 374 32.73 28.91 39.66
CA VAL E 374 32.81 27.79 40.59
C VAL E 374 33.49 28.18 41.92
N ILE E 375 33.10 27.52 43.02
CA ILE E 375 33.51 27.92 44.39
C ILE E 375 35.01 27.78 44.67
N GLU E 376 35.49 26.54 44.68
CA GLU E 376 36.90 26.24 44.93
C GLU E 376 37.69 26.23 43.64
N ASN E 377 38.99 26.00 43.75
CA ASN E 377 39.83 25.85 42.58
C ASN E 377 39.65 24.44 42.00
N PRO E 378 39.31 24.36 40.70
CA PRO E 378 39.02 23.09 40.04
C PRO E 378 40.26 22.23 39.80
N LEU E 379 41.44 22.85 39.79
CA LEU E 379 42.69 22.11 39.68
C LEU E 379 43.09 21.53 41.04
N ALA E 380 42.65 22.18 42.12
CA ALA E 380 42.86 21.68 43.47
C ALA E 380 41.86 20.57 43.78
N ASN E 381 40.57 20.91 43.68
CA ASN E 381 39.47 19.96 43.82
C ASN E 381 38.55 20.01 42.58
N ILE E 382 38.58 18.96 41.78
CA ILE E 382 37.77 18.91 40.55
C ILE E 382 36.29 18.71 40.83
N ARG E 383 35.96 18.18 42.00
CA ARG E 383 34.57 17.88 42.34
C ARG E 383 33.72 19.12 42.62
N THR E 384 34.32 20.32 42.51
CA THR E 384 33.56 21.56 42.63
C THR E 384 32.66 21.73 41.43
N LEU E 385 33.08 21.13 40.32
CA LEU E 385 32.33 21.15 39.06
C LEU E 385 30.98 20.45 39.18
N GLU E 386 30.88 19.53 40.14
CA GLU E 386 29.62 18.86 40.46
C GLU E 386 28.57 19.79 41.10
N GLU E 387 29.00 20.95 41.58
CA GLU E 387 28.07 21.99 42.04
C GLU E 387 28.56 23.39 41.69
N VAL E 388 28.17 23.85 40.51
CA VAL E 388 28.58 25.16 40.02
C VAL E 388 27.67 26.24 40.60
N ALA E 389 28.19 27.46 40.71
CA ALA E 389 27.48 28.55 41.38
C ALA E 389 27.06 29.67 40.43
N PHE E 390 27.71 29.72 39.27
CA PHE E 390 27.42 30.75 38.28
C PHE E 390 27.46 30.13 36.88
N VAL E 391 26.42 30.38 36.09
CA VAL E 391 26.39 29.93 34.69
C VAL E 391 25.97 31.10 33.80
N MET E 392 26.84 31.44 32.85
CA MET E 392 26.51 32.39 31.80
C MET E 392 26.68 31.71 30.45
N LYS E 393 25.63 31.76 29.64
CA LYS E 393 25.68 31.24 28.26
C LYS E 393 25.32 32.33 27.27
N GLU E 394 26.26 32.58 26.36
CA GLU E 394 26.15 33.61 25.32
C GLU E 394 25.83 34.99 25.91
N GLY E 395 26.51 35.30 27.01
CA GLY E 395 26.39 36.60 27.66
C GLY E 395 25.16 36.82 28.53
N LYS E 396 24.40 35.76 28.73
CA LYS E 396 23.19 35.81 29.55
C LYS E 396 23.40 34.97 30.79
N VAL E 397 23.08 35.53 31.95
CA VAL E 397 23.25 34.82 33.21
C VAL E 397 22.03 33.93 33.48
N TYR E 398 22.27 32.64 33.68
CA TYR E 398 21.19 31.69 33.94
C TYR E 398 21.21 31.18 35.38
N LYS E 399 22.35 31.30 36.06
CA LYS E 399 22.48 30.81 37.44
C LYS E 399 23.32 31.73 38.34
N ARG E 400 22.77 32.03 39.53
CA ARG E 400 23.49 32.75 40.61
C ARG E 400 23.00 32.30 41.97
N GLU F 6 3.84 17.75 52.78
CA GLU F 6 3.73 19.15 53.31
C GLU F 6 2.29 19.53 53.65
N ASP F 7 2.11 20.19 54.79
CA ASP F 7 0.81 20.70 55.22
C ASP F 7 0.87 22.21 55.41
N PHE F 8 -0.14 22.91 54.88
CA PHE F 8 -0.14 24.38 54.94
C PHE F 8 -1.32 25.00 55.67
N LEU F 9 -1.03 26.09 56.38
CA LEU F 9 -2.05 26.89 57.04
C LEU F 9 -1.86 28.30 56.48
N ILE F 10 -2.87 28.76 55.74
CA ILE F 10 -2.74 30.01 55.00
C ILE F 10 -3.37 31.17 55.76
N LYS F 11 -2.53 32.09 56.24
CA LYS F 11 -3.01 33.30 56.93
C LYS F 11 -3.29 34.41 55.92
N SER F 12 -4.54 34.47 55.47
CA SER F 12 -4.98 35.34 54.38
C SER F 12 -5.66 36.63 54.85
N LYS F 13 -5.86 37.59 53.94
CA LYS F 13 -6.69 38.76 54.25
C LYS F 13 -8.16 38.39 54.31
N GLY F 14 -8.54 37.37 53.54
CA GLY F 14 -9.92 36.92 53.45
C GLY F 14 -10.09 36.12 52.18
N TYR F 15 -11.05 35.22 52.14
CA TYR F 15 -11.29 34.50 50.91
C TYR F 15 -12.66 34.83 50.35
N LEU F 16 -12.72 34.90 49.02
CA LEU F 16 -13.98 35.14 48.35
C LEU F 16 -14.83 33.89 48.33
N ASP F 17 -15.99 33.98 48.95
CA ASP F 17 -17.02 32.97 48.78
C ASP F 17 -17.58 33.19 47.39
N ILE F 18 -17.35 32.21 46.53
CA ILE F 18 -17.74 32.27 45.12
C ILE F 18 -19.25 32.11 44.91
N GLN F 19 -19.99 31.76 45.97
CA GLN F 19 -21.43 31.54 45.86
C GLN F 19 -22.22 32.78 46.23
N THR F 20 -21.85 33.39 47.35
CA THR F 20 -22.55 34.56 47.85
C THR F 20 -21.96 35.84 47.26
N GLY F 21 -20.65 35.85 47.08
CA GLY F 21 -19.96 37.02 46.60
C GLY F 21 -19.27 37.76 47.74
N GLU F 22 -19.33 37.18 48.92
CA GLU F 22 -18.79 37.84 50.12
C GLU F 22 -17.34 37.43 50.38
N ILE F 23 -16.58 38.34 51.00
CA ILE F 23 -15.24 38.01 51.45
C ILE F 23 -15.33 37.47 52.86
N ILE F 24 -15.01 36.20 53.01
CA ILE F 24 -15.08 35.53 54.31
C ILE F 24 -13.72 35.59 54.97
N LYS F 25 -13.70 35.98 56.24
CA LYS F 25 -12.47 36.10 57.01
C LYS F 25 -12.17 34.78 57.72
N ALA F 26 -11.28 33.98 57.14
CA ALA F 26 -10.92 32.68 57.72
C ALA F 26 -9.49 32.30 57.38
N ASP F 27 -9.03 31.19 57.96
CA ASP F 27 -7.78 30.57 57.56
C ASP F 27 -8.08 29.26 56.88
N LEU F 28 -7.14 28.80 56.06
CA LEU F 28 -7.34 27.57 55.31
C LEU F 28 -6.27 26.53 55.64
N LEU F 29 -6.75 25.34 56.03
CA LEU F 29 -5.85 24.23 56.30
C LEU F 29 -5.83 23.29 55.10
N ILE F 30 -4.62 23.06 54.59
CA ILE F 30 -4.39 22.31 53.37
C ILE F 30 -3.63 21.02 53.63
N ARG F 31 -4.27 19.89 53.36
CA ARG F 31 -3.60 18.60 53.40
C ARG F 31 -4.10 17.68 52.29
N ASN F 32 -3.17 16.90 51.73
CA ASN F 32 -3.42 15.98 50.60
C ASN F 32 -3.98 16.68 49.37
N GLY F 33 -3.51 17.89 49.09
CA GLY F 33 -3.99 18.68 47.95
C GLY F 33 -5.44 19.14 48.05
N LYS F 34 -6.02 19.04 49.26
CA LYS F 34 -7.37 19.48 49.55
C LYS F 34 -7.38 20.61 50.57
N ILE F 35 -8.49 21.35 50.59
CA ILE F 35 -8.82 22.22 51.70
C ILE F 35 -9.55 21.36 52.73
N ALA F 36 -8.85 21.01 53.81
CA ALA F 36 -9.38 20.16 54.86
C ALA F 36 -10.19 20.96 55.90
N GLU F 37 -9.69 22.13 56.27
CA GLU F 37 -10.35 22.96 57.26
C GLU F 37 -10.38 24.45 56.89
N ILE F 38 -11.55 25.06 57.09
CA ILE F 38 -11.72 26.51 56.94
C ILE F 38 -12.13 27.11 58.29
N GLY F 39 -11.44 28.17 58.72
CA GLY F 39 -11.83 28.90 59.91
C GLY F 39 -10.68 29.29 60.81
N LYS F 40 -10.97 29.49 62.09
CA LYS F 40 -9.92 29.61 63.11
C LYS F 40 -9.46 28.20 63.42
N ILE F 41 -8.41 27.78 62.73
CA ILE F 41 -7.83 26.47 63.02
C ILE F 41 -6.58 26.67 63.86
N ASN F 42 -6.48 25.89 64.93
CA ASN F 42 -5.27 25.88 65.75
C ASN F 42 -4.07 25.32 65.01
N THR F 43 -2.99 26.10 64.95
CA THR F 43 -1.92 25.87 64.00
C THR F 43 -1.19 24.55 64.30
N LYS F 44 -1.68 23.46 63.71
CA LYS F 44 -1.41 22.13 64.23
C LYS F 44 0.00 21.67 63.83
N ASP F 45 0.16 21.30 62.57
CA ASP F 45 1.05 20.21 62.19
C ASP F 45 2.30 20.74 61.49
N ALA F 46 2.08 21.38 60.34
CA ALA F 46 3.19 21.85 59.51
C ALA F 46 3.05 23.33 59.19
N THR F 47 3.85 23.80 58.23
CA THR F 47 4.18 25.23 58.13
C THR F 47 3.06 26.18 57.74
N VAL F 48 3.31 27.47 57.95
CA VAL F 48 2.32 28.52 57.78
C VAL F 48 2.68 29.44 56.60
N ILE F 49 1.77 29.56 55.65
CA ILE F 49 1.89 30.58 54.60
C ILE F 49 1.19 31.84 55.12
N SER F 50 1.98 32.79 55.60
CA SER F 50 1.45 34.08 56.01
C SER F 50 1.29 34.96 54.78
N ILE F 51 0.06 35.18 54.34
CA ILE F 51 -0.17 36.00 53.16
C ILE F 51 -1.23 37.13 53.40
N PRO F 52 -0.90 38.08 54.30
CA PRO F 52 -1.89 38.90 55.00
C PRO F 52 -2.63 39.95 54.17
N ASP F 53 -2.09 40.32 53.01
CA ASP F 53 -2.66 41.40 52.20
C ASP F 53 -3.43 40.94 50.98
N LEU F 54 -3.45 39.63 50.76
CA LEU F 54 -4.05 39.07 49.56
C LEU F 54 -5.40 38.44 49.81
N ILE F 55 -6.39 38.82 49.00
CA ILE F 55 -7.70 38.14 48.98
C ILE F 55 -7.57 36.85 48.16
N LEU F 56 -8.11 35.77 48.69
CA LEU F 56 -8.01 34.45 48.06
C LEU F 56 -9.25 34.13 47.24
N ILE F 57 -9.05 33.59 46.04
CA ILE F 57 -10.15 33.18 45.17
C ILE F 57 -9.89 31.75 44.70
N PRO F 58 -10.93 31.03 44.24
CA PRO F 58 -10.63 29.71 43.66
C PRO F 58 -9.79 29.86 42.39
N GLY F 59 -8.96 28.87 42.10
CA GLY F 59 -8.18 28.81 40.87
C GLY F 59 -9.04 28.91 39.63
N LEU F 60 -8.60 29.74 38.69
CA LEU F 60 -9.40 30.10 37.51
C LEU F 60 -9.38 29.06 36.39
N MET F 61 -10.44 29.04 35.60
CA MET F 61 -10.57 28.06 34.55
C MET F 61 -10.81 28.69 33.18
N ASP F 62 -10.28 28.05 32.15
CA ASP F 62 -10.52 28.43 30.77
C ASP F 62 -11.08 27.21 30.04
N SER F 63 -12.25 27.38 29.42
CA SER F 63 -12.96 26.26 28.78
C SER F 63 -12.57 26.05 27.31
N HIS F 64 -11.67 26.90 26.82
CA HIS F 64 -11.27 26.89 25.43
C HIS F 64 -9.84 27.40 25.29
N VAL F 65 -8.88 26.49 25.36
CA VAL F 65 -7.47 26.81 25.08
C VAL F 65 -6.82 25.89 24.05
N HIS F 66 -5.70 26.34 23.52
CA HIS F 66 -4.88 25.57 22.60
C HIS F 66 -3.42 25.74 23.02
N ILE F 67 -3.07 25.03 24.09
CA ILE F 67 -1.77 25.13 24.74
C ILE F 67 -0.66 24.54 23.89
N VAL F 68 -0.94 23.38 23.29
CA VAL F 68 0.01 22.75 22.37
C VAL F 68 -0.25 23.20 20.92
N GLY F 69 0.81 23.66 20.26
CA GLY F 69 0.73 24.30 18.96
C GLY F 69 1.95 25.18 18.78
N ASN F 70 2.48 25.25 17.56
CA ASN F 70 3.71 25.97 17.28
C ASN F 70 3.47 27.48 17.26
N ASP F 71 4.12 28.20 18.18
CA ASP F 71 3.97 29.66 18.24
C ASP F 71 5.11 30.41 17.56
N SER F 72 6.05 29.66 16.97
CA SER F 72 7.15 30.28 16.23
C SER F 72 6.68 30.78 14.88
N LYS F 73 7.13 31.99 14.53
CA LYS F 73 6.70 32.65 13.30
C LYS F 73 7.87 32.87 12.35
N GLY F 74 7.57 33.34 11.14
CA GLY F 74 8.60 33.65 10.17
C GLY F 74 8.95 32.47 9.28
N GLU F 75 9.84 32.70 8.33
CA GLU F 75 10.21 31.72 7.31
C GLU F 75 10.97 30.54 7.90
N GLU F 76 11.76 30.83 8.94
CA GLU F 76 12.59 29.85 9.65
C GLU F 76 11.82 28.71 10.32
N SER F 77 10.50 28.88 10.47
CA SER F 77 9.64 27.93 11.16
C SER F 77 8.73 27.12 10.23
N ILE F 78 8.93 27.27 8.92
CA ILE F 78 8.01 26.71 7.93
C ILE F 78 8.02 25.16 7.88
N ALA F 79 9.17 24.56 8.11
CA ALA F 79 9.32 23.11 7.99
C ALA F 79 9.53 22.44 9.35
N ASP F 80 9.15 23.17 10.41
CA ASP F 80 9.18 22.68 11.79
C ASP F 80 8.35 21.43 11.96
N SER F 81 8.86 20.48 12.74
CA SER F 81 8.14 19.24 13.02
C SER F 81 7.06 19.52 14.06
N SER F 82 6.14 18.58 14.25
CA SER F 82 5.06 18.69 15.23
C SER F 82 5.60 18.77 16.66
N HIS F 83 6.82 18.29 16.87
CA HIS F 83 7.49 18.35 18.16
C HIS F 83 7.80 19.76 18.65
N MET F 84 7.91 20.72 17.73
CA MET F 84 8.05 22.12 18.10
C MET F 84 6.79 22.63 18.80
N GLY F 85 5.63 22.17 18.32
CA GLY F 85 4.35 22.47 18.96
C GLY F 85 4.21 21.92 20.37
N THR F 86 4.88 20.79 20.63
CA THR F 86 4.96 20.20 21.96
C THR F 86 5.90 20.99 22.89
N VAL F 87 7.04 21.43 22.36
CA VAL F 87 7.97 22.28 23.12
C VAL F 87 7.26 23.55 23.57
N TRP F 88 6.53 24.16 22.63
CA TRP F 88 5.72 25.33 22.93
C TRP F 88 4.65 25.05 23.97
N GLY F 89 4.07 23.84 23.90
CA GLY F 89 3.10 23.38 24.89
C GLY F 89 3.60 23.45 26.32
N VAL F 90 4.84 23.03 26.54
CA VAL F 90 5.48 23.11 27.86
C VAL F 90 5.57 24.56 28.34
N VAL F 91 6.05 25.44 27.47
CA VAL F 91 6.18 26.86 27.79
C VAL F 91 4.82 27.47 28.12
N ASN F 92 3.84 27.18 27.28
CA ASN F 92 2.49 27.74 27.42
C ASN F 92 1.69 27.20 28.59
N ALA F 93 2.00 25.97 29.01
CA ALA F 93 1.36 25.39 30.18
C ALA F 93 1.78 26.12 31.45
N GLU F 94 3.08 26.40 31.57
CA GLU F 94 3.59 27.20 32.68
C GLU F 94 2.98 28.60 32.72
N LYS F 95 2.99 29.30 31.59
CA LYS F 95 2.45 30.65 31.49
C LYS F 95 0.98 30.70 31.91
N THR F 96 0.22 29.67 31.54
CA THR F 96 -1.19 29.55 31.89
C THR F 96 -1.39 29.40 33.41
N LEU F 97 -0.63 28.50 34.02
CA LEU F 97 -0.65 28.29 35.47
C LEU F 97 -0.21 29.53 36.27
N MET F 98 0.89 30.16 35.87
CA MET F 98 1.40 31.37 36.55
C MET F 98 0.45 32.56 36.43
N ALA F 99 -0.48 32.49 35.48
CA ALA F 99 -1.52 33.51 35.33
C ALA F 99 -2.73 33.20 36.22
N GLY F 100 -2.64 32.11 36.98
CA GLY F 100 -3.67 31.76 37.94
C GLY F 100 -4.75 30.83 37.41
N PHE F 101 -4.48 30.17 36.30
CA PHE F 101 -5.43 29.22 35.75
C PHE F 101 -5.00 27.80 36.08
N THR F 102 -5.82 27.09 36.85
CA THR F 102 -5.39 25.83 37.45
C THR F 102 -6.03 24.60 36.83
N THR F 103 -7.14 24.81 36.14
CA THR F 103 -7.78 23.74 35.36
C THR F 103 -8.24 24.33 34.04
N VAL F 104 -7.76 23.78 32.93
CA VAL F 104 -8.18 24.29 31.61
C VAL F 104 -8.67 23.17 30.69
N ARG F 105 -9.49 23.55 29.71
CA ARG F 105 -9.94 22.59 28.70
C ARG F 105 -9.27 22.87 27.36
N ASN F 106 -8.26 22.06 27.02
CA ASN F 106 -7.61 22.12 25.71
C ASN F 106 -8.48 21.47 24.63
N VAL F 107 -8.74 22.21 23.57
CA VAL F 107 -9.90 21.90 22.78
C VAL F 107 -9.59 21.56 21.29
N GLY F 108 -8.31 21.41 20.98
CA GLY F 108 -7.91 20.91 19.66
C GLY F 108 -6.41 20.89 19.45
N ALA F 109 -5.86 19.70 19.28
CA ALA F 109 -4.43 19.51 19.05
C ALA F 109 -4.18 18.24 18.25
N ALA F 110 -3.02 18.16 17.58
CA ALA F 110 -2.68 17.00 16.74
C ALA F 110 -1.77 15.98 17.43
N ASN F 111 -1.87 14.73 16.96
CA ASN F 111 -0.94 13.63 17.34
C ASN F 111 -0.96 13.17 18.79
N TYR F 112 -2.00 13.57 19.53
CA TYR F 112 -2.16 13.25 20.95
C TYR F 112 -1.05 13.86 21.81
N ALA F 113 -0.43 14.92 21.28
CA ALA F 113 0.59 15.67 21.99
C ALA F 113 -0.02 16.40 23.18
N ASP F 114 -1.31 16.70 23.08
CA ASP F 114 -2.07 17.27 24.19
C ASP F 114 -2.16 16.31 25.36
N VAL F 115 -2.40 15.03 25.10
CA VAL F 115 -2.45 14.05 26.20
C VAL F 115 -1.07 13.87 26.82
N SER F 116 -0.03 14.03 26.01
CA SER F 116 1.34 13.92 26.48
C SER F 116 1.69 15.04 27.44
N VAL F 117 1.29 16.26 27.09
CA VAL F 117 1.55 17.43 27.94
C VAL F 117 0.72 17.33 29.21
N ARG F 118 -0.54 16.93 29.06
CA ARG F 118 -1.43 16.71 30.19
C ARG F 118 -0.87 15.70 31.18
N ASP F 119 -0.44 14.54 30.67
CA ASP F 119 0.15 13.50 31.51
C ASP F 119 1.46 13.91 32.15
N ALA F 120 2.28 14.67 31.43
CA ALA F 120 3.51 15.20 31.99
C ALA F 120 3.27 16.17 33.16
N ILE F 121 2.20 16.97 33.07
CA ILE F 121 1.81 17.86 34.16
C ILE F 121 1.35 17.02 35.34
N GLU F 122 0.47 16.06 35.06
CA GLU F 122 -0.10 15.15 36.04
C GLU F 122 0.97 14.36 36.79
N ARG F 123 2.03 13.96 36.09
CA ARG F 123 3.14 13.22 36.68
C ARG F 123 4.16 14.10 37.40
N GLY F 124 3.96 15.41 37.37
CA GLY F 124 4.90 16.34 37.98
C GLY F 124 6.21 16.50 37.24
N VAL F 125 6.22 16.18 35.95
CA VAL F 125 7.38 16.35 35.07
C VAL F 125 7.56 17.83 34.73
N ILE F 126 6.43 18.49 34.47
CA ILE F 126 6.40 19.93 34.18
C ILE F 126 5.29 20.58 34.98
N ASN F 127 5.37 21.90 35.14
CA ASN F 127 4.32 22.69 35.77
C ASN F 127 3.31 23.18 34.76
N GLY F 128 2.04 23.14 35.15
CA GLY F 128 0.96 23.63 34.30
C GLY F 128 -0.36 23.39 34.99
N PRO F 129 -1.46 23.83 34.38
CA PRO F 129 -2.78 23.52 34.92
C PRO F 129 -3.16 22.05 34.65
N THR F 130 -4.17 21.57 35.36
CA THR F 130 -4.78 20.31 34.99
C THR F 130 -5.51 20.56 33.67
N MET F 131 -5.12 19.79 32.66
CA MET F 131 -5.71 19.93 31.34
C MET F 131 -6.76 18.86 31.12
N LEU F 132 -7.89 19.26 30.53
CA LEU F 132 -8.82 18.30 29.98
C LEU F 132 -8.70 18.40 28.47
N VAL F 133 -8.27 17.31 27.84
CA VAL F 133 -7.88 17.36 26.44
C VAL F 133 -8.83 16.59 25.53
N SER F 134 -8.92 17.06 24.28
CA SER F 134 -9.91 16.56 23.32
C SER F 134 -9.34 15.60 22.29
N GLY F 135 -8.02 15.62 22.11
CA GLY F 135 -7.38 14.97 20.97
C GLY F 135 -7.64 15.78 19.70
N PRO F 136 -7.49 15.15 18.52
CA PRO F 136 -7.84 15.80 17.27
C PRO F 136 -9.33 16.07 17.18
N ALA F 137 -9.67 17.29 16.78
CA ALA F 137 -11.08 17.65 16.56
C ALA F 137 -11.64 16.92 15.34
N LEU F 138 -12.92 16.57 15.40
CA LEU F 138 -13.54 15.84 14.31
C LEU F 138 -14.18 16.82 13.35
N GLY F 139 -14.02 16.58 12.05
CA GLY F 139 -14.64 17.44 11.06
C GLY F 139 -14.90 16.70 9.78
N ILE F 140 -15.71 17.30 8.90
CA ILE F 140 -15.90 16.79 7.55
C ILE F 140 -14.70 17.14 6.68
N THR F 141 -14.63 16.47 5.53
CA THR F 141 -13.66 16.78 4.50
C THR F 141 -13.85 18.23 4.04
N GLY F 142 -12.80 19.02 4.20
CA GLY F 142 -12.82 20.42 3.78
C GLY F 142 -13.51 21.34 4.78
N GLY F 143 -13.80 20.83 5.97
CA GLY F 143 -14.39 21.63 7.04
C GLY F 143 -13.40 22.52 7.78
N HIS F 144 -13.88 23.23 8.79
CA HIS F 144 -13.05 24.10 9.63
C HIS F 144 -11.94 23.31 10.32
N CYS F 145 -12.27 22.09 10.72
CA CYS F 145 -11.36 21.19 11.44
C CYS F 145 -10.31 20.57 10.50
N ASP F 146 -10.63 20.53 9.20
CA ASP F 146 -9.68 20.09 8.17
C ASP F 146 -8.72 21.21 7.80
N HIS F 147 -7.53 20.85 7.33
CA HIS F 147 -6.57 21.86 6.88
C HIS F 147 -6.53 21.99 5.35
N ASN F 148 -7.05 23.12 4.88
CA ASN F 148 -7.24 23.37 3.44
C ASN F 148 -6.15 24.26 2.85
N LEU F 149 -4.90 24.00 3.20
CA LEU F 149 -3.78 24.86 2.81
C LEU F 149 -2.90 24.26 1.71
N LEU F 150 -3.13 22.98 1.40
CA LEU F 150 -2.33 22.27 0.40
C LEU F 150 -3.09 22.00 -0.89
N PRO F 151 -2.38 22.00 -2.05
CA PRO F 151 -2.92 21.67 -3.37
C PRO F 151 -3.61 20.30 -3.41
N PRO F 152 -4.56 20.11 -4.36
CA PRO F 152 -5.30 18.83 -4.44
C PRO F 152 -4.47 17.61 -4.80
N GLU F 153 -3.28 17.86 -5.34
CA GLU F 153 -2.34 16.80 -5.70
C GLU F 153 -1.86 16.05 -4.47
N PHE F 154 -1.73 16.76 -3.36
CA PHE F 154 -1.30 16.18 -2.10
C PHE F 154 -2.38 15.28 -1.48
N ASN F 155 -3.64 15.60 -1.76
CA ASN F 155 -4.81 14.93 -1.17
C ASN F 155 -4.75 14.82 0.36
N TYR F 156 -4.34 15.92 1.00
CA TYR F 156 -4.14 15.91 2.43
C TYR F 156 -5.44 16.20 3.17
N SER F 157 -5.82 15.28 4.05
CA SER F 157 -6.84 15.51 5.04
C SER F 157 -6.22 15.32 6.42
N SER F 158 -6.57 16.19 7.37
CA SER F 158 -6.01 16.13 8.72
C SER F 158 -6.61 14.98 9.57
N GLU F 159 -6.07 14.84 10.78
CA GLU F 159 -6.21 13.64 11.59
C GLU F 159 -7.65 13.23 11.89
N GLY F 160 -8.49 14.21 12.22
CA GLY F 160 -9.83 13.93 12.69
C GLY F 160 -10.93 14.01 11.65
N VAL F 161 -10.56 14.07 10.39
CA VAL F 161 -11.54 14.12 9.31
C VAL F 161 -12.37 12.83 9.22
N VAL F 162 -13.68 12.96 9.38
CA VAL F 162 -14.62 11.84 9.27
C VAL F 162 -15.81 12.24 8.43
N ASP F 163 -16.37 11.28 7.68
CA ASP F 163 -17.41 11.60 6.70
C ASP F 163 -18.58 10.61 6.64
N SER F 164 -18.77 9.90 7.75
CA SER F 164 -19.96 9.04 7.94
C SER F 164 -20.17 8.91 9.44
N PRO F 165 -21.39 8.54 9.88
CA PRO F 165 -21.66 8.31 11.30
C PRO F 165 -20.75 7.26 11.93
N TRP F 166 -20.47 6.19 11.20
CA TRP F 166 -19.64 5.12 11.71
C TRP F 166 -18.16 5.46 11.71
N GLU F 167 -17.74 6.27 10.76
CA GLU F 167 -16.37 6.78 10.74
C GLU F 167 -16.17 7.71 11.92
N ALA F 168 -17.21 8.53 12.18
CA ALA F 168 -17.24 9.47 13.30
C ALA F 168 -17.22 8.74 14.65
N ARG F 169 -18.00 7.66 14.74
CA ARG F 169 -18.06 6.76 15.90
C ARG F 169 -16.66 6.25 16.22
N LYS F 170 -15.96 5.84 15.17
CA LYS F 170 -14.67 5.19 15.29
C LYS F 170 -13.62 6.19 15.74
N MET F 171 -13.73 7.43 15.27
CA MET F 171 -12.77 8.46 15.62
C MET F 171 -12.92 8.85 17.08
N VAL F 172 -14.17 8.81 17.57
CA VAL F 172 -14.47 9.01 18.99
C VAL F 172 -13.81 7.91 19.80
N ARG F 173 -14.00 6.67 19.35
CA ARG F 173 -13.37 5.51 19.97
C ARG F 173 -11.85 5.58 19.94
N LYS F 174 -11.30 6.10 18.84
CA LYS F 174 -9.85 6.18 18.67
C LYS F 174 -9.26 7.23 19.58
N ASN F 175 -9.94 8.38 19.69
CA ASN F 175 -9.54 9.45 20.62
C ASN F 175 -9.52 8.98 22.09
N ARG F 176 -10.58 8.27 22.48
CA ARG F 176 -10.68 7.67 23.81
C ARG F 176 -9.56 6.66 24.02
N LYS F 177 -9.27 5.87 23.00
CA LYS F 177 -8.19 4.89 23.05
C LYS F 177 -6.85 5.54 23.41
N TYR F 178 -6.56 6.66 22.76
CA TYR F 178 -5.31 7.36 23.01
C TYR F 178 -5.40 8.46 24.09
N GLY F 179 -6.49 8.42 24.85
CA GLY F 179 -6.55 9.13 26.13
C GLY F 179 -7.23 10.48 26.18
N ALA F 180 -8.12 10.76 25.23
CA ALA F 180 -8.86 12.01 25.25
C ALA F 180 -9.88 12.01 26.38
N ASP F 181 -10.10 13.17 26.98
CA ASP F 181 -11.11 13.34 28.04
C ASP F 181 -12.47 13.68 27.45
N LEU F 182 -12.45 14.54 26.43
CA LEU F 182 -13.66 15.00 25.75
C LEU F 182 -13.51 14.91 24.24
N ILE F 183 -14.60 15.13 23.52
CA ILE F 183 -14.61 15.13 22.06
C ILE F 183 -14.99 16.52 21.59
N KCX F 184 -14.26 17.02 20.59
CA KCX F 184 -14.61 18.30 19.99
CB KCX F 184 -13.48 19.30 20.22
CG KCX F 184 -13.90 20.72 20.08
CD KCX F 184 -13.46 21.28 18.76
CE KCX F 184 -13.72 22.77 18.76
NZ KCX F 184 -12.62 23.46 18.06
C KCX F 184 -14.90 18.11 18.51
O KCX F 184 -14.21 17.35 17.84
CX KCX F 184 -12.63 24.78 17.96
OQ1 KCX F 184 -13.57 25.44 18.45
OQ2 KCX F 184 -11.71 25.34 17.37
N PHE F 185 -15.92 18.79 18.00
CA PHE F 185 -16.16 18.79 16.55
C PHE F 185 -16.56 20.15 15.98
N CYS F 186 -16.36 20.31 14.67
CA CYS F 186 -16.73 21.53 13.95
C CYS F 186 -18.12 21.35 13.34
N ALA F 187 -19.06 22.20 13.75
CA ALA F 187 -20.46 22.13 13.27
C ALA F 187 -20.74 23.17 12.20
N THR F 188 -19.89 24.20 12.13
CA THR F 188 -19.93 25.22 11.09
C THR F 188 -18.50 25.50 10.64
N GLY F 189 -18.37 26.32 9.60
CA GLY F 189 -17.06 26.87 9.24
C GLY F 189 -16.56 27.88 10.25
N GLY F 190 -15.30 28.26 10.13
CA GLY F 190 -14.69 29.17 11.10
C GLY F 190 -13.91 30.34 10.53
N VAL F 191 -13.46 31.21 11.43
CA VAL F 191 -12.71 32.42 11.10
C VAL F 191 -11.29 32.09 10.59
N MET F 192 -10.55 31.33 11.40
CA MET F 192 -9.11 31.12 11.22
C MET F 192 -8.72 30.12 10.11
N SER F 193 -9.69 29.35 9.62
CA SER F 193 -9.45 28.42 8.51
C SER F 193 -9.61 29.05 7.13
N ARG F 194 -8.98 28.41 6.14
CA ARG F 194 -9.10 28.78 4.74
C ARG F 194 -10.22 27.97 4.07
N ASN F 195 -11.01 28.64 3.23
CA ASN F 195 -12.13 28.03 2.48
C ASN F 195 -13.21 27.38 3.36
N THR F 196 -13.72 28.14 4.33
CA THR F 196 -14.88 27.72 5.13
C THR F 196 -15.91 28.83 5.25
N ASP F 197 -17.18 28.46 5.05
CA ASP F 197 -18.31 29.35 5.23
C ASP F 197 -18.79 29.29 6.69
N VAL F 198 -18.63 30.42 7.37
CA VAL F 198 -18.99 30.59 8.79
C VAL F 198 -20.47 30.28 9.08
N ASN F 199 -21.35 30.65 8.13
CA ASN F 199 -22.81 30.46 8.26
C ASN F 199 -23.37 29.12 7.74
N ALA F 200 -22.53 28.34 7.07
CA ALA F 200 -22.94 27.01 6.59
C ALA F 200 -22.69 25.94 7.64
N LYS F 201 -23.65 25.02 7.75
CA LYS F 201 -23.53 23.87 8.64
C LYS F 201 -22.60 22.83 8.05
N GLN F 202 -21.70 22.31 8.87
CA GLN F 202 -20.86 21.17 8.52
C GLN F 202 -21.27 19.98 9.37
N PHE F 203 -21.29 18.80 8.76
CA PHE F 203 -21.86 17.55 9.31
C PHE F 203 -23.37 17.49 9.13
N THR F 204 -23.86 16.31 8.78
CA THR F 204 -25.28 16.04 8.85
C THR F 204 -25.66 15.86 10.32
N LEU F 205 -26.95 15.97 10.63
CA LEU F 205 -27.44 15.77 12.00
C LEU F 205 -27.17 14.34 12.45
N GLU F 206 -27.34 13.38 11.54
CA GLU F 206 -27.08 11.98 11.82
C GLU F 206 -25.65 11.74 12.26
N GLU F 207 -24.72 12.43 11.61
CA GLU F 207 -23.31 12.38 11.97
C GLU F 207 -23.07 13.01 13.32
N MET F 208 -23.70 14.16 13.57
CA MET F 208 -23.55 14.89 14.84
C MET F 208 -24.07 14.06 16.00
N LYS F 209 -25.21 13.40 15.79
CA LYS F 209 -25.85 12.57 16.80
C LYS F 209 -24.99 11.36 17.12
N ALA F 210 -24.38 10.78 16.08
CA ALA F 210 -23.49 9.63 16.25
C ALA F 210 -22.27 9.98 17.07
N ILE F 211 -21.67 11.14 16.80
CA ILE F 211 -20.54 11.64 17.60
C ILE F 211 -20.95 11.76 19.06
N VAL F 212 -22.07 12.44 19.30
CA VAL F 212 -22.54 12.74 20.67
C VAL F 212 -22.89 11.47 21.43
N ASP F 213 -23.67 10.60 20.80
CA ASP F 213 -24.08 9.34 21.41
C ASP F 213 -22.91 8.48 21.82
N GLU F 214 -21.91 8.36 20.95
CA GLU F 214 -20.74 7.55 21.25
C GLU F 214 -19.90 8.13 22.38
N ALA F 215 -19.72 9.45 22.37
CA ALA F 215 -18.91 10.12 23.38
C ALA F 215 -19.55 10.01 24.76
N HIS F 216 -20.87 10.21 24.79
CA HIS F 216 -21.63 10.12 26.03
C HIS F 216 -21.63 8.70 26.56
N ASN F 217 -21.76 7.73 25.66
CA ASN F 217 -21.62 6.32 26.01
C ASN F 217 -20.32 5.99 26.76
N HIS F 218 -19.27 6.77 26.52
CA HIS F 218 -18.01 6.55 27.20
C HIS F 218 -17.82 7.53 28.34
N GLY F 219 -18.86 8.33 28.60
CA GLY F 219 -18.80 9.34 29.64
C GLY F 219 -17.89 10.50 29.30
N MET F 220 -17.75 10.78 28.00
CA MET F 220 -17.00 11.92 27.55
C MET F 220 -18.00 13.00 27.16
N LYS F 221 -17.64 14.26 27.43
CA LYS F 221 -18.47 15.39 27.04
C LYS F 221 -18.13 15.88 25.64
N VAL F 222 -19.10 16.47 24.96
CA VAL F 222 -18.90 16.95 23.59
C VAL F 222 -18.96 18.48 23.49
N ALA F 223 -17.92 19.07 22.90
CA ALA F 223 -17.91 20.49 22.57
C ALA F 223 -18.09 20.63 21.07
N ALA F 224 -18.89 21.61 20.63
CA ALA F 224 -19.04 21.86 19.19
C ALA F 224 -18.70 23.31 18.82
N HIS F 225 -17.66 23.48 18.00
CA HIS F 225 -17.40 24.75 17.35
C HIS F 225 -18.58 25.07 16.41
N ALA F 226 -19.25 26.18 16.66
CA ALA F 226 -20.34 26.64 15.78
C ALA F 226 -20.53 28.15 15.81
N HIS F 227 -20.24 28.80 14.69
CA HIS F 227 -20.48 30.24 14.54
C HIS F 227 -21.89 30.49 14.01
N GLY F 228 -22.19 29.89 12.86
CA GLY F 228 -23.47 30.06 12.18
C GLY F 228 -24.63 29.45 12.94
N LEU F 229 -25.76 30.16 12.90
CA LEU F 229 -26.99 29.78 13.61
C LEU F 229 -27.49 28.37 13.32
N ILE F 230 -27.52 28.00 12.05
CA ILE F 230 -28.08 26.72 11.61
C ILE F 230 -27.28 25.50 12.17
N GLY F 231 -25.99 25.70 12.37
CA GLY F 231 -25.12 24.71 12.99
C GLY F 231 -25.28 24.65 14.51
N ILE F 232 -25.42 25.83 15.14
CA ILE F 232 -25.67 25.92 16.58
C ILE F 232 -26.95 25.15 16.94
N LYS F 233 -28.01 25.36 16.17
CA LYS F 233 -29.29 24.65 16.33
C LYS F 233 -29.08 23.15 16.29
N ALA F 234 -28.39 22.69 15.25
CA ALA F 234 -28.13 21.28 15.05
C ALA F 234 -27.32 20.64 16.19
N ALA F 235 -26.28 21.33 16.65
CA ALA F 235 -25.41 20.83 17.72
C ALA F 235 -26.17 20.62 19.03
N ILE F 236 -27.03 21.58 19.34
CA ILE F 236 -27.89 21.50 20.52
C ILE F 236 -28.87 20.33 20.37
N LYS F 237 -29.53 20.27 19.22
CA LYS F 237 -30.44 19.19 18.89
C LYS F 237 -29.75 17.81 18.92
N ALA F 238 -28.46 17.78 18.61
CA ALA F 238 -27.69 16.54 18.64
C ALA F 238 -27.35 16.14 20.06
N GLY F 239 -27.31 17.13 20.95
CA GLY F 239 -27.08 16.92 22.37
C GLY F 239 -25.68 17.22 22.87
N VAL F 240 -25.03 18.25 22.32
CA VAL F 240 -23.70 18.63 22.83
C VAL F 240 -23.77 19.21 24.25
N ASP F 241 -22.65 19.12 24.95
CA ASP F 241 -22.58 19.68 26.29
C ASP F 241 -22.24 21.17 26.25
N SER F 242 -21.50 21.58 25.23
CA SER F 242 -21.19 22.99 25.04
C SER F 242 -21.14 23.34 23.57
N VAL F 243 -21.51 24.57 23.26
CA VAL F 243 -21.30 25.16 21.95
C VAL F 243 -20.22 26.24 22.08
N GLU F 244 -19.10 26.06 21.37
CA GLU F 244 -18.03 27.04 21.38
C GLU F 244 -18.39 28.17 20.42
N HIS F 245 -17.99 29.37 20.78
CA HIS F 245 -18.22 30.62 20.02
C HIS F 245 -19.66 31.10 20.02
N ALA F 246 -20.54 30.29 19.41
CA ALA F 246 -22.00 30.50 19.38
C ALA F 246 -22.40 31.90 18.89
N SER F 247 -21.70 32.37 17.85
CA SER F 247 -21.67 33.79 17.48
C SER F 247 -23.00 34.40 16.99
N PHE F 248 -23.81 33.59 16.31
CA PHE F 248 -25.09 34.05 15.77
C PHE F 248 -26.26 33.34 16.43
N ILE F 249 -26.24 33.24 17.76
CA ILE F 249 -27.33 32.60 18.49
C ILE F 249 -28.51 33.58 18.70
N ASP F 250 -29.70 33.13 18.29
CA ASP F 250 -30.91 33.95 18.39
C ASP F 250 -31.75 33.57 19.61
N ASP F 251 -32.82 34.32 19.85
CA ASP F 251 -33.72 34.12 21.00
C ASP F 251 -34.24 32.69 21.17
N GLU F 252 -34.72 32.10 20.06
CA GLU F 252 -35.33 30.78 20.06
C GLU F 252 -34.37 29.68 20.47
N THR F 253 -33.12 29.79 20.02
CA THR F 253 -32.12 28.75 20.26
C THR F 253 -31.32 28.96 21.53
N ILE F 254 -31.36 30.18 22.07
CA ILE F 254 -30.90 30.43 23.45
C ILE F 254 -31.81 29.65 24.39
N ASP F 255 -33.11 29.67 24.10
CA ASP F 255 -34.11 28.89 24.84
C ASP F 255 -33.91 27.38 24.70
N MET F 256 -33.52 26.93 23.50
CA MET F 256 -33.15 25.54 23.25
C MET F 256 -32.01 25.10 24.16
N ALA F 257 -30.99 25.95 24.26
CA ALA F 257 -29.81 25.71 25.08
C ALA F 257 -30.15 25.62 26.57
N ILE F 258 -30.99 26.55 27.02
CA ILE F 258 -31.45 26.60 28.42
C ILE F 258 -32.20 25.32 28.77
N LYS F 259 -33.11 24.91 27.89
CA LYS F 259 -33.90 23.70 28.06
C LYS F 259 -33.06 22.41 28.10
N ASN F 260 -31.96 22.39 27.36
CA ASN F 260 -31.15 21.18 27.24
C ASN F 260 -29.89 21.17 28.08
N ASN F 261 -29.68 22.22 28.86
CA ASN F 261 -28.44 22.44 29.64
C ASN F 261 -27.16 22.56 28.80
N THR F 262 -27.32 23.08 27.59
CA THR F 262 -26.19 23.31 26.73
C THR F 262 -25.49 24.59 27.17
N VAL F 263 -24.25 24.44 27.59
CA VAL F 263 -23.40 25.57 27.94
C VAL F 263 -22.98 26.33 26.67
N LEU F 264 -22.90 27.65 26.76
CA LEU F 264 -22.39 28.47 25.67
C LEU F 264 -21.01 28.97 26.05
N SER F 265 -19.98 28.39 25.44
CA SER F 265 -18.61 28.80 25.71
C SER F 265 -18.21 29.86 24.68
N MET F 266 -18.34 31.14 25.07
CA MET F 266 -18.20 32.26 24.13
C MET F 266 -16.92 33.07 24.36
N ASP F 267 -16.16 33.26 23.28
CA ASP F 267 -14.87 33.96 23.31
C ASP F 267 -14.96 35.39 22.74
N ILE F 268 -15.41 36.31 23.60
CA ILE F 268 -15.70 37.70 23.19
C ILE F 268 -14.44 38.59 23.07
N PHE F 269 -13.41 38.29 23.87
CA PHE F 269 -12.16 39.08 23.89
C PHE F 269 -11.33 38.98 22.61
N VAL F 270 -11.09 37.73 22.16
CA VAL F 270 -10.12 37.41 21.09
C VAL F 270 -10.34 38.14 19.74
N SER F 271 -11.58 38.57 19.48
CA SER F 271 -11.90 39.36 18.27
C SER F 271 -11.13 40.69 18.17
N ASP F 272 -10.86 41.30 19.32
CA ASP F 272 -10.05 42.54 19.40
C ASP F 272 -8.57 42.30 19.13
N TYR F 273 -8.08 41.12 19.50
CA TYR F 273 -6.72 40.71 19.16
C TYR F 273 -6.55 40.48 17.64
N ILE F 274 -7.51 39.78 17.03
CA ILE F 274 -7.42 39.39 15.60
C ILE F 274 -7.47 40.62 14.67
N LEU F 275 -8.42 41.51 14.92
CA LEU F 275 -8.58 42.72 14.10
C LEU F 275 -7.48 43.76 14.37
N GLY F 276 -6.95 43.76 15.60
CA GLY F 276 -5.89 44.70 15.97
C GLY F 276 -4.48 44.15 15.80
N GLU F 277 -4.01 43.44 16.82
CA GLU F 277 -2.65 42.91 16.89
C GLU F 277 -2.35 41.82 15.84
N GLY F 278 -3.37 41.02 15.52
CA GLY F 278 -3.24 39.87 14.63
C GLY F 278 -3.20 40.19 13.15
N ALA F 279 -3.70 41.38 12.79
CA ALA F 279 -3.73 41.84 11.40
C ALA F 279 -2.34 42.00 10.79
N LYS F 280 -1.37 42.39 11.63
CA LYS F 280 0.03 42.51 11.21
C LYS F 280 0.87 41.31 11.66
N ALA F 281 0.32 40.49 12.55
CA ALA F 281 1.02 39.30 13.08
C ALA F 281 1.14 38.15 12.08
N GLY F 282 0.28 38.15 11.05
CA GLY F 282 0.35 37.13 10.00
C GLY F 282 -0.96 36.40 9.70
N ILE F 283 -2.07 36.89 10.27
CA ILE F 283 -3.41 36.33 10.01
C ILE F 283 -3.89 36.77 8.62
N ARG F 284 -4.34 35.80 7.82
CA ARG F 284 -4.71 36.01 6.42
C ARG F 284 -5.89 36.97 6.22
N GLU F 285 -5.95 37.58 5.02
CA GLU F 285 -7.01 38.53 4.63
C GLU F 285 -8.41 37.94 4.66
N GLU F 286 -8.53 36.67 4.25
CA GLU F 286 -9.80 35.93 4.24
C GLU F 286 -10.34 35.70 5.67
N SER F 287 -9.42 35.52 6.61
CA SER F 287 -9.73 35.33 8.03
C SER F 287 -10.19 36.62 8.72
N LEU F 288 -9.55 37.74 8.36
CA LEU F 288 -9.89 39.06 8.92
C LEU F 288 -11.28 39.52 8.48
N ASN F 289 -11.67 39.17 7.26
CA ASN F 289 -13.00 39.48 6.71
C ASN F 289 -14.09 38.66 7.39
N LYS F 290 -13.79 37.40 7.69
CA LYS F 290 -14.68 36.52 8.45
C LYS F 290 -14.75 36.87 9.94
N GLU F 291 -13.72 37.56 10.44
CA GLU F 291 -13.71 38.07 11.81
C GLU F 291 -14.64 39.29 11.98
N ARG F 292 -14.71 40.13 10.95
CA ARG F 292 -15.61 41.29 10.93
C ARG F 292 -17.09 40.90 10.83
N LEU F 293 -17.37 39.76 10.23
CA LEU F 293 -18.72 39.18 10.21
C LEU F 293 -19.15 38.64 11.57
N VAL F 294 -18.18 38.14 12.34
CA VAL F 294 -18.44 37.39 13.58
C VAL F 294 -18.35 38.24 14.88
N GLY F 295 -17.28 39.03 14.99
CA GLY F 295 -16.87 39.73 16.22
C GLY F 295 -17.88 40.57 16.98
N LYS F 296 -18.36 41.64 16.34
CA LYS F 296 -19.31 42.62 16.92
C LYS F 296 -20.67 41.98 17.26
N LYS F 297 -21.12 41.07 16.41
CA LYS F 297 -22.40 40.37 16.56
C LYS F 297 -22.41 39.33 17.70
N GLN F 298 -21.24 38.73 17.97
CA GLN F 298 -21.06 37.70 19.03
C GLN F 298 -21.26 38.24 20.45
N ARG F 299 -20.70 39.42 20.73
CA ARG F 299 -20.82 40.05 22.05
C ARG F 299 -22.22 40.64 22.33
N GLU F 300 -22.92 41.07 21.28
CA GLU F 300 -24.33 41.46 21.38
C GLU F 300 -25.21 40.26 21.77
N ASN F 301 -24.92 39.12 21.14
CA ASN F 301 -25.59 37.85 21.42
C ASN F 301 -25.21 37.24 22.77
N PHE F 302 -23.98 37.49 23.22
CA PHE F 302 -23.49 37.09 24.55
C PHE F 302 -24.32 37.75 25.64
N MET F 303 -24.54 39.05 25.48
CA MET F 303 -25.31 39.87 26.41
C MET F 303 -26.78 39.43 26.47
N ASN F 304 -27.34 39.11 25.32
CA ASN F 304 -28.72 38.65 25.21
C ASN F 304 -28.89 37.26 25.84
N ALA F 305 -27.93 36.38 25.57
CA ALA F 305 -27.96 35.00 26.06
C ALA F 305 -27.87 34.92 27.58
N HIS F 306 -27.02 35.76 28.16
CA HIS F 306 -26.87 35.83 29.60
C HIS F 306 -28.17 36.29 30.24
N ARG F 307 -28.74 37.36 29.72
CA ARG F 307 -29.98 37.91 30.24
C ARG F 307 -31.10 36.88 30.19
N ARG F 308 -31.23 36.19 29.06
CA ARG F 308 -32.30 35.21 28.90
C ARG F 308 -32.14 34.00 29.82
N GLY F 309 -30.93 33.83 30.38
CA GLY F 309 -30.68 32.83 31.42
C GLY F 309 -29.85 31.62 31.02
N ALA F 310 -29.09 31.74 29.94
CA ALA F 310 -28.26 30.64 29.44
C ALA F 310 -26.93 30.55 30.18
N ILE F 311 -26.45 29.32 30.38
CA ILE F 311 -25.18 29.07 31.06
C ILE F 311 -24.03 29.43 30.14
N ILE F 312 -23.22 30.40 30.55
CA ILE F 312 -22.06 30.83 29.78
C ILE F 312 -20.77 30.64 30.56
N THR F 313 -19.81 29.93 29.97
CA THR F 313 -18.52 29.72 30.60
C THR F 313 -17.43 30.62 30.03
N PHE F 314 -16.31 30.66 30.74
CA PHE F 314 -15.15 31.44 30.40
C PHE F 314 -14.26 30.64 29.45
N GLY F 315 -14.42 30.92 28.17
CA GLY F 315 -13.55 30.35 27.13
C GLY F 315 -12.98 31.50 26.31
N THR F 316 -11.67 31.49 26.12
CA THR F 316 -10.99 32.64 25.51
C THR F 316 -10.46 32.43 24.09
N ASP F 317 -10.23 31.16 23.73
CA ASP F 317 -9.49 30.78 22.52
C ASP F 317 -8.02 31.25 22.60
N ALA F 318 -7.41 31.01 23.76
CA ALA F 318 -5.98 31.25 23.96
C ALA F 318 -5.17 30.31 23.07
N GLY F 319 -4.16 30.87 22.42
CA GLY F 319 -3.43 30.17 21.35
C GLY F 319 -3.34 31.14 20.19
N ILE F 320 -4.49 31.73 19.84
CA ILE F 320 -4.57 32.84 18.90
C ILE F 320 -3.84 34.05 19.51
N PHE F 321 -4.34 34.55 20.65
CA PHE F 321 -3.58 35.49 21.48
C PHE F 321 -2.64 34.74 22.45
N ASP F 322 -1.83 35.50 23.19
CA ASP F 322 -0.82 34.93 24.09
C ASP F 322 -1.39 34.19 25.31
N HIS F 323 -0.82 33.02 25.58
CA HIS F 323 -1.13 32.24 26.78
C HIS F 323 -0.58 32.94 28.00
N GLY F 324 -1.43 33.13 29.00
CA GLY F 324 -1.09 33.94 30.16
C GLY F 324 -1.88 35.25 30.20
N ASP F 325 -2.33 35.71 29.04
CA ASP F 325 -3.15 36.90 28.96
C ASP F 325 -4.64 36.57 28.99
N ASN F 326 -5.00 35.36 29.48
CA ASN F 326 -6.39 34.87 29.46
C ASN F 326 -7.34 35.72 30.29
N ALA F 327 -6.80 36.28 31.37
CA ALA F 327 -7.53 37.07 32.33
C ALA F 327 -8.04 38.42 31.81
N LYS F 328 -7.55 38.82 30.64
CA LYS F 328 -8.02 40.04 30.00
C LYS F 328 -9.49 39.95 29.56
N GLN F 329 -10.03 38.74 29.37
CA GLN F 329 -11.43 38.57 28.97
C GLN F 329 -12.43 38.96 30.08
N PHE F 330 -11.96 39.01 31.32
CA PHE F 330 -12.83 39.36 32.45
C PHE F 330 -13.42 40.77 32.36
N ALA F 331 -12.60 41.75 31.96
CA ALA F 331 -13.04 43.13 31.75
C ALA F 331 -14.11 43.25 30.67
N TYR F 332 -13.94 42.48 29.59
CA TYR F 332 -14.89 42.41 28.49
C TYR F 332 -16.20 41.78 28.94
N MET F 333 -16.08 40.87 29.89
CA MET F 333 -17.21 40.07 30.34
C MET F 333 -18.18 40.91 31.18
N VAL F 334 -17.63 41.81 32.00
CA VAL F 334 -18.46 42.71 32.83
C VAL F 334 -19.08 43.83 31.99
N GLU F 335 -18.32 44.27 31.00
CA GLU F 335 -18.71 45.30 30.06
C GLU F 335 -19.90 44.87 29.22
N TRP F 336 -20.00 43.58 28.92
CA TRP F 336 -21.10 43.07 28.11
C TRP F 336 -22.22 42.41 28.90
N GLY F 337 -22.45 42.88 30.12
CA GLY F 337 -23.66 42.51 30.86
C GLY F 337 -23.54 41.61 32.07
N MET F 338 -22.32 41.18 32.40
CA MET F 338 -22.13 40.37 33.60
C MET F 338 -21.67 41.24 34.77
N THR F 339 -22.03 40.82 35.99
CA THR F 339 -21.46 41.44 37.19
C THR F 339 -20.06 40.85 37.37
N PRO F 340 -19.12 41.61 37.98
CA PRO F 340 -17.82 41.03 38.38
C PRO F 340 -17.88 39.64 39.03
N LEU F 341 -18.82 39.43 39.95
CA LEU F 341 -19.04 38.10 40.53
C LEU F 341 -19.42 37.08 39.45
N GLU F 342 -20.35 37.44 38.56
CA GLU F 342 -20.83 36.54 37.51
C GLU F 342 -19.73 36.11 36.56
N ALA F 343 -18.80 37.03 36.27
CA ALA F 343 -17.68 36.75 35.40
C ALA F 343 -16.71 35.76 36.03
N ILE F 344 -16.45 35.91 37.33
CA ILE F 344 -15.57 34.98 38.06
C ILE F 344 -16.27 33.63 38.25
N GLN F 345 -17.59 33.65 38.39
CA GLN F 345 -18.38 32.44 38.49
C GLN F 345 -18.34 31.62 37.21
N ALA F 346 -18.26 32.33 36.07
CA ALA F 346 -18.12 31.73 34.75
C ALA F 346 -16.77 31.04 34.56
N SER F 347 -15.77 31.48 35.32
CA SER F 347 -14.44 30.90 35.27
C SER F 347 -14.14 29.93 36.42
N THR F 348 -15.14 29.63 37.25
CA THR F 348 -14.92 28.76 38.40
C THR F 348 -16.00 27.69 38.51
N ILE F 349 -17.16 28.06 39.02
CA ILE F 349 -18.22 27.07 39.30
C ILE F 349 -18.90 26.58 38.03
N LYS F 350 -19.08 27.49 37.08
CA LYS F 350 -19.75 27.19 35.82
C LYS F 350 -18.93 26.24 34.95
N THR F 351 -17.62 26.53 34.86
CA THR F 351 -16.67 25.68 34.15
C THR F 351 -16.56 24.31 34.80
N ALA F 352 -16.45 24.29 36.14
CA ALA F 352 -16.35 23.04 36.88
C ALA F 352 -17.45 22.05 36.53
N THR F 353 -18.69 22.54 36.39
CA THR F 353 -19.83 21.70 36.01
C THR F 353 -19.70 21.24 34.56
N LEU F 354 -19.32 22.17 33.69
CA LEU F 354 -19.10 21.89 32.27
C LEU F 354 -18.03 20.83 32.09
N PHE F 355 -16.95 20.95 32.87
CA PHE F 355 -15.83 20.02 32.78
C PHE F 355 -16.22 18.66 33.37
N GLY F 356 -17.26 18.64 34.21
CA GLY F 356 -17.70 17.42 34.87
C GLY F 356 -16.76 16.96 35.97
N ILE F 357 -16.02 17.91 36.53
CA ILE F 357 -15.16 17.65 37.66
C ILE F 357 -15.76 18.33 38.87
N GLU F 358 -15.93 17.58 39.95
CA GLU F 358 -16.37 18.13 41.23
CA GLU F 358 -16.35 18.20 41.21
C GLU F 358 -15.16 18.27 42.14
N ASN F 359 -15.39 18.86 43.33
CA ASN F 359 -14.34 19.21 44.30
CA ASN F 359 -14.34 19.20 44.29
C ASN F 359 -13.28 20.20 43.78
N ILE F 360 -13.65 21.00 42.77
CA ILE F 360 -12.87 22.16 42.31
C ILE F 360 -13.77 23.36 42.09
N GLY F 361 -13.17 24.55 42.01
CA GLY F 361 -13.91 25.77 41.68
C GLY F 361 -14.47 26.57 42.84
N GLN F 362 -14.33 26.04 44.06
CA GLN F 362 -14.81 26.70 45.28
C GLN F 362 -13.77 26.57 46.39
N ILE F 363 -13.60 27.64 47.16
CA ILE F 363 -12.86 27.51 48.41
C ILE F 363 -13.83 26.98 49.45
N LYS F 364 -13.78 25.66 49.62
CA LYS F 364 -14.72 24.91 50.42
C LYS F 364 -13.99 23.68 50.99
N GLU F 365 -14.46 23.18 52.13
CA GLU F 365 -13.84 22.02 52.80
C GLU F 365 -14.06 20.75 52.00
N GLY F 366 -12.99 20.02 51.74
CA GLY F 366 -13.03 18.80 50.92
C GLY F 366 -12.63 19.01 49.47
N PHE F 367 -12.78 20.24 49.00
CA PHE F 367 -12.42 20.63 47.64
C PHE F 367 -10.91 20.70 47.49
N ASP F 368 -10.44 20.60 46.25
CA ASP F 368 -9.02 20.68 45.92
C ASP F 368 -8.45 22.06 46.20
N ALA F 369 -7.20 22.09 46.64
CA ALA F 369 -6.53 23.33 47.01
C ALA F 369 -5.97 24.10 45.80
N ASP F 370 -6.87 24.52 44.92
CA ASP F 370 -6.55 25.37 43.78
C ASP F 370 -6.96 26.78 44.13
N ILE F 371 -5.99 27.56 44.60
CA ILE F 371 -6.26 28.85 45.23
C ILE F 371 -5.38 29.95 44.65
N VAL F 372 -6.01 31.07 44.31
CA VAL F 372 -5.31 32.20 43.72
C VAL F 372 -5.41 33.43 44.62
N GLY F 373 -4.26 34.02 44.94
CA GLY F 373 -4.21 35.26 45.71
C GLY F 373 -4.09 36.48 44.83
N VAL F 374 -4.88 37.51 45.12
CA VAL F 374 -4.94 38.68 44.29
C VAL F 374 -4.88 39.97 45.14
N ILE F 375 -4.40 41.07 44.56
CA ILE F 375 -4.10 42.31 45.30
C ILE F 375 -5.34 43.06 45.80
N GLU F 376 -6.17 43.51 44.86
CA GLU F 376 -7.38 44.26 45.19
C GLU F 376 -8.56 43.31 45.30
N ASN F 377 -9.73 43.87 45.60
CA ASN F 377 -10.94 43.10 45.55
C ASN F 377 -11.40 42.97 44.11
N PRO F 378 -11.58 41.73 43.63
CA PRO F 378 -12.00 41.41 42.28
C PRO F 378 -13.43 41.85 41.96
N LEU F 379 -14.28 42.00 42.97
CA LEU F 379 -15.64 42.47 42.76
C LEU F 379 -15.69 44.00 42.62
N ALA F 380 -14.65 44.65 43.14
CA ALA F 380 -14.47 46.09 43.01
C ALA F 380 -13.79 46.37 41.68
N ASN F 381 -12.59 45.82 41.51
CA ASN F 381 -11.86 45.92 40.25
C ASN F 381 -11.52 44.53 39.73
N ILE F 382 -12.19 44.11 38.65
CA ILE F 382 -11.99 42.77 38.10
C ILE F 382 -10.65 42.59 37.39
N ARG F 383 -10.07 43.70 36.94
CA ARG F 383 -8.78 43.68 36.27
C ARG F 383 -7.62 43.66 37.27
N THR F 384 -7.82 43.02 38.40
CA THR F 384 -6.73 42.56 39.26
C THR F 384 -6.37 41.14 38.90
N LEU F 385 -7.34 40.41 38.33
CA LEU F 385 -7.13 39.06 37.85
C LEU F 385 -6.11 39.00 36.71
N GLU F 386 -5.96 40.12 35.99
CA GLU F 386 -4.96 40.28 34.93
C GLU F 386 -3.52 40.24 35.45
N GLU F 387 -3.34 40.51 36.75
CA GLU F 387 -2.05 40.32 37.40
C GLU F 387 -2.15 39.73 38.81
N VAL F 388 -2.19 38.40 38.88
CA VAL F 388 -2.31 37.67 40.15
C VAL F 388 -0.96 37.64 40.88
N ALA F 389 -1.00 37.45 42.19
CA ALA F 389 0.21 37.55 43.01
C ALA F 389 0.55 36.25 43.72
N PHE F 390 -0.42 35.36 43.81
CA PHE F 390 -0.24 34.08 44.48
C PHE F 390 -1.00 32.97 43.75
N VAL F 391 -0.31 31.89 43.44
CA VAL F 391 -0.92 30.75 42.77
C VAL F 391 -0.58 29.47 43.52
N MET F 392 -1.61 28.75 43.96
CA MET F 392 -1.45 27.43 44.54
C MET F 392 -2.30 26.45 43.75
N LYS F 393 -1.69 25.37 43.26
CA LYS F 393 -2.43 24.32 42.59
C LYS F 393 -2.21 22.99 43.30
N GLU F 394 -3.32 22.35 43.68
CA GLU F 394 -3.34 21.09 44.43
C GLU F 394 -2.45 21.09 45.69
N GLY F 395 -2.47 22.22 46.42
CA GLY F 395 -1.73 22.34 47.65
C GLY F 395 -0.25 22.64 47.48
N LYS F 396 0.14 23.03 46.27
CA LYS F 396 1.52 23.41 45.99
C LYS F 396 1.59 24.85 45.53
N VAL F 397 2.52 25.62 46.10
CA VAL F 397 2.66 27.02 45.71
C VAL F 397 3.55 27.13 44.48
N TYR F 398 3.07 27.84 43.45
CA TYR F 398 3.83 28.06 42.23
C TYR F 398 4.21 29.52 42.03
N LYS F 399 3.48 30.44 42.66
CA LYS F 399 3.75 31.86 42.51
C LYS F 399 3.65 32.64 43.82
N ARG F 400 4.67 33.46 44.09
CA ARG F 400 4.67 34.46 45.15
C ARG F 400 5.48 35.70 44.77
N ASP G 7 -14.10 -52.76 23.68
CA ASP G 7 -15.15 -52.57 24.74
C ASP G 7 -14.54 -52.43 26.13
N PHE G 8 -15.31 -51.83 27.04
CA PHE G 8 -14.86 -51.59 28.42
C PHE G 8 -16.02 -51.74 29.41
N LEU G 9 -15.75 -52.45 30.51
CA LEU G 9 -16.73 -52.61 31.60
C LEU G 9 -16.22 -51.87 32.84
N ILE G 10 -17.01 -50.94 33.35
CA ILE G 10 -16.56 -50.17 34.53
C ILE G 10 -17.20 -50.65 35.83
N LYS G 11 -16.40 -51.33 36.67
CA LYS G 11 -16.83 -51.69 38.01
C LYS G 11 -16.59 -50.49 38.92
N SER G 12 -17.68 -49.92 39.40
CA SER G 12 -17.70 -48.63 40.08
C SER G 12 -18.29 -48.74 41.47
N LYS G 13 -17.93 -47.81 42.36
CA LYS G 13 -18.65 -47.65 43.64
C LYS G 13 -20.08 -47.16 43.38
N GLY G 14 -20.23 -46.31 42.38
CA GLY G 14 -21.52 -45.77 41.96
C GLY G 14 -21.34 -44.59 41.02
N TYR G 15 -22.34 -44.35 40.19
CA TYR G 15 -22.31 -43.18 39.32
C TYR G 15 -23.33 -42.12 39.76
N LEU G 16 -23.00 -40.85 39.58
CA LEU G 16 -23.93 -39.78 39.88
C LEU G 16 -24.92 -39.60 38.73
N ASP G 17 -26.20 -39.83 39.03
CA ASP G 17 -27.25 -39.44 38.11
C ASP G 17 -27.40 -37.95 38.32
N ILE G 18 -26.84 -37.19 37.38
CA ILE G 18 -26.75 -35.73 37.45
C ILE G 18 -28.11 -35.04 37.30
N GLN G 19 -29.08 -35.77 36.77
CA GLN G 19 -30.44 -35.27 36.68
C GLN G 19 -31.15 -35.28 38.05
N THR G 20 -30.97 -36.36 38.80
CA THR G 20 -31.70 -36.57 40.06
C THR G 20 -30.91 -36.23 41.32
N GLY G 21 -29.60 -36.49 41.30
CA GLY G 21 -28.74 -36.31 42.46
C GLY G 21 -28.42 -37.60 43.19
N GLU G 22 -29.23 -38.62 42.92
CA GLU G 22 -29.08 -39.94 43.53
C GLU G 22 -27.90 -40.71 42.93
N ILE G 23 -26.91 -41.00 43.76
CA ILE G 23 -25.76 -41.83 43.38
C ILE G 23 -26.21 -43.28 43.21
N ILE G 24 -26.24 -43.75 41.96
CA ILE G 24 -26.71 -45.10 41.63
C ILE G 24 -25.53 -46.08 41.53
N LYS G 25 -25.64 -47.21 42.24
CA LYS G 25 -24.66 -48.28 42.12
C LYS G 25 -24.98 -49.12 40.89
N ALA G 26 -24.03 -49.16 39.95
CA ALA G 26 -24.18 -49.90 38.70
C ALA G 26 -22.83 -50.15 38.02
N ASP G 27 -22.89 -50.82 36.87
CA ASP G 27 -21.73 -50.96 36.00
C ASP G 27 -21.96 -50.17 34.71
N LEU G 28 -20.87 -49.88 33.99
CA LEU G 28 -20.95 -49.14 32.73
C LEU G 28 -20.29 -49.91 31.60
N LEU G 29 -21.00 -50.02 30.48
CA LEU G 29 -20.45 -50.64 29.28
C LEU G 29 -20.10 -49.59 28.22
N ILE G 30 -18.83 -49.55 27.86
CA ILE G 30 -18.27 -48.51 27.00
C ILE G 30 -17.81 -49.10 25.66
N ARG G 31 -18.47 -48.69 24.57
CA ARG G 31 -18.01 -49.06 23.23
C ARG G 31 -18.16 -47.94 22.20
N ASN G 32 -17.15 -47.82 21.34
CA ASN G 32 -17.03 -46.74 20.34
C ASN G 32 -17.14 -45.35 20.95
N GLY G 33 -16.49 -45.18 22.10
CA GLY G 33 -16.51 -43.92 22.84
C GLY G 33 -17.85 -43.44 23.38
N LYS G 34 -18.81 -44.36 23.48
CA LYS G 34 -20.14 -44.06 24.03
C LYS G 34 -20.44 -44.92 25.24
N ILE G 35 -21.46 -44.55 26.00
CA ILE G 35 -21.96 -45.41 27.06
C ILE G 35 -23.05 -46.28 26.44
N ALA G 36 -22.72 -47.55 26.22
CA ALA G 36 -23.61 -48.48 25.51
C ALA G 36 -24.70 -49.04 26.42
N GLU G 37 -24.31 -49.44 27.63
CA GLU G 37 -25.23 -50.02 28.61
C GLU G 37 -24.98 -49.54 30.04
N ILE G 38 -26.06 -49.22 30.75
CA ILE G 38 -25.99 -48.96 32.17
C ILE G 38 -26.81 -49.99 32.93
N GLY G 39 -26.23 -50.50 34.01
CA GLY G 39 -26.90 -51.46 34.90
C GLY G 39 -26.00 -52.63 35.24
N LYS G 40 -26.60 -53.81 35.31
CA LYS G 40 -25.85 -55.05 35.50
C LYS G 40 -25.59 -55.61 34.10
N ILE G 41 -24.35 -55.50 33.64
CA ILE G 41 -23.98 -55.94 32.29
C ILE G 41 -23.05 -57.15 32.34
N ASN G 42 -23.25 -58.09 31.43
CA ASN G 42 -22.61 -59.40 31.52
C ASN G 42 -21.12 -59.32 31.19
N THR G 43 -20.28 -59.51 32.20
CA THR G 43 -18.84 -59.34 32.05
C THR G 43 -18.23 -60.49 31.25
N LYS G 44 -18.20 -60.33 29.93
CA LYS G 44 -17.88 -61.43 29.04
C LYS G 44 -16.98 -60.97 27.89
N ASP G 45 -17.10 -59.69 27.53
CA ASP G 45 -16.88 -59.27 26.16
C ASP G 45 -15.43 -58.82 25.95
N ALA G 46 -15.12 -57.61 26.42
CA ALA G 46 -13.74 -57.18 26.58
C ALA G 46 -13.49 -56.64 27.97
N THR G 47 -12.50 -55.76 28.10
CA THR G 47 -11.71 -55.65 29.32
C THR G 47 -12.47 -54.89 30.41
N VAL G 48 -12.04 -55.06 31.65
CA VAL G 48 -12.80 -54.59 32.80
C VAL G 48 -11.99 -53.55 33.57
N ILE G 49 -12.54 -52.35 33.71
CA ILE G 49 -11.92 -51.33 34.54
C ILE G 49 -12.58 -51.32 35.91
N SER G 50 -11.97 -52.04 36.85
CA SER G 50 -12.50 -52.16 38.20
C SER G 50 -11.86 -51.13 39.11
N ILE G 51 -12.55 -50.00 39.25
CA ILE G 51 -12.11 -48.97 40.17
C ILE G 51 -13.29 -48.59 41.10
N PRO G 52 -13.53 -49.45 42.11
CA PRO G 52 -14.76 -49.43 42.88
C PRO G 52 -14.70 -48.63 44.19
N ASP G 53 -13.64 -47.85 44.37
CA ASP G 53 -13.54 -46.93 45.50
C ASP G 53 -13.93 -45.54 45.03
N LEU G 54 -14.12 -45.40 43.72
CA LEU G 54 -14.39 -44.13 43.09
C LEU G 54 -15.85 -43.96 42.68
N ILE G 55 -16.44 -42.83 43.10
CA ILE G 55 -17.78 -42.45 42.67
C ILE G 55 -17.63 -41.79 41.30
N LEU G 56 -18.51 -42.16 40.37
CA LEU G 56 -18.44 -41.69 38.99
C LEU G 56 -19.32 -40.48 38.70
N ILE G 57 -18.74 -39.53 37.96
CA ILE G 57 -19.43 -38.32 37.51
C ILE G 57 -19.13 -38.09 36.01
N PRO G 58 -20.05 -37.43 35.28
CA PRO G 58 -19.76 -37.09 33.88
C PRO G 58 -18.58 -36.13 33.78
N GLY G 59 -17.86 -36.19 32.66
CA GLY G 59 -16.73 -35.29 32.41
C GLY G 59 -17.07 -33.83 32.60
N LEU G 60 -16.18 -33.10 33.26
CA LEU G 60 -16.48 -31.72 33.64
C LEU G 60 -16.27 -30.73 32.49
N MET G 61 -16.99 -29.62 32.53
CA MET G 61 -16.92 -28.61 31.48
C MET G 61 -16.65 -27.21 32.04
N ASP G 62 -15.81 -26.47 31.33
CA ASP G 62 -15.56 -25.06 31.64
C ASP G 62 -16.08 -24.24 30.46
N SER G 63 -16.87 -23.20 30.73
CA SER G 63 -17.45 -22.41 29.66
C SER G 63 -16.67 -21.13 29.35
N HIS G 64 -15.49 -21.00 29.93
CA HIS G 64 -14.71 -19.78 29.76
C HIS G 64 -13.24 -20.05 30.06
N VAL G 65 -12.50 -20.50 29.06
CA VAL G 65 -11.05 -20.71 29.22
C VAL G 65 -10.23 -19.99 28.15
N HIS G 66 -8.93 -19.84 28.41
CA HIS G 66 -7.98 -19.28 27.45
C HIS G 66 -6.74 -20.17 27.40
N ILE G 67 -6.91 -21.33 26.78
CA ILE G 67 -5.88 -22.39 26.75
C ILE G 67 -4.64 -21.99 25.95
N VAL G 68 -4.84 -21.37 24.79
CA VAL G 68 -3.73 -20.88 23.98
C VAL G 68 -3.41 -19.44 24.36
N GLY G 69 -2.13 -19.19 24.61
CA GLY G 69 -1.64 -17.89 25.07
C GLY G 69 -0.31 -18.10 25.77
N ASN G 70 0.56 -17.10 25.73
CA ASN G 70 1.90 -17.22 26.31
C ASN G 70 1.90 -17.10 27.82
N ASP G 71 2.28 -18.18 28.51
CA ASP G 71 2.35 -18.15 29.96
C ASP G 71 3.74 -17.83 30.49
N SER G 72 4.73 -17.71 29.60
CA SER G 72 6.08 -17.34 29.99
C SER G 72 6.13 -15.89 30.46
N LYS G 73 6.86 -15.66 31.54
CA LYS G 73 6.94 -14.34 32.15
C LYS G 73 8.39 -13.83 32.17
N GLY G 74 8.56 -12.57 32.57
CA GLY G 74 9.89 -11.99 32.70
C GLY G 74 10.36 -11.34 31.43
N GLU G 75 11.56 -10.77 31.48
CA GLU G 75 12.12 -9.97 30.39
C GLU G 75 12.46 -10.82 29.17
N GLU G 76 12.86 -12.06 29.42
CA GLU G 76 13.24 -13.02 28.38
C GLU G 76 12.12 -13.39 27.41
N SER G 77 10.88 -13.08 27.78
CA SER G 77 9.71 -13.47 26.99
C SER G 77 9.08 -12.29 26.25
N ILE G 78 9.76 -11.15 26.25
CA ILE G 78 9.15 -9.90 25.77
C ILE G 78 8.91 -9.86 24.25
N ALA G 79 9.80 -10.49 23.49
CA ALA G 79 9.71 -10.46 22.04
C ALA G 79 9.36 -11.85 21.47
N ASP G 80 8.73 -12.67 22.29
CA ASP G 80 8.24 -13.99 21.88
C ASP G 80 7.24 -13.89 20.74
N SER G 81 7.35 -14.79 19.77
CA SER G 81 6.37 -14.85 18.69
C SER G 81 5.08 -15.50 19.20
N SER G 82 4.03 -15.43 18.40
CA SER G 82 2.72 -15.97 18.77
C SER G 82 2.73 -17.50 18.83
N HIS G 83 3.79 -18.11 18.29
CA HIS G 83 3.94 -19.56 18.32
C HIS G 83 4.22 -20.10 19.72
N MET G 84 4.83 -19.26 20.55
CA MET G 84 5.05 -19.55 21.97
C MET G 84 3.73 -19.79 22.68
N GLY G 85 2.73 -18.99 22.34
CA GLY G 85 1.39 -19.16 22.87
C GLY G 85 0.72 -20.44 22.42
N THR G 86 1.13 -20.95 21.26
CA THR G 86 0.63 -22.22 20.74
C THR G 86 1.27 -23.40 21.48
N VAL G 87 2.57 -23.28 21.74
CA VAL G 87 3.32 -24.27 22.52
C VAL G 87 2.66 -24.44 23.88
N TRP G 88 2.41 -23.31 24.54
CA TRP G 88 1.72 -23.27 25.82
C TRP G 88 0.32 -23.87 25.74
N GLY G 89 -0.34 -23.70 24.61
CA GLY G 89 -1.67 -24.25 24.38
C GLY G 89 -1.68 -25.77 24.41
N VAL G 90 -0.60 -26.39 23.94
CA VAL G 90 -0.44 -27.84 23.98
C VAL G 90 -0.33 -28.34 25.43
N VAL G 91 0.59 -27.73 26.18
CA VAL G 91 0.79 -27.98 27.60
C VAL G 91 -0.52 -27.82 28.38
N ASN G 92 -1.16 -26.67 28.21
CA ASN G 92 -2.36 -26.33 28.95
C ASN G 92 -3.58 -27.18 28.59
N ALA G 93 -3.62 -27.69 27.36
CA ALA G 93 -4.71 -28.57 26.94
C ALA G 93 -4.63 -29.90 27.68
N GLU G 94 -3.40 -30.40 27.87
CA GLU G 94 -3.18 -31.62 28.66
C GLU G 94 -3.60 -31.43 30.13
N LYS G 95 -3.06 -30.38 30.75
CA LYS G 95 -3.40 -30.00 32.13
C LYS G 95 -4.90 -29.88 32.40
N THR G 96 -5.63 -29.38 31.42
CA THR G 96 -7.08 -29.23 31.52
C THR G 96 -7.78 -30.59 31.51
N LEU G 97 -7.33 -31.47 30.63
CA LEU G 97 -7.91 -32.81 30.50
C LEU G 97 -7.61 -33.66 31.74
N MET G 98 -6.35 -33.61 32.18
CA MET G 98 -5.90 -34.36 33.36
C MET G 98 -6.59 -33.91 34.66
N ALA G 99 -7.10 -32.69 34.66
CA ALA G 99 -7.92 -32.19 35.77
C ALA G 99 -9.39 -32.61 35.67
N GLY G 100 -9.73 -33.42 34.66
CA GLY G 100 -11.07 -34.00 34.54
C GLY G 100 -12.07 -33.18 33.73
N PHE G 101 -11.55 -32.21 32.96
CA PHE G 101 -12.38 -31.41 32.07
C PHE G 101 -12.28 -31.94 30.65
N THR G 102 -13.41 -32.42 30.13
CA THR G 102 -13.42 -33.16 28.87
C THR G 102 -13.98 -32.37 27.68
N THR G 103 -14.69 -31.29 27.98
CA THR G 103 -15.20 -30.39 26.96
C THR G 103 -15.14 -28.95 27.51
N VAL G 104 -14.37 -28.09 26.83
CA VAL G 104 -14.28 -26.69 27.27
C VAL G 104 -14.63 -25.69 26.16
N ARG G 105 -14.97 -24.48 26.55
CA ARG G 105 -15.19 -23.41 25.60
C ARG G 105 -14.05 -22.39 25.70
N ASN G 106 -13.14 -22.43 24.73
CA ASN G 106 -12.09 -21.42 24.62
C ASN G 106 -12.67 -20.14 24.05
N VAL G 107 -12.40 -19.02 24.70
CA VAL G 107 -13.25 -17.86 24.52
C VAL G 107 -12.54 -16.60 24.01
N GLY G 108 -11.26 -16.72 23.68
CA GLY G 108 -10.53 -15.61 23.07
C GLY G 108 -9.07 -15.90 22.82
N ALA G 109 -8.70 -16.01 21.54
CA ALA G 109 -7.32 -16.29 21.12
C ALA G 109 -7.03 -15.70 19.74
N ALA G 110 -5.75 -15.40 19.49
CA ALA G 110 -5.30 -14.76 18.27
C ALA G 110 -4.78 -15.73 17.20
N ASN G 111 -4.94 -15.33 15.94
CA ASN G 111 -4.36 -16.01 14.76
C ASN G 111 -4.93 -17.38 14.42
N TYR G 112 -6.08 -17.71 15.01
CA TYR G 112 -6.75 -19.00 14.81
C TYR G 112 -5.90 -20.18 15.28
N ALA G 113 -5.00 -19.89 16.22
CA ALA G 113 -4.18 -20.91 16.87
C ALA G 113 -5.06 -21.78 17.76
N ASP G 114 -6.16 -21.20 18.24
CA ASP G 114 -7.17 -21.95 18.97
C ASP G 114 -7.83 -23.03 18.12
N VAL G 115 -8.06 -22.76 16.83
CA VAL G 115 -8.63 -23.79 15.97
C VAL G 115 -7.59 -24.87 15.64
N SER G 116 -6.32 -24.48 15.60
CA SER G 116 -5.23 -25.42 15.35
C SER G 116 -5.12 -26.40 16.50
N VAL G 117 -5.14 -25.89 17.72
CA VAL G 117 -4.99 -26.72 18.91
C VAL G 117 -6.20 -27.65 19.01
N ARG G 118 -7.39 -27.10 18.76
CA ARG G 118 -8.63 -27.87 18.76
C ARG G 118 -8.57 -29.03 17.78
N ASP G 119 -8.14 -28.72 16.56
CA ASP G 119 -8.07 -29.71 15.48
C ASP G 119 -7.04 -30.78 15.78
N ALA G 120 -5.90 -30.38 16.33
CA ALA G 120 -4.85 -31.32 16.73
C ALA G 120 -5.38 -32.33 17.77
N ILE G 121 -6.12 -31.83 18.75
CA ILE G 121 -6.76 -32.68 19.76
C ILE G 121 -7.73 -33.64 19.09
N GLU G 122 -8.59 -33.09 18.23
CA GLU G 122 -9.59 -33.83 17.47
C GLU G 122 -8.98 -34.92 16.60
N ARG G 123 -7.81 -34.64 16.04
CA ARG G 123 -7.08 -35.57 15.18
C ARG G 123 -6.24 -36.59 15.95
N GLY G 124 -6.21 -36.46 17.27
CA GLY G 124 -5.41 -37.34 18.11
C GLY G 124 -3.91 -37.04 18.10
N VAL G 125 -3.55 -35.85 17.63
CA VAL G 125 -2.14 -35.43 17.60
C VAL G 125 -1.62 -35.13 19.01
N ILE G 126 -2.46 -34.49 19.81
CA ILE G 126 -2.15 -34.19 21.20
C ILE G 126 -3.35 -34.54 22.07
N ASN G 127 -3.12 -34.67 23.38
CA ASN G 127 -4.20 -34.89 24.33
C ASN G 127 -4.75 -33.57 24.84
N GLY G 128 -6.06 -33.53 25.03
CA GLY G 128 -6.74 -32.38 25.60
C GLY G 128 -8.24 -32.54 25.51
N PRO G 129 -8.98 -31.57 26.06
CA PRO G 129 -10.44 -31.63 25.98
C PRO G 129 -10.91 -31.27 24.57
N THR G 130 -12.13 -31.69 24.24
CA THR G 130 -12.82 -31.17 23.09
C THR G 130 -13.03 -29.67 23.33
N MET G 131 -12.44 -28.86 22.47
CA MET G 131 -12.56 -27.40 22.56
C MET G 131 -13.62 -26.85 21.61
N LEU G 132 -14.44 -25.95 22.10
CA LEU G 132 -15.26 -25.11 21.24
C LEU G 132 -14.58 -23.76 21.24
N VAL G 133 -14.11 -23.33 20.07
CA VAL G 133 -13.28 -22.12 19.97
C VAL G 133 -13.98 -20.95 19.27
N SER G 134 -13.55 -19.74 19.63
CA SER G 134 -14.23 -18.52 19.22
C SER G 134 -13.49 -17.76 18.13
N GLY G 135 -12.21 -18.11 17.88
CA GLY G 135 -11.32 -17.25 17.10
C GLY G 135 -11.11 -15.94 17.86
N PRO G 136 -10.62 -14.90 17.17
CA PRO G 136 -10.45 -13.61 17.84
C PRO G 136 -11.78 -13.04 18.29
N ALA G 137 -11.78 -12.45 19.49
CA ALA G 137 -12.94 -11.79 20.01
C ALA G 137 -13.12 -10.47 19.29
N LEU G 138 -14.37 -10.08 19.09
CA LEU G 138 -14.69 -8.85 18.38
C LEU G 138 -14.84 -7.71 19.36
N GLY G 139 -14.28 -6.56 19.04
CA GLY G 139 -14.42 -5.41 19.91
C GLY G 139 -14.33 -4.11 19.16
N ILE G 140 -14.70 -3.02 19.83
CA ILE G 140 -14.54 -1.70 19.26
C ILE G 140 -13.08 -1.26 19.37
N THR G 141 -12.72 -0.25 18.58
CA THR G 141 -11.42 0.42 18.71
C THR G 141 -11.23 0.92 20.14
N GLY G 142 -10.15 0.48 20.77
CA GLY G 142 -9.84 0.88 22.13
C GLY G 142 -10.61 0.17 23.21
N GLY G 143 -11.37 -0.85 22.83
CA GLY G 143 -12.15 -1.61 23.80
C GLY G 143 -11.35 -2.63 24.59
N HIS G 144 -12.05 -3.40 25.42
CA HIS G 144 -11.44 -4.47 26.20
C HIS G 144 -10.76 -5.53 25.31
N CYS G 145 -11.43 -5.86 24.21
CA CYS G 145 -10.93 -6.83 23.23
C CYS G 145 -9.74 -6.28 22.40
N ASP G 146 -9.60 -4.97 22.34
CA ASP G 146 -8.47 -4.31 21.68
C ASP G 146 -7.24 -4.28 22.61
N HIS G 147 -6.06 -4.24 22.01
CA HIS G 147 -4.78 -4.17 22.72
C HIS G 147 -4.35 -2.70 22.83
N ASN G 148 -4.46 -2.11 24.02
CA ASN G 148 -4.16 -0.69 24.25
C ASN G 148 -2.81 -0.46 24.93
N LEU G 149 -1.79 -1.22 24.51
CA LEU G 149 -0.50 -1.18 25.18
C LEU G 149 0.60 -0.46 24.40
N LEU G 150 0.32 -0.15 23.13
CA LEU G 150 1.30 0.52 22.26
C LEU G 150 1.00 2.00 22.04
N PRO G 151 2.05 2.84 21.85
CA PRO G 151 1.92 4.27 21.53
C PRO G 151 1.08 4.52 20.29
N PRO G 152 0.50 5.73 20.14
CA PRO G 152 -0.36 6.03 18.99
C PRO G 152 0.35 6.02 17.65
N GLU G 153 1.65 6.24 17.66
CA GLU G 153 2.48 6.19 16.46
C GLU G 153 2.38 4.85 15.74
N PHE G 154 2.23 3.76 16.52
CA PHE G 154 2.13 2.42 15.95
C PHE G 154 0.80 2.19 15.27
N ASN G 155 -0.22 2.90 15.74
CA ASN G 155 -1.60 2.75 15.27
C ASN G 155 -2.07 1.28 15.21
N TYR G 156 -1.74 0.53 16.27
CA TYR G 156 -2.03 -0.88 16.31
C TYR G 156 -3.42 -1.13 16.85
N SER G 157 -4.23 -1.82 16.05
CA SER G 157 -5.45 -2.42 16.55
C SER G 157 -5.37 -3.92 16.35
N SER G 158 -5.85 -4.67 17.33
CA SER G 158 -5.80 -6.13 17.27
C SER G 158 -6.80 -6.74 16.28
N GLU G 159 -6.68 -8.05 16.08
CA GLU G 159 -7.33 -8.81 15.01
C GLU G 159 -8.83 -8.63 14.84
N GLY G 160 -9.57 -8.65 15.94
CA GLY G 160 -11.02 -8.65 15.88
C GLY G 160 -11.71 -7.30 15.99
N VAL G 161 -10.94 -6.22 15.95
CA VAL G 161 -11.49 -4.87 16.08
C VAL G 161 -12.43 -4.50 14.92
N VAL G 162 -13.69 -4.24 15.24
CA VAL G 162 -14.70 -3.82 14.26
C VAL G 162 -15.45 -2.60 14.78
N ASP G 163 -15.89 -1.73 13.88
CA ASP G 163 -16.50 -0.46 14.29
C ASP G 163 -17.72 -0.03 13.45
N SER G 164 -18.37 -1.00 12.82
CA SER G 164 -19.65 -0.78 12.15
C SER G 164 -20.38 -2.14 12.12
N PRO G 165 -21.73 -2.13 12.01
CA PRO G 165 -22.48 -3.39 11.92
C PRO G 165 -22.01 -4.33 10.80
N TRP G 166 -21.67 -3.76 9.64
CA TRP G 166 -21.21 -4.57 8.52
C TRP G 166 -19.78 -5.07 8.68
N GLU G 167 -18.93 -4.27 9.32
CA GLU G 167 -17.59 -4.70 9.65
C GLU G 167 -17.69 -5.89 10.58
N ALA G 168 -18.58 -5.78 11.55
CA ALA G 168 -18.82 -6.80 12.56
C ALA G 168 -19.35 -8.08 11.93
N ARG G 169 -20.35 -7.95 11.06
CA ARG G 169 -20.88 -9.02 10.24
C ARG G 169 -19.75 -9.76 9.51
N LYS G 170 -18.86 -8.99 8.90
CA LYS G 170 -17.79 -9.54 8.08
C LYS G 170 -16.81 -10.35 8.93
N MET G 171 -16.58 -9.87 10.16
CA MET G 171 -15.58 -10.48 11.05
C MET G 171 -16.11 -11.78 11.63
N VAL G 172 -17.43 -11.82 11.87
CA VAL G 172 -18.13 -13.08 12.19
C VAL G 172 -17.94 -14.08 11.05
N ARG G 173 -18.24 -13.64 9.82
CA ARG G 173 -18.03 -14.46 8.62
C ARG G 173 -16.61 -14.94 8.46
N LYS G 174 -15.64 -14.09 8.79
CA LYS G 174 -14.23 -14.42 8.67
C LYS G 174 -13.81 -15.45 9.71
N ASN G 175 -14.33 -15.31 10.93
CA ASN G 175 -14.05 -16.27 12.00
C ASN G 175 -14.60 -17.65 11.64
N ARG G 176 -15.83 -17.68 11.12
CA ARG G 176 -16.45 -18.92 10.65
C ARG G 176 -15.65 -19.54 9.51
N LYS G 177 -15.15 -18.70 8.61
CA LYS G 177 -14.36 -19.12 7.46
C LYS G 177 -13.14 -19.90 7.91
N TYR G 178 -12.50 -19.42 8.97
CA TYR G 178 -11.28 -20.03 9.47
C TYR G 178 -11.50 -20.98 10.65
N GLY G 179 -12.77 -21.32 10.88
CA GLY G 179 -13.14 -22.49 11.69
C GLY G 179 -13.64 -22.29 13.11
N ALA G 180 -14.12 -21.10 13.44
CA ALA G 180 -14.61 -20.83 14.79
C ALA G 180 -15.93 -21.56 14.99
N ASP G 181 -16.21 -21.93 16.23
CA ASP G 181 -17.45 -22.60 16.61
C ASP G 181 -18.47 -21.59 17.14
N LEU G 182 -17.96 -20.56 17.78
CA LEU G 182 -18.83 -19.54 18.32
C LEU G 182 -18.17 -18.19 18.20
N ILE G 183 -18.88 -17.13 18.55
CA ILE G 183 -18.40 -15.78 18.44
C ILE G 183 -18.39 -15.16 19.83
N KCX G 184 -17.30 -14.48 20.16
CA KCX G 184 -17.22 -13.75 21.41
CB KCX G 184 -16.08 -14.31 22.26
CG KCX G 184 -16.22 -13.99 23.72
CD KCX G 184 -15.29 -12.90 24.14
CE KCX G 184 -15.29 -12.82 25.62
NZ KCX G 184 -13.95 -12.51 26.12
C KCX G 184 -17.01 -12.27 21.16
O KCX G 184 -16.21 -11.91 20.30
CX KCX G 184 -13.75 -12.32 27.42
OQ1 KCX G 184 -14.67 -12.40 28.25
OQ2 KCX G 184 -12.60 -12.06 27.83
N PHE G 185 -17.71 -11.42 21.91
CA PHE G 185 -17.45 -9.98 21.85
C PHE G 185 -17.43 -9.28 23.20
N CYS G 186 -16.71 -8.17 23.29
CA CYS G 186 -16.66 -7.32 24.49
C CYS G 186 -17.78 -6.30 24.46
N ALA G 187 -18.72 -6.40 25.40
CA ALA G 187 -19.85 -5.47 25.50
C ALA G 187 -19.62 -4.34 26.50
N THR G 188 -18.64 -4.54 27.40
CA THR G 188 -18.18 -3.48 28.32
C THR G 188 -16.67 -3.51 28.40
N GLY G 189 -16.12 -2.58 29.17
CA GLY G 189 -14.70 -2.58 29.51
C GLY G 189 -14.41 -3.68 30.51
N GLY G 190 -13.12 -3.97 30.72
CA GLY G 190 -12.73 -5.09 31.55
C GLY G 190 -11.64 -4.82 32.56
N VAL G 191 -11.36 -5.83 33.37
CA VAL G 191 -10.38 -5.75 34.45
C VAL G 191 -8.93 -5.79 33.92
N MET G 192 -8.63 -6.79 33.10
CA MET G 192 -7.25 -7.10 32.68
C MET G 192 -6.67 -6.23 31.55
N SER G 193 -7.51 -5.44 30.89
CA SER G 193 -7.05 -4.53 29.85
C SER G 193 -6.68 -3.13 30.38
N ARG G 194 -5.86 -2.44 29.60
CA ARG G 194 -5.45 -1.07 29.91
C ARG G 194 -6.41 -0.08 29.25
N ASN G 195 -6.76 0.98 29.99
CA ASN G 195 -7.62 2.07 29.51
C ASN G 195 -9.02 1.63 29.06
N THR G 196 -9.72 0.88 29.93
CA THR G 196 -11.12 0.53 29.69
C THR G 196 -11.95 0.79 30.95
N ASP G 197 -13.11 1.38 30.75
CA ASP G 197 -14.07 1.62 31.83
C ASP G 197 -15.01 0.42 31.92
N VAL G 198 -14.94 -0.25 33.07
CA VAL G 198 -15.71 -1.45 33.37
C VAL G 198 -17.24 -1.24 33.31
N ASN G 199 -17.69 -0.04 33.68
CA ASN G 199 -19.12 0.27 33.67
C ASN G 199 -19.69 0.83 32.37
N ALA G 200 -18.81 1.31 31.49
CA ALA G 200 -19.22 1.86 30.19
C ALA G 200 -19.50 0.73 29.20
N LYS G 201 -20.56 0.91 28.43
CA LYS G 201 -20.92 -0.02 27.37
C LYS G 201 -19.99 0.21 26.18
N GLN G 202 -19.55 -0.88 25.56
CA GLN G 202 -18.82 -0.83 24.30
C GLN G 202 -19.67 -1.52 23.22
N PHE G 203 -19.68 -0.96 22.02
CA PHE G 203 -20.61 -1.32 20.91
C PHE G 203 -21.95 -0.63 21.07
N THR G 204 -22.49 -0.17 19.95
CA THR G 204 -23.88 0.26 19.92
C THR G 204 -24.74 -1.00 19.91
N LEU G 205 -26.01 -0.83 20.24
CA LEU G 205 -26.95 -1.94 20.19
C LEU G 205 -27.03 -2.51 18.76
N GLU G 206 -27.03 -1.60 17.78
CA GLU G 206 -27.10 -1.97 16.36
C GLU G 206 -25.96 -2.88 15.95
N GLU G 207 -24.75 -2.56 16.42
CA GLU G 207 -23.56 -3.38 16.19
C GLU G 207 -23.70 -4.76 16.83
N MET G 208 -24.15 -4.77 18.09
CA MET G 208 -24.34 -5.99 18.88
C MET G 208 -25.37 -6.91 18.24
N LYS G 209 -26.48 -6.32 17.79
CA LYS G 209 -27.53 -7.07 17.11
C LYS G 209 -27.02 -7.71 15.83
N ALA G 210 -26.18 -6.97 15.09
CA ALA G 210 -25.59 -7.46 13.85
C ALA G 210 -24.66 -8.65 14.08
N ILE G 211 -23.81 -8.56 15.12
CA ILE G 211 -22.95 -9.67 15.53
C ILE G 211 -23.77 -10.94 15.83
N VAL G 212 -24.78 -10.78 16.66
CA VAL G 212 -25.66 -11.88 17.09
C VAL G 212 -26.45 -12.48 15.92
N ASP G 213 -27.06 -11.62 15.11
CA ASP G 213 -27.89 -12.03 13.98
C ASP G 213 -27.09 -12.87 13.00
N GLU G 214 -25.87 -12.40 12.68
CA GLU G 214 -24.99 -13.08 11.75
C GLU G 214 -24.51 -14.43 12.27
N ALA G 215 -24.11 -14.45 13.53
CA ALA G 215 -23.63 -15.69 14.15
C ALA G 215 -24.72 -16.76 14.19
N HIS G 216 -25.91 -16.35 14.60
CA HIS G 216 -27.04 -17.26 14.71
C HIS G 216 -27.47 -17.80 13.35
N ASN G 217 -27.41 -16.95 12.34
CA ASN G 217 -27.64 -17.33 10.94
C ASN G 217 -26.74 -18.51 10.52
N HIS G 218 -25.51 -18.54 11.03
CA HIS G 218 -24.59 -19.64 10.75
C HIS G 218 -24.64 -20.73 11.79
N GLY G 219 -25.56 -20.61 12.75
CA GLY G 219 -25.72 -21.60 13.81
C GLY G 219 -24.60 -21.57 14.82
N MET G 220 -23.98 -20.41 14.98
CA MET G 220 -22.94 -20.20 15.98
C MET G 220 -23.60 -19.55 17.19
N LYS G 221 -23.09 -19.85 18.39
CA LYS G 221 -23.57 -19.18 19.61
C LYS G 221 -22.72 -17.96 19.95
N VAL G 222 -23.30 -17.02 20.68
CA VAL G 222 -22.62 -15.76 20.97
C VAL G 222 -22.42 -15.55 22.47
N ALA G 223 -21.16 -15.42 22.87
CA ALA G 223 -20.80 -15.03 24.23
C ALA G 223 -20.48 -13.54 24.27
N ALA G 224 -20.92 -12.85 25.31
CA ALA G 224 -20.61 -11.43 25.47
C ALA G 224 -19.91 -11.15 26.81
N HIS G 225 -18.68 -10.65 26.76
CA HIS G 225 -17.98 -10.16 27.95
C HIS G 225 -18.66 -8.88 28.41
N ALA G 226 -19.19 -8.87 29.63
CA ALA G 226 -19.87 -7.69 30.16
C ALA G 226 -19.84 -7.62 31.69
N HIS G 227 -19.06 -6.69 32.23
CA HIS G 227 -19.08 -6.37 33.66
C HIS G 227 -20.19 -5.37 34.00
N GLY G 228 -20.14 -4.17 33.40
CA GLY G 228 -21.09 -3.09 33.66
C GLY G 228 -22.52 -3.42 33.31
N LEU G 229 -23.45 -2.89 34.11
CA LEU G 229 -24.88 -3.23 34.01
C LEU G 229 -25.48 -2.86 32.66
N ILE G 230 -25.18 -1.66 32.19
CA ILE G 230 -25.74 -1.10 30.96
C ILE G 230 -25.39 -1.92 29.69
N GLY G 231 -24.20 -2.52 29.71
CA GLY G 231 -23.74 -3.43 28.66
C GLY G 231 -24.41 -4.80 28.75
N ILE G 232 -24.60 -5.30 29.98
CA ILE G 232 -25.27 -6.58 30.21
C ILE G 232 -26.70 -6.54 29.67
N LYS G 233 -27.40 -5.44 29.95
CA LYS G 233 -28.74 -5.20 29.43
C LYS G 233 -28.75 -5.27 27.90
N ALA G 234 -27.80 -4.55 27.30
CA ALA G 234 -27.69 -4.44 25.84
C ALA G 234 -27.40 -5.79 25.19
N ALA G 235 -26.51 -6.57 25.78
CA ALA G 235 -26.13 -7.89 25.26
C ALA G 235 -27.30 -8.87 25.25
N ILE G 236 -28.09 -8.84 26.32
CA ILE G 236 -29.28 -9.67 26.44
C ILE G 236 -30.30 -9.22 25.41
N LYS G 237 -30.50 -7.91 25.31
CA LYS G 237 -31.44 -7.31 24.38
C LYS G 237 -31.08 -7.62 22.92
N ALA G 238 -29.77 -7.73 22.67
CA ALA G 238 -29.23 -8.08 21.36
C ALA G 238 -29.41 -9.56 21.05
N GLY G 239 -29.60 -10.37 22.10
CA GLY G 239 -29.92 -11.77 21.94
C GLY G 239 -28.78 -12.75 22.08
N VAL G 240 -27.78 -12.45 22.91
CA VAL G 240 -26.65 -13.36 23.11
C VAL G 240 -27.07 -14.66 23.80
N ASP G 241 -26.25 -15.69 23.67
CA ASP G 241 -26.53 -16.96 24.32
C ASP G 241 -25.96 -17.02 25.72
N SER G 242 -24.88 -16.27 25.95
CA SER G 242 -24.32 -16.14 27.28
C SER G 242 -23.71 -14.78 27.52
N VAL G 243 -23.77 -14.33 28.76
CA VAL G 243 -23.05 -13.15 29.22
C VAL G 243 -21.95 -13.62 30.17
N GLU G 244 -20.70 -13.38 29.78
CA GLU G 244 -19.57 -13.72 30.61
C GLU G 244 -19.43 -12.67 31.69
N HIS G 245 -19.00 -13.11 32.88
CA HIS G 245 -18.80 -12.31 34.09
C HIS G 245 -20.10 -11.81 34.76
N ALA G 246 -20.86 -10.99 34.05
CA ALA G 246 -22.16 -10.46 34.51
C ALA G 246 -22.11 -9.80 35.90
N SER G 247 -21.04 -9.04 36.15
CA SER G 247 -20.65 -8.64 37.50
C SER G 247 -21.59 -7.66 38.22
N PHE G 248 -22.30 -6.83 37.48
CA PHE G 248 -23.22 -5.89 38.10
C PHE G 248 -24.65 -6.09 37.63
N ILE G 249 -25.05 -7.35 37.53
CA ILE G 249 -26.42 -7.68 37.10
C ILE G 249 -27.44 -7.44 38.22
N ASP G 250 -28.48 -6.66 37.92
CA ASP G 250 -29.52 -6.33 38.89
C ASP G 250 -30.77 -7.21 38.73
N ASP G 251 -31.74 -7.04 39.64
CA ASP G 251 -32.96 -7.83 39.69
C ASP G 251 -33.68 -7.86 38.35
N GLU G 252 -33.89 -6.67 37.79
CA GLU G 252 -34.66 -6.47 36.55
C GLU G 252 -34.08 -7.22 35.36
N THR G 253 -32.76 -7.22 35.27
CA THR G 253 -32.07 -7.79 34.11
C THR G 253 -31.71 -9.26 34.30
N ILE G 254 -31.75 -9.73 35.54
CA ILE G 254 -31.71 -11.16 35.83
C ILE G 254 -32.99 -11.78 35.25
N ASP G 255 -34.11 -11.09 35.45
CA ASP G 255 -35.39 -11.50 34.89
C ASP G 255 -35.43 -11.46 33.37
N MET G 256 -34.73 -10.47 32.78
CA MET G 256 -34.54 -10.37 31.33
C MET G 256 -33.80 -11.62 30.82
N ALA G 257 -32.76 -12.01 31.56
CA ALA G 257 -31.95 -13.18 31.20
C ALA G 257 -32.76 -14.47 31.29
N ILE G 258 -33.57 -14.60 32.33
CA ILE G 258 -34.45 -15.76 32.51
C ILE G 258 -35.45 -15.88 31.36
N LYS G 259 -36.07 -14.75 31.01
CA LYS G 259 -37.07 -14.67 29.95
C LYS G 259 -36.50 -15.03 28.56
N ASN G 260 -35.23 -14.69 28.35
CA ASN G 260 -34.58 -14.84 27.04
C ASN G 260 -33.69 -16.07 26.90
N ASN G 261 -33.62 -16.88 27.96
CA ASN G 261 -32.70 -18.02 28.06
C ASN G 261 -31.23 -17.66 27.94
N THR G 262 -30.89 -16.45 28.36
CA THR G 262 -29.51 -16.01 28.38
C THR G 262 -28.78 -16.59 29.59
N VAL G 263 -27.80 -17.44 29.32
CA VAL G 263 -26.99 -18.06 30.37
C VAL G 263 -26.03 -17.03 30.97
N LEU G 264 -25.81 -17.10 32.27
CA LEU G 264 -24.84 -16.24 32.93
C LEU G 264 -23.61 -17.05 33.27
N SER G 265 -22.53 -16.82 32.54
CA SER G 265 -21.29 -17.55 32.77
C SER G 265 -20.41 -16.72 33.69
N MET G 266 -20.46 -17.03 34.99
CA MET G 266 -19.87 -16.16 36.02
C MET G 266 -18.64 -16.77 36.68
N ASP G 267 -17.53 -16.04 36.65
CA ASP G 267 -16.25 -16.49 37.20
C ASP G 267 -15.95 -15.91 38.59
N ILE G 268 -16.51 -16.55 39.61
CA ILE G 268 -16.42 -16.03 40.97
C ILE G 268 -15.10 -16.34 41.67
N PHE G 269 -14.41 -17.38 41.23
CA PHE G 269 -13.15 -17.81 41.86
C PHE G 269 -11.97 -16.88 41.57
N VAL G 270 -11.77 -16.57 40.29
CA VAL G 270 -10.55 -15.91 39.77
C VAL G 270 -10.19 -14.57 40.43
N SER G 271 -11.18 -13.90 41.01
CA SER G 271 -10.98 -12.63 41.70
C SER G 271 -10.02 -12.73 42.90
N ASP G 272 -10.04 -13.88 43.56
CA ASP G 272 -9.14 -14.19 44.68
C ASP G 272 -7.70 -14.40 44.22
N TYR G 273 -7.54 -14.94 43.01
CA TYR G 273 -6.22 -15.13 42.42
C TYR G 273 -5.60 -13.78 42.08
N ILE G 274 -6.38 -12.91 41.43
CA ILE G 274 -5.89 -11.61 40.94
C ILE G 274 -5.44 -10.70 42.10
N LEU G 275 -6.28 -10.58 43.12
CA LEU G 275 -5.97 -9.73 44.28
C LEU G 275 -4.90 -10.32 45.19
N GLY G 276 -4.81 -11.66 45.23
CA GLY G 276 -3.80 -12.35 46.05
C GLY G 276 -2.52 -12.69 45.30
N GLU G 277 -2.54 -13.81 44.59
CA GLU G 277 -1.38 -14.36 43.86
C GLU G 277 -0.94 -13.51 42.68
N GLY G 278 -1.91 -12.87 42.02
CA GLY G 278 -1.67 -12.10 40.81
C GLY G 278 -1.06 -10.73 41.02
N ALA G 279 -1.22 -10.18 42.23
CA ALA G 279 -0.71 -8.86 42.59
C ALA G 279 0.81 -8.76 42.50
N LYS G 280 1.50 -9.86 42.81
CA LYS G 280 2.95 -9.95 42.72
C LYS G 280 3.39 -10.68 41.45
N ALA G 281 2.46 -11.36 40.77
CA ALA G 281 2.75 -12.13 39.56
C ALA G 281 3.04 -11.26 38.32
N GLY G 282 2.59 -10.00 38.35
CA GLY G 282 2.84 -9.06 37.26
C GLY G 282 1.63 -8.35 36.72
N ILE G 283 0.48 -8.49 37.40
CA ILE G 283 -0.76 -7.81 37.03
C ILE G 283 -0.66 -6.33 37.43
N ARG G 284 -0.96 -5.45 36.47
CA ARG G 284 -0.76 -4.01 36.64
C ARG G 284 -1.68 -3.36 37.67
N GLU G 285 -1.27 -2.20 38.17
CA GLU G 285 -1.94 -1.47 39.24
C GLU G 285 -3.35 -1.01 38.88
N GLU G 286 -3.54 -0.62 37.61
CA GLU G 286 -4.83 -0.20 37.08
C GLU G 286 -5.85 -1.35 37.01
N SER G 287 -5.32 -2.56 36.78
CA SER G 287 -6.12 -3.78 36.71
C SER G 287 -6.61 -4.25 38.09
N LEU G 288 -5.74 -4.09 39.09
CA LEU G 288 -6.03 -4.48 40.48
C LEU G 288 -7.11 -3.60 41.10
N ASN G 289 -7.09 -2.30 40.76
CA ASN G 289 -8.12 -1.35 41.19
C ASN G 289 -9.49 -1.65 40.56
N LYS G 290 -9.48 -2.06 39.30
CA LYS G 290 -10.70 -2.47 38.60
C LYS G 290 -11.21 -3.82 39.09
N GLU G 291 -10.32 -4.65 39.64
CA GLU G 291 -10.70 -5.93 40.22
C GLU G 291 -11.45 -5.74 41.55
N ARG G 292 -11.03 -4.75 42.33
CA ARG G 292 -11.67 -4.40 43.59
C ARG G 292 -13.09 -3.85 43.40
N LEU G 293 -13.33 -3.16 42.28
CA LEU G 293 -14.67 -2.70 41.90
C LEU G 293 -15.61 -3.84 41.51
N VAL G 294 -15.02 -4.93 40.97
CA VAL G 294 -15.78 -6.02 40.35
C VAL G 294 -15.98 -7.25 41.27
N GLY G 295 -14.90 -7.68 41.92
CA GLY G 295 -14.83 -8.95 42.66
C GLY G 295 -15.90 -9.30 43.68
N LYS G 296 -15.96 -8.53 44.76
CA LYS G 296 -16.89 -8.76 45.87
C LYS G 296 -18.36 -8.64 45.43
N LYS G 297 -18.64 -7.66 44.57
CA LYS G 297 -19.99 -7.39 44.09
C LYS G 297 -20.53 -8.46 43.12
N GLN G 298 -19.62 -9.15 42.43
CA GLN G 298 -19.97 -10.19 41.45
C GLN G 298 -20.60 -11.41 42.10
N ARG G 299 -19.98 -11.86 43.20
CA ARG G 299 -20.43 -13.06 43.91
C ARG G 299 -21.75 -12.83 44.66
N GLU G 300 -21.98 -11.60 45.12
CA GLU G 300 -23.26 -11.21 45.70
C GLU G 300 -24.36 -11.30 44.66
N ASN G 301 -24.03 -10.85 43.44
CA ASN G 301 -24.95 -10.90 42.31
C ASN G 301 -25.14 -12.30 41.77
N PHE G 302 -24.11 -13.13 41.90
CA PHE G 302 -24.15 -14.55 41.55
C PHE G 302 -25.21 -15.26 42.38
N MET G 303 -25.16 -15.00 43.68
CA MET G 303 -26.08 -15.56 44.66
C MET G 303 -27.52 -15.15 44.37
N ASN G 304 -27.71 -13.87 44.08
CA ASN G 304 -29.02 -13.32 43.76
C ASN G 304 -29.60 -13.87 42.45
N ALA G 305 -28.73 -14.02 41.44
CA ALA G 305 -29.14 -14.51 40.13
C ALA G 305 -29.55 -15.97 40.17
N HIS G 306 -28.82 -16.78 40.95
CA HIS G 306 -29.16 -18.19 41.11
C HIS G 306 -30.51 -18.37 41.78
N ARG G 307 -30.76 -17.57 42.81
CA ARG G 307 -31.99 -17.64 43.57
C ARG G 307 -33.19 -17.26 42.70
N ARG G 308 -33.04 -16.19 41.93
CA ARG G 308 -34.15 -15.70 41.11
C ARG G 308 -34.49 -16.64 39.96
N GLY G 309 -33.59 -17.58 39.67
CA GLY G 309 -33.87 -18.66 38.71
C GLY G 309 -33.13 -18.59 37.38
N ALA G 310 -32.04 -17.82 37.34
CA ALA G 310 -31.25 -17.69 36.11
C ALA G 310 -30.27 -18.83 35.92
N ILE G 311 -30.11 -19.28 34.68
CA ILE G 311 -29.18 -20.36 34.33
C ILE G 311 -27.74 -19.86 34.47
N ILE G 312 -26.96 -20.53 35.30
CA ILE G 312 -25.57 -20.16 35.50
C ILE G 312 -24.67 -21.33 35.17
N THR G 313 -23.70 -21.11 34.30
CA THR G 313 -22.73 -22.14 33.95
C THR G 313 -21.40 -21.97 34.66
N PHE G 314 -20.60 -23.02 34.59
CA PHE G 314 -19.29 -23.06 35.21
C PHE G 314 -18.26 -22.48 34.27
N GLY G 315 -17.90 -21.22 34.50
CA GLY G 315 -16.87 -20.56 33.71
C GLY G 315 -15.88 -19.94 34.65
N THR G 316 -14.59 -20.22 34.45
CA THR G 316 -13.58 -19.86 35.46
C THR G 316 -12.65 -18.71 35.10
N ASP G 317 -12.51 -18.45 33.80
CA ASP G 317 -11.46 -17.58 33.24
C ASP G 317 -10.06 -18.14 33.51
N ALA G 318 -9.92 -19.45 33.29
CA ALA G 318 -8.63 -20.13 33.35
C ALA G 318 -7.71 -19.61 32.26
N GLY G 319 -6.49 -19.29 32.64
CA GLY G 319 -5.56 -18.57 31.79
C GLY G 319 -4.95 -17.48 32.63
N ILE G 320 -5.81 -16.79 33.37
CA ILE G 320 -5.40 -15.84 34.39
C ILE G 320 -4.71 -16.62 35.52
N PHE G 321 -5.45 -17.52 36.15
CA PHE G 321 -4.88 -18.52 37.04
C PHE G 321 -4.44 -19.76 36.24
N ASP G 322 -3.78 -20.71 36.88
CA ASP G 322 -3.22 -21.89 36.20
C ASP G 322 -4.26 -22.86 35.64
N HIS G 323 -3.98 -23.36 34.44
CA HIS G 323 -4.82 -24.37 33.83
C HIS G 323 -4.66 -25.70 34.57
N GLY G 324 -5.79 -26.31 34.94
CA GLY G 324 -5.78 -27.50 35.78
C GLY G 324 -6.35 -27.21 37.16
N ASP G 325 -6.26 -25.95 37.60
CA ASP G 325 -6.80 -25.55 38.89
C ASP G 325 -8.24 -25.07 38.78
N ASN G 326 -8.90 -25.43 37.68
CA ASN G 326 -10.25 -24.94 37.37
C ASN G 326 -11.28 -25.39 38.39
N ALA G 327 -11.07 -26.60 38.93
CA ALA G 327 -12.01 -27.22 39.86
C ALA G 327 -12.09 -26.54 41.24
N LYS G 328 -11.16 -25.62 41.51
CA LYS G 328 -11.20 -24.80 42.71
C LYS G 328 -12.43 -23.89 42.82
N GLN G 329 -13.08 -23.61 41.69
CA GLN G 329 -14.29 -22.78 41.69
C GLN G 329 -15.52 -23.46 42.28
N PHE G 330 -15.50 -24.80 42.33
CA PHE G 330 -16.63 -25.56 42.86
C PHE G 330 -16.92 -25.23 44.31
N ALA G 331 -15.86 -25.15 45.13
CA ALA G 331 -15.95 -24.74 46.53
C ALA G 331 -16.61 -23.36 46.70
N TYR G 332 -16.21 -22.41 45.86
CA TYR G 332 -16.74 -21.06 45.85
C TYR G 332 -18.19 -21.02 45.39
N MET G 333 -18.57 -22.02 44.60
CA MET G 333 -19.89 -22.08 44.01
C MET G 333 -20.94 -22.50 45.04
N VAL G 334 -20.59 -23.47 45.88
CA VAL G 334 -21.51 -23.95 46.93
C VAL G 334 -21.62 -22.93 48.06
N GLU G 335 -20.50 -22.27 48.31
CA GLU G 335 -20.37 -21.25 49.33
C GLU G 335 -21.24 -20.03 49.04
N TRP G 336 -21.46 -19.76 47.76
CA TRP G 336 -22.27 -18.62 47.36
C TRP G 336 -23.69 -18.97 46.92
N GLY G 337 -24.24 -20.06 47.44
CA GLY G 337 -25.68 -20.32 47.33
C GLY G 337 -26.14 -21.55 46.57
N MET G 338 -25.21 -22.27 45.93
CA MET G 338 -25.54 -23.48 45.18
C MET G 338 -25.37 -24.72 46.04
N THR G 339 -26.21 -25.73 45.81
CA THR G 339 -25.99 -27.06 46.41
C THR G 339 -24.83 -27.71 45.66
N PRO G 340 -24.05 -28.60 46.31
CA PRO G 340 -23.04 -29.39 45.60
C PRO G 340 -23.52 -30.00 44.28
N LEU G 341 -24.73 -30.54 44.25
CA LEU G 341 -25.32 -31.05 43.01
C LEU G 341 -25.47 -29.95 41.96
N GLU G 342 -25.98 -28.79 42.36
CA GLU G 342 -26.18 -27.65 41.46
C GLU G 342 -24.89 -27.09 40.84
N ALA G 343 -23.80 -27.17 41.60
CA ALA G 343 -22.50 -26.73 41.11
C ALA G 343 -21.93 -27.70 40.07
N ILE G 344 -22.17 -29.00 40.27
CA ILE G 344 -21.73 -30.02 39.31
C ILE G 344 -22.64 -29.99 38.07
N GLN G 345 -23.92 -29.74 38.28
CA GLN G 345 -24.88 -29.54 37.19
C GLN G 345 -24.53 -28.35 36.30
N ALA G 346 -23.99 -27.30 36.92
CA ALA G 346 -23.50 -26.11 36.22
C ALA G 346 -22.31 -26.39 35.30
N SER G 347 -21.59 -27.48 35.59
CA SER G 347 -20.39 -27.84 34.86
C SER G 347 -20.59 -29.09 33.99
N THR G 348 -21.83 -29.54 33.87
CA THR G 348 -22.15 -30.71 33.05
C THR G 348 -23.35 -30.47 32.14
N ILE G 349 -24.56 -30.62 32.68
CA ILE G 349 -25.79 -30.51 31.88
C ILE G 349 -26.09 -29.08 31.43
N LYS G 350 -25.77 -28.12 32.29
CA LYS G 350 -25.99 -26.71 32.01
C LYS G 350 -25.06 -26.20 30.91
N THR G 351 -23.78 -26.57 31.00
CA THR G 351 -22.80 -26.23 29.98
C THR G 351 -23.09 -26.89 28.63
N ALA G 352 -23.43 -28.18 28.65
CA ALA G 352 -23.78 -28.91 27.43
C ALA G 352 -24.88 -28.24 26.60
N THR G 353 -25.91 -27.73 27.25
CA THR G 353 -26.97 -26.97 26.58
C THR G 353 -26.43 -25.65 26.02
N LEU G 354 -25.62 -24.96 26.83
CA LEU G 354 -25.01 -23.70 26.43
C LEU G 354 -24.13 -23.90 25.23
N PHE G 355 -23.34 -24.97 25.25
CA PHE G 355 -22.40 -25.30 24.18
C PHE G 355 -23.13 -25.72 22.90
N GLY G 356 -24.36 -26.20 23.07
CA GLY G 356 -25.18 -26.65 21.95
C GLY G 356 -24.78 -28.04 21.48
N ILE G 357 -24.20 -28.82 22.38
CA ILE G 357 -23.79 -30.18 22.07
C ILE G 357 -24.65 -31.16 22.86
N GLU G 358 -25.27 -32.08 22.14
CA GLU G 358 -26.01 -33.16 22.79
C GLU G 358 -25.11 -34.38 22.92
N ASN G 359 -25.60 -35.37 23.67
CA ASN G 359 -24.86 -36.61 23.93
C ASN G 359 -23.61 -36.48 24.80
N ILE G 360 -23.51 -35.38 25.56
CA ILE G 360 -22.49 -35.21 26.60
C ILE G 360 -23.10 -34.69 27.91
N GLY G 361 -22.33 -34.73 28.98
CA GLY G 361 -22.74 -34.16 30.28
C GLY G 361 -23.55 -35.06 31.20
N GLN G 362 -23.89 -36.26 30.70
CA GLN G 362 -24.66 -37.23 31.48
C GLN G 362 -24.08 -38.63 31.32
N ILE G 363 -24.04 -39.37 32.43
CA ILE G 363 -23.79 -40.81 32.37
C ILE G 363 -25.12 -41.48 32.01
N LYS G 364 -25.31 -41.69 30.71
CA LYS G 364 -26.57 -42.17 30.17
C LYS G 364 -26.27 -42.98 28.91
N GLU G 365 -27.17 -43.88 28.55
CA GLU G 365 -27.00 -44.74 27.37
C GLU G 365 -27.12 -43.94 26.08
N GLY G 366 -26.17 -44.11 25.18
CA GLY G 366 -26.11 -43.35 23.93
C GLY G 366 -25.16 -42.17 23.98
N PHE G 367 -25.00 -41.60 25.17
CA PHE G 367 -24.14 -40.45 25.41
C PHE G 367 -22.66 -40.82 25.31
N ASP G 368 -21.83 -39.81 25.07
CA ASP G 368 -20.38 -40.00 24.91
C ASP G 368 -19.75 -40.45 26.22
N ALA G 369 -18.73 -41.29 26.11
CA ALA G 369 -18.05 -41.83 27.27
C ALA G 369 -17.01 -40.86 27.85
N ASP G 370 -17.52 -39.71 28.31
CA ASP G 370 -16.71 -38.71 29.01
C ASP G 370 -16.99 -38.84 30.51
N ILE G 371 -16.11 -39.58 31.19
CA ILE G 371 -16.38 -40.05 32.55
C ILE G 371 -15.20 -39.77 33.48
N VAL G 372 -15.51 -39.17 34.63
CA VAL G 372 -14.51 -38.82 35.62
C VAL G 372 -14.73 -39.61 36.91
N GLY G 373 -13.66 -40.27 37.38
CA GLY G 373 -13.68 -40.99 38.65
C GLY G 373 -13.08 -40.18 39.77
N VAL G 374 -13.79 -40.15 40.90
CA VAL G 374 -13.37 -39.33 42.03
C VAL G 374 -13.44 -40.09 43.38
N ILE G 375 -12.56 -39.74 44.32
CA ILE G 375 -12.33 -40.51 45.57
C ILE G 375 -13.53 -40.52 46.54
N GLU G 376 -13.89 -39.34 47.07
CA GLU G 376 -15.01 -39.21 47.98
C GLU G 376 -16.29 -38.91 47.23
N ASN G 377 -17.38 -38.80 47.96
CA ASN G 377 -18.64 -38.38 47.36
C ASN G 377 -18.64 -36.87 47.16
N PRO G 378 -18.88 -36.42 45.90
CA PRO G 378 -18.84 -35.01 45.55
C PRO G 378 -19.99 -34.20 46.14
N LEU G 379 -21.12 -34.86 46.43
CA LEU G 379 -22.24 -34.20 47.10
C LEU G 379 -21.98 -34.00 48.59
N ALA G 380 -21.12 -34.85 49.16
CA ALA G 380 -20.68 -34.71 50.54
C ALA G 380 -19.56 -33.69 50.61
N ASN G 381 -18.47 -33.95 49.89
CA ASN G 381 -17.34 -33.05 49.78
C ASN G 381 -17.06 -32.72 48.32
N ILE G 382 -17.37 -31.50 47.92
CA ILE G 382 -17.18 -31.07 46.52
C ILE G 382 -15.72 -30.84 46.15
N ARG G 383 -14.87 -30.63 47.16
CA ARG G 383 -13.45 -30.37 46.93
C ARG G 383 -12.66 -31.61 46.49
N THR G 384 -13.33 -32.75 46.28
CA THR G 384 -12.69 -33.94 45.71
C THR G 384 -12.44 -33.74 44.24
N LEU G 385 -13.25 -32.89 43.63
CA LEU G 385 -13.13 -32.54 42.22
C LEU G 385 -11.81 -31.82 41.94
N GLU G 386 -11.26 -31.16 42.96
CA GLU G 386 -9.94 -30.54 42.89
C GLU G 386 -8.79 -31.54 42.75
N GLU G 387 -9.04 -32.81 43.03
CA GLU G 387 -8.09 -33.88 42.71
C GLU G 387 -8.79 -35.16 42.27
N VAL G 388 -9.02 -35.26 40.97
CA VAL G 388 -9.67 -36.42 40.37
C VAL G 388 -8.67 -37.55 40.16
N ALA G 389 -9.16 -38.78 40.14
CA ALA G 389 -8.29 -39.95 40.13
C ALA G 389 -8.42 -40.77 38.84
N PHE G 390 -9.52 -40.56 38.12
CA PHE G 390 -9.77 -41.26 36.87
C PHE G 390 -10.39 -40.32 35.83
N VAL G 391 -9.79 -40.28 34.63
CA VAL G 391 -10.31 -39.48 33.53
C VAL G 391 -10.43 -40.32 32.27
N MET G 392 -11.65 -40.41 31.75
CA MET G 392 -11.93 -41.07 30.48
C MET G 392 -12.63 -40.10 29.54
N LYS G 393 -12.00 -39.83 28.39
CA LYS G 393 -12.59 -38.97 27.37
C LYS G 393 -12.81 -39.72 26.07
N GLU G 394 -14.07 -39.76 25.64
CA GLU G 394 -14.55 -40.49 24.46
C GLU G 394 -14.08 -41.94 24.44
N GLY G 395 -14.22 -42.62 25.57
CA GLY G 395 -13.89 -44.05 25.69
C GLY G 395 -12.41 -44.37 25.83
N LYS G 396 -11.59 -43.34 26.03
CA LYS G 396 -10.17 -43.55 26.22
C LYS G 396 -9.77 -43.08 27.60
N VAL G 397 -9.03 -43.92 28.31
CA VAL G 397 -8.55 -43.57 29.65
C VAL G 397 -7.26 -42.73 29.58
N TYR G 398 -7.30 -41.54 30.19
CA TYR G 398 -6.14 -40.65 30.19
C TYR G 398 -5.47 -40.55 31.57
N LYS G 399 -6.21 -40.91 32.63
CA LYS G 399 -5.69 -40.82 33.99
C LYS G 399 -6.09 -41.98 34.92
N ARG G 400 -5.08 -42.57 35.57
CA ARG G 400 -5.26 -43.58 36.63
C ARG G 400 -4.17 -43.49 37.69
N ASP H 7 4.54 29.97 -49.99
CA ASP H 7 5.90 30.60 -50.03
C ASP H 7 5.86 32.03 -49.55
N PHE H 8 7.01 32.58 -49.17
CA PHE H 8 7.07 33.99 -48.79
C PHE H 8 8.35 34.62 -49.26
N LEU H 9 8.23 35.83 -49.80
CA LEU H 9 9.42 36.55 -50.23
C LEU H 9 9.60 37.80 -49.37
N ILE H 10 10.59 37.74 -48.50
CA ILE H 10 10.80 38.79 -47.51
C ILE H 10 11.75 39.86 -48.05
N LYS H 11 11.22 41.06 -48.24
CA LYS H 11 12.07 42.18 -48.64
C LYS H 11 12.27 43.16 -47.49
N SER H 12 13.49 43.22 -46.99
CA SER H 12 13.81 44.09 -45.87
C SER H 12 14.97 45.03 -46.17
N LYS H 13 15.34 45.84 -45.18
CA LYS H 13 16.52 46.69 -45.23
C LYS H 13 17.80 45.86 -45.40
N GLY H 14 17.77 44.65 -44.87
CA GLY H 14 18.90 43.72 -44.98
C GLY H 14 18.87 42.72 -43.86
N TYR H 15 19.89 41.86 -43.79
CA TYR H 15 19.97 40.89 -42.71
C TYR H 15 21.35 40.80 -42.09
N LEU H 16 21.38 40.52 -40.79
CA LEU H 16 22.63 40.34 -40.09
C LEU H 16 23.21 38.98 -40.41
N ASP H 17 24.41 39.01 -40.97
CA ASP H 17 25.20 37.80 -41.09
C ASP H 17 25.76 37.58 -39.71
N ILE H 18 25.28 36.52 -39.06
CA ILE H 18 25.64 36.23 -37.66
C ILE H 18 27.13 35.89 -37.45
N GLN H 19 27.81 35.51 -38.52
CA GLN H 19 29.20 35.10 -38.43
C GLN H 19 30.16 36.29 -38.55
N THR H 20 29.89 37.15 -39.53
CA THR H 20 30.76 38.29 -39.86
C THR H 20 30.37 39.55 -39.12
N GLY H 21 29.08 39.71 -38.86
CA GLY H 21 28.59 40.89 -38.17
C GLY H 21 28.17 41.97 -39.14
N GLU H 22 28.11 41.61 -40.42
CA GLU H 22 27.79 42.56 -41.49
C GLU H 22 26.30 42.49 -41.81
N ILE H 23 25.76 43.57 -42.38
CA ILE H 23 24.36 43.58 -42.80
C ILE H 23 24.21 43.38 -44.30
N ILE H 24 23.88 42.16 -44.69
CA ILE H 24 23.82 41.76 -46.09
C ILE H 24 22.48 42.20 -46.68
N LYS H 25 22.52 42.87 -47.83
CA LYS H 25 21.28 43.19 -48.56
C LYS H 25 20.93 42.04 -49.48
N ALA H 26 19.78 41.41 -49.22
CA ALA H 26 19.24 40.32 -50.06
C ALA H 26 17.76 40.13 -49.80
N ASP H 27 17.09 39.40 -50.68
CA ASP H 27 15.72 38.95 -50.41
C ASP H 27 15.80 37.57 -49.76
N LEU H 28 14.74 37.16 -49.07
CA LEU H 28 14.67 35.83 -48.45
C LEU H 28 13.45 35.08 -48.91
N LEU H 29 13.68 33.98 -49.65
CA LEU H 29 12.61 33.08 -50.04
C LEU H 29 12.41 32.00 -49.01
N ILE H 30 11.15 31.83 -48.61
CA ILE H 30 10.76 30.91 -47.56
C ILE H 30 9.91 29.82 -48.16
N ARG H 31 10.27 28.57 -47.93
CA ARG H 31 9.47 27.43 -48.39
C ARG H 31 9.51 26.28 -47.40
N ASN H 32 8.31 25.79 -47.05
CA ASN H 32 8.11 24.71 -46.07
C ASN H 32 8.89 24.95 -44.78
N GLY H 33 8.77 26.16 -44.24
CA GLY H 33 9.43 26.53 -43.00
C GLY H 33 10.94 26.74 -43.07
N LYS H 34 11.52 26.65 -44.26
CA LYS H 34 12.95 26.88 -44.40
C LYS H 34 13.27 28.09 -45.27
N ILE H 35 14.44 28.68 -45.05
CA ILE H 35 14.95 29.73 -45.92
C ILE H 35 15.50 29.06 -47.19
N ALA H 36 14.70 29.10 -48.26
CA ALA H 36 15.06 28.42 -49.51
C ALA H 36 16.12 29.17 -50.33
N GLU H 37 15.92 30.48 -50.53
CA GLU H 37 16.90 31.28 -51.30
C GLU H 37 17.26 32.63 -50.67
N ILE H 38 18.53 32.98 -50.77
CA ILE H 38 19.02 34.31 -50.38
C ILE H 38 19.73 34.98 -51.55
N GLY H 39 19.15 36.08 -52.05
CA GLY H 39 19.78 36.88 -53.12
C GLY H 39 18.80 37.86 -53.71
N LYS H 40 19.05 38.32 -54.94
CA LYS H 40 17.98 38.99 -55.71
C LYS H 40 17.08 37.89 -56.23
N ILE H 41 15.81 37.93 -55.82
CA ILE H 41 14.93 36.84 -56.20
C ILE H 41 13.70 37.36 -56.93
N ASN H 42 13.50 36.81 -58.12
CA ASN H 42 12.30 37.02 -58.94
C ASN H 42 11.05 36.71 -58.14
N THR H 43 10.31 37.76 -57.77
CA THR H 43 9.04 37.59 -57.08
C THR H 43 7.98 36.96 -57.98
N LYS H 44 7.86 35.65 -57.92
CA LYS H 44 7.49 34.86 -59.08
C LYS H 44 6.08 34.29 -58.93
N ASP H 45 5.93 33.28 -58.09
CA ASP H 45 4.62 32.72 -57.78
C ASP H 45 3.88 33.59 -56.76
N ALA H 46 4.54 33.87 -55.64
CA ALA H 46 3.86 34.34 -54.44
C ALA H 46 4.84 34.58 -53.30
N THR H 47 4.31 34.83 -52.11
CA THR H 47 3.70 36.12 -51.80
C THR H 47 4.61 36.95 -50.90
N VAL H 48 4.54 38.27 -51.06
CA VAL H 48 5.64 39.15 -50.66
C VAL H 48 5.39 39.75 -49.28
N ILE H 49 6.42 39.70 -48.43
CA ILE H 49 6.40 40.45 -47.17
C ILE H 49 7.37 41.62 -47.30
N SER H 50 6.79 42.80 -47.49
CA SER H 50 7.58 44.02 -47.62
C SER H 50 7.79 44.62 -46.26
N ILE H 51 9.00 44.46 -45.72
CA ILE H 51 9.37 45.10 -44.45
C ILE H 51 10.68 45.90 -44.55
N PRO H 52 10.66 47.00 -45.34
CA PRO H 52 11.89 47.67 -45.80
C PRO H 52 12.60 48.49 -44.73
N ASP H 53 11.90 48.78 -43.63
CA ASP H 53 12.47 49.55 -42.52
C ASP H 53 13.22 48.66 -41.53
N LEU H 54 13.05 47.35 -41.67
CA LEU H 54 13.53 46.39 -40.67
C LEU H 54 14.79 45.63 -41.05
N ILE H 55 15.67 45.46 -40.07
CA ILE H 55 16.84 44.60 -40.19
C ILE H 55 16.46 43.21 -39.68
N LEU H 56 16.88 42.15 -40.38
CA LEU H 56 16.52 40.78 -40.01
C LEU H 56 17.65 40.07 -39.30
N ILE H 57 17.35 39.44 -38.17
CA ILE H 57 18.33 38.63 -37.43
C ILE H 57 17.77 37.21 -37.25
N PRO H 58 18.64 36.22 -36.96
CA PRO H 58 18.06 34.91 -36.66
C PRO H 58 17.25 34.96 -35.36
N GLY H 59 16.21 34.14 -35.27
CA GLY H 59 15.37 34.06 -34.08
C GLY H 59 16.21 33.75 -32.86
N LEU H 60 15.91 34.43 -31.75
CA LEU H 60 16.74 34.36 -30.56
C LEU H 60 16.46 33.11 -29.72
N MET H 61 17.46 32.71 -28.93
CA MET H 61 17.36 31.52 -28.09
C MET H 61 17.74 31.79 -26.64
N ASP H 62 17.05 31.09 -25.73
CA ASP H 62 17.34 31.10 -24.31
C ASP H 62 17.61 29.66 -23.84
N SER H 63 18.74 29.44 -23.19
CA SER H 63 19.16 28.09 -22.82
C SER H 63 18.72 27.68 -21.41
N HIS H 64 18.03 28.59 -20.74
CA HIS H 64 17.62 28.37 -19.36
C HIS H 64 16.33 29.12 -19.04
N VAL H 65 15.19 28.48 -19.34
CA VAL H 65 13.88 29.04 -18.99
C VAL H 65 13.00 28.10 -18.19
N HIS H 66 12.01 28.68 -17.52
CA HIS H 66 11.00 27.95 -16.76
C HIS H 66 9.62 28.50 -17.12
N ILE H 67 9.16 28.15 -18.31
CA ILE H 67 7.91 28.66 -18.88
C ILE H 67 6.68 28.17 -18.12
N VAL H 68 6.68 26.88 -17.80
CA VAL H 68 5.58 26.26 -17.05
C VAL H 68 5.88 26.34 -15.55
N GLY H 69 4.94 26.93 -14.82
CA GLY H 69 5.08 27.23 -13.40
C GLY H 69 4.10 28.32 -13.00
N ASN H 70 3.53 28.20 -11.80
CA ASN H 70 2.52 29.13 -11.29
C ASN H 70 3.10 30.49 -10.96
N ASP H 71 2.68 31.51 -11.72
CA ASP H 71 3.15 32.88 -11.49
C ASP H 71 2.18 33.71 -10.62
N SER H 72 1.04 33.12 -10.26
CA SER H 72 0.10 33.78 -9.34
C SER H 72 0.68 33.87 -7.93
N LYS H 73 0.50 35.04 -7.31
CA LYS H 73 1.01 35.30 -5.97
C LYS H 73 -0.11 35.57 -4.96
N GLY H 74 0.27 35.73 -3.70
CA GLY H 74 -0.70 36.02 -2.64
C GLY H 74 -1.34 34.79 -2.03
N GLU H 75 -2.16 35.03 -1.01
CA GLU H 75 -2.80 33.96 -0.24
C GLU H 75 -3.78 33.14 -1.06
N GLU H 76 -4.46 33.80 -1.99
CA GLU H 76 -5.46 33.19 -2.86
C GLU H 76 -4.93 32.07 -3.75
N SER H 77 -3.60 32.03 -3.93
CA SER H 77 -2.96 31.08 -4.82
C SER H 77 -2.31 29.90 -4.09
N ILE H 78 -2.47 29.82 -2.77
CA ILE H 78 -1.73 28.87 -1.95
C ILE H 78 -2.06 27.40 -2.21
N ALA H 79 -3.32 27.11 -2.53
CA ALA H 79 -3.77 25.73 -2.71
C ALA H 79 -4.10 25.45 -4.17
N ASP H 80 -3.44 26.18 -5.06
CA ASP H 80 -3.59 26.01 -6.51
C ASP H 80 -3.07 24.67 -6.95
N SER H 81 -3.77 24.03 -7.88
CA SER H 81 -3.29 22.77 -8.42
C SER H 81 -2.15 23.02 -9.39
N SER H 82 -1.50 21.95 -9.82
CA SER H 82 -0.40 22.05 -10.77
C SER H 82 -0.88 22.55 -12.13
N HIS H 83 -2.19 22.41 -12.38
CA HIS H 83 -2.78 22.86 -13.64
C HIS H 83 -2.74 24.36 -13.84
N MET H 84 -2.66 25.13 -12.75
CA MET H 84 -2.48 26.57 -12.83
C MET H 84 -1.11 26.91 -13.43
N GLY H 85 -0.10 26.12 -13.09
CA GLY H 85 1.23 26.26 -13.70
C GLY H 85 1.21 26.02 -15.19
N THR H 86 0.38 25.08 -15.64
CA THR H 86 0.19 24.81 -17.06
C THR H 86 -0.51 25.99 -17.77
N VAL H 87 -1.56 26.54 -17.14
CA VAL H 87 -2.26 27.73 -17.68
C VAL H 87 -1.27 28.87 -17.88
N TRP H 88 -0.49 29.13 -16.86
CA TRP H 88 0.57 30.13 -16.92
C TRP H 88 1.59 29.82 -18.00
N GLY H 89 1.85 28.53 -18.20
CA GLY H 89 2.76 28.08 -19.26
C GLY H 89 2.33 28.55 -20.63
N VAL H 90 1.03 28.45 -20.91
CA VAL H 90 0.46 28.93 -22.17
C VAL H 90 0.69 30.44 -22.39
N VAL H 91 0.38 31.23 -21.35
CA VAL H 91 0.59 32.68 -21.37
C VAL H 91 2.06 33.05 -21.61
N ASN H 92 2.95 32.38 -20.89
CA ASN H 92 4.38 32.68 -20.93
C ASN H 92 5.07 32.20 -22.19
N ALA H 93 4.56 31.14 -22.81
CA ALA H 93 5.08 30.68 -24.10
C ALA H 93 4.82 31.72 -25.17
N GLU H 94 3.62 32.30 -25.20
CA GLU H 94 3.32 33.38 -26.13
C GLU H 94 4.22 34.60 -25.90
N LYS H 95 4.30 35.07 -24.66
CA LYS H 95 5.17 36.20 -24.30
C LYS H 95 6.62 36.00 -24.72
N THR H 96 7.12 34.76 -24.62
CA THR H 96 8.48 34.42 -25.01
C THR H 96 8.68 34.56 -26.51
N LEU H 97 7.71 34.05 -27.28
CA LEU H 97 7.76 34.07 -28.74
C LEU H 97 7.65 35.50 -29.28
N MET H 98 6.69 36.26 -28.77
CA MET H 98 6.50 37.66 -29.16
C MET H 98 7.71 38.55 -28.80
N ALA H 99 8.55 38.09 -27.86
CA ALA H 99 9.78 38.79 -27.53
C ALA H 99 10.93 38.43 -28.48
N GLY H 100 10.62 37.60 -29.48
CA GLY H 100 11.58 37.24 -30.51
C GLY H 100 12.41 36.02 -30.21
N PHE H 101 11.95 35.21 -29.25
CA PHE H 101 12.65 33.99 -28.90
C PHE H 101 11.91 32.80 -29.50
N THR H 102 12.58 32.13 -30.43
CA THR H 102 11.92 31.13 -31.27
C THR H 102 12.28 29.70 -30.88
N THR H 103 13.40 29.54 -30.18
CA THR H 103 13.80 28.24 -29.65
C THR H 103 14.33 28.44 -28.23
N VAL H 104 13.70 27.78 -27.25
CA VAL H 104 14.17 27.85 -25.86
C VAL H 104 14.37 26.48 -25.22
N ARG H 105 15.19 26.45 -24.17
CA ARG H 105 15.42 25.23 -23.41
C ARG H 105 14.83 25.38 -22.04
N ASN H 106 13.67 24.74 -21.85
CA ASN H 106 12.99 24.69 -20.56
C ASN H 106 13.66 23.66 -19.68
N VAL H 107 14.07 24.08 -18.49
CA VAL H 107 15.11 23.36 -17.79
C VAL H 107 14.69 22.76 -16.42
N GLY H 108 13.41 22.87 -16.09
CA GLY H 108 12.88 22.20 -14.90
C GLY H 108 11.40 22.49 -14.68
N ALA H 109 10.60 21.45 -14.73
CA ALA H 109 9.15 21.56 -14.52
C ALA H 109 8.61 20.22 -14.05
N ALA H 110 7.48 20.26 -13.34
CA ALA H 110 6.91 19.04 -12.78
C ALA H 110 5.80 18.42 -13.64
N ASN H 111 5.56 17.13 -13.42
CA ASN H 111 4.42 16.37 -13.97
C ASN H 111 4.37 16.21 -15.49
N TYR H 112 5.48 16.49 -16.16
CA TYR H 112 5.62 16.45 -17.62
C TYR H 112 4.64 17.43 -18.29
N ALA H 113 4.35 18.50 -17.56
CA ALA H 113 3.51 19.58 -18.06
C ALA H 113 4.29 20.38 -19.09
N ASP H 114 5.63 20.39 -18.95
CA ASP H 114 6.52 20.97 -19.96
C ASP H 114 6.45 20.26 -21.31
N VAL H 115 6.33 18.93 -21.31
CA VAL H 115 6.16 18.21 -22.58
C VAL H 115 4.80 18.48 -23.18
N SER H 116 3.78 18.69 -22.35
CA SER H 116 2.43 19.00 -22.81
C SER H 116 2.38 20.35 -23.51
N VAL H 117 3.03 21.36 -22.93
CA VAL H 117 3.07 22.70 -23.50
C VAL H 117 3.90 22.66 -24.78
N ARG H 118 5.06 22.00 -24.73
CA ARG H 118 5.91 21.83 -25.91
C ARG H 118 5.15 21.16 -27.06
N ASP H 119 4.44 20.06 -26.76
CA ASP H 119 3.67 19.36 -27.77
C ASP H 119 2.50 20.16 -28.31
N ALA H 120 1.86 20.94 -27.45
CA ALA H 120 0.76 21.82 -27.88
C ALA H 120 1.24 22.88 -28.87
N ILE H 121 2.41 23.49 -28.61
CA ILE H 121 3.04 24.42 -29.54
C ILE H 121 3.38 23.73 -30.86
N GLU H 122 4.05 22.59 -30.77
CA GLU H 122 4.43 21.79 -31.92
C GLU H 122 3.24 21.41 -32.80
N ARG H 123 2.09 21.13 -32.18
CA ARG H 123 0.87 20.79 -32.91
C ARG H 123 0.13 22.02 -33.44
N GLY H 124 0.58 23.20 -33.03
CA GLY H 124 -0.06 24.45 -33.43
C GLY H 124 -1.33 24.76 -32.66
N VAL H 125 -1.47 24.17 -31.48
CA VAL H 125 -2.63 24.42 -30.63
C VAL H 125 -2.49 25.79 -29.99
N ILE H 126 -1.28 26.12 -29.59
CA ILE H 126 -0.96 27.43 -29.04
C ILE H 126 0.29 27.96 -29.71
N ASN H 127 0.51 29.27 -29.59
CA ASN H 127 1.73 29.90 -30.07
C ASN H 127 2.79 29.93 -28.97
N GLY H 128 4.04 29.72 -29.38
CA GLY H 128 5.17 29.76 -28.48
C GLY H 128 6.42 29.36 -29.23
N PRO H 129 7.59 29.44 -28.58
CA PRO H 129 8.82 28.97 -29.19
C PRO H 129 8.87 27.45 -29.23
N THR H 130 9.77 26.91 -30.04
CA THR H 130 10.10 25.51 -29.95
C THR H 130 10.81 25.29 -28.62
N MET H 131 10.23 24.43 -27.78
CA MET H 131 10.77 24.15 -26.48
C MET H 131 11.56 22.84 -26.48
N LEU H 132 12.75 22.88 -25.89
CA LEU H 132 13.44 21.66 -25.53
C LEU H 132 13.28 21.48 -24.03
N VAL H 133 12.66 20.38 -23.62
CA VAL H 133 12.24 20.21 -22.22
C VAL H 133 12.99 19.09 -21.49
N SER H 134 13.11 19.25 -20.17
CA SER H 134 13.94 18.38 -19.35
C SER H 134 13.15 17.38 -18.53
N GLY H 135 11.88 17.66 -18.33
CA GLY H 135 11.10 16.90 -17.36
C GLY H 135 11.55 17.36 -15.97
N PRO H 136 11.18 16.59 -14.93
CA PRO H 136 11.62 16.91 -13.58
C PRO H 136 13.14 16.78 -13.47
N ALA H 137 13.74 17.80 -12.87
CA ALA H 137 15.18 17.85 -12.62
C ALA H 137 15.55 16.80 -11.58
N LEU H 138 16.71 16.17 -11.75
CA LEU H 138 17.11 15.11 -10.83
C LEU H 138 17.93 15.70 -9.69
N GLY H 139 17.67 15.25 -8.48
CA GLY H 139 18.40 15.74 -7.32
C GLY H 139 18.51 14.71 -6.22
N ILE H 140 19.38 14.98 -5.24
CA ILE H 140 19.46 14.14 -4.05
C ILE H 140 18.36 14.52 -3.09
N THR H 141 18.09 13.64 -2.12
CA THR H 141 17.20 13.96 -1.00
C THR H 141 17.70 15.20 -0.25
N GLY H 142 16.86 16.24 -0.22
CA GLY H 142 17.18 17.48 0.46
C GLY H 142 18.05 18.41 -0.35
N GLY H 143 18.21 18.11 -1.64
CA GLY H 143 19.00 18.93 -2.56
C GLY H 143 18.26 20.15 -3.07
N HIS H 144 18.91 20.92 -3.94
CA HIS H 144 18.29 22.12 -4.53
C HIS H 144 17.06 21.77 -5.38
N CYS H 145 17.14 20.63 -6.05
CA CYS H 145 16.06 20.13 -6.89
C CYS H 145 14.89 19.58 -6.04
N ASP H 146 15.19 19.21 -4.79
CA ASP H 146 14.15 18.76 -3.85
C ASP H 146 13.40 19.95 -3.25
N HIS H 147 12.16 19.70 -2.82
CA HIS H 147 11.35 20.74 -2.18
CA HIS H 147 11.30 20.71 -2.20
C HIS H 147 11.34 20.59 -0.66
N ASN H 148 12.08 21.48 0.00
CA ASN H 148 12.32 21.42 1.45
C ASN H 148 11.44 22.39 2.25
N LEU H 149 10.17 22.50 1.88
CA LEU H 149 9.27 23.49 2.50
C LEU H 149 8.25 22.88 3.46
N LEU H 150 8.15 21.54 3.45
CA LEU H 150 7.21 20.83 4.33
C LEU H 150 7.89 20.22 5.55
N PRO H 151 7.16 20.14 6.70
CA PRO H 151 7.58 19.40 7.90
C PRO H 151 7.93 17.94 7.63
N PRO H 152 8.82 17.34 8.46
CA PRO H 152 9.25 15.94 8.28
C PRO H 152 8.14 14.91 8.40
N GLU H 153 7.05 15.25 9.04
CA GLU H 153 5.91 14.35 9.19
C GLU H 153 5.29 14.01 7.85
N PHE H 154 5.35 14.95 6.90
CA PHE H 154 4.83 14.75 5.55
C PHE H 154 5.69 13.80 4.74
N ASN H 155 6.99 13.79 5.04
CA ASN H 155 8.01 13.00 4.31
C ASN H 155 7.94 13.20 2.81
N TYR H 156 7.82 14.45 2.38
CA TYR H 156 7.63 14.76 0.97
C TYR H 156 8.96 14.93 0.28
N SER H 157 9.16 14.14 -0.76
CA SER H 157 10.26 14.35 -1.71
C SER H 157 9.67 14.57 -3.09
N SER H 158 10.23 15.54 -3.82
CA SER H 158 9.70 15.90 -5.13
C SER H 158 10.03 14.86 -6.21
N GLU H 159 9.46 15.06 -7.38
CA GLU H 159 9.37 14.06 -8.45
C GLU H 159 10.68 13.42 -8.85
N GLY H 160 11.72 14.24 -9.01
CA GLY H 160 13.00 13.77 -9.57
C GLY H 160 14.06 13.36 -8.57
N VAL H 161 13.71 13.23 -7.30
CA VAL H 161 14.68 12.90 -6.26
C VAL H 161 15.19 11.47 -6.39
N VAL H 162 16.51 11.33 -6.57
CA VAL H 162 17.15 10.02 -6.73
C VAL H 162 18.38 9.95 -5.86
N ASP H 163 18.70 8.75 -5.36
CA ASP H 163 19.73 8.60 -4.35
C ASP H 163 20.64 7.40 -4.51
N SER H 164 20.78 6.94 -5.76
CA SER H 164 21.76 5.92 -6.12
C SER H 164 21.97 6.03 -7.63
N PRO H 165 23.11 5.53 -8.15
CA PRO H 165 23.33 5.53 -9.59
C PRO H 165 22.23 4.81 -10.39
N TRP H 166 21.72 3.67 -9.90
CA TRP H 166 20.66 2.96 -10.61
C TRP H 166 19.30 3.63 -10.48
N GLU H 167 19.08 4.32 -9.38
CA GLU H 167 17.89 5.15 -9.20
C GLU H 167 17.93 6.32 -10.19
N ALA H 168 19.11 6.93 -10.30
CA ALA H 168 19.36 8.03 -11.23
C ALA H 168 19.22 7.63 -12.70
N ARG H 169 19.79 6.49 -13.06
CA ARG H 169 19.60 5.85 -14.37
C ARG H 169 18.11 5.71 -14.68
N LYS H 170 17.35 5.18 -13.72
CA LYS H 170 15.93 4.91 -13.91
C LYS H 170 15.11 6.18 -14.12
N MET H 171 15.47 7.25 -13.43
CA MET H 171 14.77 8.52 -13.57
C MET H 171 15.05 9.16 -14.93
N VAL H 172 16.27 8.96 -15.43
CA VAL H 172 16.63 9.40 -16.78
C VAL H 172 15.77 8.65 -17.78
N ARG H 173 15.73 7.34 -17.65
CA ARG H 173 14.88 6.47 -18.48
C ARG H 173 13.40 6.85 -18.39
N LYS H 174 12.95 7.23 -17.20
CA LYS H 174 11.55 7.61 -16.99
C LYS H 174 11.23 8.93 -17.67
N ASN H 175 12.14 9.90 -17.55
CA ASN H 175 12.00 11.18 -18.24
C ASN H 175 11.91 11.01 -19.76
N ARG H 176 12.77 10.15 -20.30
CA ARG H 176 12.79 9.86 -21.73
C ARG H 176 11.48 9.22 -22.14
N LYS H 177 10.98 8.30 -21.30
CA LYS H 177 9.73 7.60 -21.54
C LYS H 177 8.57 8.57 -21.71
N TYR H 178 8.54 9.60 -20.87
CA TYR H 178 7.46 10.57 -20.92
C TYR H 178 7.85 11.81 -21.71
N GLY H 179 8.90 11.68 -22.54
CA GLY H 179 9.17 12.62 -23.61
C GLY H 179 10.10 13.81 -23.38
N ALA H 180 11.01 13.71 -22.41
CA ALA H 180 11.99 14.77 -22.21
C ALA H 180 13.01 14.76 -23.34
N ASP H 181 13.55 15.92 -23.65
CA ASP H 181 14.57 16.06 -24.68
C ASP H 181 15.94 15.95 -24.05
N LEU H 182 16.10 16.60 -22.90
CA LEU H 182 17.37 16.62 -22.22
C LEU H 182 17.17 16.26 -20.74
N ILE H 183 18.27 16.13 -20.00
CA ILE H 183 18.23 15.81 -18.57
C ILE H 183 18.87 16.95 -17.81
N KCX H 184 18.25 17.36 -16.72
CA KCX H 184 18.83 18.38 -15.88
CB KCX H 184 17.93 19.62 -15.88
CG KCX H 184 18.64 20.86 -15.45
CD KCX H 184 18.32 21.23 -14.03
CE KCX H 184 18.89 22.59 -13.74
NZ KCX H 184 17.99 23.35 -12.86
C KCX H 184 19.01 17.86 -14.47
O KCX H 184 18.12 17.18 -13.96
CX KCX H 184 18.31 24.57 -12.46
OQ1 KCX H 184 19.38 25.10 -12.81
OQ2 KCX H 184 17.53 25.19 -11.74
N PHE H 185 20.14 18.15 -13.84
CA PHE H 185 20.33 17.79 -12.44
C PHE H 185 21.01 18.87 -11.60
N CYS H 186 20.82 18.81 -10.27
CA CYS H 186 21.43 19.75 -9.34
C CYS H 186 22.74 19.16 -8.82
N ALA H 187 23.84 19.86 -9.09
CA ALA H 187 25.16 19.39 -8.66
C ALA H 187 25.64 20.11 -7.40
N THR H 188 25.06 21.29 -7.12
CA THR H 188 25.28 22.00 -5.86
C THR H 188 23.94 22.48 -5.30
N GLY H 189 24.00 23.12 -4.14
CA GLY H 189 22.85 23.85 -3.61
C GLY H 189 22.59 25.13 -4.40
N GLY H 190 21.42 25.72 -4.19
CA GLY H 190 21.02 26.90 -4.95
C GLY H 190 20.50 28.06 -4.14
N VAL H 191 20.27 29.18 -4.83
CA VAL H 191 19.80 30.42 -4.24
C VAL H 191 18.33 30.33 -3.82
N MET H 192 17.48 29.93 -4.77
CA MET H 192 16.01 29.98 -4.61
C MET H 192 15.39 28.92 -3.67
N SER H 193 16.14 27.85 -3.39
CA SER H 193 15.64 26.78 -2.49
C SER H 193 15.93 27.06 -1.02
N ARG H 194 15.16 26.38 -0.16
CA ARG H 194 15.32 26.45 1.29
C ARG H 194 16.26 25.33 1.76
N ASN H 195 17.15 25.65 2.71
CA ASN H 195 18.08 24.70 3.31
C ASN H 195 19.00 24.00 2.29
N THR H 196 19.71 24.79 1.48
CA THR H 196 20.75 24.26 0.59
C THR H 196 22.01 25.12 0.65
N ASP H 197 23.16 24.44 0.77
CA ASP H 197 24.47 25.10 0.74
C ASP H 197 24.95 25.24 -0.69
N VAL H 198 25.07 26.48 -1.13
CA VAL H 198 25.51 26.85 -2.47
C VAL H 198 26.92 26.29 -2.83
N ASN H 199 27.84 26.29 -1.87
N ASN H 199 27.84 26.30 -1.86
CA ASN H 199 29.22 25.83 -2.09
CA ASN H 199 29.22 25.84 -2.06
C ASN H 199 29.46 24.32 -1.87
C ASN H 199 29.46 24.34 -1.85
N ALA H 200 28.45 23.63 -1.37
CA ALA H 200 28.54 22.17 -1.18
C ALA H 200 28.09 21.40 -2.42
N LYS H 201 28.81 20.34 -2.74
CA LYS H 201 28.48 19.45 -3.84
C LYS H 201 27.35 18.50 -3.44
N GLN H 202 26.35 18.38 -4.31
CA GLN H 202 25.29 17.39 -4.17
C GLN H 202 25.47 16.35 -5.26
N PHE H 203 25.16 15.10 -4.94
CA PHE H 203 25.47 13.91 -5.77
C PHE H 203 26.92 13.49 -5.64
N THR H 204 27.14 12.17 -5.55
CA THR H 204 28.47 11.60 -5.67
C THR H 204 28.85 11.63 -7.14
N LEU H 205 30.16 11.58 -7.44
CA LEU H 205 30.63 11.56 -8.83
C LEU H 205 30.05 10.35 -9.58
N GLU H 206 30.01 9.20 -8.90
CA GLU H 206 29.47 7.98 -9.45
C GLU H 206 28.01 8.12 -9.91
N GLU H 207 27.21 8.82 -9.10
CA GLU H 207 25.83 9.16 -9.43
C GLU H 207 25.80 10.10 -10.64
N MET H 208 26.64 11.14 -10.62
CA MET H 208 26.70 12.11 -11.72
C MET H 208 27.06 11.44 -13.03
N LYS H 209 28.06 10.55 -12.98
CA LYS H 209 28.50 9.83 -14.17
C LYS H 209 27.42 8.91 -14.71
N ALA H 210 26.64 8.30 -13.82
CA ALA H 210 25.54 7.42 -14.21
C ALA H 210 24.43 8.18 -14.91
N ILE H 211 24.12 9.39 -14.42
CA ILE H 211 23.15 10.27 -15.05
C ILE H 211 23.56 10.61 -16.47
N VAL H 212 24.79 11.10 -16.62
CA VAL H 212 25.37 11.53 -17.89
C VAL H 212 25.49 10.38 -18.90
N ASP H 213 26.06 9.26 -18.46
CA ASP H 213 26.18 8.08 -19.30
C ASP H 213 24.85 7.61 -19.85
N GLU H 214 23.82 7.54 -19.00
CA GLU H 214 22.50 7.07 -19.44
C GLU H 214 21.85 8.04 -20.42
N ALA H 215 21.96 9.33 -20.12
CA ALA H 215 21.37 10.36 -20.95
C ALA H 215 22.00 10.36 -22.34
N HIS H 216 23.33 10.30 -22.37
CA HIS H 216 24.07 10.27 -23.61
C HIS H 216 23.80 9.01 -24.43
N ASN H 217 23.61 7.89 -23.74
CA ASN H 217 23.26 6.64 -24.38
C ASN H 217 21.96 6.79 -25.18
N HIS H 218 21.07 7.65 -24.71
CA HIS H 218 19.80 7.90 -25.40
C HIS H 218 19.83 9.11 -26.33
N GLY H 219 21.00 9.73 -26.46
CA GLY H 219 21.14 10.91 -27.30
C GLY H 219 20.49 12.13 -26.69
N MET H 220 20.46 12.19 -25.36
CA MET H 220 19.98 13.36 -24.64
C MET H 220 21.19 14.10 -24.06
N LYS H 221 21.11 15.43 -24.07
CA LYS H 221 22.15 16.25 -23.47
C LYS H 221 21.89 16.50 -22.00
N VAL H 222 22.95 16.74 -21.23
CA VAL H 222 22.83 16.92 -19.78
C VAL H 222 23.23 18.32 -19.33
N ALA H 223 22.33 19.02 -18.66
CA ALA H 223 22.65 20.29 -18.01
C ALA H 223 22.81 20.06 -16.52
N ALA H 224 23.76 20.74 -15.90
CA ALA H 224 23.93 20.64 -14.45
C ALA H 224 23.88 21.99 -13.78
N HIS H 225 22.93 22.17 -12.87
CA HIS H 225 22.88 23.32 -11.98
C HIS H 225 24.07 23.22 -11.02
N ALA H 226 24.96 24.22 -11.06
CA ALA H 226 26.11 24.23 -10.15
C ALA H 226 26.59 25.64 -9.88
N HIS H 227 26.45 26.08 -8.62
CA HIS H 227 27.01 27.36 -8.18
C HIS H 227 28.42 27.19 -7.62
N GLY H 228 28.55 26.29 -6.66
CA GLY H 228 29.81 26.05 -5.97
C GLY H 228 30.86 25.37 -6.84
N LEU H 229 32.11 25.83 -6.70
CA LEU H 229 33.25 25.36 -7.50
C LEU H 229 33.44 23.84 -7.54
N ILE H 230 33.35 23.20 -6.38
CA ILE H 230 33.61 21.78 -6.23
C ILE H 230 32.59 20.92 -7.01
N GLY H 231 31.37 21.42 -7.14
CA GLY H 231 30.32 20.76 -7.93
C GLY H 231 30.45 21.00 -9.42
N ILE H 232 30.85 22.21 -9.81
CA ILE H 232 31.20 22.55 -11.20
C ILE H 232 32.28 21.59 -11.72
N LYS H 233 33.37 21.46 -10.97
CA LYS H 233 34.44 20.51 -11.29
C LYS H 233 33.90 19.11 -11.56
N ALA H 234 33.10 18.62 -10.63
CA ALA H 234 32.55 17.28 -10.68
C ALA H 234 31.65 17.08 -11.90
N ALA H 235 30.79 18.08 -12.17
CA ALA H 235 29.85 18.02 -13.28
C ALA H 235 30.57 17.92 -14.62
N ILE H 236 31.63 18.72 -14.78
CA ILE H 236 32.49 18.70 -15.96
C ILE H 236 33.18 17.34 -16.09
N LYS H 237 33.72 16.85 -14.98
CA LYS H 237 34.40 15.55 -14.92
C LYS H 237 33.44 14.39 -15.23
N ALA H 238 32.16 14.57 -14.89
CA ALA H 238 31.16 13.55 -15.16
C ALA H 238 30.77 13.53 -16.63
N GLY H 239 30.97 14.66 -17.30
CA GLY H 239 30.74 14.78 -18.74
C GLY H 239 29.48 15.51 -19.19
N VAL H 240 29.03 16.50 -18.41
CA VAL H 240 27.85 17.29 -18.79
C VAL H 240 28.10 18.17 -20.01
N ASP H 241 27.03 18.44 -20.74
CA ASP H 241 27.10 19.27 -21.93
C ASP H 241 27.06 20.75 -21.57
N SER H 242 26.39 21.08 -20.48
CA SER H 242 26.38 22.44 -19.98
C SER H 242 26.35 22.50 -18.46
N VAL H 243 26.99 23.54 -17.93
CA VAL H 243 26.89 23.86 -16.52
C VAL H 243 26.10 25.15 -16.41
N GLU H 244 24.94 25.09 -15.74
CA GLU H 244 24.10 26.26 -15.51
C GLU H 244 24.67 27.06 -14.35
N HIS H 245 24.55 28.38 -14.45
CA HIS H 245 25.03 29.36 -13.45
C HIS H 245 26.54 29.51 -13.38
N ALA H 246 27.22 28.42 -12.99
CA ALA H 246 28.69 28.32 -12.93
C ALA H 246 29.35 29.48 -12.18
N SER H 247 28.73 29.87 -11.06
CA SER H 247 29.00 31.15 -10.39
C SER H 247 30.40 31.32 -9.81
N PHE H 248 30.99 30.23 -9.32
CA PHE H 248 32.33 30.28 -8.74
C PHE H 248 33.36 29.48 -9.53
N ILE H 249 33.34 29.64 -10.85
CA ILE H 249 34.29 28.94 -11.72
C ILE H 249 35.67 29.65 -11.78
N ASP H 250 36.72 28.89 -11.49
CA ASP H 250 38.07 29.45 -11.46
C ASP H 250 38.84 29.12 -12.73
N ASP H 251 40.06 29.66 -12.84
CA ASP H 251 40.92 29.53 -14.01
C ASP H 251 41.12 28.09 -14.48
N GLU H 252 41.40 27.20 -13.53
CA GLU H 252 41.72 25.80 -13.80
C GLU H 252 40.57 25.04 -14.42
N THR H 253 39.36 25.33 -13.95
CA THR H 253 38.18 24.57 -14.35
C THR H 253 37.46 25.22 -15.53
N ILE H 254 37.77 26.48 -15.80
CA ILE H 254 37.42 27.12 -17.07
C ILE H 254 38.15 26.37 -18.20
N ASP H 255 39.43 26.07 -17.95
CA ASP H 255 40.25 25.27 -18.88
C ASP H 255 39.74 23.84 -19.02
N MET H 256 39.24 23.27 -17.93
CA MET H 256 38.56 21.95 -17.95
C MET H 256 37.37 21.95 -18.89
N ALA H 257 36.56 23.02 -18.80
CA ALA H 257 35.37 23.19 -19.62
C ALA H 257 35.70 23.36 -21.09
N ILE H 258 36.76 24.12 -21.37
CA ILE H 258 37.27 24.36 -22.73
C ILE H 258 37.71 23.04 -23.37
N LYS H 259 38.51 22.28 -22.63
CA LYS H 259 39.00 20.97 -23.05
C LYS H 259 37.89 19.96 -23.34
N ASN H 260 36.80 20.02 -22.58
CA ASN H 260 35.74 19.02 -22.65
C ASN H 260 34.53 19.44 -23.49
N ASN H 261 34.60 20.64 -24.08
CA ASN H 261 33.47 21.29 -24.77
C ASN H 261 32.24 21.52 -23.89
N THR H 262 32.48 21.71 -22.60
CA THR H 262 31.40 21.99 -21.66
C THR H 262 31.00 23.47 -21.76
N VAL H 263 29.78 23.70 -22.24
CA VAL H 263 29.20 25.03 -22.36
C VAL H 263 28.87 25.59 -20.97
N LEU H 264 29.14 26.87 -20.75
CA LEU H 264 28.79 27.54 -19.50
C LEU H 264 27.57 28.41 -19.73
N SER H 265 26.42 27.94 -19.24
CA SER H 265 25.19 28.68 -19.39
C SER H 265 25.02 29.57 -18.16
N MET H 266 25.40 30.84 -18.29
CA MET H 266 25.44 31.75 -17.15
C MET H 266 24.36 32.85 -17.20
N ASP H 267 23.63 33.00 -16.09
CA ASP H 267 22.55 33.98 -15.96
C ASP H 267 22.98 35.19 -15.14
N ILE H 268 23.61 36.15 -15.81
CA ILE H 268 24.17 37.32 -15.12
C ILE H 268 23.15 38.41 -14.81
N PHE H 269 22.08 38.50 -15.60
CA PHE H 269 21.04 39.52 -15.42
C PHE H 269 20.19 39.33 -14.18
N VAL H 270 19.70 38.09 -13.97
CA VAL H 270 18.64 37.75 -12.98
C VAL H 270 18.95 38.15 -11.51
N SER H 271 20.24 38.25 -11.17
CA SER H 271 20.67 38.66 -9.82
CA SER H 271 20.69 38.66 -9.83
C SER H 271 20.20 40.06 -9.44
N ASP H 272 20.10 40.96 -10.43
CA ASP H 272 19.62 42.33 -10.23
C ASP H 272 18.12 42.38 -9.98
N TYR H 273 17.39 41.44 -10.57
CA TYR H 273 15.96 41.29 -10.31
C TYR H 273 15.71 40.81 -8.89
N ILE H 274 16.46 39.80 -8.47
CA ILE H 274 16.27 39.16 -7.16
C ILE H 274 16.54 40.13 -6.00
N LEU H 275 17.70 40.81 -6.05
CA LEU H 275 18.07 41.77 -5.01
C LEU H 275 17.24 43.06 -5.04
N GLY H 276 16.76 43.44 -6.22
CA GLY H 276 15.94 44.63 -6.38
C GLY H 276 14.45 44.35 -6.30
N GLU H 277 13.86 44.00 -7.44
CA GLU H 277 12.41 43.79 -7.60
C GLU H 277 11.86 42.62 -6.80
N GLY H 278 12.68 41.57 -6.67
CA GLY H 278 12.27 40.33 -6.03
C GLY H 278 12.25 40.35 -4.52
N ALA H 279 12.98 41.30 -3.93
CA ALA H 279 13.08 41.45 -2.47
C ALA H 279 11.72 41.76 -1.82
N LYS H 280 10.89 42.54 -2.53
CA LYS H 280 9.54 42.88 -2.08
C LYS H 280 8.47 42.01 -2.74
N ALA H 281 8.87 41.26 -3.77
CA ALA H 281 7.94 40.40 -4.52
C ALA H 281 7.54 39.13 -3.77
N GLY H 282 8.36 38.72 -2.80
CA GLY H 282 8.06 37.55 -1.97
C GLY H 282 9.17 36.53 -1.85
N ILE H 283 10.37 36.88 -2.32
CA ILE H 283 11.56 36.02 -2.20
C ILE H 283 12.06 36.07 -0.74
N ARG H 284 12.23 34.89 -0.14
CA ARG H 284 12.59 34.74 1.28
CA ARG H 284 12.59 34.76 1.28
C ARG H 284 13.97 35.32 1.63
N GLU H 285 14.17 35.63 2.91
CA GLU H 285 15.40 36.20 3.45
C GLU H 285 16.64 35.33 3.26
N GLU H 286 16.46 34.01 3.37
CA GLU H 286 17.54 33.02 3.22
C GLU H 286 18.06 32.97 1.78
N SER H 287 17.14 33.19 0.83
CA SER H 287 17.44 33.22 -0.61
C SER H 287 18.17 34.50 -1.03
N LEU H 288 17.79 35.64 -0.44
CA LEU H 288 18.42 36.93 -0.72
C LEU H 288 19.87 37.00 -0.21
N ASN H 289 20.14 36.33 0.91
CA ASN H 289 21.50 36.23 1.46
C ASN H 289 22.41 35.36 0.62
N LYS H 290 21.86 34.27 0.08
CA LYS H 290 22.58 33.38 -0.84
C LYS H 290 22.77 34.01 -2.23
N GLU H 291 21.91 34.97 -2.57
CA GLU H 291 22.04 35.73 -3.82
C GLU H 291 23.21 36.72 -3.74
N ARG H 292 23.42 37.30 -2.56
CA ARG H 292 24.54 38.23 -2.34
C ARG H 292 25.90 37.53 -2.39
N LEU H 293 25.92 36.25 -2.01
CA LEU H 293 27.10 35.41 -2.13
C LEU H 293 27.44 35.07 -3.59
N VAL H 294 26.40 34.98 -4.43
CA VAL H 294 26.51 34.46 -5.80
C VAL H 294 26.65 35.55 -6.89
N GLY H 295 25.77 36.56 -6.82
CA GLY H 295 25.58 37.57 -7.87
C GLY H 295 26.78 38.30 -8.44
N LYS H 296 27.44 39.12 -7.63
CA LYS H 296 28.60 39.94 -8.03
C LYS H 296 29.78 39.10 -8.51
N LYS H 297 30.00 37.97 -7.84
CA LYS H 297 31.10 37.06 -8.15
C LYS H 297 30.90 36.28 -9.46
N GLN H 298 29.65 36.04 -9.85
CA GLN H 298 29.30 35.29 -11.06
C GLN H 298 29.66 36.06 -12.34
N ARG H 299 29.37 37.36 -12.37
CA ARG H 299 29.65 38.20 -13.54
C ARG H 299 31.14 38.50 -13.75
N GLU H 300 31.91 38.55 -12.65
CA GLU H 300 33.37 38.64 -12.71
C GLU H 300 33.95 37.38 -13.34
N ASN H 301 33.41 36.23 -12.93
CA ASN H 301 33.78 34.93 -13.47
C ASN H 301 33.30 34.69 -14.90
N PHE H 302 32.18 35.31 -15.27
CA PHE H 302 31.65 35.30 -16.63
C PHE H 302 32.63 35.99 -17.59
N MET H 303 33.15 37.13 -17.16
CA MET H 303 34.11 37.93 -17.91
C MET H 303 35.43 37.18 -18.11
N ASN H 304 35.91 36.56 -17.03
CA ASN H 304 37.15 35.78 -17.06
C ASN H 304 37.02 34.56 -17.97
N ALA H 305 35.87 33.88 -17.90
CA ALA H 305 35.63 32.65 -18.67
C ALA H 305 35.53 32.90 -20.17
N HIS H 306 34.93 34.04 -20.53
CA HIS H 306 34.82 34.43 -21.93
C HIS H 306 36.19 34.73 -22.51
N ARG H 307 37.01 35.39 -21.71
CA ARG H 307 38.32 35.78 -22.15
C ARG H 307 39.18 34.57 -22.36
N ARG H 308 39.17 33.69 -21.39
CA ARG H 308 39.99 32.47 -21.47
C ARG H 308 39.57 31.55 -22.62
N GLY H 309 38.38 31.82 -23.17
CA GLY H 309 37.91 31.16 -24.39
C GLY H 309 36.88 30.06 -24.19
N ALA H 310 36.12 30.12 -23.10
CA ALA H 310 35.06 29.13 -22.86
C ALA H 310 33.76 29.47 -23.58
N ILE H 311 33.05 28.44 -24.04
CA ILE H 311 31.79 28.62 -24.74
C ILE H 311 30.72 29.03 -23.74
N ILE H 312 30.14 30.21 -23.93
CA ILE H 312 29.08 30.70 -23.04
C ILE H 312 27.80 30.96 -23.83
N THR H 313 26.70 30.33 -23.41
CA THR H 313 25.40 30.56 -24.03
C THR H 313 24.53 31.55 -23.26
N PHE H 314 23.46 31.98 -23.93
CA PHE H 314 22.49 32.91 -23.39
C PHE H 314 21.42 32.14 -22.60
N GLY H 315 21.60 32.13 -21.28
CA GLY H 315 20.61 31.55 -20.36
C GLY H 315 20.29 32.63 -19.35
N THR H 316 19.01 32.86 -19.09
CA THR H 316 18.58 34.00 -18.27
C THR H 316 18.00 33.64 -16.91
N ASP H 317 17.50 32.39 -16.80
CA ASP H 317 16.64 31.94 -15.70
C ASP H 317 15.31 32.73 -15.67
N ALA H 318 14.67 32.82 -16.84
CA ALA H 318 13.35 33.42 -16.98
C ALA H 318 12.30 32.53 -16.32
N GLY H 319 11.43 33.16 -15.53
CA GLY H 319 10.53 32.44 -14.61
C GLY H 319 10.63 33.11 -13.26
N ILE H 320 11.88 33.33 -12.82
CA ILE H 320 12.16 34.20 -11.68
C ILE H 320 11.73 35.63 -12.03
N PHE H 321 12.34 36.23 -13.05
CA PHE H 321 11.83 37.48 -13.63
C PHE H 321 10.77 37.16 -14.70
N ASP H 322 10.16 38.21 -15.25
CA ASP H 322 9.06 38.06 -16.23
C ASP H 322 9.48 37.49 -17.58
N HIS H 323 8.70 36.53 -18.07
CA HIS H 323 8.88 35.98 -19.40
C HIS H 323 8.51 37.03 -20.43
N GLY H 324 9.42 37.25 -21.38
CA GLY H 324 9.29 38.31 -22.37
C GLY H 324 10.35 39.37 -22.17
N ASP H 325 10.87 39.48 -20.95
CA ASP H 325 11.93 40.44 -20.64
C ASP H 325 13.31 39.83 -20.81
N ASN H 326 13.40 38.67 -21.48
CA ASN H 326 14.64 37.89 -21.59
C ASN H 326 15.78 38.68 -22.24
N ALA H 327 15.40 39.56 -23.16
CA ALA H 327 16.31 40.34 -23.96
C ALA H 327 17.10 41.41 -23.19
N LYS H 328 16.72 41.65 -21.93
CA LYS H 328 17.41 42.59 -21.09
C LYS H 328 18.82 42.12 -20.73
N GLN H 329 19.06 40.82 -20.81
CA GLN H 329 20.38 40.25 -20.48
C GLN H 329 21.47 40.63 -21.51
N PHE H 330 21.05 40.99 -22.72
CA PHE H 330 22.00 41.40 -23.76
C PHE H 330 22.88 42.59 -23.33
N ALA H 331 22.27 43.62 -22.75
CA ALA H 331 23.02 44.80 -22.27
C ALA H 331 24.05 44.44 -21.21
N TYR H 332 23.68 43.54 -20.31
CA TYR H 332 24.56 43.03 -19.26
C TYR H 332 25.70 42.22 -19.85
N MET H 333 25.41 41.58 -20.99
CA MET H 333 26.34 40.66 -21.63
C MET H 333 27.51 41.41 -22.29
N VAL H 334 27.21 42.55 -22.92
CA VAL H 334 28.24 43.40 -23.54
C VAL H 334 29.07 44.17 -22.52
N GLU H 335 28.39 44.58 -21.44
CA GLU H 335 28.98 45.31 -20.33
C GLU H 335 30.02 44.45 -19.59
N TRP H 336 29.80 43.14 -19.57
CA TRP H 336 30.72 42.22 -18.90
C TRP H 336 31.74 41.51 -19.82
N GLY H 337 32.07 42.13 -20.95
CA GLY H 337 33.21 41.69 -21.75
C GLY H 337 32.97 41.14 -23.14
N MET H 338 31.71 41.01 -23.53
CA MET H 338 31.38 40.52 -24.88
C MET H 338 31.14 41.69 -25.82
N THR H 339 31.46 41.49 -27.11
CA THR H 339 31.05 42.44 -28.13
C THR H 339 29.56 42.21 -28.40
N PRO H 340 28.81 43.26 -28.79
CA PRO H 340 27.43 43.08 -29.27
C PRO H 340 27.20 41.88 -30.21
N LEU H 341 28.08 41.65 -31.17
CA LEU H 341 28.01 40.46 -32.02
C LEU H 341 28.10 39.16 -31.20
N GLU H 342 29.07 39.09 -30.28
CA GLU H 342 29.31 37.92 -29.44
C GLU H 342 28.13 37.57 -28.54
N ALA H 343 27.42 38.61 -28.12
CA ALA H 343 26.22 38.47 -27.29
C ALA H 343 25.08 37.83 -28.07
N ILE H 344 24.90 38.27 -29.31
CA ILE H 344 23.85 37.72 -30.18
C ILE H 344 24.23 36.32 -30.66
N GLN H 345 25.54 36.08 -30.82
CA GLN H 345 26.06 34.77 -31.19
C GLN H 345 25.83 33.74 -30.09
N ALA H 346 25.88 34.21 -28.84
CA ALA H 346 25.58 33.42 -27.65
C ALA H 346 24.11 33.00 -27.58
N SER H 347 23.25 33.81 -28.21
CA SER H 347 21.83 33.56 -28.24
C SER H 347 21.36 32.91 -29.55
N THR H 348 22.29 32.60 -30.45
CA THR H 348 21.92 32.03 -31.75
C THR H 348 22.72 30.79 -32.10
N ILE H 349 23.96 30.99 -32.56
CA ILE H 349 24.78 29.87 -33.07
C ILE H 349 25.35 29.00 -31.95
N LYS H 350 25.66 29.64 -30.83
CA LYS H 350 26.18 28.96 -29.65
C LYS H 350 25.13 28.07 -29.00
N THR H 351 23.93 28.62 -28.80
CA THR H 351 22.80 27.85 -28.27
C THR H 351 22.42 26.69 -29.18
N ALA H 352 22.38 26.93 -30.48
CA ALA H 352 22.02 25.90 -31.46
C ALA H 352 22.88 24.64 -31.30
N THR H 353 24.18 24.84 -31.12
CA THR H 353 25.12 23.74 -30.94
C THR H 353 24.85 23.03 -29.62
N LEU H 354 24.64 23.83 -28.57
CA LEU H 354 24.30 23.32 -27.24
C LEU H 354 23.02 22.49 -27.26
N PHE H 355 22.02 22.98 -27.99
CA PHE H 355 20.73 22.34 -28.08
C PHE H 355 20.80 21.06 -28.91
N GLY H 356 21.81 20.99 -29.79
CA GLY H 356 22.02 19.84 -30.66
C GLY H 356 21.07 19.84 -31.85
N ILE H 357 20.57 21.03 -32.18
CA ILE H 357 19.68 21.18 -33.32
C ILE H 357 20.44 21.91 -34.41
N GLU H 358 20.41 21.34 -35.60
CA GLU H 358 20.94 22.05 -36.74
C GLU H 358 19.84 22.68 -37.58
N ASN H 359 20.25 23.51 -38.53
CA ASN H 359 19.34 24.26 -39.40
C ASN H 359 18.58 25.37 -38.67
N ILE H 360 19.11 25.80 -37.52
CA ILE H 360 18.59 26.99 -36.84
C ILE H 360 19.74 27.90 -36.41
N GLY H 361 19.42 29.15 -36.09
CA GLY H 361 20.41 30.07 -35.55
C GLY H 361 21.12 30.94 -36.55
N GLN H 362 20.89 30.69 -37.85
CA GLN H 362 21.52 31.46 -38.92
C GLN H 362 20.55 31.77 -40.04
N ILE H 363 20.63 32.99 -40.57
CA ILE H 363 19.90 33.31 -41.79
C ILE H 363 20.74 32.78 -42.95
N LYS H 364 20.42 31.55 -43.34
CA LYS H 364 21.18 30.79 -44.32
C LYS H 364 20.24 29.89 -45.11
N GLU H 365 20.62 29.56 -46.34
CA GLU H 365 19.80 28.72 -47.21
C GLU H 365 19.74 27.31 -46.65
N GLY H 366 18.52 26.78 -46.56
CA GLY H 366 18.29 25.43 -46.00
C GLY H 366 17.87 25.43 -44.53
N PHE H 367 18.30 26.45 -43.80
CA PHE H 367 17.97 26.64 -42.39
C PHE H 367 16.50 27.02 -42.19
N ASP H 368 16.01 26.84 -40.96
CA ASP H 368 14.62 27.12 -40.62
C ASP H 368 14.35 28.61 -40.60
N ALA H 369 13.14 28.98 -41.01
CA ALA H 369 12.75 30.37 -41.14
C ALA H 369 12.37 31.00 -39.79
N ASP H 370 13.33 31.03 -38.89
CA ASP H 370 13.18 31.67 -37.60
C ASP H 370 13.87 33.01 -37.67
N ILE H 371 13.08 34.05 -37.93
CA ILE H 371 13.61 35.36 -38.29
C ILE H 371 12.95 36.49 -37.49
N VAL H 372 13.79 37.36 -36.93
CA VAL H 372 13.35 38.47 -36.11
C VAL H 372 13.73 39.79 -36.77
N GLY H 373 12.74 40.68 -36.93
CA GLY H 373 12.98 42.03 -37.44
C GLY H 373 13.10 43.05 -36.32
N VAL H 374 14.13 43.87 -36.38
CA VAL H 374 14.45 44.83 -35.32
C VAL H 374 14.68 46.24 -35.91
N ILE H 375 14.43 47.29 -35.12
CA ILE H 375 14.43 48.69 -35.60
C ILE H 375 15.83 49.26 -35.94
N GLU H 376 16.70 49.31 -34.94
CA GLU H 376 18.06 49.83 -35.13
C GLU H 376 19.01 48.68 -35.43
N ASN H 377 20.28 49.01 -35.61
CA ASN H 377 21.30 48.01 -35.75
C ASN H 377 21.68 47.48 -34.37
N PRO H 378 21.59 46.16 -34.20
CA PRO H 378 21.90 45.48 -32.94
C PRO H 378 23.39 45.50 -32.58
N LEU H 379 24.27 45.75 -33.55
CA LEU H 379 25.69 45.85 -33.23
C LEU H 379 26.03 47.27 -32.81
N ALA H 380 25.18 48.21 -33.21
CA ALA H 380 25.29 49.61 -32.78
C ALA H 380 24.66 49.79 -31.40
N ASN H 381 23.38 49.46 -31.31
CA ASN H 381 22.64 49.46 -30.05
C ASN H 381 22.00 48.10 -29.81
N ILE H 382 22.55 47.33 -28.86
CA ILE H 382 22.05 45.98 -28.59
C ILE H 382 20.68 46.00 -27.91
N ARG H 383 20.36 47.11 -27.27
CA ARG H 383 19.10 47.24 -26.53
C ARG H 383 17.85 47.37 -27.42
N THR H 384 18.02 47.25 -28.74
CA THR H 384 16.88 47.18 -29.65
C THR H 384 16.22 45.81 -29.60
N LEU H 385 17.02 44.82 -29.17
CA LEU H 385 16.52 43.48 -28.94
C LEU H 385 15.48 43.41 -27.83
N GLU H 386 15.52 44.39 -26.91
CA GLU H 386 14.54 44.52 -25.83
C GLU H 386 13.15 44.91 -26.34
N GLU H 387 13.07 45.40 -27.56
CA GLU H 387 11.77 45.64 -28.21
C GLU H 387 11.81 45.32 -29.70
N VAL H 388 11.56 44.06 -30.03
CA VAL H 388 11.55 43.61 -31.43
C VAL H 388 10.24 43.97 -32.12
N ALA H 389 10.30 44.13 -33.44
CA ALA H 389 9.15 44.64 -34.21
C ALA H 389 8.56 43.62 -35.17
N PHE H 390 9.31 42.56 -35.46
CA PHE H 390 8.87 41.52 -36.37
C PHE H 390 9.35 40.15 -35.88
N VAL H 391 8.43 39.20 -35.81
CA VAL H 391 8.78 37.82 -35.43
C VAL H 391 8.19 36.83 -36.42
N MET H 392 9.06 36.03 -37.03
CA MET H 392 8.65 34.90 -37.85
C MET H 392 9.27 33.63 -37.31
N LYS H 393 8.44 32.63 -37.03
CA LYS H 393 8.92 31.33 -36.56
C LYS H 393 8.42 30.24 -37.49
N GLU H 394 9.36 29.48 -38.05
CA GLU H 394 9.10 28.42 -39.04
C GLU H 394 8.28 28.84 -40.26
N GLY H 395 8.55 30.03 -40.77
CA GLY H 395 7.84 30.55 -41.94
C GLY H 395 6.49 31.17 -41.66
N LYS H 396 6.17 31.38 -40.39
CA LYS H 396 4.91 32.00 -39.98
C LYS H 396 5.17 33.30 -39.23
N VAL H 397 4.44 34.35 -39.61
CA VAL H 397 4.61 35.64 -38.96
C VAL H 397 3.71 35.67 -37.71
N TYR H 398 4.30 36.02 -36.57
CA TYR H 398 3.56 36.17 -35.33
C TYR H 398 3.48 37.62 -34.84
N LYS H 399 4.41 38.46 -35.28
CA LYS H 399 4.44 39.84 -34.82
C LYS H 399 4.74 40.83 -35.97
N ARG H 400 3.91 41.88 -36.04
CA ARG H 400 4.16 43.06 -36.88
C ARG H 400 3.62 44.34 -36.24
ZN ZN I . -22.57 -24.47 -10.90
ZN ZN J . -45.76 -32.80 -16.80
ZN ZN K . -26.94 -17.21 -30.87
ZN ZN L . -23.85 -23.98 -7.36
N ARG M . -21.67 -26.26 -7.83
CA ARG M . -22.67 -26.95 -6.96
C ARG M . -22.28 -26.88 -5.50
O ARG M . -23.12 -26.81 -4.61
CB ARG M . -22.82 -28.42 -7.37
CG ARG M . -24.06 -29.10 -6.82
CD ARG M . -24.28 -30.41 -7.51
NE ARG M . -25.70 -30.64 -7.76
CZ ARG M . -26.46 -31.43 -7.02
NH1 ARG M . -25.95 -32.08 -5.99
NH2 ARG M . -27.75 -31.58 -7.31
OXT ARG M . -21.10 -26.92 -5.20
C1 GOL N . -14.24 -26.30 -16.47
O1 GOL N . -14.83 -27.32 -17.25
C2 GOL N . -14.70 -26.40 -15.02
O2 GOL N . -15.81 -25.56 -14.84
C3 GOL N . -13.61 -25.99 -14.03
O3 GOL N . -12.85 -27.11 -13.66
ZN ZN O . 9.28 -9.73 -32.34
ZN ZN P . 25.62 -19.66 -49.36
ZN ZN Q . 8.05 -31.54 -30.22
ZN ZN R . 11.87 -7.22 -31.68
N ARG S . 9.12 -6.46 -33.27
CA ARG S . 10.06 -5.77 -34.21
C ARG S . 10.19 -4.27 -33.91
O ARG S . 11.31 -3.76 -33.79
CB ARG S . 9.60 -5.96 -35.67
CG ARG S . 10.59 -5.51 -36.73
CD ARG S . 9.99 -5.66 -38.12
NE ARG S . 10.78 -5.03 -39.18
CZ ARG S . 11.75 -5.62 -39.86
NH1 ARG S . 12.40 -4.95 -40.80
NH2 ARG S . 12.08 -6.88 -39.62
OXT ARG S . 9.20 -3.56 -33.79
C1 GOL T . -4.47 -11.50 -15.86
O1 GOL T . -3.49 -11.96 -16.76
C2 GOL T . -4.82 -12.60 -14.87
O2 GOL T . -5.87 -13.39 -15.37
C3 GOL T . -5.23 -11.97 -13.55
O3 GOL T . -6.51 -11.40 -13.66
C1 GOL U . -0.77 -12.24 -31.91
O1 GOL U . -0.88 -12.93 -33.13
C2 GOL U . -0.05 -10.90 -32.06
O2 GOL U . 1.30 -11.05 -31.65
C3 GOL U . -0.67 -9.83 -31.17
O3 GOL U . -0.93 -8.66 -31.91
C1 GOL V . -2.94 -14.06 -36.95
O1 GOL V . -2.39 -12.79 -37.23
C2 GOL V . -4.26 -14.28 -37.66
O2 GOL V . -4.73 -15.58 -37.37
C3 GOL V . -5.28 -13.25 -37.16
O3 GOL V . -6.08 -12.83 -38.24
C1 GOL W . 23.17 -23.84 -23.24
O1 GOL W . 22.01 -24.56 -23.61
C2 GOL W . 22.83 -22.38 -22.93
O2 GOL W . 23.76 -21.51 -23.55
C3 GOL W . 22.73 -22.11 -21.43
O3 GOL W . 23.92 -22.43 -20.73
ZN ZN X . -22.04 17.16 -21.30
ZN ZN Y . -43.47 30.10 -26.47
ZN ZN Z . -18.47 37.81 -14.79
ZN ZN AA . -24.10 14.20 -20.46
N ARG BA . -22.93 14.36 -23.10
CA ARG BA . -23.94 13.55 -23.85
C ARG BA . -23.84 12.05 -23.59
O ARG BA . -24.81 11.41 -23.20
CB ARG BA . -23.84 13.82 -25.35
CG ARG BA . -24.82 14.85 -25.89
CD ARG BA . -26.25 14.37 -25.71
NE ARG BA . -27.23 15.28 -26.29
CZ ARG BA . -27.75 15.13 -27.51
NH1 ARG BA . -27.38 14.11 -28.27
NH2 ARG BA . -28.64 15.99 -27.96
OXT ARG BA . -22.79 11.45 -23.81
ZN ZN CA . 16.34 -30.62 4.83
ZN ZN DA . 36.86 -45.46 8.02
ZN ZN EA . 22.22 -29.20 25.88
ZN ZN FA . 17.89 -29.66 1.62
N ARG GA . 15.52 -31.49 1.55
CA ARG GA . 16.18 -32.30 0.48
C ARG GA . 15.76 -31.84 -0.91
O ARG GA . 16.60 -31.73 -1.80
CB ARG GA . 15.88 -33.79 0.67
CG ARG GA . 16.37 -34.69 -0.45
CD ARG GA . 16.53 -36.12 0.02
NE ARG GA . 17.92 -36.39 0.38
CZ ARG GA . 18.73 -37.20 -0.29
NH1 ARG GA . 18.29 -37.86 -1.36
NH2 ARG GA . 19.97 -37.37 0.13
OXT ARG GA . 14.59 -31.57 -1.15
C1 GOL HA . 17.37 -17.34 25.67
O1 GOL HA . 18.12 -16.79 24.61
C2 GOL HA . 15.93 -17.55 25.20
O2 GOL HA . 15.17 -16.37 25.38
C3 GOL HA . 15.30 -18.71 25.97
O3 GOL HA . 14.32 -18.25 26.87
ZN ZN IA . 24.61 6.76 24.05
ZN ZN JA . 48.25 13.16 31.16
ZN ZN KA . 26.28 28.57 21.97
ZN ZN LA . 26.30 3.82 22.28
N ARG MA . 24.79 3.39 24.93
CA ARG MA . 25.82 2.45 25.43
C ARG MA . 25.44 0.99 25.20
O ARG MA . 26.25 0.21 24.70
CB ARG MA . 26.11 2.70 26.93
CG ARG MA . 26.94 1.64 27.63
CD ARG MA . 27.41 2.12 28.99
NE ARG MA . 28.75 2.69 28.92
CZ ARG MA . 29.85 2.11 29.38
NH1 ARG MA . 31.01 2.73 29.27
NH2 ARG MA . 29.80 0.91 29.95
OXT ARG MA . 24.33 0.55 25.51
C1 GOL NA . 15.50 8.52 27.82
O1 GOL NA . 15.78 7.18 28.18
C2 GOL NA . 16.71 9.40 28.09
O2 GOL NA . 17.64 9.27 27.02
C3 GOL NA . 16.25 10.86 28.19
O3 GOL NA . 16.91 11.49 29.27
C1 GOL OA . 4.07 12.25 16.11
O1 GOL OA . 3.72 13.59 15.86
C2 GOL OA . 4.80 11.68 14.89
O2 GOL OA . 3.95 10.75 14.25
C3 GOL OA . 6.08 10.99 15.32
O3 GOL OA . 6.81 11.84 16.17
ZN ZN PA . -10.37 27.43 19.30
ZN ZN QA . -26.67 38.99 35.29
ZN ZN RA . -6.11 19.97 39.29
ZN ZN SA . -13.32 27.41 16.82
N ARG TA . -10.80 29.39 16.08
CA ARG TA . -12.00 30.23 15.86
C ARG TA . -12.47 30.13 14.40
O ARG TA . -13.66 30.03 14.12
CB ARG TA . -11.72 31.68 16.23
CG ARG TA . -12.94 32.58 16.36
CD ARG TA . -12.52 33.91 16.94
NE ARG TA . -13.52 34.96 16.80
CZ ARG TA . -14.34 35.38 17.75
NH1 ARG TA . -15.21 36.34 17.52
NH2 ARG TA . -14.30 34.82 18.96
OXT ARG TA . -11.67 30.16 13.47
ZN ZN UA . -11.88 -14.37 29.75
ZN ZN VA . -30.32 -23.50 44.74
ZN ZN WA . -15.30 -34.88 23.77
ZN ZN XA . -13.45 -11.11 29.83
N ARG YA . -10.93 -11.26 31.66
CA ARG YA . -11.77 -10.55 32.67
C ARG YA . -11.56 -9.04 32.61
O ARG YA . -10.44 -8.57 32.47
CB ARG YA . -11.45 -11.07 34.08
CG ARG YA . -12.42 -10.64 35.17
CD ARG YA . -11.98 -11.24 36.50
NE ARG YA . -12.70 -10.72 37.65
CZ ARG YA . -13.75 -11.32 38.21
NH1 ARG YA . -14.34 -10.78 39.27
NH2 ARG YA . -14.23 -12.45 37.71
OXT ARG YA . -12.51 -8.27 32.70
C1 GOL ZA . -2.59 -18.64 28.58
O1 GOL ZA . -2.91 -19.34 29.77
C2 GOL ZA . -3.06 -17.18 28.55
O2 GOL ZA . -4.46 -17.12 28.57
C3 GOL ZA . -2.47 -16.32 29.68
O3 GOL ZA . -1.34 -15.60 29.25
ZN ZN AB . 16.56 27.83 -13.33
ZN ZN BB . 35.25 39.12 -26.82
ZN ZN CB . 11.45 26.08 -34.52
ZN ZN DB . 19.31 26.67 -10.84
N ARG EB . 17.72 28.94 -10.16
CA ARG EB . 18.83 29.63 -9.43
C ARG EB . 19.15 29.00 -8.08
O ARG EB . 20.30 28.66 -7.80
CB ARG EB . 18.51 31.11 -9.24
CG ARG EB . 19.45 32.04 -9.95
CD ARG EB . 20.69 32.28 -9.10
NE ARG EB . 21.85 32.65 -9.92
CZ ARG EB . 22.15 33.89 -10.28
NH1 ARG EB . 23.23 34.11 -11.02
NH2 ARG EB . 21.39 34.91 -9.92
OXT ARG EB . 18.28 28.85 -7.24
C1 GOL FB . -2.41 16.04 -13.20
O1 GOL FB . -3.63 15.99 -12.50
C2 GOL FB . -1.30 15.32 -12.45
O2 GOL FB . -1.81 14.14 -11.86
C3 GOL FB . -0.75 16.23 -11.37
O3 GOL FB . -0.04 17.25 -12.04
#